data_7USE
#
_entry.id   7USE
#
loop_
_entity.id
_entity.type
_entity.pdbx_description
1 polymer 'Cytoplasmic FMR1-interacting protein 1'
2 polymer 'Nck-associated protein 1'
3 polymer 'Wiskott-Aldrich syndrome protein family member 1'
4 polymer 'Protein BRICK1'
5 polymer 'Abl interactor 2'
6 polymer 'Ras-related C3 botulinum toxin substrate 1'
7 polymer 'Ras-related C3 botulinum toxin substrate 1'
8 non-polymer 'PHOSPHOAMINOPHOSPHONIC ACID-GUANYLATE ESTER'
9 non-polymer 'MAGNESIUM ION'
10 non-polymer "GUANOSINE-5'-TRIPHOSPHATE"
#
loop_
_entity_poly.entity_id
_entity_poly.type
_entity_poly.pdbx_seq_one_letter_code
_entity_poly.pdbx_strand_id
1 'polypeptide(L)'
;MAAQVTLEDALSNVDLLEELPLPDQQPCIEPPPSSLLYQPNFNTNFEDRNAFVTGIARYIEQATVHSSMNEMLEEGQEYA
VMLYTWRSCSRAIPQVKCNEQPNRVEIYEKTVEVLEPEVTKLMNFMYFQRNAIERFCGEVRRLCHAERRKDFVSEAYLIT
LGKFINMFAVLDELKNMKCSVKNDHSAYKRAAQFLRKMADPQSIQESQNLSMFLANHNKITQSLQQQLEVISGYEELLAD
IVNLCVDYYENRMYLTPSEKHMLLKVMGFGLYLMDGSVSNIYKLDAKKRINLSKIDKYFKQLQVVPLFGDMQIELARYIK
TSAHYEENKSRWTCTSSGSSPQYNICEQMIQIREDHMRFISELARYSNSEVVTGSGRQEAQKTDAEYRKLFDLALQGLQL
LSQWSAHVMEVYSWKLVHPTDKYSNKDCPDSAEEYERATRYNYTSEEKFALVEVIAMIKGLQVLMGRMESVFNHAIRHTV
YAALQDFSQVTLREPLRQAIKKKKNVIQSVLQAIRKTVCDWETGHEPFNDPALRGEKDPKSGFDIKVPRRAVGPSSTQLY
MVRTMLESLIADKSGSKKTLRSSLEGPTILDIEKFHRESFFYTHLINFSETLQQCCDLSQLWFREFFLELTMGRRIQFPI
EMSMPWILTDHILETKEASMMEYVLYSLDLYNDSAHYALTRFNKQFLYDEIEAEVNLCFDQFVYKLADQIFAYYKVMAGS
LLLDKRLRSECKNQGATIHLPPSNRYETLLKQRHVQLLGRSIDLNRLITQRVSAAMYKSLELAIGRFESEDLTSIVELDG
LLEINRMTHKLLSRYLTLDGFDAMFREANHNVSAPYGRITLHVFWELNYDFLPNYCYNGSTNRFVRTVLPFSQEFQRDKQ
PNAQPQYLHGSKALNLAYSSIYGSYRNFVGPPHFQVICRLLGYQGIAVVMEELLKVVKSLLQGTILQYVKTLMEVMPKIC
RLPRHEYGSPGILEFFHHQLKDIVEYAELKTVCFQNLREVGNAILFCLLIEQSLSLEEVCDLLHAAPFQNILPRVHVKEG
ERLDAKMKRLESKYAPLHLVPLIERLGTPQQIAIAREGDLLTKERLCCGLSMFEVILTRIRSFLDDPIWRGPLPSNGVMH
VDECVEFHRLWSAMQFVYCIPVGTHEFTVEQCFGDGLHWAGCMIIVLLGQQRRFAVLDFCYHLLKVQKHDGKDEIIKNVP
LKKMVERIRKFQILNDEIITILDKYLKSGDGEGTPVEHVRCFQPPIHQSLASS
;
A
2 'polypeptide(L)'
;MSRSVLQPSQQKLAEKLTILNDRGVGMLTRLYNIKKACGDPKAKPSYLIDKNLESAVKFIVRKFPAVETRNNNQQLAQLQ
KEKSEILKNLALYYFTFVDVMEFKDHVCELLNTIDVCQVFFDITVNFDLTKNYLDLIITYTTLMILLSRIEERKAIIGLY
NYAHEMTHGASDREYPRLGQMIVDYENPLKKMMEEFVPHSKSLSDALISLQMVYPRRNLSADQWRNAQLLSLISAPSTML
NPAQSDTMPCEYLSLDAMEKWIIFGFILCHGILNTDATALNLWKLALQSSSCLSLFRDEVFHIHKAAEDLFVNIRGYNKR
INDIRECKEAAVSHAGSMHRERRKFLRSALKELATVLSDQPGLLGPKALFVFMALSFARDEIIWLLRHADNMPKKSADDF
IDKHIAELIFYMEELRAHVRKYGPVMQRYYVQYLSGFDAVVLNELVQNLSVCPEDESIIMSSFVNTMTSLSVKQVEDGEV
FDFRGMRLDWFRLQAYTSVSKASLGLADHRELGKMMNTIIFHTKMVDSLVEMLVETSDLSIFCFYSRAFEKMFQQCLELP
SQSRYSIAFPLLCTHFMSCTHELCPEERHHIGDRSLSLCNMFLDEMAKQARNLITDICTEQCTLSDQLLPKHCAKTISQA
VNKKSKKQTGKKGEPEREKPGVESMRKNRLVVTNLDKLHTALSELCFSINYVPNMVVWEHTFTPREYLTSHLEIRFTKSI
VGMTMYNQATQEIAKPSELLTSVRAYMTVLQSIENYVQIDITRVFNNVLLQQTQHLDSHGEPTITSLYTNWYLETLLRQV
SNGHIAYFPAMKAFVNLPTENELTFNAEEYSDISEMRSLSELLGPYGMKFLSESLMWHISSQVAELKKLVVENVDVLTQM
RTSFDKPDQMAALFKRLSSVDSVLKRMTIIGVILSFRSLAQEALRDVLSYHIPFLVSSIEDFKDHIPRETDMKVAMNVYE
LSSAAGLPCEIDPALVVALSSQKSENISPEEEYKIACLLMVFVAVSLPTLASNVMSQYSPAIEGHCNNIHCLAKAINQIA
AALFTIHKGSIEDRLKEFLALASSSLLKIGQETDKTTTRNRESVYLLLDMIVQESPFLTMDLLESCFPYVLLRNAYHAVY
KQSVTSSA
;
B
3 'polypeptide(L)'
;MPLVKRNIDPRHLCHTALPRGIKNELECVTNISLANIIRQLSSLSKYAEDIFGELFNEAHSFSFRVNSLQERVDRLSVSV
TQLDPKEEELSLQDITMRKAFRSSTIQDQQLFDRKTLPIPLQETYDVCEQPPPLNILTPYRDDGKEGLKFYTNPSYFFDL
WKEKMLQDTEDKRKEKRKQKQKNLDRPHEPEKVPRAPHDRRREWQKLAQGPELAEDDANLLHKHIEVANGGGSGGSGGSG
GSGGSGGSKRHPSTLPVISDARSVLLEAIRKGIQLRKVEEQREQEAKHERIENDVATILSRRIAVEYSDSEDDSEFDEVD
WLE
;
C
4 'polypeptide(L)' MAGQEDPVQREIHQDWANREYIEIITSSIKKIADFLNSFDMSCRSRLATLNEKLTALERRIEYIEARVTKGETLT D
5 'polypeptide(L)'
;MAELQMLLEEEIPGGRRALFDSYTNLERVADYCENNYIQSADKQRALEETKAYTTQSLASVAYLINTLANNVLQMLDIQA
SQLRRMESSINHISQTVDIHKEKVARREIGILTTNKNTSRTHKIIAPANLERPVRYIRKPIDYTILDDIGHGVKVSTQ
;
E
6 'polypeptide(L)'
;MQAIKCVVVGDGAVGKTCLLISYTTNAFSGEYIPTVFDNYSANVMVDGKPVNLGLWDTAGQEDYDRLRPLSYPQTDVFLI
CFSLVSPASFENVRAKWYPEVRHHCPNTPIILVGTKLDLRDDKDTIEKLKEKKLTPITYPQGLAMAKEIGAVKYLECSAL
TQRGLKTVFDEAIRAVLCPPPVKKRKRK
;
F
7 'polypeptide(L)'
;MQAIKCVVVGDGAVGKTCLLISYTTNAFSGEYIPTVFDNYSANVMVDGKPVNLGLWDTAGLEDYDRLRPLSYPQTDVFLI
CFSLVSPASFENVRAKWYPEVRHHCPNTPIILVGTKLDLRDDKDTIEKLKEKKLTPITYPQGLAMAKEIGAVKYLECSAL
TQRGLKTVFDEAIRAVLCPPPVKKRKRK
;
G
#
# COMPACT_ATOMS: atom_id res chain seq x y z
N VAL A 5 -2.86 70.05 1.29
CA VAL A 5 -3.17 71.49 1.09
C VAL A 5 -3.97 71.99 2.30
N THR A 6 -4.90 71.19 2.82
CA THR A 6 -5.73 71.54 4.01
C THR A 6 -5.70 70.30 4.92
N LEU A 7 -5.97 70.47 6.21
CA LEU A 7 -5.91 69.34 7.18
C LEU A 7 -6.94 68.28 6.77
N GLU A 8 -8.15 68.69 6.42
CA GLU A 8 -9.25 67.75 6.04
C GLU A 8 -8.87 66.99 4.77
N ASP A 9 -8.33 67.68 3.75
CA ASP A 9 -7.94 67.05 2.46
C ASP A 9 -6.80 66.05 2.71
N ALA A 10 -5.82 66.41 3.55
CA ALA A 10 -4.69 65.53 3.87
C ALA A 10 -5.20 64.29 4.62
N LEU A 11 -6.16 64.47 5.55
CA LEU A 11 -6.73 63.36 6.35
C LEU A 11 -7.47 62.40 5.42
N SER A 12 -8.18 62.91 4.40
CA SER A 12 -8.91 62.07 3.42
C SER A 12 -7.93 61.22 2.62
N ASN A 13 -6.79 61.77 2.20
CA ASN A 13 -5.75 61.02 1.45
C ASN A 13 -5.21 59.92 2.37
N VAL A 14 -4.98 60.24 3.65
CA VAL A 14 -4.46 59.27 4.66
C VAL A 14 -5.49 58.15 4.81
N ASP A 15 -6.78 58.48 4.82
CA ASP A 15 -7.88 57.48 5.05
C ASP A 15 -7.90 56.45 3.91
N LEU A 16 -7.58 56.86 2.69
CA LEU A 16 -7.61 55.97 1.49
C LEU A 16 -6.62 54.82 1.72
N LEU A 17 -5.46 55.08 2.33
CA LEU A 17 -4.44 54.03 2.60
C LEU A 17 -5.00 52.98 3.55
N GLU A 18 -5.78 53.38 4.57
CA GLU A 18 -6.29 52.46 5.61
C GLU A 18 -7.20 51.39 4.98
N GLU A 19 -8.04 51.75 4.01
CA GLU A 19 -9.01 50.80 3.39
C GLU A 19 -8.31 49.75 2.51
N LEU A 20 -7.09 49.99 2.02
CA LEU A 20 -6.42 49.05 1.06
C LEU A 20 -6.31 47.66 1.70
N PRO A 21 -6.49 46.54 0.94
CA PRO A 21 -6.51 45.20 1.53
C PRO A 21 -5.14 44.69 2.00
N ILE A 56 3.50 82.46 39.16
CA ILE A 56 4.34 82.80 40.30
C ILE A 56 5.79 82.48 39.97
N ALA A 57 6.69 83.35 40.42
CA ALA A 57 8.11 83.21 40.13
C ALA A 57 8.84 82.32 41.13
N ARG A 58 8.16 81.80 42.15
CA ARG A 58 8.79 80.94 43.14
C ARG A 58 8.97 79.51 42.65
N TYR A 59 8.01 79.06 41.83
CA TYR A 59 8.02 77.70 41.25
C TYR A 59 8.82 77.78 39.95
N ILE A 60 8.89 78.95 39.32
CA ILE A 60 9.72 79.13 38.10
C ILE A 60 11.17 78.90 38.52
N GLU A 61 11.59 79.44 39.67
CA GLU A 61 12.97 79.26 40.18
C GLU A 61 13.23 77.79 40.49
N GLN A 62 12.30 77.10 41.17
CA GLN A 62 12.45 75.67 41.53
C GLN A 62 12.43 74.82 40.26
N ALA A 63 11.62 75.19 39.26
CA ALA A 63 11.49 74.43 38.00
C ALA A 63 12.85 74.42 37.32
N THR A 64 13.54 75.56 37.30
CA THR A 64 14.87 75.69 36.65
C THR A 64 15.87 74.79 37.37
N VAL A 65 15.84 74.75 38.70
CA VAL A 65 16.79 73.94 39.51
C VAL A 65 16.52 72.46 39.22
N HIS A 66 15.26 72.06 39.13
CA HIS A 66 14.88 70.64 38.91
C HIS A 66 15.44 70.20 37.56
N SER A 67 15.37 71.06 36.54
CA SER A 67 15.88 70.75 35.17
C SER A 67 17.40 70.57 35.20
N SER A 68 18.13 71.39 35.96
CA SER A 68 19.61 71.35 35.98
C SER A 68 20.07 69.98 36.50
N MET A 69 19.40 69.47 37.52
CA MET A 69 19.75 68.16 38.12
C MET A 69 19.49 67.07 37.08
N ASN A 70 18.41 67.18 36.31
CA ASN A 70 18.00 66.15 35.32
C ASN A 70 19.06 66.00 34.23
N GLU A 71 19.61 67.10 33.73
CA GLU A 71 20.62 67.07 32.64
C GLU A 71 21.85 66.34 33.18
N MET A 72 22.22 66.58 34.44
CA MET A 72 23.41 65.95 35.08
C MET A 72 23.19 64.45 35.17
N LEU A 73 22.00 63.98 35.53
CA LEU A 73 21.72 62.54 35.71
C LEU A 73 21.94 61.81 34.38
N GLU A 74 21.54 62.41 33.25
CA GLU A 74 21.71 61.80 31.90
C GLU A 74 23.19 61.66 31.58
N GLU A 75 24.00 62.68 31.88
CA GLU A 75 25.46 62.65 31.64
C GLU A 75 26.05 61.54 32.51
N GLY A 76 25.57 61.39 33.73
CA GLY A 76 26.04 60.34 34.66
C GLY A 76 25.77 58.95 34.13
N GLN A 77 24.60 58.72 33.54
CA GLN A 77 24.24 57.42 32.93
C GLN A 77 25.18 57.16 31.75
N GLU A 78 25.54 58.18 30.98
CA GLU A 78 26.50 58.03 29.85
C GLU A 78 27.87 57.60 30.38
N TYR A 79 28.34 58.18 31.48
CA TYR A 79 29.63 57.76 32.11
C TYR A 79 29.46 56.34 32.65
N ALA A 80 28.30 55.99 33.20
CA ALA A 80 28.02 54.63 33.72
C ALA A 80 28.02 53.63 32.58
N VAL A 81 27.42 53.97 31.44
CA VAL A 81 27.37 53.05 30.26
C VAL A 81 28.78 52.88 29.75
N MET A 82 29.59 53.94 29.68
CA MET A 82 30.99 53.89 29.19
C MET A 82 31.78 52.89 30.04
N LEU A 83 31.58 52.86 31.36
CA LEU A 83 32.31 51.96 32.24
C LEU A 83 31.87 50.51 32.03
N TYR A 84 30.57 50.28 31.88
CA TYR A 84 30.07 48.92 31.75
C TYR A 84 30.54 48.28 30.45
N THR A 85 30.62 49.05 29.37
CA THR A 85 31.03 48.54 28.06
C THR A 85 32.54 48.59 27.88
N TRP A 86 33.30 48.58 28.97
CA TRP A 86 34.75 48.65 28.91
C TRP A 86 35.34 47.25 28.77
N ARG A 87 36.25 47.08 27.82
CA ARG A 87 36.91 45.81 27.59
C ARG A 87 38.42 46.02 27.58
N SER A 88 39.15 44.97 27.98
CA SER A 88 40.60 45.05 28.11
C SER A 88 41.22 45.21 26.73
N CYS A 89 41.73 46.41 26.44
CA CYS A 89 42.41 46.68 25.18
C CYS A 89 43.92 46.49 25.27
N SER A 90 44.46 46.26 26.46
CA SER A 90 45.90 46.10 26.63
C SER A 90 46.40 44.73 26.17
N ARG A 91 45.54 43.72 26.16
CA ARG A 91 45.98 42.38 25.78
C ARG A 91 46.48 42.35 24.34
N ALA A 92 45.77 43.03 23.43
CA ALA A 92 46.19 43.04 22.04
C ALA A 92 47.53 43.73 21.84
N ILE A 93 47.94 44.58 22.78
CA ILE A 93 49.23 45.27 22.63
C ILE A 93 50.35 44.24 22.67
N PRO A 94 51.31 44.29 21.73
CA PRO A 94 52.39 43.29 21.75
C PRO A 94 53.24 43.41 23.00
N GLN A 95 53.77 42.26 23.43
CA GLN A 95 54.63 42.19 24.61
C GLN A 95 56.09 42.21 24.21
N VAL A 96 56.92 42.76 25.10
CA VAL A 96 58.35 42.86 24.88
C VAL A 96 59.06 41.99 25.90
N LYS A 97 59.96 41.12 25.41
CA LYS A 97 60.70 40.21 26.27
C LYS A 97 62.17 40.59 26.43
N CYS A 98 62.71 41.43 25.56
CA CYS A 98 64.09 41.86 25.65
C CYS A 98 64.18 43.34 25.31
N ASN A 99 65.24 43.97 25.81
CA ASN A 99 65.44 45.41 25.63
C ASN A 99 66.01 45.75 24.25
N GLU A 100 66.49 44.77 23.50
CA GLU A 100 67.11 45.00 22.20
C GLU A 100 66.12 44.87 21.05
N GLN A 101 64.83 44.75 21.32
CA GLN A 101 63.85 44.61 20.27
C GLN A 101 63.87 45.85 19.37
N PRO A 102 64.03 45.69 18.05
CA PRO A 102 63.97 46.88 17.18
C PRO A 102 62.65 47.62 17.26
N ASN A 103 61.54 46.90 17.51
CA ASN A 103 60.21 47.50 17.57
C ASN A 103 59.80 47.84 19.00
N ARG A 104 60.70 48.22 19.90
CA ARG A 104 60.22 48.60 21.24
C ARG A 104 59.60 49.97 21.22
N VAL A 105 60.31 50.87 20.61
CA VAL A 105 59.78 52.17 20.51
C VAL A 105 58.44 52.15 19.79
N GLU A 106 58.36 51.40 18.72
CA GLU A 106 57.14 51.40 17.98
C GLU A 106 56.01 50.70 18.72
N ILE A 107 56.28 49.64 19.49
CA ILE A 107 55.18 49.06 20.25
C ILE A 107 54.69 50.09 21.25
N TYR A 108 55.58 50.87 21.84
CA TYR A 108 55.06 51.91 22.73
C TYR A 108 54.25 53.00 22.00
N GLU A 109 54.66 53.41 20.81
CA GLU A 109 53.84 54.36 20.06
C GLU A 109 52.48 53.79 19.92
N LYS A 110 52.45 52.54 19.58
CA LYS A 110 51.16 51.97 19.33
C LYS A 110 50.31 51.97 20.57
N THR A 111 50.84 51.49 21.67
CA THR A 111 49.98 51.44 22.83
C THR A 111 49.48 52.82 23.04
N VAL A 112 50.32 53.83 23.01
CA VAL A 112 49.79 55.14 23.29
C VAL A 112 48.67 55.55 22.35
N GLU A 113 48.86 55.53 21.03
CA GLU A 113 47.73 55.98 20.21
C GLU A 113 46.50 55.22 20.63
N VAL A 114 46.59 53.91 20.64
CA VAL A 114 45.37 53.19 20.93
C VAL A 114 44.70 53.57 22.24
N LEU A 115 45.40 53.67 23.35
CA LEU A 115 44.71 53.96 24.60
C LEU A 115 44.82 55.42 24.99
N GLU A 116 44.73 56.35 24.04
CA GLU A 116 44.74 57.78 24.35
C GLU A 116 43.33 58.26 24.42
N PRO A 117 42.53 57.89 23.44
CA PRO A 117 41.16 58.26 23.60
C PRO A 117 40.55 57.75 24.90
N GLU A 118 41.18 56.85 25.64
CA GLU A 118 40.54 56.27 26.85
C GLU A 118 40.87 56.99 28.14
N VAL A 119 41.99 57.66 28.22
CA VAL A 119 42.37 58.49 29.36
C VAL A 119 41.60 59.80 29.34
N THR A 120 41.33 60.33 28.14
CA THR A 120 40.61 61.60 28.04
C THR A 120 39.22 61.51 28.65
N LYS A 121 38.51 60.41 28.35
CA LYS A 121 37.18 60.23 28.94
C LYS A 121 37.27 59.99 30.44
N LEU A 122 38.32 59.32 30.89
CA LEU A 122 38.52 59.16 32.33
C LEU A 122 38.72 60.52 33.01
N MET A 123 39.47 61.42 32.37
CA MET A 123 39.61 62.78 32.89
C MET A 123 38.24 63.44 33.01
N ASN A 124 37.41 63.31 31.99
CA ASN A 124 36.08 63.92 32.03
C ASN A 124 35.24 63.30 33.14
N PHE A 125 35.31 61.98 33.31
CA PHE A 125 34.50 61.32 34.32
C PHE A 125 34.88 61.79 35.72
N MET A 126 36.19 61.88 36.00
CA MET A 126 36.62 62.37 37.31
C MET A 126 36.20 63.82 37.52
N TYR A 127 36.32 64.64 36.47
CA TYR A 127 35.87 66.03 36.60
C TYR A 127 34.36 66.09 36.82
N PHE A 128 33.60 65.26 36.11
CA PHE A 128 32.15 65.30 36.23
C PHE A 128 31.69 64.94 37.64
N GLN A 129 32.21 63.84 38.19
CA GLN A 129 31.79 63.41 39.52
C GLN A 129 32.18 64.43 40.59
N ARG A 130 33.36 65.04 40.45
CA ARG A 130 33.78 66.06 41.40
C ARG A 130 32.81 67.24 41.40
N ASN A 131 32.45 67.73 40.22
CA ASN A 131 31.49 68.82 40.13
C ASN A 131 30.11 68.40 40.61
N ALA A 132 29.69 67.18 40.26
CA ALA A 132 28.37 66.72 40.65
C ALA A 132 28.23 66.66 42.18
N ILE A 133 29.25 66.15 42.86
CA ILE A 133 29.22 66.11 44.31
C ILE A 133 29.17 67.51 44.89
N GLU A 134 29.96 68.43 44.32
CA GLU A 134 29.98 69.81 44.81
C GLU A 134 28.60 70.45 44.69
N ARG A 135 27.95 70.27 43.54
CA ARG A 135 26.63 70.85 43.35
C ARG A 135 25.60 70.21 44.30
N PHE A 136 25.66 68.89 44.46
CA PHE A 136 24.73 68.21 45.36
C PHE A 136 24.88 68.71 46.79
N CYS A 137 26.13 68.82 47.27
CA CYS A 137 26.36 69.30 48.62
C CYS A 137 25.89 70.74 48.77
N GLY A 138 26.17 71.58 47.77
CA GLY A 138 25.70 72.96 47.83
C GLY A 138 24.19 73.05 47.86
N GLU A 139 23.52 72.22 47.06
CA GLU A 139 22.06 72.22 47.06
C GLU A 139 21.51 71.81 48.43
N VAL A 140 22.09 70.78 49.04
CA VAL A 140 21.67 70.38 50.37
C VAL A 140 21.96 71.49 51.38
N ARG A 141 23.11 72.16 51.24
CA ARG A 141 23.43 73.27 52.11
C ARG A 141 22.37 74.37 52.01
N ARG A 142 21.92 74.66 50.79
CA ARG A 142 20.87 75.67 50.62
C ARG A 142 19.56 75.22 51.25
N LEU A 143 19.19 73.95 51.05
CA LEU A 143 17.89 73.46 51.49
C LEU A 143 17.87 73.00 52.94
N CYS A 144 19.03 72.89 53.59
CA CYS A 144 19.08 72.46 54.99
C CYS A 144 19.12 73.63 55.97
N HIS A 145 19.02 74.86 55.48
CA HIS A 145 19.02 76.02 56.35
C HIS A 145 17.80 75.99 57.28
N ALA A 146 17.79 76.89 58.24
CA ALA A 146 16.69 76.96 59.19
C ALA A 146 15.36 77.21 58.50
N GLU A 147 15.37 77.77 57.29
CA GLU A 147 14.13 77.98 56.55
C GLU A 147 13.40 76.67 56.29
N ARG A 148 14.10 75.54 56.32
CA ARG A 148 13.44 74.25 56.11
C ARG A 148 12.34 74.02 57.13
N ARG A 149 12.51 74.52 58.35
CA ARG A 149 11.49 74.31 59.39
C ARG A 149 10.17 74.94 59.00
N LYS A 150 10.23 76.01 58.21
CA LYS A 150 8.98 76.65 57.72
C LYS A 150 8.67 76.17 56.29
N ASP A 151 9.60 76.33 55.34
CA ASP A 151 9.31 76.02 53.91
C ASP A 151 9.15 74.52 53.67
N PHE A 152 8.27 74.14 52.74
CA PHE A 152 8.10 72.71 52.36
C PHE A 152 8.88 72.46 51.07
N VAL A 153 9.19 71.20 50.76
CA VAL A 153 10.01 70.88 49.56
C VAL A 153 9.17 70.02 48.61
N SER A 154 9.32 70.20 47.30
CA SER A 154 8.49 69.46 46.31
C SER A 154 8.79 67.96 46.32
N GLU A 155 7.90 67.13 45.76
CA GLU A 155 8.01 65.68 45.71
C GLU A 155 8.81 65.20 44.51
N ALA A 156 8.62 65.78 43.34
CA ALA A 156 9.45 65.42 42.19
C ALA A 156 10.90 65.75 42.45
N TYR A 157 11.16 66.85 43.16
CA TYR A 157 12.53 67.22 43.51
C TYR A 157 13.17 66.14 44.39
N LEU A 158 12.44 65.65 45.38
CA LEU A 158 12.98 64.61 46.25
C LEU A 158 13.27 63.34 45.46
N ILE A 159 12.38 62.97 44.55
CA ILE A 159 12.64 61.81 43.69
C ILE A 159 13.88 62.03 42.86
N THR A 160 14.07 63.26 42.34
CA THR A 160 15.27 63.57 41.58
C THR A 160 16.51 63.40 42.44
N LEU A 161 16.47 63.87 43.69
CA LEU A 161 17.61 63.68 44.58
C LEU A 161 17.86 62.20 44.85
N GLY A 162 16.80 61.41 45.02
CA GLY A 162 16.97 59.98 45.19
C GLY A 162 17.63 59.35 43.98
N LYS A 163 17.21 59.74 42.79
CA LYS A 163 17.87 59.26 41.57
C LYS A 163 19.32 59.73 41.53
N PHE A 164 19.60 60.91 42.08
CA PHE A 164 20.96 61.42 42.09
C PHE A 164 21.87 60.52 42.92
N ILE A 165 21.46 60.20 44.14
CA ILE A 165 22.30 59.38 45.01
C ILE A 165 22.40 57.96 44.46
N ASN A 166 21.32 57.45 43.87
CA ASN A 166 21.39 56.14 43.22
C ASN A 166 22.41 56.15 42.09
N MET A 167 22.50 57.26 41.36
CA MET A 167 23.51 57.37 40.31
C MET A 167 24.91 57.31 40.90
N PHE A 168 25.11 57.94 42.06
CA PHE A 168 26.41 57.86 42.72
C PHE A 168 26.71 56.41 43.15
N ALA A 169 25.70 55.72 43.69
CA ALA A 169 25.93 54.36 44.18
C ALA A 169 26.30 53.42 43.04
N VAL A 170 25.56 53.49 41.93
CA VAL A 170 25.85 52.60 40.80
C VAL A 170 27.23 52.90 40.23
N LEU A 171 27.56 54.18 40.07
CA LEU A 171 28.86 54.54 39.53
C LEU A 171 29.99 54.04 40.42
N ASP A 172 29.82 54.16 41.75
CA ASP A 172 30.83 53.65 42.67
C ASP A 172 31.01 52.15 42.51
N GLU A 173 29.89 51.41 42.37
CA GLU A 173 30.00 49.97 42.18
C GLU A 173 30.70 49.64 40.87
N LEU A 174 30.39 50.38 39.80
CA LEU A 174 31.05 50.14 38.52
C LEU A 174 32.56 50.35 38.63
N LYS A 175 32.96 51.45 39.27
CA LYS A 175 34.38 51.72 39.44
C LYS A 175 35.06 50.65 40.31
N ASN A 176 34.39 50.23 41.38
CA ASN A 176 34.99 49.28 42.31
C ASN A 176 35.15 47.91 41.67
N MET A 177 34.09 47.42 41.02
CA MET A 177 34.13 46.05 40.50
C MET A 177 35.00 45.94 39.26
N LYS A 178 34.97 46.94 38.38
CA LYS A 178 35.77 46.89 37.16
C LYS A 178 37.24 46.88 37.52
N CYS A 179 38.01 46.11 36.74
CA CYS A 179 39.44 45.94 37.01
C CYS A 179 40.28 46.28 35.79
N SER A 180 39.72 46.05 34.60
CA SER A 180 40.49 46.30 33.37
C SER A 180 40.85 47.77 33.22
N VAL A 181 40.08 48.67 33.84
CA VAL A 181 40.34 50.09 33.71
C VAL A 181 41.69 50.44 34.33
N LYS A 182 41.94 49.93 35.54
CA LYS A 182 43.18 50.26 36.23
C LYS A 182 44.39 49.71 35.49
N ASN A 183 44.31 48.47 35.02
CA ASN A 183 45.43 47.86 34.31
C ASN A 183 45.71 48.59 33.01
N ASP A 184 44.66 48.96 32.27
CA ASP A 184 44.85 49.69 31.02
C ASP A 184 45.51 51.03 31.25
N HIS A 185 45.08 51.76 32.29
CA HIS A 185 45.71 53.05 32.60
C HIS A 185 47.16 52.86 33.00
N SER A 186 47.45 51.83 33.79
CA SER A 186 48.83 51.57 34.20
C SER A 186 49.71 51.30 33.00
N ALA A 187 49.22 50.49 32.05
CA ALA A 187 50.00 50.21 30.84
C ALA A 187 50.25 51.49 30.06
N TYR A 188 49.22 52.35 29.93
CA TYR A 188 49.41 53.61 29.22
C TYR A 188 50.42 54.50 29.93
N LYS A 189 50.36 54.57 31.26
CA LYS A 189 51.29 55.39 32.01
C LYS A 189 52.73 54.90 31.81
N ARG A 190 52.94 53.58 31.88
CA ARG A 190 54.28 53.05 31.67
C ARG A 190 54.78 53.33 30.27
N ALA A 191 53.92 53.16 29.26
CA ALA A 191 54.33 53.43 27.88
C ALA A 191 54.70 54.89 27.70
N ALA A 192 53.91 55.80 28.27
CA ALA A 192 54.23 57.22 28.16
C ALA A 192 55.55 57.54 28.82
N GLN A 193 55.81 56.94 29.98
CA GLN A 193 57.08 57.19 30.67
C GLN A 193 58.26 56.71 29.83
N PHE A 194 58.14 55.53 29.23
CA PHE A 194 59.24 54.99 28.41
C PHE A 194 59.52 55.90 27.22
N LEU A 195 58.47 56.33 26.53
CA LEU A 195 58.65 57.23 25.38
C LEU A 195 58.94 58.66 25.83
N ARG A 196 58.49 58.98 27.04
CA ARG A 196 58.67 60.31 27.56
C ARG A 196 58.06 61.14 26.51
N LYS A 197 56.74 61.13 26.43
CA LYS A 197 56.09 61.85 25.38
C LYS A 197 56.13 63.28 25.71
N MET A 198 57.29 63.82 26.01
CA MET A 198 57.40 65.21 26.44
C MET A 198 56.31 65.59 27.46
N ALA A 199 56.22 64.88 28.57
CA ALA A 199 55.21 65.15 29.60
C ALA A 199 55.64 66.25 30.59
N ASP A 200 54.70 67.02 31.16
CA ASP A 200 55.03 68.14 32.03
C ASP A 200 54.54 68.00 33.47
N PRO A 201 54.95 68.90 34.39
CA PRO A 201 54.55 68.84 35.80
C PRO A 201 53.07 68.56 36.07
N GLN A 202 52.13 69.29 35.47
CA GLN A 202 50.68 69.13 35.63
C GLN A 202 50.22 67.77 35.13
N SER A 203 50.79 67.28 34.03
CA SER A 203 50.37 65.99 33.49
C SER A 203 50.63 64.86 34.48
N ILE A 204 51.81 64.85 35.10
CA ILE A 204 52.15 63.80 36.04
C ILE A 204 51.31 63.94 37.31
N GLN A 205 51.05 65.17 37.74
CA GLN A 205 50.21 65.39 38.91
C GLN A 205 48.79 64.88 38.66
N GLU A 206 48.24 65.17 37.49
CA GLU A 206 46.91 64.67 37.15
C GLU A 206 46.89 63.15 37.07
N SER A 207 47.92 62.57 36.44
CA SER A 207 47.97 61.12 36.32
C SER A 207 48.04 60.45 37.68
N GLN A 208 48.86 60.99 38.59
CA GLN A 208 48.94 60.46 39.93
C GLN A 208 47.60 60.59 40.66
N ASN A 209 46.93 61.73 40.48
CA ASN A 209 45.64 61.93 41.12
C ASN A 209 44.61 60.91 40.62
N LEU A 210 44.58 60.67 39.32
CA LEU A 210 43.61 59.71 38.77
C LEU A 210 43.88 58.31 39.30
N SER A 211 45.15 57.92 39.37
CA SER A 211 45.48 56.59 39.89
C SER A 211 44.99 56.46 41.33
N MET A 212 45.23 57.47 42.16
CA MET A 212 44.72 57.44 43.53
C MET A 212 43.21 57.42 43.56
N PHE A 213 42.57 58.21 42.68
CA PHE A 213 41.11 58.25 42.66
C PHE A 213 40.53 56.88 42.35
N LEU A 214 41.09 56.19 41.34
CA LEU A 214 40.67 54.83 41.07
C LEU A 214 41.15 53.87 42.15
N ALA A 215 42.21 54.24 42.86
CA ALA A 215 42.74 53.37 43.91
C ALA A 215 41.79 53.28 45.10
N ASN A 216 41.30 54.42 45.58
CA ASN A 216 40.53 54.44 46.81
C ASN A 216 39.25 53.63 46.67
N HIS A 217 38.97 52.79 47.66
CA HIS A 217 37.76 51.99 47.68
C HIS A 217 36.60 52.85 48.16
N ASN A 218 35.49 52.81 47.42
CA ASN A 218 34.30 53.59 47.75
C ASN A 218 34.65 55.08 47.87
N LYS A 219 35.44 55.56 46.92
CA LYS A 219 35.87 56.96 46.95
C LYS A 219 34.67 57.89 46.82
N ILE A 220 33.74 57.58 45.92
CA ILE A 220 32.58 58.45 45.72
C ILE A 220 31.75 58.55 46.99
N THR A 221 31.47 57.41 47.62
CA THR A 221 30.67 57.41 48.84
C THR A 221 31.39 58.15 49.96
N GLN A 222 32.68 57.91 50.12
CA GLN A 222 33.42 58.56 51.20
C GLN A 222 33.45 60.08 51.01
N SER A 223 33.68 60.53 49.77
CA SER A 223 33.71 61.97 49.51
C SER A 223 32.35 62.59 49.77
N LEU A 224 31.28 61.95 49.32
CA LEU A 224 29.94 62.49 49.53
C LEU A 224 29.61 62.57 51.02
N GLN A 225 29.92 61.51 51.76
CA GLN A 225 29.63 61.50 53.20
C GLN A 225 30.44 62.57 53.92
N GLN A 226 31.72 62.72 53.57
CA GLN A 226 32.55 63.70 54.25
C GLN A 226 32.06 65.11 53.98
N GLN A 227 31.67 65.41 52.73
CA GLN A 227 31.19 66.75 52.41
C GLN A 227 29.78 66.99 52.92
N LEU A 228 29.04 65.94 53.27
CA LEU A 228 27.68 66.08 53.74
C LEU A 228 27.57 66.10 55.25
N GLU A 229 28.52 65.48 55.95
CA GLU A 229 28.46 65.42 57.42
C GLU A 229 28.63 66.79 58.04
N VAL A 230 29.33 67.71 57.36
CA VAL A 230 29.54 69.04 57.92
C VAL A 230 28.21 69.76 58.10
N ILE A 231 27.32 69.64 57.12
CA ILE A 231 26.00 70.28 57.22
C ILE A 231 25.21 69.62 58.32
N SER A 232 24.57 70.43 59.15
CA SER A 232 23.77 69.95 60.27
C SER A 232 22.31 69.86 59.85
N GLY A 233 21.69 68.71 60.14
CA GLY A 233 20.31 68.47 59.79
C GLY A 233 20.10 67.74 58.48
N TYR A 234 21.18 67.31 57.81
CA TYR A 234 21.02 66.57 56.57
C TYR A 234 20.27 65.27 56.77
N GLU A 235 20.31 64.73 57.99
CA GLU A 235 19.56 63.52 58.28
C GLU A 235 18.05 63.73 58.12
N GLU A 236 17.57 64.92 58.46
CA GLU A 236 16.14 65.21 58.31
C GLU A 236 15.71 65.15 56.85
N LEU A 237 16.50 65.77 55.96
CA LEU A 237 16.17 65.70 54.54
C LEU A 237 16.23 64.27 54.02
N LEU A 238 17.26 63.52 54.43
CA LEU A 238 17.35 62.12 54.03
C LEU A 238 16.15 61.34 54.54
N ALA A 239 15.68 61.65 55.74
CA ALA A 239 14.50 60.97 56.27
C ALA A 239 13.28 61.28 55.41
N ASP A 240 13.14 62.52 54.95
CA ASP A 240 12.01 62.89 54.11
C ASP A 240 12.03 62.08 52.81
N ILE A 241 13.20 61.94 52.20
CA ILE A 241 13.30 61.15 50.97
C ILE A 241 12.93 59.69 51.24
N VAL A 242 13.43 59.13 52.34
CA VAL A 242 13.10 57.75 52.69
C VAL A 242 11.60 57.61 52.93
N ASN A 243 11.02 58.55 53.68
CA ASN A 243 9.58 58.49 53.94
C ASN A 243 8.78 58.58 52.64
N LEU A 244 9.19 59.45 51.72
CA LEU A 244 8.50 59.55 50.44
C LEU A 244 8.56 58.25 49.68
N CYS A 245 9.72 57.60 49.67
CA CYS A 245 9.86 56.32 48.97
C CYS A 245 8.96 55.26 49.59
N VAL A 246 8.88 55.23 50.91
CA VAL A 246 8.02 54.25 51.58
C VAL A 246 6.56 54.45 51.17
N ASP A 247 6.11 55.71 51.14
CA ASP A 247 4.73 55.99 50.76
C ASP A 247 4.48 55.57 49.32
N TYR A 248 5.40 55.87 48.41
CA TYR A 248 5.22 55.49 47.01
C TYR A 248 5.17 53.97 46.86
N TYR A 249 6.09 53.27 47.52
CA TYR A 249 6.11 51.81 47.41
C TYR A 249 4.85 51.19 48.01
N GLU A 250 4.42 51.67 49.18
CA GLU A 250 3.25 51.10 49.82
C GLU A 250 1.98 51.34 49.00
N ASN A 251 1.85 52.53 48.41
CA ASN A 251 0.65 52.90 47.67
C ASN A 251 0.73 52.56 46.19
N ARG A 252 1.71 51.73 45.79
CA ARG A 252 1.86 51.33 44.39
C ARG A 252 1.97 52.55 43.49
N MET A 253 2.74 53.55 43.94
CA MET A 253 2.89 54.79 43.20
C MET A 253 3.99 54.65 42.15
N TYR A 254 3.87 53.65 41.28
CA TYR A 254 4.86 53.43 40.24
C TYR A 254 4.18 52.69 39.08
N LEU A 255 4.84 52.74 37.92
CA LEU A 255 4.35 52.08 36.71
C LEU A 255 5.37 51.23 36.00
N THR A 256 6.66 51.39 36.28
CA THR A 256 7.72 50.64 35.62
C THR A 256 8.58 49.93 36.67
N PRO A 257 9.08 48.73 36.37
CA PRO A 257 9.93 48.05 37.35
C PRO A 257 11.17 48.84 37.74
N SER A 258 11.72 49.65 36.83
CA SER A 258 12.90 50.43 37.15
C SER A 258 12.64 51.36 38.31
N GLU A 259 11.48 52.04 38.30
CA GLU A 259 11.13 52.92 39.42
C GLU A 259 10.94 52.13 40.70
N LYS A 260 10.33 50.95 40.60
CA LYS A 260 10.12 50.13 41.80
C LYS A 260 11.45 49.75 42.44
N HIS A 261 12.43 49.33 41.63
CA HIS A 261 13.73 48.99 42.18
C HIS A 261 14.47 50.23 42.68
N MET A 262 14.27 51.36 42.01
CA MET A 262 14.97 52.59 42.39
C MET A 262 14.57 53.02 43.80
N LEU A 263 13.29 52.87 44.14
CA LEU A 263 12.83 53.28 45.47
C LEU A 263 13.54 52.50 46.56
N LEU A 264 13.66 51.18 46.38
CA LEU A 264 14.36 50.37 47.37
C LEU A 264 15.83 50.74 47.45
N LYS A 265 16.47 50.95 46.30
CA LYS A 265 17.88 51.33 46.30
C LYS A 265 18.09 52.68 46.99
N VAL A 266 17.20 53.64 46.74
CA VAL A 266 17.32 54.94 47.39
C VAL A 266 17.18 54.79 48.90
N MET A 267 16.20 53.99 49.34
CA MET A 267 16.00 53.80 50.77
C MET A 267 17.22 53.19 51.42
N GLY A 268 17.81 52.17 50.79
CA GLY A 268 19.00 51.54 51.35
C GLY A 268 20.19 52.49 51.39
N PHE A 269 20.44 53.21 50.31
CA PHE A 269 21.55 54.15 50.27
C PHE A 269 21.34 55.28 51.28
N GLY A 270 20.11 55.79 51.38
CA GLY A 270 19.84 56.84 52.35
C GLY A 270 20.11 56.41 53.77
N LEU A 271 19.71 55.18 54.11
CA LEU A 271 19.97 54.65 55.44
C LEU A 271 21.47 54.56 55.71
N TYR A 272 22.24 54.09 54.73
CA TYR A 272 23.68 53.98 54.91
C TYR A 272 24.31 55.34 55.15
N LEU A 273 23.86 56.36 54.41
CA LEU A 273 24.40 57.70 54.60
C LEU A 273 24.00 58.27 55.96
N MET A 274 22.82 57.92 56.46
CA MET A 274 22.38 58.45 57.75
C MET A 274 23.34 58.07 58.87
N ASP A 275 23.75 56.81 58.89
CA ASP A 275 24.69 56.36 59.92
C ASP A 275 26.01 57.09 59.78
N GLY A 276 26.56 57.52 60.92
CA GLY A 276 27.81 58.25 60.91
C GLY A 276 28.14 58.76 62.29
N SER A 277 29.09 59.70 62.33
CA SER A 277 29.52 60.28 63.60
C SER A 277 28.60 61.37 64.12
N VAL A 278 27.61 61.80 63.32
CA VAL A 278 26.70 62.87 63.70
C VAL A 278 25.27 62.39 63.81
N SER A 279 24.83 61.52 62.90
CA SER A 279 23.45 61.07 62.84
C SER A 279 23.37 59.58 63.12
N ASN A 280 22.31 59.17 63.81
CA ASN A 280 22.04 57.78 64.13
C ASN A 280 20.62 57.44 63.72
N ILE A 281 20.47 56.33 62.97
CA ILE A 281 19.14 55.92 62.54
C ILE A 281 18.29 55.49 63.73
N TYR A 282 18.88 54.73 64.66
CA TYR A 282 18.10 54.19 65.76
C TYR A 282 17.45 55.28 66.60
N LYS A 283 18.20 56.36 66.88
CA LYS A 283 17.62 57.48 67.61
C LYS A 283 16.49 58.12 66.82
N LEU A 284 16.67 58.26 65.51
CA LEU A 284 15.60 58.80 64.67
C LEU A 284 14.37 57.89 64.69
N ASP A 285 14.59 56.57 64.62
CA ASP A 285 13.47 55.64 64.68
C ASP A 285 12.73 55.75 66.00
N ALA A 286 13.48 55.85 67.11
CA ALA A 286 12.85 56.05 68.41
C ALA A 286 12.12 57.38 68.48
N LYS A 287 12.46 58.33 67.61
CA LYS A 287 11.78 59.62 67.55
C LYS A 287 10.60 59.62 66.58
N LYS A 288 10.28 58.47 65.97
CA LYS A 288 9.18 58.29 65.03
C LYS A 288 9.45 58.94 63.68
N ARG A 289 10.61 59.56 63.49
CA ARG A 289 10.90 60.21 62.21
C ARG A 289 10.92 59.20 61.07
N ILE A 290 11.52 58.04 61.29
CA ILE A 290 11.68 57.01 60.27
C ILE A 290 11.20 55.67 60.84
N ASN A 291 10.45 54.92 60.04
CA ASN A 291 10.00 53.59 60.39
C ASN A 291 10.85 52.58 59.66
N LEU A 292 11.53 51.71 60.41
CA LEU A 292 12.41 50.71 59.81
C LEU A 292 11.72 49.36 59.60
N SER A 293 10.60 49.11 60.26
CA SER A 293 9.89 47.85 60.07
C SER A 293 9.41 47.69 58.64
N LYS A 294 8.88 48.77 58.06
CA LYS A 294 8.43 48.70 56.67
C LYS A 294 9.57 48.36 55.73
N ILE A 295 10.73 49.00 55.93
CA ILE A 295 11.88 48.73 55.08
C ILE A 295 12.35 47.30 55.25
N ASP A 296 12.36 46.81 56.48
CA ASP A 296 12.77 45.43 56.72
C ASP A 296 11.84 44.44 56.01
N LYS A 297 10.52 44.69 56.08
CA LYS A 297 9.58 43.80 55.42
C LYS A 297 9.76 43.83 53.90
N TYR A 298 9.97 45.02 53.33
CA TYR A 298 10.18 45.13 51.90
C TYR A 298 11.45 44.40 51.49
N PHE A 299 12.53 44.55 52.26
CA PHE A 299 13.77 43.83 51.94
C PHE A 299 13.57 42.32 52.05
N LYS A 300 12.79 41.87 53.05
CA LYS A 300 12.52 40.45 53.19
C LYS A 300 11.76 39.92 51.97
N GLN A 301 10.74 40.66 51.52
CA GLN A 301 9.97 40.22 50.36
C GLN A 301 10.80 40.27 49.09
N LEU A 302 11.54 41.35 48.90
CA LEU A 302 12.42 41.53 47.74
C LEU A 302 13.82 41.82 48.24
N GLN A 303 14.79 40.98 47.85
CA GLN A 303 16.14 41.04 48.39
C GLN A 303 17.17 41.53 47.39
N VAL A 304 16.98 41.26 46.09
CA VAL A 304 17.97 41.57 45.06
C VAL A 304 17.32 42.46 44.02
N VAL A 305 18.02 43.54 43.65
CA VAL A 305 17.58 44.43 42.59
C VAL A 305 18.74 44.66 41.63
N PRO A 306 18.49 44.93 40.35
CA PRO A 306 19.60 45.17 39.42
C PRO A 306 20.05 46.62 39.41
N LEU A 307 21.35 46.86 39.58
CA LEU A 307 21.88 48.22 39.49
C LEU A 307 21.99 48.67 38.04
N PHE A 308 22.80 47.96 37.26
CA PHE A 308 22.99 48.29 35.84
C PHE A 308 23.60 47.08 35.16
N GLY A 309 22.92 46.57 34.14
CA GLY A 309 23.43 45.38 33.46
C GLY A 309 23.23 44.12 34.26
N ASP A 310 24.11 43.14 34.03
CA ASP A 310 24.01 41.85 34.71
C ASP A 310 24.33 41.93 36.19
N MET A 311 24.86 43.05 36.67
CA MET A 311 25.23 43.16 38.07
C MET A 311 23.99 43.28 38.95
N GLN A 312 24.13 42.86 40.20
CA GLN A 312 23.05 42.88 41.17
C GLN A 312 23.57 43.42 42.49
N ILE A 313 22.65 43.98 43.29
CA ILE A 313 22.97 44.54 44.59
C ILE A 313 22.01 43.95 45.61
N GLU A 314 22.57 43.50 46.74
CA GLU A 314 21.77 43.00 47.85
C GLU A 314 21.39 44.17 48.75
N LEU A 315 20.08 44.44 48.87
CA LEU A 315 19.64 45.58 49.65
C LEU A 315 20.08 45.46 51.11
N ALA A 316 20.23 44.24 51.61
CA ALA A 316 20.69 44.05 52.98
C ALA A 316 22.16 44.41 53.16
N ARG A 317 22.91 44.54 52.06
CA ARG A 317 24.32 44.90 52.18
C ARG A 317 24.49 46.27 52.81
N TYR A 318 23.62 47.22 52.46
CA TYR A 318 23.71 48.56 53.04
C TYR A 318 23.55 48.51 54.55
N ILE A 319 22.59 47.72 55.03
CA ILE A 319 22.40 47.57 56.48
C ILE A 319 23.61 46.91 57.11
N LYS A 320 24.17 45.90 56.46
CA LYS A 320 25.34 45.21 57.00
C LYS A 320 26.51 46.18 57.17
N THR A 321 26.66 47.13 56.25
CA THR A 321 27.75 48.08 56.28
C THR A 321 27.49 49.25 57.22
N SER A 322 26.32 49.33 57.82
CA SER A 322 26.03 50.42 58.74
C SER A 322 26.97 50.37 59.94
N ALA A 323 27.37 51.55 60.40
CA ALA A 323 28.33 51.63 61.50
C ALA A 323 27.78 51.02 62.78
N HIS A 324 26.52 51.31 63.10
CA HIS A 324 25.91 50.89 64.36
C HIS A 324 25.13 49.59 64.24
N TYR A 325 25.39 48.80 63.20
CA TYR A 325 24.66 47.55 63.01
C TYR A 325 25.11 46.45 63.96
N GLU A 326 26.37 46.47 64.40
CA GLU A 326 26.91 45.35 65.14
C GLU A 326 26.16 45.14 66.46
N GLU A 327 25.94 46.23 67.21
CA GLU A 327 25.34 46.11 68.53
C GLU A 327 23.81 46.04 68.49
N ASN A 328 23.20 46.26 67.34
CA ASN A 328 21.74 46.25 67.20
C ASN A 328 21.32 45.44 65.99
N LYS A 329 21.96 44.29 65.79
CA LYS A 329 21.61 43.42 64.66
C LYS A 329 20.28 42.71 64.87
N SER A 330 19.80 42.64 66.12
CA SER A 330 18.54 41.95 66.38
C SER A 330 17.35 42.71 65.82
N ARG A 331 17.46 44.03 65.65
CA ARG A 331 16.34 44.81 65.15
C ARG A 331 15.95 44.40 63.74
N TRP A 332 16.94 44.18 62.88
CA TRP A 332 16.69 43.81 61.50
C TRP A 332 16.66 42.29 61.36
N THR A 333 15.62 41.77 60.71
CA THR A 333 15.48 40.35 60.48
C THR A 333 15.54 39.99 59.00
N CYS A 334 15.74 40.96 58.11
CA CYS A 334 15.83 40.67 56.68
C CYS A 334 17.17 40.03 56.32
N THR A 335 18.19 40.16 57.17
CA THR A 335 19.49 39.58 56.87
C THR A 335 19.41 38.06 56.76
N SER A 336 18.70 37.43 57.70
CA SER A 336 18.54 35.97 57.67
C SER A 336 17.69 35.56 56.48
N SER A 337 18.10 34.47 55.83
CA SER A 337 17.36 33.96 54.67
C SER A 337 16.64 32.66 55.03
N PRO A 341 12.50 31.44 49.42
CA PRO A 341 11.33 30.89 50.12
C PRO A 341 10.02 31.31 49.47
N GLN A 342 10.06 32.34 48.63
CA GLN A 342 8.88 32.78 47.90
C GLN A 342 9.18 33.10 46.44
N TYR A 343 10.37 32.75 45.95
CA TYR A 343 10.75 33.03 44.57
C TYR A 343 10.39 31.90 43.61
N ASN A 344 9.73 30.86 44.10
CA ASN A 344 9.31 29.75 43.24
C ASN A 344 8.20 30.23 42.33
N ILE A 345 8.56 30.54 41.08
CA ILE A 345 7.59 31.08 40.13
C ILE A 345 6.53 30.05 39.76
N CYS A 346 6.78 28.77 40.03
CA CYS A 346 5.84 27.73 39.63
C CYS A 346 4.50 27.91 40.31
N GLU A 347 4.49 28.25 41.60
CA GLU A 347 3.26 28.38 42.36
C GLU A 347 2.57 29.72 42.17
N GLN A 348 3.18 30.66 41.43
CA GLN A 348 2.60 31.97 41.20
C GLN A 348 1.98 32.09 39.81
N MET A 349 1.87 30.99 39.06
CA MET A 349 1.37 31.05 37.70
C MET A 349 -0.15 31.03 37.61
N ILE A 350 -0.84 30.49 38.61
CA ILE A 350 -2.30 30.41 38.56
C ILE A 350 -2.90 31.81 38.50
N GLN A 351 -2.42 32.71 39.37
CA GLN A 351 -2.94 34.07 39.35
C GLN A 351 -2.60 34.78 38.05
N ILE A 352 -1.40 34.56 37.53
CA ILE A 352 -0.99 35.20 36.30
C ILE A 352 -1.90 34.77 35.15
N ARG A 353 -2.18 33.47 35.05
CA ARG A 353 -3.04 32.98 33.99
C ARG A 353 -4.45 33.53 34.13
N GLU A 354 -4.99 33.55 35.36
CA GLU A 354 -6.33 34.07 35.57
C GLU A 354 -6.40 35.55 35.21
N ASP A 355 -5.41 36.33 35.66
CA ASP A 355 -5.39 37.76 35.35
C ASP A 355 -5.24 37.98 33.85
N HIS A 356 -4.40 37.19 33.20
CA HIS A 356 -4.19 37.35 31.76
C HIS A 356 -5.47 37.08 30.98
N MET A 357 -6.20 36.03 31.36
CA MET A 357 -7.40 35.68 30.62
C MET A 357 -8.49 36.73 30.79
N ARG A 358 -8.73 37.15 32.04
CA ARG A 358 -9.82 38.10 32.29
C ARG A 358 -9.56 39.42 31.58
N PHE A 359 -8.32 39.90 31.59
CA PHE A 359 -8.01 41.16 30.93
C PHE A 359 -8.21 41.04 29.42
N ILE A 360 -7.74 39.95 28.81
CA ILE A 360 -7.90 39.77 27.38
C ILE A 360 -9.37 39.66 27.01
N SER A 361 -10.14 38.89 27.80
CA SER A 361 -11.56 38.75 27.52
C SER A 361 -12.27 40.09 27.61
N GLU A 362 -11.97 40.88 28.64
CA GLU A 362 -12.58 42.19 28.77
C GLU A 362 -12.15 43.13 27.64
N LEU A 363 -10.90 43.03 27.20
CA LEU A 363 -10.36 43.93 26.21
C LEU A 363 -10.74 43.58 24.77
N ALA A 364 -10.91 42.29 24.47
CA ALA A 364 -11.11 41.87 23.09
C ALA A 364 -12.37 42.47 22.48
N ARG A 365 -13.34 42.90 23.30
CA ARG A 365 -14.58 43.47 22.79
C ARG A 365 -14.43 44.92 22.34
N TYR A 366 -13.30 45.56 22.63
CA TYR A 366 -13.09 46.96 22.31
C TYR A 366 -12.24 47.16 21.06
N SER A 367 -11.99 46.10 20.30
CA SER A 367 -11.20 46.20 19.07
C SER A 367 -11.85 47.16 18.09
N ALA A 380 -19.10 60.50 14.89
CA ALA A 380 -18.51 59.28 15.44
C ALA A 380 -17.83 59.56 16.78
N GLN A 381 -18.60 60.11 17.72
CA GLN A 381 -18.10 60.44 19.04
C GLN A 381 -18.84 59.63 20.09
N LYS A 382 -18.11 59.26 21.15
CA LYS A 382 -18.66 58.47 22.24
C LYS A 382 -18.71 59.31 23.52
N THR A 383 -19.41 58.79 24.51
CA THR A 383 -19.52 59.47 25.79
C THR A 383 -18.20 59.40 26.55
N ASP A 384 -18.03 60.34 27.48
CA ASP A 384 -16.81 60.38 28.27
C ASP A 384 -16.59 59.11 29.07
N ALA A 385 -17.66 58.38 29.40
CA ALA A 385 -17.51 57.14 30.15
C ALA A 385 -16.70 56.11 29.38
N GLU A 386 -16.94 55.99 28.07
CA GLU A 386 -16.17 55.05 27.27
C GLU A 386 -14.69 55.42 27.25
N TYR A 387 -14.39 56.71 27.09
CA TYR A 387 -13.00 57.15 27.14
C TYR A 387 -12.37 56.87 28.49
N ARG A 388 -13.12 57.09 29.57
CA ARG A 388 -12.60 56.79 30.90
C ARG A 388 -12.31 55.29 31.05
N LYS A 389 -13.18 54.45 30.49
CA LYS A 389 -12.94 53.02 30.55
C LYS A 389 -11.65 52.64 29.82
N LEU A 390 -11.42 53.25 28.65
CA LEU A 390 -10.17 53.02 27.94
C LEU A 390 -8.98 53.50 28.75
N PHE A 391 -9.12 54.65 29.42
CA PHE A 391 -8.07 55.14 30.30
C PHE A 391 -7.74 54.11 31.37
N ASP A 392 -8.78 53.58 32.03
CA ASP A 392 -8.57 52.61 33.09
C ASP A 392 -7.98 51.31 32.53
N LEU A 393 -8.49 50.85 31.39
CA LEU A 393 -8.00 49.60 30.82
C LEU A 393 -6.53 49.70 30.44
N ALA A 394 -6.12 50.83 29.85
CA ALA A 394 -4.72 51.01 29.48
C ALA A 394 -3.82 50.99 30.72
N LEU A 395 -4.25 51.66 31.78
CA LEU A 395 -3.46 51.66 33.01
C LEU A 395 -3.36 50.26 33.60
N GLN A 396 -4.46 49.51 33.60
CA GLN A 396 -4.42 48.16 34.13
C GLN A 396 -3.49 47.27 33.32
N GLY A 397 -3.52 47.40 32.00
CA GLY A 397 -2.63 46.60 31.17
C GLY A 397 -1.17 46.89 31.42
N LEU A 398 -0.82 48.17 31.50
CA LEU A 398 0.56 48.53 31.79
C LEU A 398 1.00 48.03 33.15
N GLN A 399 0.14 48.16 34.16
CA GLN A 399 0.47 47.67 35.49
C GLN A 399 0.70 46.17 35.48
N LEU A 400 -0.16 45.43 34.78
CA LEU A 400 0.00 43.98 34.72
C LEU A 400 1.31 43.61 34.02
N LEU A 401 1.64 44.31 32.94
CA LEU A 401 2.89 44.03 32.24
C LEU A 401 4.10 44.31 33.13
N SER A 402 4.07 45.41 33.87
CA SER A 402 5.16 45.72 34.77
C SER A 402 5.30 44.66 35.86
N GLN A 403 4.18 44.19 36.38
CA GLN A 403 4.22 43.16 37.42
C GLN A 403 4.86 41.87 36.89
N TRP A 404 4.48 41.46 35.68
CA TRP A 404 5.07 40.26 35.09
C TRP A 404 6.56 40.45 34.82
N SER A 405 6.94 41.60 34.27
CA SER A 405 8.34 41.86 33.99
C SER A 405 9.16 41.89 35.27
N ALA A 406 8.62 42.50 36.33
CA ALA A 406 9.32 42.54 37.61
C ALA A 406 9.55 41.14 38.14
N HIS A 407 8.54 40.27 38.04
CA HIS A 407 8.68 38.91 38.55
C HIS A 407 9.78 38.16 37.83
N VAL A 408 9.86 38.30 36.52
CA VAL A 408 10.87 37.58 35.74
C VAL A 408 12.26 38.09 36.10
N MET A 409 12.44 39.41 36.11
CA MET A 409 13.76 39.97 36.37
C MET A 409 14.23 39.69 37.79
N GLU A 410 13.33 39.83 38.77
CA GLU A 410 13.73 39.62 40.16
C GLU A 410 14.14 38.17 40.39
N VAL A 411 13.42 37.22 39.78
CA VAL A 411 13.79 35.81 39.90
C VAL A 411 15.15 35.57 39.29
N TYR A 412 15.40 36.16 38.11
CA TYR A 412 16.70 36.01 37.46
C TYR A 412 17.81 36.60 38.33
N SER A 413 17.58 37.79 38.90
CA SER A 413 18.59 38.41 39.74
C SER A 413 18.88 37.58 40.98
N TRP A 414 17.83 37.06 41.63
CA TRP A 414 18.03 36.26 42.83
C TRP A 414 18.82 35.00 42.52
N LYS A 415 18.50 34.32 41.40
CA LYS A 415 19.23 33.11 41.05
C LYS A 415 20.70 33.41 40.78
N LEU A 416 20.98 34.52 40.11
CA LEU A 416 22.37 34.88 39.83
C LEU A 416 23.14 35.11 41.12
N VAL A 417 22.54 35.83 42.08
CA VAL A 417 23.22 36.12 43.33
C VAL A 417 23.42 34.85 44.14
N HIS A 418 22.50 33.90 44.05
CA HIS A 418 22.59 32.66 44.82
C HIS A 418 22.96 31.50 43.92
N PRO A 419 24.24 31.30 43.62
CA PRO A 419 24.63 30.15 42.80
C PRO A 419 24.51 28.84 43.58
N THR A 420 24.41 27.75 42.83
CA THR A 420 24.29 26.43 43.42
C THR A 420 25.68 25.90 43.80
N ASP A 421 25.75 24.62 44.14
CA ASP A 421 27.01 24.00 44.51
C ASP A 421 26.94 22.52 44.20
N CYS A 428 25.62 18.92 38.49
CA CYS A 428 26.65 19.92 38.27
C CYS A 428 28.03 19.28 38.42
N PRO A 429 28.90 19.39 37.42
CA PRO A 429 30.23 18.78 37.52
C PRO A 429 31.14 19.56 38.46
N ASP A 430 32.26 18.93 38.82
CA ASP A 430 33.20 19.56 39.75
C ASP A 430 33.75 20.85 39.15
N SER A 431 34.08 20.86 37.87
CA SER A 431 34.64 22.02 37.20
C SER A 431 33.57 22.71 36.37
N ALA A 432 33.38 24.00 36.61
CA ALA A 432 32.40 24.78 35.88
C ALA A 432 32.62 26.26 36.20
N GLU A 433 32.25 27.12 35.26
CA GLU A 433 32.39 28.55 35.46
C GLU A 433 31.31 29.06 36.41
N GLU A 434 31.51 30.27 36.92
CA GLU A 434 30.54 30.86 37.83
C GLU A 434 29.21 31.08 37.13
N TYR A 435 29.24 31.47 35.86
CA TYR A 435 27.99 31.65 35.11
C TYR A 435 27.26 30.33 34.96
N GLU A 436 27.98 29.25 34.70
CA GLU A 436 27.36 27.93 34.59
C GLU A 436 26.61 27.59 35.87
N ARG A 437 27.25 27.77 37.02
CA ARG A 437 26.61 27.45 38.29
C ARG A 437 25.48 28.41 38.59
N ALA A 438 25.60 29.67 38.18
CA ALA A 438 24.64 30.68 38.59
C ALA A 438 23.32 30.55 37.83
N THR A 439 23.37 30.17 36.56
CA THR A 439 22.20 30.18 35.70
C THR A 439 21.77 28.78 35.26
N ARG A 440 22.65 28.02 34.63
CA ARG A 440 22.24 26.76 34.02
C ARG A 440 21.76 25.76 35.08
N TYR A 441 22.51 25.62 36.17
CA TYR A 441 22.22 24.61 37.17
C TYR A 441 21.34 25.12 38.31
N ASN A 442 20.98 26.41 38.29
CA ASN A 442 20.02 26.94 39.24
C ASN A 442 18.58 26.89 38.74
N TYR A 443 18.37 26.43 37.51
CA TYR A 443 17.05 26.42 36.89
C TYR A 443 16.59 24.99 36.66
N THR A 444 15.32 24.73 36.97
CA THR A 444 14.69 23.44 36.76
C THR A 444 13.80 23.50 35.53
N SER A 445 13.36 22.33 35.08
CA SER A 445 12.52 22.27 33.88
C SER A 445 11.23 23.06 34.07
N GLU A 446 10.59 22.91 35.23
CA GLU A 446 9.37 23.66 35.51
C GLU A 446 9.65 25.15 35.52
N GLU A 447 10.77 25.56 36.12
CA GLU A 447 11.10 26.97 36.18
C GLU A 447 11.25 27.56 34.78
N LYS A 448 11.98 26.86 33.89
CA LYS A 448 12.20 27.38 32.55
C LYS A 448 10.89 27.52 31.80
N PHE A 449 10.00 26.53 31.92
CA PHE A 449 8.71 26.62 31.24
C PHE A 449 7.91 27.82 31.72
N ALA A 450 7.93 28.08 33.04
CA ALA A 450 7.19 29.22 33.57
C ALA A 450 7.74 30.55 33.04
N LEU A 451 9.07 30.68 32.99
CA LEU A 451 9.66 31.93 32.54
C LEU A 451 9.28 32.24 31.10
N VAL A 452 9.35 31.24 30.22
CA VAL A 452 8.99 31.46 28.82
C VAL A 452 7.50 31.74 28.71
N GLU A 453 6.68 31.10 29.55
CA GLU A 453 5.24 31.37 29.53
C GLU A 453 4.96 32.84 29.84
N VAL A 454 5.64 33.38 30.87
CA VAL A 454 5.46 34.78 31.21
C VAL A 454 5.95 35.67 30.09
N ILE A 455 7.08 35.30 29.47
CA ILE A 455 7.62 36.09 28.37
C ILE A 455 6.64 36.12 27.21
N ALA A 456 6.05 34.96 26.87
CA ALA A 456 5.09 34.91 25.79
C ALA A 456 3.87 35.77 26.10
N MET A 457 3.38 35.71 27.36
CA MET A 457 2.24 36.53 27.74
C MET A 457 2.57 38.02 27.63
N ILE A 458 3.77 38.40 28.05
CA ILE A 458 4.16 39.81 27.99
C ILE A 458 4.15 40.30 26.54
N LYS A 459 4.75 39.52 25.64
CA LYS A 459 4.81 39.93 24.25
C LYS A 459 3.43 39.91 23.60
N GLY A 460 2.61 38.91 23.93
CA GLY A 460 1.27 38.86 23.36
C GLY A 460 0.44 40.06 23.74
N LEU A 461 0.51 40.48 25.01
CA LEU A 461 -0.22 41.67 25.44
C LEU A 461 0.41 42.92 24.87
N GLN A 462 1.74 42.94 24.71
CA GLN A 462 2.41 44.12 24.20
C GLN A 462 1.97 44.42 22.77
N VAL A 463 1.90 43.39 21.92
CA VAL A 463 1.52 43.61 20.53
C VAL A 463 0.06 44.08 20.45
N LEU A 464 -0.82 43.52 21.29
CA LEU A 464 -2.20 43.96 21.29
C LEU A 464 -2.31 45.43 21.65
N MET A 465 -1.63 45.85 22.72
CA MET A 465 -1.71 47.25 23.15
C MET A 465 -1.16 48.19 22.08
N GLY A 466 -0.07 47.79 21.42
CA GLY A 466 0.47 48.62 20.36
C GLY A 466 -0.51 48.82 19.22
N ARG A 467 -1.29 47.79 18.90
CA ARG A 467 -2.29 47.90 17.84
C ARG A 467 -3.36 48.91 18.21
N MET A 468 -3.76 48.93 19.49
CA MET A 468 -4.78 49.86 19.97
C MET A 468 -4.20 51.22 20.36
N GLU A 469 -2.91 51.46 20.10
CA GLU A 469 -2.25 52.68 20.52
C GLU A 469 -3.03 53.92 20.07
N SER A 470 -3.55 53.89 18.83
CA SER A 470 -4.28 55.04 18.32
C SER A 470 -5.52 55.31 19.15
N VAL A 471 -6.33 54.27 19.40
CA VAL A 471 -7.53 54.44 20.21
C VAL A 471 -7.15 54.84 21.63
N PHE A 472 -6.12 54.18 22.19
CA PHE A 472 -5.68 54.54 23.54
C PHE A 472 -5.29 56.01 23.62
N ASN A 473 -4.50 56.47 22.66
CA ASN A 473 -4.01 57.85 22.70
C ASN A 473 -5.18 58.84 22.66
N HIS A 474 -6.15 58.61 21.79
CA HIS A 474 -7.29 59.51 21.70
C HIS A 474 -8.08 59.54 23.00
N ALA A 475 -8.33 58.37 23.59
CA ALA A 475 -9.08 58.31 24.84
C ALA A 475 -8.32 58.99 25.98
N ILE A 476 -7.02 58.73 26.07
CA ILE A 476 -6.23 59.32 27.15
C ILE A 476 -6.24 60.84 27.05
N ARG A 477 -6.03 61.37 25.84
CA ARG A 477 -5.98 62.81 25.67
C ARG A 477 -7.33 63.45 25.98
N HIS A 478 -8.42 62.81 25.53
CA HIS A 478 -9.75 63.36 25.78
C HIS A 478 -10.06 63.38 27.28
N THR A 479 -9.71 62.31 27.99
CA THR A 479 -10.04 62.22 29.40
C THR A 479 -9.26 63.24 30.22
N VAL A 480 -7.95 63.37 29.96
CA VAL A 480 -7.14 64.29 30.75
C VAL A 480 -7.60 65.72 30.56
N TYR A 481 -7.90 66.11 29.31
CA TYR A 481 -8.35 67.46 29.04
C TYR A 481 -9.67 67.76 29.78
N ALA A 482 -10.62 66.82 29.71
CA ALA A 482 -11.90 67.03 30.36
C ALA A 482 -11.76 67.11 31.87
N ALA A 483 -10.98 66.20 32.46
CA ALA A 483 -10.82 66.17 33.91
C ALA A 483 -10.14 67.44 34.40
N LEU A 484 -9.10 67.89 33.70
CA LEU A 484 -8.36 69.06 34.14
C LEU A 484 -9.20 70.32 34.01
N GLN A 485 -9.86 70.49 32.86
CA GLN A 485 -10.66 71.70 32.65
C GLN A 485 -11.85 71.74 33.61
N ASP A 486 -12.52 70.60 33.80
CA ASP A 486 -13.66 70.56 34.71
C ASP A 486 -13.21 70.87 36.14
N PHE A 487 -12.08 70.31 36.56
CA PHE A 487 -11.57 70.57 37.90
C PHE A 487 -11.24 72.04 38.08
N SER A 488 -10.52 72.63 37.13
CA SER A 488 -10.12 74.02 37.26
C SER A 488 -11.31 74.96 37.20
N GLN A 489 -12.25 74.70 36.29
CA GLN A 489 -13.35 75.63 36.04
C GLN A 489 -14.53 75.46 36.99
N VAL A 490 -14.60 74.35 37.73
CA VAL A 490 -15.75 74.10 38.59
C VAL A 490 -15.29 73.85 40.02
N THR A 491 -14.42 72.86 40.22
CA THR A 491 -14.01 72.47 41.55
C THR A 491 -13.28 73.58 42.28
N LEU A 492 -12.65 74.51 41.56
CA LEU A 492 -11.91 75.60 42.16
C LEU A 492 -12.76 76.84 42.41
N ARG A 493 -14.05 76.82 42.05
CA ARG A 493 -14.89 77.97 42.28
C ARG A 493 -15.18 78.16 43.77
N GLU A 494 -15.56 77.08 44.46
CA GLU A 494 -15.88 77.20 45.88
C GLU A 494 -14.68 77.67 46.70
N PRO A 495 -13.50 77.05 46.60
CA PRO A 495 -12.35 77.59 47.34
C PRO A 495 -12.04 79.04 47.01
N LEU A 496 -12.20 79.42 45.74
CA LEU A 496 -11.97 80.80 45.35
C LEU A 496 -12.96 81.74 46.03
N ARG A 497 -14.23 81.32 46.12
CA ARG A 497 -15.24 82.15 46.78
C ARG A 497 -14.90 82.33 48.25
N GLN A 498 -14.50 81.26 48.93
CA GLN A 498 -14.14 81.38 50.35
C GLN A 498 -12.94 82.30 50.53
N ALA A 499 -11.93 82.16 49.67
CA ALA A 499 -10.76 83.03 49.76
C ALA A 499 -11.12 84.47 49.48
N ILE A 500 -12.00 84.71 48.50
CA ILE A 500 -12.40 86.08 48.18
C ILE A 500 -13.18 86.69 49.33
N LYS A 501 -14.09 85.92 49.93
CA LYS A 501 -14.92 86.46 51.00
C LYS A 501 -14.09 86.92 52.18
N LYS A 502 -13.12 86.11 52.59
CA LYS A 502 -12.21 86.44 53.69
C LYS A 502 -10.80 86.47 53.14
N LYS A 503 -10.10 87.58 53.36
CA LYS A 503 -8.82 87.83 52.70
C LYS A 503 -7.86 86.66 52.92
N LYS A 504 -7.52 85.99 51.81
CA LYS A 504 -6.57 84.88 51.81
C LYS A 504 -5.61 85.06 50.65
N ASN A 505 -5.03 86.26 50.55
CA ASN A 505 -4.16 86.64 49.43
C ASN A 505 -3.22 85.52 49.02
N VAL A 506 -2.68 84.79 49.99
CA VAL A 506 -1.79 83.66 49.67
C VAL A 506 -2.55 82.62 48.85
N ILE A 507 -3.78 82.30 49.27
CA ILE A 507 -4.60 81.36 48.51
C ILE A 507 -4.99 81.97 47.17
N GLN A 508 -5.24 83.28 47.13
CA GLN A 508 -5.69 83.91 45.90
C GLN A 508 -4.67 83.75 44.79
N SER A 509 -3.39 83.96 45.11
CA SER A 509 -2.35 83.89 44.08
C SER A 509 -2.26 82.49 43.47
N VAL A 510 -2.26 81.46 44.33
CA VAL A 510 -2.10 80.10 43.83
C VAL A 510 -3.33 79.68 43.01
N LEU A 511 -4.52 79.99 43.51
CA LEU A 511 -5.73 79.62 42.78
C LEU A 511 -5.81 80.34 41.44
N GLN A 512 -5.49 81.63 41.42
CA GLN A 512 -5.52 82.38 40.16
C GLN A 512 -4.49 81.84 39.19
N ALA A 513 -3.29 81.52 39.67
CA ALA A 513 -2.27 80.97 38.79
C ALA A 513 -2.70 79.63 38.20
N ILE A 514 -3.31 78.78 39.01
CA ILE A 514 -3.79 77.49 38.52
C ILE A 514 -4.88 77.69 37.47
N ARG A 515 -5.79 78.63 37.73
CA ARG A 515 -6.91 78.87 36.84
C ARG A 515 -6.55 79.73 35.63
N LYS A 516 -5.31 80.20 35.55
CA LYS A 516 -4.87 81.00 34.41
C LYS A 516 -3.83 80.28 33.55
N THR A 517 -3.11 79.30 34.11
CA THR A 517 -2.04 78.66 33.36
C THR A 517 -2.60 77.70 32.31
N VAL A 518 -3.62 76.92 32.66
CA VAL A 518 -4.10 75.84 31.80
C VAL A 518 -5.56 75.99 31.39
N CYS A 519 -6.32 76.88 32.03
CA CYS A 519 -7.74 76.99 31.71
C CYS A 519 -7.93 77.43 30.27
N ASP A 520 -8.95 76.85 29.63
CA ASP A 520 -9.32 77.20 28.25
C ASP A 520 -10.72 77.76 28.26
N TRP A 521 -10.89 78.92 27.61
CA TRP A 521 -12.17 79.62 27.55
C TRP A 521 -12.69 79.59 26.12
N GLU A 522 -13.96 79.19 25.97
CA GLU A 522 -14.56 79.11 24.65
C GLU A 522 -14.61 80.48 23.97
N THR A 523 -14.99 81.51 24.72
CA THR A 523 -15.11 82.86 24.19
C THR A 523 -13.79 83.63 24.21
N GLY A 524 -12.72 83.02 24.70
CA GLY A 524 -11.43 83.67 24.74
C GLY A 524 -11.21 84.60 25.92
N HIS A 525 -12.18 84.71 26.82
CA HIS A 525 -12.05 85.59 27.99
C HIS A 525 -12.87 85.00 29.13
N GLU A 526 -12.49 85.37 30.35
CA GLU A 526 -13.17 84.88 31.54
C GLU A 526 -14.52 85.58 31.69
N PRO A 527 -15.59 84.84 32.02
CA PRO A 527 -16.90 85.49 32.18
C PRO A 527 -16.88 86.53 33.30
N PHE A 528 -17.61 87.62 33.07
CA PHE A 528 -17.68 88.71 34.03
C PHE A 528 -18.85 88.59 35.00
N ASN A 529 -19.71 87.59 34.82
CA ASN A 529 -20.88 87.40 35.66
C ASN A 529 -20.67 86.33 36.73
N ASP A 530 -19.45 85.87 36.92
CA ASP A 530 -19.19 84.80 37.88
C ASP A 530 -19.35 85.33 39.30
N PRO A 531 -20.25 84.77 40.12
CA PRO A 531 -20.37 85.24 41.50
C PRO A 531 -19.09 85.07 42.31
N ALA A 532 -18.30 84.02 42.05
CA ALA A 532 -17.12 83.77 42.85
C ALA A 532 -16.13 84.92 42.76
N LEU A 533 -15.91 85.45 41.55
CA LEU A 533 -14.94 86.54 41.39
C LEU A 533 -15.37 87.76 42.19
N ARG A 534 -16.65 88.11 42.15
CA ARG A 534 -17.14 89.25 42.91
C ARG A 534 -17.21 88.95 44.41
N GLY A 535 -17.18 87.68 44.79
CA GLY A 535 -17.19 87.29 46.18
C GLY A 535 -18.56 86.97 46.74
N GLU A 536 -19.62 87.42 46.10
CA GLU A 536 -20.97 87.16 46.59
C GLU A 536 -21.40 85.75 46.24
N LYS A 537 -22.27 85.19 47.08
CA LYS A 537 -22.72 83.81 46.89
C LYS A 537 -23.45 83.65 45.57
N ASP A 538 -23.24 82.50 44.93
CA ASP A 538 -23.88 82.24 43.65
C ASP A 538 -25.37 82.00 43.85
N PRO A 539 -26.19 82.27 42.82
CA PRO A 539 -27.62 81.99 42.94
C PRO A 539 -27.90 80.52 43.19
N LYS A 540 -28.92 80.25 43.99
CA LYS A 540 -29.30 78.88 44.33
C LYS A 540 -28.12 78.12 44.91
N GLY A 542 -27.83 79.06 38.57
CA GLY A 542 -26.78 78.06 38.68
C GLY A 542 -25.48 78.51 38.04
N PHE A 543 -25.57 79.37 37.03
CA PHE A 543 -24.41 79.88 36.31
C PHE A 543 -23.61 78.74 35.70
N ASP A 544 -24.32 77.85 35.00
CA ASP A 544 -23.66 76.71 34.36
C ASP A 544 -22.74 77.19 33.24
N ILE A 545 -21.61 76.52 33.11
CA ILE A 545 -20.62 76.84 32.08
C ILE A 545 -20.30 75.57 31.31
N LYS A 546 -20.33 75.64 29.99
CA LYS A 546 -20.04 74.51 29.13
C LYS A 546 -18.57 74.56 28.75
N VAL A 547 -17.78 73.64 29.29
CA VAL A 547 -16.34 73.57 29.04
C VAL A 547 -16.11 73.03 27.63
N PRO A 548 -15.08 73.49 26.92
CA PRO A 548 -14.80 72.93 25.60
C PRO A 548 -14.29 71.49 25.70
N ARG A 549 -14.51 70.73 24.63
CA ARG A 549 -14.13 69.33 24.57
C ARG A 549 -13.24 69.11 23.36
N ARG A 550 -12.11 68.44 23.57
CA ARG A 550 -11.14 68.16 22.52
C ARG A 550 -10.15 67.13 23.04
N ALA A 551 -9.34 66.61 22.13
CA ALA A 551 -8.39 65.54 22.42
C ALA A 551 -6.98 66.11 22.36
N VAL A 552 -6.50 66.63 23.49
CA VAL A 552 -5.13 67.13 23.60
C VAL A 552 -4.78 67.18 25.08
N GLY A 553 -3.55 66.76 25.40
CA GLY A 553 -3.12 66.69 26.77
C GLY A 553 -2.32 67.91 27.18
N PRO A 554 -2.26 68.18 28.49
CA PRO A 554 -1.50 69.35 28.97
C PRO A 554 -0.01 69.19 28.70
N SER A 555 0.65 70.33 28.50
CA SER A 555 2.09 70.32 28.30
C SER A 555 2.81 69.94 29.59
N SER A 556 4.05 69.48 29.44
CA SER A 556 4.82 69.03 30.60
C SER A 556 5.02 70.17 31.60
N THR A 557 5.36 71.36 31.10
CA THR A 557 5.57 72.50 32.00
C THR A 557 4.27 72.86 32.71
N GLN A 558 3.15 72.90 31.96
CA GLN A 558 1.88 73.24 32.58
C GLN A 558 1.47 72.22 33.63
N LEU A 559 1.62 70.92 33.31
CA LEU A 559 1.22 69.88 34.26
C LEU A 559 2.08 69.93 35.52
N TYR A 560 3.38 70.15 35.38
CA TYR A 560 4.26 70.22 36.54
C TYR A 560 3.91 71.42 37.42
N MET A 561 3.67 72.57 36.79
CA MET A 561 3.38 73.78 37.55
C MET A 561 2.06 73.66 38.31
N VAL A 562 1.01 73.17 37.64
CA VAL A 562 -0.29 73.06 38.29
C VAL A 562 -0.23 72.05 39.44
N ARG A 563 0.46 70.93 39.22
CA ARG A 563 0.58 69.93 40.28
C ARG A 563 1.32 70.51 41.48
N THR A 564 2.42 71.22 41.24
CA THR A 564 3.19 71.79 42.33
C THR A 564 2.36 72.79 43.12
N MET A 565 1.62 73.66 42.42
CA MET A 565 0.75 74.61 43.11
C MET A 565 -0.37 73.88 43.85
N LEU A 566 -0.96 72.86 43.21
CA LEU A 566 -2.04 72.12 43.85
C LEU A 566 -1.57 71.44 45.12
N GLU A 567 -0.38 70.83 45.09
CA GLU A 567 0.15 70.12 46.23
C GLU A 567 0.79 71.06 47.25
N SER A 568 0.95 72.33 46.89
CA SER A 568 1.51 73.34 47.83
C SER A 568 0.38 73.79 48.75
N LEU A 569 -0.85 73.75 48.24
CA LEU A 569 -2.02 74.12 49.07
C LEU A 569 -2.09 73.12 50.22
N ILE A 570 -1.78 71.86 49.93
CA ILE A 570 -1.84 70.82 50.99
C ILE A 570 -0.42 70.55 51.50
N ALA A 571 -0.14 70.89 52.75
CA ALA A 571 1.23 70.72 53.29
C ALA A 571 1.20 70.72 54.81
N ASP A 572 2.32 70.33 55.44
CA ASP A 572 2.40 70.38 56.92
C ASP A 572 3.41 71.47 57.31
N LYS A 578 0.90 79.59 61.34
CA LYS A 578 0.05 78.51 60.86
C LYS A 578 0.26 78.10 59.40
N THR A 579 -0.12 76.87 59.08
CA THR A 579 0.05 76.36 57.73
C THR A 579 -1.03 76.92 56.80
N LEU A 580 -0.77 76.78 55.49
CA LEU A 580 -1.71 77.24 54.48
C LEU A 580 -2.90 76.31 54.32
N ARG A 581 -2.81 75.07 54.82
CA ARG A 581 -3.91 74.12 54.73
C ARG A 581 -4.94 74.31 55.84
N SER A 582 -4.64 75.12 56.86
CA SER A 582 -5.55 75.30 57.97
C SER A 582 -6.76 76.15 57.60
N SER A 583 -6.77 76.78 56.42
CA SER A 583 -7.86 77.65 55.99
C SER A 583 -8.69 77.01 54.90
N LEU A 584 -8.78 75.69 54.88
CA LEU A 584 -9.57 74.96 53.90
C LEU A 584 -10.52 73.99 54.60
N GLU A 585 -11.68 73.80 54.00
CA GLU A 585 -12.70 72.92 54.55
C GLU A 585 -12.41 71.48 54.12
N GLY A 586 -13.38 70.59 54.36
CA GLY A 586 -13.20 69.18 54.05
C GLY A 586 -13.28 68.87 52.58
N PRO A 587 -14.45 69.11 51.98
CA PRO A 587 -14.63 68.72 50.57
C PRO A 587 -13.61 69.32 49.63
N THR A 588 -13.16 70.56 49.89
CA THR A 588 -12.21 71.20 48.99
C THR A 588 -10.91 70.41 48.90
N ILE A 589 -10.38 69.98 50.04
CA ILE A 589 -9.13 69.23 50.03
C ILE A 589 -9.35 67.84 49.45
N LEU A 590 -10.42 67.16 49.87
CA LEU A 590 -10.65 65.80 49.41
C LEU A 590 -10.55 65.69 47.90
N ASP A 591 -11.09 66.70 47.19
CA ASP A 591 -10.93 66.73 45.75
C ASP A 591 -9.49 67.04 45.36
N ILE A 592 -8.81 67.87 46.14
CA ILE A 592 -7.46 68.30 45.79
C ILE A 592 -6.51 67.12 45.81
N GLU A 593 -6.52 66.34 46.89
CA GLU A 593 -5.65 65.16 46.94
C GLU A 593 -6.11 64.10 45.95
N LYS A 594 -7.41 63.98 45.72
CA LYS A 594 -7.91 62.99 44.76
C LYS A 594 -7.35 63.26 43.37
N PHE A 595 -7.37 64.53 42.95
CA PHE A 595 -6.75 64.88 41.67
C PHE A 595 -5.24 64.70 41.73
N HIS A 596 -4.63 65.03 42.87
CA HIS A 596 -3.18 64.91 43.00
C HIS A 596 -2.71 63.48 42.80
N ARG A 597 -3.42 62.51 43.39
CA ARG A 597 -3.01 61.12 43.29
C ARG A 597 -3.48 60.46 41.99
N GLU A 598 -4.32 61.15 41.21
CA GLU A 598 -4.84 60.59 39.97
C GLU A 598 -4.14 61.12 38.73
N SER A 599 -3.46 62.26 38.83
CA SER A 599 -2.83 62.89 37.68
C SER A 599 -1.37 62.49 37.49
N PHE A 600 -0.84 61.60 38.35
CA PHE A 600 0.56 61.23 38.22
C PHE A 600 0.83 60.49 36.91
N PHE A 601 -0.08 59.61 36.50
CA PHE A 601 0.11 58.79 35.32
C PHE A 601 -0.25 59.51 34.02
N TYR A 602 -0.71 60.76 34.10
CA TYR A 602 -1.12 61.47 32.88
C TYR A 602 0.06 61.60 31.92
N THR A 603 1.23 62.02 32.42
CA THR A 603 2.39 62.16 31.56
C THR A 603 2.84 60.82 31.01
N HIS A 604 2.79 59.77 31.84
CA HIS A 604 3.20 58.45 31.37
C HIS A 604 2.30 57.94 30.26
N LEU A 605 0.98 58.12 30.42
CA LEU A 605 0.04 57.61 29.45
C LEU A 605 0.00 58.42 28.16
N ILE A 606 0.38 59.70 28.21
CA ILE A 606 0.42 60.50 26.99
C ILE A 606 1.42 59.92 26.00
N ASN A 607 2.60 59.54 26.49
CA ASN A 607 3.62 58.86 25.67
C ASN A 607 3.43 57.37 25.85
N PHE A 608 2.35 56.85 25.28
CA PHE A 608 1.99 55.45 25.48
C PHE A 608 3.06 54.52 24.90
N SER A 609 3.55 54.81 23.70
CA SER A 609 4.50 53.91 23.06
C SER A 609 5.78 53.79 23.87
N GLU A 610 6.33 54.92 24.34
CA GLU A 610 7.55 54.89 25.11
C GLU A 610 7.36 54.14 26.43
N THR A 611 6.22 54.37 27.10
CA THR A 611 5.97 53.69 28.36
C THR A 611 5.83 52.19 28.16
N LEU A 612 5.14 51.77 27.09
CA LEU A 612 4.91 50.35 26.86
C LEU A 612 6.22 49.62 26.61
N GLN A 613 7.06 50.15 25.72
CA GLN A 613 8.32 49.49 25.42
C GLN A 613 9.24 49.46 26.65
N GLN A 614 9.26 50.55 27.41
CA GLN A 614 10.08 50.58 28.62
C GLN A 614 9.59 49.57 29.65
N CYS A 615 8.27 49.42 29.78
CA CYS A 615 7.72 48.48 30.74
C CYS A 615 8.00 47.03 30.33
N CYS A 616 7.99 46.75 29.03
CA CYS A 616 8.16 45.40 28.51
C CYS A 616 9.59 45.16 28.04
N ASP A 617 10.57 45.74 28.72
CA ASP A 617 11.96 45.59 28.33
C ASP A 617 12.57 44.37 29.04
N LEU A 618 13.17 43.47 28.25
CA LEU A 618 13.83 42.28 28.77
C LEU A 618 15.17 42.09 28.07
N SER A 619 15.90 43.18 27.84
CA SER A 619 17.17 43.16 27.16
C SER A 619 18.34 42.85 28.08
N GLN A 620 18.11 42.70 29.38
CA GLN A 620 19.16 42.46 30.36
C GLN A 620 19.41 40.98 30.62
N LEU A 621 18.77 40.09 29.86
CA LEU A 621 18.91 38.66 30.06
C LEU A 621 20.06 38.05 29.27
N TRP A 622 20.82 38.85 28.52
CA TRP A 622 21.89 38.35 27.69
C TRP A 622 23.26 38.93 28.04
N PHE A 623 23.33 40.21 28.42
CA PHE A 623 24.61 40.82 28.72
C PHE A 623 25.24 40.16 29.94
N ARG A 624 26.56 39.90 29.84
CA ARG A 624 27.28 39.20 30.89
C ARG A 624 28.65 39.83 31.14
N GLU A 625 28.81 41.11 30.78
CA GLU A 625 30.14 41.73 30.87
C GLU A 625 30.71 41.64 32.27
N PHE A 626 29.85 41.71 33.30
CA PHE A 626 30.34 41.62 34.67
C PHE A 626 31.01 40.27 34.93
N PHE A 627 30.41 39.19 34.45
CA PHE A 627 30.99 37.87 34.68
C PHE A 627 32.23 37.63 33.82
N LEU A 628 32.29 38.25 32.65
CA LEU A 628 33.50 38.12 31.82
C LEU A 628 34.71 38.71 32.53
N GLU A 629 34.53 39.84 33.20
CA GLU A 629 35.65 40.47 33.91
C GLU A 629 36.16 39.57 35.04
N LEU A 630 35.23 38.82 35.66
CA LEU A 630 35.58 37.95 36.82
C LEU A 630 36.24 36.65 36.35
N THR A 631 36.35 36.45 35.04
CA THR A 631 36.96 35.21 34.50
C THR A 631 38.45 35.48 34.33
N MET A 632 38.92 36.62 34.83
CA MET A 632 40.35 37.02 34.72
C MET A 632 40.80 37.05 33.26
N GLY A 633 39.93 37.49 32.35
CA GLY A 633 40.30 37.66 30.93
C GLY A 633 40.81 36.40 30.26
N ARG A 634 40.24 35.24 30.58
CA ARG A 634 40.62 33.99 29.87
C ARG A 634 39.51 33.64 28.88
N ARG A 635 38.53 34.52 28.72
CA ARG A 635 37.36 34.21 27.86
C ARG A 635 36.98 35.44 27.03
N ILE A 636 36.81 35.27 25.71
CA ILE A 636 36.34 36.42 24.89
C ILE A 636 34.83 36.58 25.06
N GLN A 637 34.05 35.49 24.98
CA GLN A 637 32.59 35.55 25.22
C GLN A 637 32.13 34.14 25.58
N PHE A 638 31.08 34.00 26.39
CA PHE A 638 30.65 32.66 26.85
C PHE A 638 30.06 31.89 25.66
N PRO A 639 30.15 30.54 25.63
CA PRO A 639 29.59 29.76 24.54
C PRO A 639 28.05 29.81 24.54
N ILE A 640 27.43 29.47 23.41
CA ILE A 640 25.95 29.60 23.28
C ILE A 640 25.25 28.72 24.33
N GLU A 641 25.93 27.71 24.84
CA GLU A 641 25.28 26.76 25.77
C GLU A 641 24.80 27.47 27.03
N MET A 642 25.55 28.46 27.53
CA MET A 642 25.19 29.10 28.82
C MET A 642 24.31 30.37 28.67
N SER A 643 23.97 30.81 27.46
CA SER A 643 23.05 31.98 27.30
C SER A 643 21.61 31.54 27.59
N MET A 644 20.76 32.42 28.18
CA MET A 644 19.44 32.02 28.63
C MET A 644 18.49 31.72 27.47
N PRO A 645 18.38 32.56 26.44
CA PRO A 645 17.41 32.25 25.38
C PRO A 645 17.64 30.91 24.72
N TRP A 646 18.89 30.52 24.50
CA TRP A 646 19.17 29.22 23.89
C TRP A 646 18.83 28.08 24.85
N ILE A 647 19.07 28.27 26.14
CA ILE A 647 18.78 27.22 27.11
C ILE A 647 17.29 26.93 27.13
N LEU A 648 16.46 27.98 27.15
CA LEU A 648 15.02 27.79 27.15
C LEU A 648 14.57 27.11 25.86
N THR A 649 15.08 27.55 24.72
CA THR A 649 14.72 26.94 23.45
C THR A 649 15.20 25.50 23.38
N ASP A 650 16.44 25.25 23.79
CA ASP A 650 16.99 23.89 23.73
C ASP A 650 16.21 22.96 24.64
N HIS A 651 15.86 23.43 25.84
CA HIS A 651 15.12 22.60 26.77
C HIS A 651 13.75 22.22 26.22
N ILE A 652 13.07 23.17 25.57
CA ILE A 652 11.77 22.90 24.98
C ILE A 652 11.90 21.87 23.87
N LEU A 653 12.90 22.05 23.00
CA LEU A 653 13.06 21.13 21.87
C LEU A 653 13.45 19.73 22.34
N GLU A 654 14.45 19.64 23.21
CA GLU A 654 14.90 18.33 23.67
C GLU A 654 13.79 17.61 24.44
N THR A 655 13.09 18.33 25.31
CA THR A 655 11.98 17.72 26.03
C THR A 655 10.82 17.38 25.09
N LYS A 656 10.69 18.11 23.99
CA LYS A 656 9.62 17.88 23.02
C LYS A 656 8.26 17.93 23.70
N GLU A 657 8.08 18.91 24.58
CA GLU A 657 6.81 19.08 25.28
C GLU A 657 5.81 19.76 24.36
N ALA A 658 4.66 19.11 24.15
CA ALA A 658 3.66 19.64 23.24
C ALA A 658 3.09 20.97 23.77
N SER A 659 2.92 21.07 25.07
CA SER A 659 2.31 22.27 25.65
C SER A 659 3.13 23.52 25.35
N MET A 660 4.46 23.40 25.44
CA MET A 660 5.36 24.54 25.30
C MET A 660 5.96 24.64 23.89
N MET A 661 5.44 23.87 22.94
CA MET A 661 6.02 23.88 21.59
C MET A 661 5.86 25.25 20.92
N GLU A 662 4.70 25.87 21.10
CA GLU A 662 4.40 27.13 20.41
C GLU A 662 5.05 28.34 21.06
N TYR A 663 5.68 28.17 22.23
CA TYR A 663 6.32 29.28 22.93
C TYR A 663 7.78 29.46 22.55
N VAL A 664 8.32 28.60 21.67
CA VAL A 664 9.74 28.68 21.34
C VAL A 664 10.06 29.99 20.64
N LEU A 665 9.19 30.43 19.72
CA LEU A 665 9.45 31.64 18.97
C LEU A 665 9.57 32.85 19.89
N TYR A 666 8.68 32.95 20.88
CA TYR A 666 8.73 34.08 21.81
C TYR A 666 10.00 34.09 22.64
N SER A 667 10.69 32.95 22.75
CA SER A 667 11.96 32.87 23.47
C SER A 667 13.16 33.11 22.57
N LEU A 668 12.96 33.23 21.26
CA LEU A 668 14.06 33.43 20.32
C LEU A 668 14.17 34.87 19.84
N ASP A 669 13.11 35.68 19.97
CA ASP A 669 13.15 37.07 19.55
C ASP A 669 13.72 37.99 20.62
N LEU A 670 14.11 37.45 21.79
CA LEU A 670 14.74 38.27 22.80
C LEU A 670 16.02 38.91 22.28
N TYR A 671 16.67 38.29 21.28
CA TYR A 671 17.86 38.87 20.70
C TYR A 671 17.55 40.21 20.04
N ASN A 672 16.38 40.32 19.41
CA ASN A 672 15.98 41.59 18.80
C ASN A 672 15.89 42.70 19.84
N ASP A 673 15.29 42.39 20.99
CA ASP A 673 15.19 43.39 22.05
C ASP A 673 16.57 43.77 22.58
N SER A 674 17.44 42.78 22.78
CA SER A 674 18.79 43.08 23.26
C SER A 674 19.56 43.92 22.26
N ALA A 675 19.45 43.59 20.98
CA ALA A 675 20.16 44.36 19.95
C ALA A 675 19.65 45.79 19.91
N HIS A 676 18.34 45.98 19.97
CA HIS A 676 17.78 47.33 19.95
C HIS A 676 18.24 48.13 21.16
N TYR A 677 18.24 47.51 22.34
CA TYR A 677 18.66 48.21 23.55
C TYR A 677 20.12 48.64 23.46
N ALA A 678 20.98 47.76 22.96
CA ALA A 678 22.40 48.08 22.85
C ALA A 678 22.62 49.21 21.86
N LEU A 679 22.01 49.12 20.68
CA LEU A 679 22.20 50.16 19.67
C LEU A 679 21.65 51.50 20.14
N THR A 680 20.47 51.48 20.77
CA THR A 680 19.82 52.73 21.16
C THR A 680 20.50 53.38 22.36
N ARG A 681 20.90 52.60 23.36
CA ARG A 681 21.43 53.12 24.60
C ARG A 681 22.94 52.96 24.70
N PHE A 682 23.46 51.74 24.55
CA PHE A 682 24.89 51.52 24.73
C PHE A 682 25.71 52.21 23.65
N ASN A 683 25.17 52.33 22.45
CA ASN A 683 25.88 52.95 21.33
C ASN A 683 27.19 52.22 21.06
N LYS A 684 27.17 50.90 21.17
CA LYS A 684 28.32 50.05 20.91
C LYS A 684 27.98 49.05 19.82
N GLN A 685 29.01 48.62 19.10
CA GLN A 685 28.85 47.75 17.94
C GLN A 685 29.28 46.31 18.19
N PHE A 686 30.31 46.08 18.99
CA PHE A 686 30.77 44.71 19.20
C PHE A 686 29.69 43.85 19.85
N LEU A 687 28.83 44.45 20.66
CA LEU A 687 27.70 43.71 21.22
C LEU A 687 26.75 43.24 20.13
N TYR A 688 26.47 44.12 19.16
CA TYR A 688 25.61 43.74 18.04
C TYR A 688 26.22 42.62 17.22
N ASP A 689 27.53 42.71 16.97
CA ASP A 689 28.19 41.65 16.21
C ASP A 689 28.14 40.33 16.95
N GLU A 690 28.33 40.35 18.27
CA GLU A 690 28.23 39.12 19.06
C GLU A 690 26.83 38.52 18.98
N ILE A 691 25.81 39.38 19.02
CA ILE A 691 24.43 38.88 18.93
C ILE A 691 24.21 38.17 17.60
N GLU A 692 24.66 38.79 16.51
CA GLU A 692 24.46 38.20 15.19
C GLU A 692 25.18 36.86 15.07
N ALA A 693 26.42 36.79 15.56
CA ALA A 693 27.16 35.54 15.51
C ALA A 693 26.45 34.45 16.29
N GLU A 694 25.93 34.78 17.47
CA GLU A 694 25.20 33.81 18.28
C GLU A 694 23.94 33.35 17.57
N VAL A 695 23.20 34.29 16.98
CA VAL A 695 21.96 33.95 16.30
C VAL A 695 22.24 33.10 15.06
N ASN A 696 23.36 33.37 14.38
CA ASN A 696 23.67 32.66 13.14
C ASN A 696 23.65 31.15 13.34
N LEU A 697 24.39 30.66 14.34
CA LEU A 697 24.40 29.23 14.64
C LEU A 697 23.17 28.79 15.42
N CYS A 698 22.62 29.66 16.27
CA CYS A 698 21.46 29.29 17.06
C CYS A 698 20.27 28.93 16.18
N PHE A 699 20.01 29.74 15.15
CA PHE A 699 18.89 29.46 14.26
C PHE A 699 19.11 28.15 13.50
N ASP A 700 20.33 27.91 13.03
CA ASP A 700 20.61 26.68 12.29
C ASP A 700 20.37 25.46 13.16
N GLN A 701 20.82 25.50 14.41
CA GLN A 701 20.57 24.39 15.33
C GLN A 701 19.07 24.21 15.58
N PHE A 702 18.35 25.33 15.77
CA PHE A 702 16.91 25.24 16.00
C PHE A 702 16.20 24.61 14.81
N VAL A 703 16.57 25.02 13.60
CA VAL A 703 15.95 24.46 12.40
C VAL A 703 16.25 22.97 12.28
N TYR A 704 17.52 22.60 12.50
CA TYR A 704 17.91 21.20 12.35
C TYR A 704 17.14 20.30 13.33
N LYS A 705 17.08 20.71 14.59
CA LYS A 705 16.36 19.91 15.58
C LYS A 705 14.87 19.86 15.28
N LEU A 706 14.29 21.00 14.90
CA LEU A 706 12.85 21.05 14.65
C LEU A 706 12.47 20.15 13.48
N ALA A 707 13.26 20.18 12.40
CA ALA A 707 12.96 19.34 11.25
C ALA A 707 13.08 17.87 11.60
N ASP A 708 14.12 17.50 12.35
CA ASP A 708 14.32 16.09 12.67
C ASP A 708 13.17 15.53 13.50
N GLN A 709 12.74 16.28 14.51
CA GLN A 709 11.66 15.79 15.37
C GLN A 709 10.34 15.78 14.62
N ILE A 710 10.11 16.75 13.74
CA ILE A 710 8.87 16.77 12.96
C ILE A 710 8.79 15.54 12.07
N PHE A 711 9.88 15.22 11.38
CA PHE A 711 9.88 14.06 10.48
C PHE A 711 9.67 12.77 11.28
N ALA A 712 10.34 12.63 12.42
CA ALA A 712 10.18 11.43 13.23
C ALA A 712 8.76 11.30 13.77
N TYR A 713 8.18 12.41 14.23
CA TYR A 713 6.85 12.37 14.80
C TYR A 713 5.81 11.95 13.76
N TYR A 714 5.93 12.49 12.54
CA TYR A 714 4.97 12.15 11.50
C TYR A 714 5.17 10.71 11.02
N LYS A 715 6.41 10.26 10.92
CA LYS A 715 6.68 8.90 10.45
C LYS A 715 6.09 7.87 11.42
N VAL A 716 6.30 8.08 12.72
CA VAL A 716 5.76 7.14 13.70
C VAL A 716 4.24 7.20 13.71
N MET A 717 3.67 8.38 13.50
CA MET A 717 2.21 8.51 13.45
C MET A 717 1.64 7.71 12.29
N ALA A 718 2.28 7.78 11.12
CA ALA A 718 1.81 7.02 9.97
C ALA A 718 1.94 5.52 10.21
N GLY A 719 3.07 5.09 10.78
CA GLY A 719 3.26 3.67 11.02
C GLY A 719 2.25 3.11 12.02
N SER A 720 2.03 3.84 13.12
CA SER A 720 1.03 3.41 14.10
C SER A 720 -0.36 3.42 13.50
N LEU A 721 -0.66 4.42 12.67
CA LEU A 721 -1.99 4.53 12.09
C LEU A 721 -2.28 3.38 11.13
N LEU A 722 -1.27 2.93 10.38
CA LEU A 722 -1.44 1.82 9.46
C LEU A 722 -1.35 0.46 10.12
N LEU A 723 -0.91 0.39 11.37
CA LEU A 723 -0.75 -0.89 12.05
C LEU A 723 -2.11 -1.50 12.37
N ASP A 724 -2.16 -2.84 12.35
CA ASP A 724 -3.38 -3.55 12.64
C ASP A 724 -3.82 -3.30 14.08
N LYS A 725 -5.14 -3.23 14.28
CA LYS A 725 -5.71 -3.00 15.60
C LYS A 725 -5.91 -4.30 16.38
N ARG A 726 -6.27 -5.38 15.71
CA ARG A 726 -6.46 -6.65 16.41
C ARG A 726 -5.16 -7.12 17.05
N LEU A 727 -4.04 -6.99 16.33
CA LEU A 727 -2.75 -7.36 16.90
C LEU A 727 -2.43 -6.49 18.10
N ARG A 728 -2.71 -5.19 18.01
CA ARG A 728 -2.45 -4.30 19.13
C ARG A 728 -3.26 -4.69 20.35
N SER A 729 -4.53 -5.02 20.16
CA SER A 729 -5.37 -5.44 21.29
C SER A 729 -4.87 -6.75 21.89
N GLU A 730 -4.52 -7.72 21.04
CA GLU A 730 -4.02 -8.99 21.54
C GLU A 730 -2.71 -8.80 22.31
N CYS A 731 -1.80 -7.96 21.78
CA CYS A 731 -0.56 -7.71 22.48
C CYS A 731 -0.82 -7.04 23.82
N LYS A 732 -1.76 -6.09 23.87
CA LYS A 732 -2.08 -5.44 25.14
C LYS A 732 -2.59 -6.44 26.15
N ASN A 733 -3.46 -7.35 25.73
CA ASN A 733 -3.99 -8.36 26.65
C ASN A 733 -2.88 -9.26 27.18
N GLN A 734 -1.95 -9.66 26.29
CA GLN A 734 -0.85 -10.51 26.72
C GLN A 734 0.05 -9.81 27.72
N GLY A 735 0.34 -8.52 27.49
CA GLY A 735 1.20 -7.76 28.37
C GLY A 735 2.35 -7.09 27.65
N ALA A 736 2.23 -6.95 26.33
CA ALA A 736 3.24 -6.34 25.49
C ALA A 736 2.64 -5.22 24.65
N THR A 737 1.89 -4.34 25.31
CA THR A 737 1.20 -3.26 24.61
C THR A 737 2.21 -2.33 23.94
N ILE A 738 1.82 -1.80 22.79
CA ILE A 738 2.62 -0.84 22.05
C ILE A 738 2.14 0.55 22.40
N HIS A 739 3.00 1.34 23.03
CA HIS A 739 2.61 2.67 23.47
C HIS A 739 2.43 3.61 22.28
N LEU A 740 1.34 4.38 22.31
CA LEU A 740 1.04 5.29 21.23
C LEU A 740 1.96 6.51 21.30
N PRO A 741 2.13 7.22 20.18
CA PRO A 741 2.99 8.40 20.18
C PRO A 741 2.23 9.62 20.68
N PRO A 742 2.73 10.29 21.72
CA PRO A 742 2.05 11.51 22.18
C PRO A 742 1.99 12.56 21.09
N SER A 743 0.88 13.31 21.07
CA SER A 743 0.67 14.33 20.06
C SER A 743 1.46 15.60 20.39
N ASN A 744 1.72 16.39 19.35
CA ASN A 744 2.43 17.65 19.50
C ASN A 744 1.69 18.72 18.70
N ARG A 745 2.25 19.93 18.67
CA ARG A 745 1.60 21.09 18.09
C ARG A 745 2.53 21.79 17.12
N TYR A 746 3.13 21.03 16.21
CA TYR A 746 3.97 21.61 15.16
C TYR A 746 3.17 22.35 14.10
N GLU A 747 1.84 22.38 14.21
CA GLU A 747 1.02 23.02 13.19
C GLU A 747 1.38 24.48 13.05
N THR A 748 1.47 25.21 14.17
CA THR A 748 1.76 26.63 14.11
C THR A 748 3.16 26.89 13.56
N LEU A 749 4.14 26.10 13.99
CA LEU A 749 5.51 26.32 13.56
C LEU A 749 5.67 26.15 12.06
N LEU A 750 5.01 25.14 11.49
CA LEU A 750 5.17 24.87 10.06
C LEU A 750 4.67 26.03 9.22
N LYS A 751 3.51 26.60 9.58
CA LYS A 751 2.91 27.66 8.78
C LYS A 751 3.60 29.00 8.95
N GLN A 752 4.50 29.14 9.92
CA GLN A 752 5.14 30.42 10.15
C GLN A 752 6.00 30.83 8.95
N ARG A 753 5.87 32.09 8.54
CA ARG A 753 6.66 32.63 7.45
C ARG A 753 7.18 34.04 7.74
N HIS A 754 7.08 34.51 8.99
CA HIS A 754 7.47 35.86 9.37
C HIS A 754 8.37 35.84 10.59
N VAL A 755 9.38 34.97 10.57
CA VAL A 755 10.35 34.92 11.66
C VAL A 755 11.27 36.12 11.54
N GLN A 756 10.98 37.17 12.29
CA GLN A 756 11.76 38.41 12.25
C GLN A 756 12.90 38.32 13.26
N LEU A 757 14.13 38.45 12.77
CA LEU A 757 15.30 38.40 13.63
C LEU A 757 16.39 39.28 13.03
N LEU A 758 16.91 40.20 13.84
CA LEU A 758 17.97 41.10 13.40
C LEU A 758 17.56 41.86 12.14
N GLY A 759 16.30 42.26 12.09
CA GLY A 759 15.79 42.98 10.92
C GLY A 759 15.84 42.18 9.64
N ARG A 760 15.61 40.87 9.74
CA ARG A 760 15.62 39.98 8.59
C ARG A 760 14.39 39.10 8.61
N SER A 761 13.90 38.77 7.42
CA SER A 761 12.76 37.88 7.26
C SER A 761 13.25 36.49 6.85
N ILE A 762 12.89 35.49 7.62
CA ILE A 762 13.34 34.12 7.42
C ILE A 762 12.13 33.24 7.19
N ASP A 763 12.17 32.44 6.13
CA ASP A 763 11.09 31.51 5.78
C ASP A 763 11.40 30.16 6.42
N LEU A 764 10.80 29.90 7.58
CA LEU A 764 11.03 28.63 8.26
C LEU A 764 10.45 27.46 7.46
N ASN A 765 9.37 27.70 6.72
CA ASN A 765 8.76 26.63 5.95
C ASN A 765 9.72 26.08 4.90
N ARG A 766 10.45 26.96 4.23
CA ARG A 766 11.38 26.51 3.19
C ARG A 766 12.46 25.61 3.77
N LEU A 767 13.03 26.00 4.92
CA LEU A 767 14.10 25.20 5.53
C LEU A 767 13.58 23.84 5.97
N ILE A 768 12.40 23.81 6.59
CA ILE A 768 11.82 22.54 6.99
C ILE A 768 11.54 21.66 5.78
N THR A 769 11.05 22.27 4.70
CA THR A 769 10.77 21.50 3.48
C THR A 769 12.04 20.87 2.94
N GLN A 770 13.15 21.61 2.94
CA GLN A 770 14.40 21.07 2.43
C GLN A 770 14.86 19.88 3.27
N ARG A 771 14.80 20.00 4.59
CA ARG A 771 15.22 18.91 5.46
C ARG A 771 14.34 17.69 5.28
N VAL A 772 13.02 17.89 5.21
CA VAL A 772 12.10 16.77 5.08
C VAL A 772 12.30 16.09 3.72
N SER A 773 12.51 16.88 2.67
CA SER A 773 12.73 16.29 1.35
C SER A 773 13.98 15.41 1.35
N ALA A 774 15.07 15.88 1.98
CA ALA A 774 16.27 15.06 2.07
C ALA A 774 16.01 13.79 2.87
N ALA A 775 15.28 13.91 3.99
CA ALA A 775 14.98 12.73 4.79
C ALA A 775 14.14 11.73 4.02
N MET A 776 13.13 12.20 3.28
CA MET A 776 12.29 11.29 2.50
C MET A 776 13.11 10.56 1.44
N TYR A 777 14.01 11.27 0.76
CA TYR A 777 14.86 10.61 -0.23
C TYR A 777 15.74 9.56 0.43
N LYS A 778 16.30 9.87 1.60
CA LYS A 778 17.14 8.90 2.30
C LYS A 778 16.35 7.66 2.69
N SER A 779 15.12 7.84 3.19
CA SER A 779 14.32 6.70 3.58
C SER A 779 13.99 5.80 2.39
N LEU A 780 13.63 6.41 1.25
CA LEU A 780 13.31 5.61 0.07
C LEU A 780 14.52 4.84 -0.41
N GLU A 781 15.69 5.49 -0.44
CA GLU A 781 16.90 4.79 -0.85
C GLU A 781 17.22 3.65 0.12
N LEU A 782 17.06 3.89 1.42
CA LEU A 782 17.31 2.84 2.39
C LEU A 782 16.38 1.67 2.20
N ALA A 783 15.10 1.94 1.91
CA ALA A 783 14.13 0.87 1.71
C ALA A 783 14.53 -0.01 0.53
N ILE A 784 14.92 0.61 -0.58
CA ILE A 784 15.34 -0.15 -1.76
C ILE A 784 16.61 -0.93 -1.45
N GLY A 785 17.57 -0.30 -0.78
CA GLY A 785 18.80 -1.00 -0.43
C GLY A 785 18.55 -2.18 0.49
N ARG A 786 17.66 -2.00 1.47
CA ARG A 786 17.32 -3.10 2.36
C ARG A 786 16.71 -4.27 1.61
N PHE A 787 15.83 -3.96 0.64
CA PHE A 787 15.26 -5.02 -0.21
C PHE A 787 16.36 -5.70 -1.02
N GLU A 788 17.31 -4.94 -1.53
CA GLU A 788 18.39 -5.49 -2.34
C GLU A 788 19.33 -6.39 -1.56
N SER A 789 19.28 -6.35 -0.22
CA SER A 789 20.17 -7.13 0.63
C SER A 789 19.49 -8.36 1.21
N GLU A 790 18.32 -8.74 0.70
CA GLU A 790 17.59 -9.89 1.20
C GLU A 790 17.02 -10.66 0.03
N ASP A 791 16.36 -11.78 0.33
CA ASP A 791 15.81 -12.65 -0.69
C ASP A 791 14.53 -12.05 -1.27
N LEU A 792 13.90 -12.79 -2.18
CA LEU A 792 12.70 -12.32 -2.86
C LEU A 792 11.48 -12.24 -1.94
N THR A 793 11.55 -12.82 -0.74
CA THR A 793 10.42 -12.80 0.17
C THR A 793 10.26 -11.46 0.88
N SER A 794 11.20 -10.54 0.72
CA SER A 794 11.10 -9.21 1.31
C SER A 794 10.24 -8.27 0.49
N ILE A 795 9.61 -8.76 -0.58
CA ILE A 795 8.77 -7.90 -1.41
C ILE A 795 7.61 -7.33 -0.59
N VAL A 796 6.99 -8.17 0.25
CA VAL A 796 5.89 -7.70 1.08
C VAL A 796 6.36 -6.60 2.02
N GLU A 797 7.54 -6.78 2.63
CA GLU A 797 8.07 -5.75 3.50
C GLU A 797 8.31 -4.45 2.75
N LEU A 798 8.86 -4.53 1.53
CA LEU A 798 9.10 -3.33 0.75
C LEU A 798 7.79 -2.60 0.44
N ASP A 799 6.76 -3.35 0.07
CA ASP A 799 5.46 -2.72 -0.22
C ASP A 799 4.90 -2.04 1.02
N GLY A 800 4.98 -2.71 2.17
CA GLY A 800 4.48 -2.10 3.39
C GLY A 800 5.23 -0.85 3.77
N LEU A 801 6.57 -0.90 3.68
CA LEU A 801 7.37 0.28 3.99
C LEU A 801 7.10 1.40 2.99
N LEU A 802 6.94 1.06 1.72
CA LEU A 802 6.62 2.08 0.71
C LEU A 802 5.27 2.73 1.02
N GLU A 803 4.29 1.94 1.44
CA GLU A 803 2.99 2.51 1.80
C GLU A 803 3.13 3.48 2.97
N ILE A 804 3.95 3.12 3.97
CA ILE A 804 4.18 4.01 5.09
C ILE A 804 4.80 5.32 4.62
N ASN A 805 5.81 5.23 3.74
CA ASN A 805 6.46 6.43 3.24
C ASN A 805 5.48 7.29 2.45
N ARG A 806 4.63 6.68 1.63
CA ARG A 806 3.65 7.44 0.87
C ARG A 806 2.69 8.17 1.79
N MET A 807 2.22 7.50 2.83
CA MET A 807 1.31 8.14 3.77
C MET A 807 1.99 9.30 4.50
N THR A 808 3.24 9.10 4.90
CA THR A 808 3.97 10.19 5.54
C THR A 808 4.12 11.38 4.61
N HIS A 809 4.38 11.13 3.33
CA HIS A 809 4.43 12.21 2.36
C HIS A 809 3.10 12.94 2.27
N LYS A 810 2.00 12.19 2.26
CA LYS A 810 0.68 12.81 2.21
C LYS A 810 0.43 13.67 3.45
N LEU A 811 0.81 13.17 4.62
CA LEU A 811 0.63 13.95 5.85
C LEU A 811 1.47 15.22 5.82
N LEU A 812 2.72 15.12 5.37
CA LEU A 812 3.59 16.30 5.33
C LEU A 812 3.14 17.28 4.26
N SER A 813 2.61 16.79 3.14
CA SER A 813 2.13 17.68 2.08
C SER A 813 0.96 18.53 2.53
N ARG A 814 0.31 18.19 3.65
CA ARG A 814 -0.79 19.00 4.14
C ARG A 814 -0.32 20.40 4.51
N TYR A 815 0.87 20.51 5.10
CA TYR A 815 1.41 21.79 5.53
C TYR A 815 2.62 22.25 4.72
N LEU A 816 3.28 21.35 4.01
CA LEU A 816 4.45 21.67 3.21
C LEU A 816 4.22 21.31 1.75
N THR A 817 5.13 21.77 0.89
CA THR A 817 5.13 21.42 -0.51
C THR A 817 6.29 20.47 -0.78
N LEU A 818 6.01 19.37 -1.48
CA LEU A 818 7.01 18.37 -1.77
C LEU A 818 6.74 17.77 -3.14
N ASP A 819 7.80 17.21 -3.73
CA ASP A 819 7.67 16.54 -5.02
C ASP A 819 6.78 15.31 -4.88
N GLY A 820 6.14 14.95 -5.98
CA GLY A 820 5.24 13.80 -5.95
C GLY A 820 5.96 12.54 -5.53
N PHE A 821 5.26 11.69 -4.78
CA PHE A 821 5.86 10.45 -4.31
C PHE A 821 6.34 9.59 -5.46
N ASP A 822 5.63 9.61 -6.59
CA ASP A 822 6.06 8.82 -7.74
C ASP A 822 7.42 9.29 -8.25
N ALA A 823 7.61 10.60 -8.33
CA ALA A 823 8.90 11.12 -8.80
C ALA A 823 10.02 10.73 -7.85
N MET A 824 9.80 10.86 -6.54
CA MET A 824 10.82 10.48 -5.58
C MET A 824 11.11 8.99 -5.63
N PHE A 825 10.07 8.17 -5.76
CA PHE A 825 10.28 6.73 -5.86
C PHE A 825 11.08 6.38 -7.10
N ARG A 826 10.77 7.02 -8.23
CA ARG A 826 11.55 6.78 -9.45
C ARG A 826 12.98 7.26 -9.27
N GLU A 827 13.17 8.40 -8.60
CA GLU A 827 14.51 8.91 -8.35
C GLU A 827 15.33 7.91 -7.54
N ALA A 828 14.74 7.32 -6.50
CA ALA A 828 15.45 6.35 -5.68
C ALA A 828 15.64 5.03 -6.40
N ASN A 829 14.75 4.71 -7.34
CA ASN A 829 14.84 3.46 -8.09
C ASN A 829 15.62 3.60 -9.39
N HIS A 830 16.16 4.78 -9.67
CA HIS A 830 16.93 5.00 -10.89
C HIS A 830 16.13 4.64 -12.13
N ASN A 831 14.85 5.00 -12.13
CA ASN A 831 13.95 4.69 -13.23
C ASN A 831 13.56 5.91 -14.06
N VAL A 832 13.79 7.12 -13.56
CA VAL A 832 13.41 8.32 -14.31
C VAL A 832 14.22 8.42 -15.60
N SER A 833 15.53 8.16 -15.53
CA SER A 833 16.41 8.27 -16.68
C SER A 833 16.74 6.92 -17.32
N ALA A 834 16.22 5.82 -16.77
CA ALA A 834 16.49 4.50 -17.31
C ALA A 834 15.18 3.73 -17.48
N PRO A 835 15.09 2.87 -18.49
CA PRO A 835 13.84 2.10 -18.67
C PRO A 835 13.52 1.20 -17.49
N TYR A 836 14.52 0.64 -16.82
CA TYR A 836 14.32 -0.31 -15.74
C TYR A 836 14.97 0.20 -14.46
N GLY A 837 14.30 -0.07 -13.33
CA GLY A 837 14.79 0.36 -12.04
C GLY A 837 15.62 -0.71 -11.34
N ARG A 838 15.92 -0.45 -10.08
CA ARG A 838 16.71 -1.37 -9.28
C ARG A 838 15.90 -2.58 -8.82
N ILE A 839 14.62 -2.39 -8.54
CA ILE A 839 13.80 -3.50 -8.01
C ILE A 839 13.73 -4.63 -9.02
N THR A 840 13.45 -4.30 -10.29
CA THR A 840 13.37 -5.33 -11.31
C THR A 840 14.71 -6.02 -11.52
N LEU A 841 15.81 -5.26 -11.47
CA LEU A 841 17.13 -5.86 -11.62
C LEU A 841 17.39 -6.88 -10.51
N HIS A 842 17.04 -6.52 -9.27
CA HIS A 842 17.25 -7.45 -8.16
C HIS A 842 16.37 -8.69 -8.31
N VAL A 843 15.12 -8.50 -8.76
CA VAL A 843 14.24 -9.64 -8.95
C VAL A 843 14.81 -10.60 -9.99
N PHE A 844 15.30 -10.06 -11.10
CA PHE A 844 15.94 -10.91 -12.10
C PHE A 844 17.19 -11.59 -11.54
N TRP A 845 18.00 -10.85 -10.77
CA TRP A 845 19.19 -11.43 -10.18
C TRP A 845 18.84 -12.55 -9.21
N GLU A 846 17.81 -12.32 -8.37
CA GLU A 846 17.40 -13.34 -7.41
C GLU A 846 16.86 -14.57 -8.13
N LEU A 847 16.06 -14.38 -9.18
CA LEU A 847 15.50 -15.51 -9.90
C LEU A 847 16.60 -16.37 -10.51
N ASN A 848 17.61 -15.75 -11.12
CA ASN A 848 18.66 -16.51 -11.77
C ASN A 848 19.50 -17.28 -10.76
N TYR A 849 19.76 -16.68 -9.59
CA TYR A 849 20.73 -17.24 -8.66
C TYR A 849 20.08 -18.16 -7.61
N ASP A 850 19.13 -17.62 -6.84
CA ASP A 850 18.63 -18.31 -5.67
C ASP A 850 17.27 -18.96 -5.88
N PHE A 851 16.27 -18.20 -6.32
CA PHE A 851 14.90 -18.72 -6.32
C PHE A 851 14.76 -19.96 -7.17
N LEU A 852 15.23 -19.90 -8.42
CA LEU A 852 15.03 -21.02 -9.34
C LEU A 852 15.68 -22.30 -8.85
N PRO A 853 16.96 -22.32 -8.49
CA PRO A 853 17.62 -23.58 -8.09
C PRO A 853 17.50 -23.93 -6.61
N ASN A 854 16.63 -23.26 -5.84
CA ASN A 854 16.49 -23.58 -4.42
C ASN A 854 15.04 -23.58 -3.95
N TYR A 855 14.09 -23.81 -4.85
CA TYR A 855 12.68 -23.85 -4.50
C TYR A 855 11.99 -24.97 -5.24
N CYS A 856 11.10 -25.68 -4.55
CA CYS A 856 10.34 -26.78 -5.11
C CYS A 856 8.86 -26.42 -5.11
N TYR A 857 8.20 -26.61 -6.25
CA TYR A 857 6.82 -26.21 -6.41
C TYR A 857 5.87 -27.30 -5.91
N ASN A 858 4.65 -26.88 -5.57
CA ASN A 858 3.58 -27.79 -5.16
C ASN A 858 2.29 -27.28 -5.79
N GLY A 859 1.85 -27.94 -6.86
CA GLY A 859 0.66 -27.50 -7.56
C GLY A 859 -0.61 -27.59 -6.73
N SER A 860 -0.64 -28.48 -5.73
CA SER A 860 -1.82 -28.58 -4.89
C SER A 860 -2.06 -27.28 -4.12
N THR A 861 -1.00 -26.66 -3.62
CA THR A 861 -1.11 -25.43 -2.84
C THR A 861 -0.68 -24.19 -3.63
N ASN A 862 -0.12 -24.36 -4.83
CA ASN A 862 0.36 -23.24 -5.63
C ASN A 862 1.34 -22.40 -4.83
N ARG A 863 2.24 -23.07 -4.11
CA ARG A 863 3.22 -22.41 -3.25
C ARG A 863 4.60 -22.98 -3.53
N PHE A 864 5.61 -22.13 -3.36
CA PHE A 864 7.01 -22.51 -3.49
C PHE A 864 7.64 -22.55 -2.10
N VAL A 865 8.39 -23.62 -1.82
CA VAL A 865 9.10 -23.76 -0.56
C VAL A 865 10.55 -24.13 -0.84
N ARG A 866 11.41 -23.83 0.11
CA ARG A 866 12.83 -24.08 -0.05
C ARG A 866 13.12 -25.57 -0.02
N THR A 867 14.20 -25.95 -0.71
CA THR A 867 14.60 -27.35 -0.82
C THR A 867 15.59 -27.69 0.30
N VAL A 868 16.20 -28.86 0.21
CA VAL A 868 17.18 -29.32 1.17
C VAL A 868 18.46 -29.68 0.43
N LEU A 869 19.59 -29.59 1.13
CA LEU A 869 20.89 -29.86 0.52
C LEU A 869 21.10 -28.95 -0.67
N PRO A 870 21.28 -27.64 -0.46
CA PRO A 870 21.43 -26.72 -1.59
C PRO A 870 22.64 -27.05 -2.43
N PHE A 871 22.49 -26.86 -3.74
CA PHE A 871 23.56 -27.10 -4.70
C PHE A 871 24.30 -25.84 -5.11
N SER A 872 23.95 -24.68 -4.53
CA SER A 872 24.58 -23.42 -4.90
C SER A 872 24.55 -22.48 -3.71
N GLN A 873 25.68 -21.83 -3.44
CA GLN A 873 25.81 -20.90 -2.32
C GLN A 873 26.61 -19.67 -2.71
N GLU A 874 26.49 -19.22 -3.96
CA GLU A 874 27.32 -18.17 -4.50
C GLU A 874 26.58 -16.85 -4.67
N PHE A 875 25.47 -16.66 -3.95
CA PHE A 875 24.69 -15.43 -4.12
C PHE A 875 25.48 -14.21 -3.66
N GLN A 876 26.10 -14.28 -2.47
CA GLN A 876 26.92 -13.21 -1.94
C GLN A 876 26.23 -11.85 -2.09
N ARG A 877 25.12 -11.70 -1.38
CA ARG A 877 24.31 -10.50 -1.49
C ARG A 877 25.03 -9.31 -0.83
N ASP A 878 24.54 -8.11 -1.15
CA ASP A 878 25.13 -6.89 -0.63
C ASP A 878 24.82 -6.72 0.85
N LYS A 879 25.66 -5.95 1.53
CA LYS A 879 25.48 -5.72 2.95
C LYS A 879 24.22 -4.89 3.21
N GLN A 880 23.55 -5.21 4.31
CA GLN A 880 22.31 -4.53 4.65
C GLN A 880 22.60 -3.08 5.06
N PRO A 881 21.78 -2.12 4.63
CA PRO A 881 21.96 -0.74 5.10
C PRO A 881 21.40 -0.57 6.50
N ASN A 882 22.12 0.20 7.32
CA ASN A 882 21.73 0.47 8.70
C ASN A 882 21.66 1.96 8.92
N ALA A 883 20.58 2.41 9.56
CA ALA A 883 20.38 3.83 9.83
C ALA A 883 19.53 3.96 11.10
N GLN A 884 19.10 5.19 11.38
CA GLN A 884 18.29 5.43 12.55
C GLN A 884 16.93 4.76 12.40
N PRO A 885 16.27 4.44 13.52
CA PRO A 885 14.97 3.76 13.42
C PRO A 885 13.94 4.53 12.61
N GLN A 886 13.97 5.86 12.68
CA GLN A 886 12.99 6.74 11.98
C GLN A 886 12.93 6.44 10.48
N TYR A 887 14.06 6.22 9.81
CA TYR A 887 14.10 6.03 8.34
C TYR A 887 13.34 4.77 7.96
N LEU A 888 13.30 3.75 8.82
CA LEU A 888 12.62 2.45 8.56
C LEU A 888 11.48 2.24 9.57
N HIS A 889 10.21 2.31 9.16
CA HIS A 889 9.02 1.99 10.01
C HIS A 889 9.00 2.76 11.33
N GLY A 890 9.35 4.04 11.35
CA GLY A 890 9.25 4.89 12.56
C GLY A 890 10.02 4.40 13.76
N SER A 891 9.41 4.29 14.93
CA SER A 891 10.09 3.96 16.21
C SER A 891 10.55 2.51 16.26
N LYS A 892 11.44 2.18 17.18
CA LYS A 892 11.98 0.81 17.36
C LYS A 892 10.87 -0.18 17.69
N ALA A 893 9.91 0.18 18.53
CA ALA A 893 8.82 -0.72 18.94
C ALA A 893 8.01 -1.10 17.72
N LEU A 894 7.73 -0.13 16.84
CA LEU A 894 6.95 -0.37 15.59
C LEU A 894 7.75 -1.30 14.68
N ASN A 895 9.08 -1.16 14.59
CA ASN A 895 9.96 -1.98 13.73
C ASN A 895 9.81 -3.48 14.06
N LEU A 896 9.80 -3.91 15.32
CA LEU A 896 9.65 -5.28 15.76
C LEU A 896 8.30 -5.85 15.34
N ALA A 897 7.23 -5.07 15.51
CA ALA A 897 5.90 -5.55 15.17
C ALA A 897 5.78 -5.85 13.68
N TYR A 898 6.28 -4.94 12.83
CA TYR A 898 6.19 -5.16 11.39
C TYR A 898 7.05 -6.34 10.96
N SER A 899 8.23 -6.50 11.54
CA SER A 899 9.09 -7.63 11.19
C SER A 899 8.41 -8.95 11.54
N SER A 900 7.78 -9.02 12.71
CA SER A 900 7.05 -10.23 13.09
C SER A 900 5.88 -10.48 12.15
N ILE A 901 5.17 -9.42 11.76
CA ILE A 901 4.01 -9.58 10.88
C ILE A 901 4.44 -10.17 9.55
N TYR A 902 5.52 -9.67 8.97
CA TYR A 902 5.99 -10.10 7.66
C TYR A 902 6.87 -11.34 7.72
N GLY A 903 7.14 -11.88 8.91
CA GLY A 903 7.95 -13.07 9.01
C GLY A 903 7.25 -14.33 8.52
N SER A 904 5.93 -14.29 8.39
CA SER A 904 5.18 -15.45 7.90
C SER A 904 5.37 -15.67 6.40
N TYR A 905 5.74 -14.63 5.66
CA TYR A 905 5.92 -14.73 4.22
C TYR A 905 7.32 -15.19 3.82
N ARG A 906 8.23 -15.36 4.79
CA ARG A 906 9.61 -15.69 4.47
C ARG A 906 9.79 -17.15 4.04
N ASN A 907 8.98 -18.05 4.57
CA ASN A 907 9.17 -19.47 4.36
C ASN A 907 8.51 -19.99 3.09
N PHE A 908 7.85 -19.13 2.32
CA PHE A 908 7.19 -19.58 1.10
C PHE A 908 7.04 -18.41 0.14
N VAL A 909 6.81 -18.74 -1.12
CA VAL A 909 6.50 -17.77 -2.17
C VAL A 909 5.21 -18.21 -2.84
N GLY A 910 4.26 -17.28 -2.97
CA GLY A 910 2.96 -17.61 -3.50
C GLY A 910 2.30 -16.45 -4.22
N PRO A 911 0.98 -16.52 -4.39
CA PRO A 911 0.26 -15.47 -5.12
C PRO A 911 0.52 -14.09 -4.55
N PRO A 912 0.54 -13.92 -3.22
CA PRO A 912 0.78 -12.56 -2.70
C PRO A 912 2.07 -11.94 -3.20
N HIS A 913 3.15 -12.74 -3.32
CA HIS A 913 4.40 -12.21 -3.84
C HIS A 913 4.27 -11.85 -5.32
N PHE A 914 3.58 -12.69 -6.10
CA PHE A 914 3.47 -12.43 -7.53
C PHE A 914 2.69 -11.16 -7.82
N GLN A 915 1.58 -10.95 -7.11
CA GLN A 915 0.76 -9.76 -7.37
C GLN A 915 1.52 -8.48 -7.02
N VAL A 916 2.28 -8.50 -5.92
CA VAL A 916 3.07 -7.33 -5.57
C VAL A 916 4.13 -7.06 -6.64
N ILE A 917 4.74 -8.12 -7.16
CA ILE A 917 5.72 -7.97 -8.23
C ILE A 917 5.08 -7.33 -9.44
N CYS A 918 3.88 -7.79 -9.81
CA CYS A 918 3.19 -7.22 -10.96
C CYS A 918 2.91 -5.74 -10.75
N ARG A 919 2.45 -5.36 -9.56
CA ARG A 919 2.17 -3.96 -9.29
C ARG A 919 3.43 -3.10 -9.37
N LEU A 920 4.53 -3.59 -8.80
CA LEU A 920 5.76 -2.80 -8.77
C LEU A 920 6.42 -2.75 -10.14
N LEU A 921 6.48 -3.88 -10.85
CA LEU A 921 7.19 -3.95 -12.11
C LEU A 921 6.39 -3.41 -13.29
N GLY A 922 5.09 -3.22 -13.13
CA GLY A 922 4.29 -2.74 -14.25
C GLY A 922 4.34 -3.73 -15.41
N TYR A 923 4.63 -3.21 -16.60
CA TYR A 923 4.71 -4.01 -17.81
C TYR A 923 6.13 -4.15 -18.34
N GLN A 924 6.95 -3.09 -18.23
CA GLN A 924 8.33 -3.19 -18.69
C GLN A 924 9.10 -4.25 -17.91
N GLY A 925 8.90 -4.31 -16.59
CA GLY A 925 9.59 -5.31 -15.81
C GLY A 925 9.19 -6.73 -16.18
N ILE A 926 7.92 -6.94 -16.48
CA ILE A 926 7.46 -8.28 -16.86
C ILE A 926 8.10 -8.69 -18.18
N ALA A 927 8.09 -7.80 -19.16
CA ALA A 927 8.61 -8.14 -20.48
C ALA A 927 10.10 -8.47 -20.41
N VAL A 928 10.88 -7.63 -19.73
CA VAL A 928 12.31 -7.86 -19.64
C VAL A 928 12.60 -9.15 -18.87
N VAL A 929 11.85 -9.40 -17.81
CA VAL A 929 12.04 -10.63 -17.05
C VAL A 929 11.73 -11.84 -17.92
N MET A 930 10.63 -11.78 -18.68
CA MET A 930 10.26 -12.90 -19.54
C MET A 930 11.33 -13.15 -20.59
N GLU A 931 11.84 -12.09 -21.22
CA GLU A 931 12.87 -12.26 -22.24
C GLU A 931 14.13 -12.85 -21.65
N GLU A 932 14.55 -12.37 -20.48
CA GLU A 932 15.75 -12.91 -19.84
C GLU A 932 15.57 -14.37 -19.47
N LEU A 933 14.40 -14.74 -18.96
CA LEU A 933 14.14 -16.13 -18.63
C LEU A 933 14.20 -17.00 -19.88
N LEU A 934 13.68 -16.50 -21.01
CA LEU A 934 13.78 -17.25 -22.26
C LEU A 934 15.24 -17.46 -22.65
N LYS A 935 16.07 -16.43 -22.50
CA LYS A 935 17.50 -16.58 -22.80
C LYS A 935 18.14 -17.60 -21.88
N VAL A 936 17.78 -17.59 -20.59
CA VAL A 936 18.32 -18.55 -19.65
C VAL A 936 17.93 -19.97 -20.07
N VAL A 937 16.67 -20.16 -20.44
CA VAL A 937 16.24 -21.49 -20.91
C VAL A 937 17.00 -21.89 -22.16
N LYS A 938 17.22 -20.94 -23.06
CA LYS A 938 17.96 -21.25 -24.28
C LYS A 938 19.36 -21.72 -23.97
N SER A 939 20.04 -21.04 -23.04
CA SER A 939 21.41 -21.44 -22.68
C SER A 939 21.43 -22.82 -22.06
N LEU A 940 20.47 -23.12 -21.17
CA LEU A 940 20.48 -24.41 -20.48
C LEU A 940 20.18 -25.55 -21.45
N LEU A 941 19.13 -25.40 -22.26
CA LEU A 941 18.75 -26.49 -23.16
C LEU A 941 19.81 -26.73 -24.23
N GLN A 942 20.30 -25.65 -24.85
CA GLN A 942 21.29 -25.79 -25.91
C GLN A 942 22.69 -26.12 -25.38
N GLY A 943 22.89 -26.05 -24.08
CA GLY A 943 24.22 -26.26 -23.52
C GLY A 943 24.35 -27.53 -22.70
N THR A 944 24.33 -27.39 -21.38
CA THR A 944 24.61 -28.52 -20.51
C THR A 944 23.59 -29.63 -20.68
N ILE A 945 22.30 -29.28 -20.81
CA ILE A 945 21.27 -30.29 -20.96
C ILE A 945 21.48 -31.08 -22.25
N LEU A 946 21.81 -30.38 -23.34
CA LEU A 946 22.03 -31.07 -24.61
C LEU A 946 23.19 -32.05 -24.51
N GLN A 947 24.27 -31.67 -23.83
CA GLN A 947 25.39 -32.57 -23.67
C GLN A 947 25.01 -33.80 -22.84
N TYR A 948 24.25 -33.61 -21.77
CA TYR A 948 23.88 -34.72 -20.90
C TYR A 948 23.00 -35.72 -21.64
N VAL A 949 22.02 -35.23 -22.40
CA VAL A 949 21.15 -36.14 -23.15
C VAL A 949 21.95 -36.89 -24.21
N LYS A 950 22.89 -36.20 -24.86
CA LYS A 950 23.73 -36.87 -25.86
C LYS A 950 24.54 -38.00 -25.22
N THR A 951 25.15 -37.74 -24.06
CA THR A 951 25.89 -38.78 -23.38
C THR A 951 24.97 -39.90 -22.91
N LEU A 952 23.81 -39.55 -22.36
CA LEU A 952 22.90 -40.56 -21.85
C LEU A 952 22.36 -41.44 -22.96
N MET A 953 22.06 -40.85 -24.12
CA MET A 953 21.51 -41.64 -25.22
C MET A 953 22.49 -42.72 -25.68
N GLU A 954 23.79 -42.51 -25.49
CA GLU A 954 24.79 -43.49 -25.88
C GLU A 954 24.89 -44.66 -24.91
N VAL A 955 24.40 -44.49 -23.69
CA VAL A 955 24.40 -45.57 -22.70
C VAL A 955 23.01 -46.22 -22.56
N MET A 956 22.09 -45.90 -23.46
CA MET A 956 20.77 -46.51 -23.45
C MET A 956 20.72 -47.70 -24.41
N PRO A 957 19.89 -48.70 -24.16
CA PRO A 957 19.82 -49.84 -25.08
C PRO A 957 19.38 -49.40 -26.47
N LYS A 958 20.02 -49.99 -27.49
CA LYS A 958 19.66 -49.65 -28.86
C LYS A 958 18.23 -50.08 -29.17
N ILE A 959 17.84 -51.28 -28.74
CA ILE A 959 16.50 -51.82 -28.97
C ILE A 959 15.93 -52.27 -27.64
N CYS A 960 14.76 -51.76 -27.29
CA CYS A 960 14.04 -52.16 -26.09
C CYS A 960 12.63 -52.57 -26.47
N ARG A 961 12.25 -53.78 -26.10
CA ARG A 961 10.92 -54.33 -26.38
C ARG A 961 10.20 -54.59 -25.07
N LEU A 962 8.98 -54.06 -24.95
CA LEU A 962 8.21 -54.27 -23.74
C LEU A 962 7.86 -55.74 -23.60
N PRO A 963 8.31 -56.42 -22.52
CA PRO A 963 8.04 -57.82 -22.34
C PRO A 963 6.56 -58.19 -22.51
N ARG A 964 6.26 -59.44 -22.79
CA ARG A 964 4.86 -59.94 -22.88
C ARG A 964 4.35 -60.17 -21.46
N HIS A 965 3.04 -60.24 -21.26
CA HIS A 965 2.42 -60.41 -19.91
C HIS A 965 2.79 -61.76 -19.31
N GLU A 966 3.17 -62.74 -20.11
CA GLU A 966 3.45 -64.12 -19.65
C GLU A 966 4.59 -64.10 -18.62
N TYR A 967 5.59 -63.24 -18.80
CA TYR A 967 6.76 -63.15 -17.92
C TYR A 967 6.31 -62.77 -16.51
N GLY A 968 5.33 -61.86 -16.38
CA GLY A 968 4.77 -61.44 -15.08
C GLY A 968 5.45 -60.20 -14.55
N SER A 969 4.82 -59.48 -13.62
CA SER A 969 5.37 -58.22 -13.09
C SER A 969 6.71 -58.46 -12.41
N PRO A 970 6.94 -59.53 -11.61
CA PRO A 970 8.25 -59.66 -10.97
C PRO A 970 9.38 -59.80 -11.98
N GLY A 971 9.21 -60.63 -13.01
CA GLY A 971 10.23 -60.85 -14.06
C GLY A 971 10.45 -59.62 -14.90
N ILE A 972 9.43 -58.80 -15.14
CA ILE A 972 9.54 -57.62 -16.05
C ILE A 972 10.42 -56.55 -15.38
N LEU A 973 10.38 -56.42 -14.05
CA LEU A 973 11.24 -55.46 -13.31
C LEU A 973 12.71 -55.86 -13.49
N GLU A 974 13.03 -57.15 -13.43
CA GLU A 974 14.42 -57.65 -13.57
C GLU A 974 14.93 -57.30 -14.96
N PHE A 975 14.08 -57.41 -15.99
CA PHE A 975 14.47 -57.07 -17.39
C PHE A 975 14.84 -55.60 -17.46
N PHE A 976 14.04 -54.72 -16.87
CA PHE A 976 14.26 -53.25 -16.95
C PHE A 976 15.53 -52.86 -16.18
N HIS A 977 15.79 -53.44 -15.02
CA HIS A 977 16.99 -53.10 -14.21
C HIS A 977 18.23 -53.46 -15.01
N HIS A 978 18.28 -54.63 -15.64
CA HIS A 978 19.44 -55.06 -16.48
C HIS A 978 19.55 -54.15 -17.71
N GLN A 979 18.45 -53.84 -18.38
CA GLN A 979 18.46 -53.06 -19.63
C GLN A 979 18.93 -51.63 -19.36
N LEU A 980 18.54 -51.03 -18.25
CA LEU A 980 18.83 -49.59 -17.94
C LEU A 980 19.86 -49.48 -16.81
N LYS A 981 20.68 -50.49 -16.53
CA LYS A 981 21.62 -50.50 -15.38
C LYS A 981 22.67 -49.40 -15.52
N ASP A 982 23.01 -48.95 -16.72
CA ASP A 982 23.94 -47.83 -16.89
C ASP A 982 23.36 -46.53 -16.38
N ILE A 983 22.09 -46.27 -16.68
CA ILE A 983 21.45 -45.05 -16.20
C ILE A 983 21.37 -45.03 -14.68
N VAL A 984 20.98 -46.16 -14.08
CA VAL A 984 20.83 -46.21 -12.63
C VAL A 984 22.16 -45.92 -11.94
N GLU A 985 23.24 -46.55 -12.42
CA GLU A 985 24.55 -46.34 -11.81
C GLU A 985 25.06 -44.92 -12.02
N TYR A 986 24.54 -44.22 -13.03
CA TYR A 986 24.96 -42.83 -13.26
C TYR A 986 24.60 -41.98 -12.04
N ALA A 987 25.55 -41.15 -11.62
CA ALA A 987 25.41 -40.34 -10.41
C ALA A 987 25.04 -38.90 -10.69
N GLU A 988 25.60 -38.29 -11.73
CA GLU A 988 25.33 -36.88 -12.02
C GLU A 988 23.92 -36.63 -12.49
N LEU A 989 23.15 -37.68 -12.81
CA LEU A 989 21.78 -37.48 -13.26
C LEU A 989 20.93 -36.78 -12.20
N LYS A 990 21.11 -37.17 -10.93
CA LYS A 990 20.33 -36.62 -9.83
C LYS A 990 20.98 -35.39 -9.21
N THR A 991 22.02 -34.83 -9.84
CA THR A 991 22.76 -33.72 -9.26
C THR A 991 22.81 -32.53 -10.21
N VAL A 992 22.91 -32.80 -11.52
CA VAL A 992 23.06 -31.76 -12.53
C VAL A 992 21.87 -31.73 -13.48
N CYS A 993 21.61 -32.85 -14.16
CA CYS A 993 20.53 -32.88 -15.14
C CYS A 993 19.19 -32.59 -14.47
N PHE A 994 18.94 -33.19 -13.31
CA PHE A 994 17.72 -32.89 -12.57
C PHE A 994 17.67 -31.43 -12.15
N GLN A 995 18.81 -30.89 -11.71
CA GLN A 995 18.88 -29.48 -11.34
C GLN A 995 18.50 -28.59 -12.53
N ASN A 996 19.11 -28.82 -13.68
CA ASN A 996 18.83 -27.99 -14.84
C ASN A 996 17.38 -28.08 -15.27
N LEU A 997 16.82 -29.30 -15.26
CA LEU A 997 15.41 -29.45 -15.60
C LEU A 997 14.52 -28.70 -14.62
N ARG A 998 14.89 -28.71 -13.34
CA ARG A 998 14.13 -27.95 -12.35
C ARG A 998 14.18 -26.46 -12.63
N GLU A 999 15.34 -25.95 -13.07
CA GLU A 999 15.47 -24.53 -13.38
C GLU A 999 14.47 -24.12 -14.46
N VAL A 1000 14.47 -24.84 -15.58
CA VAL A 1000 13.56 -24.48 -16.67
C VAL A 1000 12.11 -24.69 -16.25
N GLY A 1001 11.82 -25.80 -15.56
CA GLY A 1001 10.46 -26.06 -15.14
C GLY A 1001 9.93 -24.99 -14.20
N ASN A 1002 10.76 -24.56 -13.25
CA ASN A 1002 10.34 -23.49 -12.34
C ASN A 1002 10.13 -22.19 -13.09
N ALA A 1003 10.97 -21.92 -14.09
CA ALA A 1003 10.82 -20.69 -14.87
C ALA A 1003 9.47 -20.67 -15.58
N ILE A 1004 9.08 -21.78 -16.20
CA ILE A 1004 7.80 -21.85 -16.89
C ILE A 1004 6.66 -21.63 -15.89
N LEU A 1005 6.75 -22.26 -14.72
CA LEU A 1005 5.73 -22.05 -13.70
C LEU A 1005 5.65 -20.59 -13.29
N PHE A 1006 6.80 -19.94 -13.12
CA PHE A 1006 6.81 -18.52 -12.78
C PHE A 1006 6.15 -17.70 -13.87
N CYS A 1007 6.41 -18.01 -15.13
CA CYS A 1007 5.77 -17.30 -16.24
C CYS A 1007 4.25 -17.50 -16.21
N LEU A 1008 3.81 -18.72 -15.90
CA LEU A 1008 2.38 -19.00 -15.85
C LEU A 1008 1.72 -18.26 -14.68
N LEU A 1009 2.32 -18.36 -13.49
CA LEU A 1009 1.71 -17.75 -12.32
C LEU A 1009 1.68 -16.23 -12.42
N ILE A 1010 2.78 -15.62 -12.90
CA ILE A 1010 2.82 -14.17 -13.00
C ILE A 1010 1.77 -13.68 -13.99
N GLU A 1011 1.56 -14.41 -15.08
CA GLU A 1011 0.51 -14.04 -16.03
C GLU A 1011 -0.86 -14.09 -15.38
N GLN A 1012 -1.13 -15.12 -14.58
CA GLN A 1012 -2.41 -15.22 -13.90
C GLN A 1012 -2.61 -14.07 -12.94
N SER A 1013 -1.57 -13.73 -12.16
CA SER A 1013 -1.68 -12.61 -11.23
C SER A 1013 -1.88 -11.29 -11.97
N LEU A 1014 -1.19 -11.11 -13.10
CA LEU A 1014 -1.36 -9.88 -13.87
C LEU A 1014 -2.79 -9.72 -14.35
N SER A 1015 -3.40 -10.81 -14.84
CA SER A 1015 -4.78 -10.76 -15.26
C SER A 1015 -5.71 -10.46 -14.08
N LEU A 1016 -5.45 -11.09 -12.93
CA LEU A 1016 -6.30 -10.88 -11.76
C LEU A 1016 -6.27 -9.43 -11.31
N GLU A 1017 -5.07 -8.84 -11.24
CA GLU A 1017 -4.97 -7.42 -10.91
C GLU A 1017 -5.60 -6.56 -11.99
N GLU A 1018 -5.41 -6.95 -13.25
CA GLU A 1018 -5.94 -6.15 -14.36
C GLU A 1018 -7.45 -6.11 -14.34
N VAL A 1019 -8.11 -7.25 -14.10
CA VAL A 1019 -9.57 -7.27 -14.09
C VAL A 1019 -10.09 -6.47 -12.89
N CYS A 1020 -9.41 -6.54 -11.76
CA CYS A 1020 -9.81 -5.76 -10.59
C CYS A 1020 -9.73 -4.27 -10.89
N ASP A 1021 -8.68 -3.85 -11.58
CA ASP A 1021 -8.55 -2.43 -11.94
C ASP A 1021 -9.67 -1.99 -12.86
N LEU A 1022 -10.00 -2.83 -13.86
CA LEU A 1022 -11.06 -2.47 -14.80
C LEU A 1022 -12.41 -2.37 -14.12
N LEU A 1023 -12.63 -3.17 -13.07
CA LEU A 1023 -13.91 -3.13 -12.36
C LEU A 1023 -14.18 -1.75 -11.78
N HIS A 1024 -13.13 -1.07 -11.33
CA HIS A 1024 -13.30 0.25 -10.71
C HIS A 1024 -13.55 1.35 -11.73
N ALA A 1025 -13.24 1.10 -13.01
CA ALA A 1025 -13.42 2.09 -14.06
C ALA A 1025 -14.78 1.98 -14.75
N ALA A 1026 -15.63 1.04 -14.34
CA ALA A 1026 -16.92 0.88 -14.99
C ALA A 1026 -17.79 2.12 -14.90
N PRO A 1027 -17.92 2.79 -13.75
CA PRO A 1027 -18.82 3.95 -13.68
C PRO A 1027 -18.47 5.05 -14.67
N PHE A 1028 -17.19 5.27 -14.94
CA PHE A 1028 -16.76 6.34 -15.83
C PHE A 1028 -16.73 5.93 -17.29
N GLN A 1029 -17.06 4.67 -17.60
CA GLN A 1029 -17.05 4.17 -18.98
C GLN A 1029 -18.43 3.73 -19.45
N ASN A 1030 -19.49 4.12 -18.74
CA ASN A 1030 -20.86 3.73 -19.09
C ASN A 1030 -21.01 2.22 -19.12
N ILE A 1031 -20.27 1.52 -18.27
CA ILE A 1031 -20.35 0.06 -18.16
C ILE A 1031 -21.29 -0.23 -17.00
N LEU A 1032 -22.52 -0.65 -17.31
CA LEU A 1032 -23.54 -0.89 -16.31
C LEU A 1032 -23.84 -2.39 -16.20
N PRO A 1033 -24.25 -2.85 -15.04
CA PRO A 1033 -24.58 -4.28 -14.86
C PRO A 1033 -25.99 -4.58 -15.34
N ARG A 1034 -26.38 -5.84 -15.21
CA ARG A 1034 -27.73 -6.28 -15.58
C ARG A 1034 -28.63 -6.08 -14.38
N VAL A 1035 -29.44 -5.02 -14.43
CA VAL A 1035 -30.32 -4.67 -13.33
C VAL A 1035 -31.51 -5.63 -13.28
N HIS A 1036 -32.07 -5.80 -12.09
CA HIS A 1036 -33.23 -6.66 -11.93
C HIS A 1036 -34.43 -6.07 -12.65
N VAL A 1037 -35.16 -6.91 -13.38
CA VAL A 1037 -36.39 -6.54 -14.06
C VAL A 1037 -37.48 -7.52 -13.66
N LYS A 1038 -38.59 -7.00 -13.17
CA LYS A 1038 -39.73 -7.80 -12.76
C LYS A 1038 -40.92 -7.49 -13.66
N GLU A 1039 -42.01 -8.22 -13.43
CA GLU A 1039 -43.22 -8.01 -14.21
C GLU A 1039 -43.74 -6.59 -14.02
N GLY A 1040 -44.07 -5.93 -15.13
CA GLY A 1040 -44.62 -4.58 -15.13
C GLY A 1040 -43.78 -3.58 -15.91
N GLU A 1041 -42.47 -3.82 -16.00
CA GLU A 1041 -41.56 -2.92 -16.69
C GLU A 1041 -40.63 -3.73 -17.59
N ARG A 1042 -40.16 -3.08 -18.65
CA ARG A 1042 -39.27 -3.69 -19.62
C ARG A 1042 -37.82 -3.28 -19.36
N LEU A 1043 -36.90 -4.06 -19.95
CA LEU A 1043 -35.48 -3.81 -19.73
C LEU A 1043 -35.05 -2.47 -20.30
N ASP A 1044 -35.56 -2.11 -21.49
CA ASP A 1044 -35.09 -0.91 -22.16
C ASP A 1044 -35.34 0.33 -21.33
N ALA A 1045 -36.55 0.45 -20.75
CA ALA A 1045 -36.87 1.63 -19.96
C ALA A 1045 -35.99 1.72 -18.72
N LYS A 1046 -35.82 0.60 -18.01
CA LYS A 1046 -35.00 0.62 -16.80
C LYS A 1046 -33.55 0.96 -17.11
N MET A 1047 -33.00 0.37 -18.18
CA MET A 1047 -31.61 0.65 -18.54
C MET A 1047 -31.43 2.11 -18.91
N LYS A 1048 -32.36 2.68 -19.68
CA LYS A 1048 -32.26 4.08 -20.06
C LYS A 1048 -32.30 4.99 -18.85
N ARG A 1049 -33.19 4.70 -17.90
CA ARG A 1049 -33.26 5.50 -16.68
C ARG A 1049 -31.97 5.39 -15.88
N LEU A 1050 -31.43 4.18 -15.75
CA LEU A 1050 -30.21 3.98 -14.99
C LEU A 1050 -29.03 4.69 -15.65
N GLU A 1051 -28.96 4.64 -16.98
CA GLU A 1051 -27.89 5.34 -17.69
C GLU A 1051 -27.99 6.85 -17.48
N SER A 1052 -29.21 7.40 -17.53
CA SER A 1052 -29.39 8.83 -17.31
C SER A 1052 -28.97 9.22 -15.90
N LYS A 1053 -29.24 8.35 -14.93
CA LYS A 1053 -28.89 8.66 -13.54
C LYS A 1053 -27.38 8.83 -13.38
N TYR A 1054 -26.60 7.98 -14.04
CA TYR A 1054 -25.15 8.00 -13.92
C TYR A 1054 -24.48 8.80 -15.04
N ALA A 1055 -25.26 9.55 -15.81
CA ALA A 1055 -24.67 10.34 -16.89
C ALA A 1055 -23.60 11.31 -16.40
N PRO A 1056 -23.76 12.02 -15.28
CA PRO A 1056 -22.70 12.96 -14.86
C PRO A 1056 -21.36 12.28 -14.63
N LEU A 1057 -21.36 11.02 -14.18
CA LEU A 1057 -20.10 10.33 -13.93
C LEU A 1057 -19.28 10.16 -15.20
N HIS A 1058 -19.95 9.91 -16.33
CA HIS A 1058 -19.24 9.74 -17.59
C HIS A 1058 -18.42 10.98 -17.90
N LEU A 1059 -17.17 10.76 -18.33
CA LEU A 1059 -16.16 11.80 -18.38
C LEU A 1059 -16.02 12.44 -19.75
N VAL A 1060 -15.95 11.64 -20.82
CA VAL A 1060 -15.59 12.18 -22.13
C VAL A 1060 -16.54 13.28 -22.59
N PRO A 1061 -17.87 13.06 -22.63
CA PRO A 1061 -18.75 14.14 -23.08
C PRO A 1061 -18.71 15.36 -22.19
N LEU A 1062 -18.49 15.19 -20.89
CA LEU A 1062 -18.39 16.34 -20.00
C LEU A 1062 -17.22 17.23 -20.37
N ILE A 1063 -16.08 16.63 -20.71
CA ILE A 1063 -14.94 17.41 -21.17
C ILE A 1063 -15.21 17.97 -22.56
N GLU A 1064 -15.88 17.19 -23.41
CA GLU A 1064 -16.12 17.63 -24.79
C GLU A 1064 -17.00 18.87 -24.82
N ARG A 1065 -18.07 18.88 -24.04
CA ARG A 1065 -18.99 20.02 -24.05
C ARG A 1065 -18.28 21.30 -23.58
N LEU A 1066 -17.49 21.20 -22.53
CA LEU A 1066 -16.68 22.32 -22.05
C LEU A 1066 -15.32 21.78 -21.63
N GLY A 1067 -14.27 22.47 -22.05
CA GLY A 1067 -12.91 22.06 -21.76
C GLY A 1067 -11.98 22.38 -22.91
N THR A 1068 -10.71 22.57 -22.57
CA THR A 1068 -9.72 22.89 -23.59
C THR A 1068 -9.50 21.69 -24.51
N PRO A 1069 -9.18 21.91 -25.78
CA PRO A 1069 -8.89 20.77 -26.67
C PRO A 1069 -7.80 19.85 -26.14
N GLN A 1070 -6.79 20.42 -25.47
CA GLN A 1070 -5.75 19.58 -24.89
C GLN A 1070 -6.32 18.62 -23.86
N GLN A 1071 -7.25 19.10 -23.03
CA GLN A 1071 -7.89 18.22 -22.06
C GLN A 1071 -8.67 17.11 -22.76
N ILE A 1072 -9.37 17.45 -23.85
CA ILE A 1072 -10.14 16.45 -24.58
C ILE A 1072 -9.22 15.35 -25.10
N ALA A 1073 -8.10 15.75 -25.72
CA ALA A 1073 -7.18 14.77 -26.28
C ALA A 1073 -6.59 13.88 -25.19
N ILE A 1074 -6.18 14.48 -24.07
CA ILE A 1074 -5.59 13.69 -22.99
C ILE A 1074 -6.61 12.72 -22.42
N ALA A 1075 -7.84 13.18 -22.20
CA ALA A 1075 -8.87 12.31 -21.66
C ALA A 1075 -9.17 11.16 -22.60
N ARG A 1076 -9.24 11.44 -23.90
CA ARG A 1076 -9.51 10.39 -24.88
C ARG A 1076 -8.40 9.34 -24.87
N GLU A 1077 -7.15 9.79 -24.85
CA GLU A 1077 -6.03 8.84 -24.82
C GLU A 1077 -6.03 8.03 -23.53
N GLY A 1078 -6.28 8.69 -22.40
CA GLY A 1078 -6.34 7.95 -21.14
C GLY A 1078 -7.46 6.93 -21.11
N ASP A 1079 -8.63 7.31 -21.64
CA ASP A 1079 -9.74 6.36 -21.70
C ASP A 1079 -9.39 5.17 -22.58
N LEU A 1080 -8.76 5.42 -23.73
CA LEU A 1080 -8.38 4.34 -24.63
C LEU A 1080 -7.40 3.39 -23.96
N LEU A 1081 -6.40 3.93 -23.27
CA LEU A 1081 -5.42 3.07 -22.61
C LEU A 1081 -6.08 2.24 -21.51
N THR A 1082 -6.97 2.85 -20.73
CA THR A 1082 -7.58 2.15 -19.61
C THR A 1082 -8.49 1.02 -20.09
N LYS A 1083 -9.31 1.29 -21.11
CA LYS A 1083 -10.28 0.28 -21.53
C LYS A 1083 -9.60 -0.90 -22.22
N GLU A 1084 -8.60 -0.63 -23.06
CA GLU A 1084 -7.87 -1.69 -23.74
C GLU A 1084 -6.75 -2.19 -22.85
N ARG A 1085 -6.81 -3.48 -22.47
CA ARG A 1085 -5.82 -4.08 -21.61
C ARG A 1085 -5.53 -5.49 -22.12
N LEU A 1086 -4.74 -6.30 -21.39
CA LEU A 1086 -4.24 -7.64 -21.82
C LEU A 1086 -5.07 -8.84 -21.33
N CYS A 1087 -6.20 -8.66 -20.65
CA CYS A 1087 -7.10 -9.74 -20.16
C CYS A 1087 -8.33 -9.77 -21.09
N CYS A 1088 -8.45 -8.80 -21.99
CA CYS A 1088 -9.54 -8.74 -23.00
C CYS A 1088 -9.03 -9.50 -24.22
N GLY A 1089 -9.13 -10.83 -24.20
CA GLY A 1089 -8.70 -11.69 -25.32
C GLY A 1089 -7.23 -11.59 -25.69
N LEU A 1090 -6.28 -11.57 -24.73
CA LEU A 1090 -4.83 -11.58 -25.04
C LEU A 1090 -4.05 -12.44 -24.02
N SER A 1091 -3.12 -13.31 -24.46
CA SER A 1091 -2.31 -14.17 -23.63
C SER A 1091 -0.92 -14.27 -24.25
N MET A 1092 0.04 -14.71 -23.43
CA MET A 1092 1.43 -14.80 -23.87
C MET A 1092 2.10 -16.12 -23.53
N PHE A 1093 1.43 -17.03 -22.80
CA PHE A 1093 2.03 -18.33 -22.51
C PHE A 1093 2.27 -19.11 -23.80
N GLU A 1094 1.35 -18.98 -24.77
CA GLU A 1094 1.53 -19.67 -26.04
C GLU A 1094 2.81 -19.23 -26.73
N VAL A 1095 3.11 -17.93 -26.71
CA VAL A 1095 4.31 -17.43 -27.35
C VAL A 1095 5.55 -18.00 -26.68
N ILE A 1096 5.54 -18.08 -25.34
CA ILE A 1096 6.68 -18.64 -24.63
C ILE A 1096 6.91 -20.09 -25.04
N LEU A 1097 5.84 -20.87 -25.12
CA LEU A 1097 5.99 -22.27 -25.53
C LEU A 1097 6.55 -22.38 -26.95
N THR A 1098 6.07 -21.53 -27.86
CA THR A 1098 6.56 -21.56 -29.23
C THR A 1098 8.05 -21.24 -29.29
N ARG A 1099 8.49 -20.23 -28.52
CA ARG A 1099 9.91 -19.88 -28.51
C ARG A 1099 10.75 -21.02 -27.97
N ILE A 1100 10.28 -21.70 -26.92
CA ILE A 1100 11.02 -22.83 -26.37
C ILE A 1100 11.14 -23.93 -27.41
N ARG A 1101 10.07 -24.19 -28.16
CA ARG A 1101 10.12 -25.19 -29.21
C ARG A 1101 11.17 -24.83 -30.26
N SER A 1102 11.26 -23.54 -30.61
CA SER A 1102 12.25 -23.11 -31.58
C SER A 1102 13.66 -23.37 -31.07
N PHE A 1103 13.89 -23.19 -29.77
CA PHE A 1103 15.23 -23.41 -29.22
C PHE A 1103 15.67 -24.85 -29.43
N LEU A 1104 14.74 -25.79 -29.51
CA LEU A 1104 15.05 -27.19 -29.73
C LEU A 1104 15.16 -27.43 -31.24
N ASP A 1105 16.39 -27.56 -31.73
CA ASP A 1105 16.64 -27.79 -33.14
C ASP A 1105 17.62 -28.92 -33.41
N ASP A 1106 18.35 -29.40 -32.41
CA ASP A 1106 19.27 -30.50 -32.64
C ASP A 1106 18.51 -31.76 -33.01
N PRO A 1107 18.99 -32.54 -33.99
CA PRO A 1107 18.26 -33.76 -34.38
C PRO A 1107 18.18 -34.79 -33.27
N ILE A 1108 19.02 -34.70 -32.24
CA ILE A 1108 19.02 -35.71 -31.19
C ILE A 1108 17.67 -35.79 -30.50
N TRP A 1109 16.96 -34.66 -30.40
CA TRP A 1109 15.67 -34.65 -29.72
C TRP A 1109 14.68 -35.58 -30.41
N ARG A 1110 14.63 -35.54 -31.75
CA ARG A 1110 13.68 -36.32 -32.51
C ARG A 1110 14.28 -37.61 -33.06
N GLY A 1111 15.53 -37.59 -33.49
CA GLY A 1111 16.20 -38.77 -33.98
C GLY A 1111 16.00 -38.97 -35.47
N PRO A 1112 16.56 -40.05 -36.00
CA PRO A 1112 16.45 -40.31 -37.44
C PRO A 1112 15.06 -40.82 -37.81
N LEU A 1113 14.76 -40.82 -39.12
CA LEU A 1113 13.42 -41.20 -39.64
C LEU A 1113 13.16 -42.69 -39.39
N PRO A 1114 11.92 -43.14 -39.06
CA PRO A 1114 11.69 -44.53 -38.71
C PRO A 1114 11.79 -45.48 -39.91
N SER A 1115 12.39 -46.66 -39.75
CA SER A 1115 12.60 -47.64 -40.85
C SER A 1115 11.25 -48.17 -41.34
N ASN A 1116 10.29 -48.40 -40.45
CA ASN A 1116 8.95 -48.96 -40.79
C ASN A 1116 8.19 -47.96 -41.67
N GLY A 1117 8.55 -46.68 -41.64
CA GLY A 1117 7.92 -45.63 -42.46
C GLY A 1117 6.80 -44.95 -41.72
N VAL A 1118 6.53 -45.31 -40.46
CA VAL A 1118 5.41 -44.76 -39.66
C VAL A 1118 5.95 -44.15 -38.37
N MET A 1119 6.43 -44.95 -37.42
CA MET A 1119 6.89 -44.44 -36.10
C MET A 1119 7.90 -45.38 -35.46
N HIS A 1120 8.72 -44.88 -34.55
CA HIS A 1120 9.70 -45.71 -33.80
C HIS A 1120 8.93 -46.42 -32.69
N VAL A 1121 9.08 -47.74 -32.56
CA VAL A 1121 8.40 -48.55 -31.56
C VAL A 1121 9.43 -49.16 -30.62
N ASP A 1122 10.38 -49.90 -31.18
CA ASP A 1122 11.39 -50.59 -30.37
C ASP A 1122 12.65 -49.77 -30.19
N GLU A 1123 12.98 -48.89 -31.14
CA GLU A 1123 14.18 -48.09 -31.03
C GLU A 1123 14.07 -47.10 -29.88
N CYS A 1124 15.22 -46.72 -29.33
CA CYS A 1124 15.28 -45.79 -28.22
C CYS A 1124 16.07 -44.54 -28.60
N VAL A 1125 15.80 -44.02 -29.79
CA VAL A 1125 16.51 -42.85 -30.31
C VAL A 1125 15.68 -41.57 -30.17
N GLU A 1126 14.72 -41.55 -29.24
CA GLU A 1126 13.89 -40.39 -29.01
C GLU A 1126 13.94 -39.99 -27.54
N PHE A 1127 13.71 -38.71 -27.28
CA PHE A 1127 13.85 -38.18 -25.93
C PHE A 1127 12.84 -38.82 -24.97
N HIS A 1128 11.62 -39.09 -25.42
CA HIS A 1128 10.60 -39.62 -24.53
C HIS A 1128 11.11 -40.95 -23.98
N ARG A 1129 11.90 -41.68 -24.78
CA ARG A 1129 12.50 -42.91 -24.28
C ARG A 1129 13.38 -42.66 -23.05
N LEU A 1130 14.27 -41.66 -23.15
CA LEU A 1130 15.07 -41.29 -21.99
C LEU A 1130 14.29 -40.80 -20.78
N TRP A 1131 13.24 -40.01 -21.01
CA TRP A 1131 12.40 -39.56 -19.90
C TRP A 1131 11.78 -40.75 -19.19
N SER A 1132 11.37 -41.77 -19.94
CA SER A 1132 10.86 -43.00 -19.32
C SER A 1132 11.94 -43.65 -18.46
N ALA A 1133 13.18 -43.68 -18.96
CA ALA A 1133 14.28 -44.20 -18.16
C ALA A 1133 14.48 -43.35 -16.91
N MET A 1134 14.39 -42.04 -17.04
CA MET A 1134 14.48 -41.16 -15.87
C MET A 1134 13.35 -41.45 -14.90
N GLN A 1135 12.13 -41.63 -15.42
CA GLN A 1135 11.02 -41.96 -14.55
C GLN A 1135 11.30 -43.24 -13.78
N PHE A 1136 11.90 -44.23 -14.43
CA PHE A 1136 12.18 -45.50 -13.76
C PHE A 1136 13.16 -45.32 -12.60
N VAL A 1137 14.21 -44.53 -12.81
CA VAL A 1137 15.29 -44.47 -11.82
C VAL A 1137 14.84 -43.75 -10.56
N TYR A 1138 14.09 -42.65 -10.69
CA TYR A 1138 13.69 -41.88 -9.52
C TYR A 1138 12.34 -42.32 -8.96
N CYS A 1139 11.72 -43.35 -9.53
CA CYS A 1139 10.56 -43.97 -8.90
C CYS A 1139 10.94 -45.12 -7.96
N ILE A 1140 12.22 -45.47 -7.91
CA ILE A 1140 12.66 -46.52 -6.99
C ILE A 1140 12.63 -45.98 -5.56
N PRO A 1141 12.09 -46.72 -4.60
CA PRO A 1141 12.08 -46.22 -3.22
C PRO A 1141 13.50 -46.02 -2.69
N VAL A 1142 13.77 -44.82 -2.19
CA VAL A 1142 15.09 -44.48 -1.67
C VAL A 1142 15.18 -44.90 -0.20
N GLY A 1143 16.39 -44.93 0.34
CA GLY A 1143 16.60 -45.31 1.72
C GLY A 1143 16.22 -44.20 2.68
N THR A 1144 16.32 -44.52 3.97
CA THR A 1144 15.96 -43.57 5.01
C THR A 1144 16.95 -42.43 5.15
N HIS A 1145 18.20 -42.63 4.73
CA HIS A 1145 19.24 -41.63 4.90
C HIS A 1145 19.39 -40.72 3.69
N GLU A 1146 18.54 -40.86 2.67
CA GLU A 1146 18.61 -40.04 1.47
C GLU A 1146 17.25 -39.46 1.15
N PHE A 1147 17.26 -38.33 0.45
CA PHE A 1147 16.04 -37.60 0.14
C PHE A 1147 15.47 -38.07 -1.19
N THR A 1148 14.24 -37.65 -1.45
CA THR A 1148 13.51 -38.01 -2.67
C THR A 1148 13.51 -36.84 -3.65
N VAL A 1149 13.04 -37.12 -4.87
CA VAL A 1149 13.01 -36.09 -5.90
C VAL A 1149 12.07 -34.95 -5.50
N GLU A 1150 10.90 -35.30 -4.94
CA GLU A 1150 9.95 -34.27 -4.53
C GLU A 1150 10.55 -33.40 -3.42
N GLN A 1151 11.26 -34.02 -2.48
CA GLN A 1151 11.88 -33.27 -1.40
C GLN A 1151 12.94 -32.30 -1.92
N CYS A 1152 13.53 -32.57 -3.07
CA CYS A 1152 14.62 -31.78 -3.62
C CYS A 1152 14.19 -30.89 -4.77
N PHE A 1153 13.56 -31.45 -5.80
CA PHE A 1153 13.22 -30.69 -7.01
C PHE A 1153 11.74 -30.42 -7.16
N GLY A 1154 10.87 -31.15 -6.47
CA GLY A 1154 9.45 -30.90 -6.59
C GLY A 1154 8.92 -31.24 -7.97
N ASP A 1155 7.92 -30.46 -8.39
CA ASP A 1155 7.24 -30.70 -9.67
C ASP A 1155 7.90 -30.00 -10.84
N GLY A 1156 8.94 -29.18 -10.60
CA GLY A 1156 9.58 -28.49 -11.69
C GLY A 1156 10.22 -29.44 -12.69
N LEU A 1157 10.85 -30.50 -12.19
CA LEU A 1157 11.48 -31.47 -13.08
C LEU A 1157 10.46 -32.13 -14.00
N HIS A 1158 9.31 -32.52 -13.44
CA HIS A 1158 8.29 -33.16 -14.25
C HIS A 1158 7.70 -32.20 -15.28
N TRP A 1159 7.51 -30.93 -14.88
CA TRP A 1159 6.99 -29.94 -15.82
C TRP A 1159 7.93 -29.76 -17.01
N ALA A 1160 9.24 -29.71 -16.74
CA ALA A 1160 10.20 -29.52 -17.82
C ALA A 1160 10.17 -30.70 -18.80
N GLY A 1161 10.16 -31.93 -18.26
CA GLY A 1161 10.14 -33.09 -19.13
C GLY A 1161 8.88 -33.18 -19.97
N CYS A 1162 7.72 -32.94 -19.35
CA CYS A 1162 6.47 -32.97 -20.09
C CYS A 1162 6.43 -31.91 -21.18
N MET A 1163 6.93 -30.71 -20.87
CA MET A 1163 6.93 -29.65 -21.86
C MET A 1163 7.80 -30.02 -23.06
N ILE A 1164 8.97 -30.59 -22.80
CA ILE A 1164 9.85 -30.99 -23.90
C ILE A 1164 9.17 -32.06 -24.75
N ILE A 1165 8.51 -33.02 -24.12
CA ILE A 1165 7.82 -34.07 -24.86
C ILE A 1165 6.70 -33.47 -25.71
N VAL A 1166 5.92 -32.56 -25.12
CA VAL A 1166 4.78 -31.99 -25.83
C VAL A 1166 5.24 -31.19 -27.04
N LEU A 1167 6.26 -30.34 -26.85
CA LEU A 1167 6.72 -29.49 -27.93
C LEU A 1167 7.27 -30.29 -29.10
N LEU A 1168 7.74 -31.52 -28.85
CA LEU A 1168 8.24 -32.39 -29.91
C LEU A 1168 7.18 -33.31 -30.48
N GLY A 1169 5.94 -33.21 -30.00
CA GLY A 1169 4.87 -34.05 -30.51
C GLY A 1169 5.08 -35.52 -30.23
N GLN A 1170 5.47 -35.85 -29.00
CA GLN A 1170 5.73 -37.23 -28.60
C GLN A 1170 4.94 -37.63 -27.36
N GLN A 1171 3.94 -36.84 -26.97
CA GLN A 1171 3.18 -37.14 -25.77
C GLN A 1171 2.42 -38.46 -25.91
N ARG A 1172 1.79 -38.69 -27.07
CA ARG A 1172 1.04 -39.93 -27.27
C ARG A 1172 1.97 -41.14 -27.27
N ARG A 1173 3.13 -41.02 -27.91
CA ARG A 1173 4.09 -42.12 -27.92
C ARG A 1173 4.59 -42.41 -26.51
N PHE A 1174 4.82 -41.36 -25.72
CA PHE A 1174 5.29 -41.56 -24.35
C PHE A 1174 4.28 -42.35 -23.53
N ALA A 1175 2.99 -42.02 -23.66
CA ALA A 1175 1.96 -42.76 -22.94
C ALA A 1175 1.90 -44.21 -23.41
N VAL A 1176 1.97 -44.42 -24.71
CA VAL A 1176 1.91 -45.79 -25.25
C VAL A 1176 3.16 -46.57 -24.86
N LEU A 1177 4.33 -45.96 -25.04
CA LEU A 1177 5.61 -46.62 -24.77
C LEU A 1177 6.17 -46.05 -23.47
N ASP A 1178 6.08 -46.82 -22.40
CA ASP A 1178 6.60 -46.39 -21.10
C ASP A 1178 6.87 -47.64 -20.28
N PHE A 1179 8.10 -47.78 -19.79
CA PHE A 1179 8.45 -48.96 -19.00
C PHE A 1179 7.65 -49.00 -17.70
N CYS A 1180 7.52 -47.86 -17.03
CA CYS A 1180 6.80 -47.83 -15.76
C CYS A 1180 5.32 -48.13 -15.94
N TYR A 1181 4.70 -47.55 -16.98
CA TYR A 1181 3.29 -47.81 -17.22
C TYR A 1181 3.04 -49.27 -17.53
N HIS A 1182 3.91 -49.88 -18.35
CA HIS A 1182 3.76 -51.29 -18.67
C HIS A 1182 3.87 -52.15 -17.41
N LEU A 1183 4.83 -51.84 -16.54
CA LEU A 1183 4.97 -52.59 -15.30
C LEU A 1183 3.74 -52.44 -14.43
N LEU A 1184 3.19 -51.23 -14.35
CA LEU A 1184 1.99 -51.01 -13.55
C LEU A 1184 0.81 -51.83 -14.09
N LYS A 1185 0.66 -51.86 -15.41
CA LYS A 1185 -0.46 -52.60 -16.01
C LYS A 1185 -0.35 -54.09 -15.69
N VAL A 1186 0.85 -54.65 -15.83
CA VAL A 1186 1.05 -56.07 -15.57
C VAL A 1186 0.83 -56.39 -14.09
N GLN A 1187 1.32 -55.51 -13.21
CA GLN A 1187 1.14 -55.74 -11.78
C GLN A 1187 -0.34 -55.77 -11.42
N LYS A 1188 -1.12 -54.86 -11.99
CA LYS A 1188 -2.57 -54.86 -11.76
C LYS A 1188 -3.20 -56.14 -12.28
N HIS A 1189 -2.78 -56.61 -13.45
CA HIS A 1189 -3.38 -57.79 -14.05
C HIS A 1189 -3.13 -59.04 -13.21
N ASP A 1190 -1.92 -59.21 -12.71
CA ASP A 1190 -1.54 -60.40 -11.95
C ASP A 1190 -1.58 -60.19 -10.45
N GLY A 1191 -1.12 -59.06 -9.96
CA GLY A 1191 -1.14 -58.77 -8.54
C GLY A 1191 -0.19 -59.63 -7.74
N LYS A 1192 1.12 -59.43 -7.93
CA LYS A 1192 2.14 -60.16 -7.20
C LYS A 1192 3.16 -59.19 -6.62
N ASP A 1193 3.67 -59.53 -5.45
CA ASP A 1193 4.65 -58.73 -4.74
C ASP A 1193 5.87 -59.56 -4.41
N GLU A 1194 7.06 -58.98 -4.59
CA GLU A 1194 8.31 -59.65 -4.30
C GLU A 1194 9.43 -58.64 -4.40
N ILE A 1195 10.47 -58.84 -3.58
CA ILE A 1195 11.62 -57.95 -3.58
C ILE A 1195 12.57 -58.38 -4.70
N ILE A 1196 12.80 -57.48 -5.64
CA ILE A 1196 13.69 -57.72 -6.78
C ILE A 1196 14.84 -56.73 -6.68
N LYS A 1197 16.05 -57.23 -6.47
CA LYS A 1197 17.24 -56.39 -6.34
C LYS A 1197 17.04 -55.32 -5.28
N ASN A 1198 16.47 -55.72 -4.15
CA ASN A 1198 16.22 -54.82 -3.03
C ASN A 1198 15.38 -53.61 -3.47
N VAL A 1199 14.37 -53.89 -4.29
CA VAL A 1199 13.44 -52.86 -4.76
C VAL A 1199 12.03 -53.41 -4.63
N PRO A 1200 11.29 -53.05 -3.58
CA PRO A 1200 9.92 -53.59 -3.44
C PRO A 1200 9.08 -53.27 -4.66
N LEU A 1201 8.30 -54.26 -5.09
CA LEU A 1201 7.51 -54.12 -6.31
C LEU A 1201 6.22 -53.36 -6.10
N LYS A 1202 5.52 -53.60 -4.99
CA LYS A 1202 4.27 -52.90 -4.75
C LYS A 1202 4.52 -51.40 -4.66
N LYS A 1203 5.24 -50.96 -3.63
CA LYS A 1203 5.44 -49.52 -3.42
C LYS A 1203 5.90 -48.83 -4.70
N MET A 1204 6.58 -49.57 -5.58
CA MET A 1204 7.02 -48.98 -6.84
C MET A 1204 5.84 -48.61 -7.73
N VAL A 1205 4.83 -49.49 -7.81
CA VAL A 1205 3.74 -49.27 -8.75
C VAL A 1205 2.85 -48.11 -8.30
N GLU A 1206 2.58 -47.99 -6.99
CA GLU A 1206 1.82 -46.84 -6.52
C GLU A 1206 2.56 -45.54 -6.82
N ARG A 1207 3.88 -45.54 -6.63
CA ARG A 1207 4.66 -44.37 -7.01
C ARG A 1207 4.53 -44.09 -8.50
N ILE A 1208 4.56 -45.14 -9.33
CA ILE A 1208 4.37 -44.97 -10.76
C ILE A 1208 3.00 -44.37 -11.04
N ARG A 1209 1.96 -44.87 -10.35
CA ARG A 1209 0.62 -44.35 -10.57
C ARG A 1209 0.53 -42.87 -10.20
N LYS A 1210 1.15 -42.49 -9.08
CA LYS A 1210 1.10 -41.09 -8.66
C LYS A 1210 1.77 -40.18 -9.69
N PHE A 1211 2.95 -40.59 -10.18
CA PHE A 1211 3.63 -39.79 -11.20
C PHE A 1211 2.88 -39.83 -12.52
N GLN A 1212 2.20 -40.93 -12.82
CA GLN A 1212 1.38 -41.00 -14.02
C GLN A 1212 0.25 -39.97 -13.97
N ILE A 1213 -0.37 -39.81 -12.81
CA ILE A 1213 -1.44 -38.82 -12.66
C ILE A 1213 -0.87 -37.42 -12.87
N LEU A 1214 0.27 -37.13 -12.24
CA LEU A 1214 0.86 -35.80 -12.36
C LEU A 1214 1.27 -35.51 -13.80
N ASN A 1215 1.88 -36.50 -14.48
CA ASN A 1215 2.27 -36.29 -15.87
C ASN A 1215 1.05 -36.05 -16.76
N ASP A 1216 -0.03 -36.80 -16.53
CA ASP A 1216 -1.23 -36.63 -17.33
C ASP A 1216 -1.81 -35.23 -17.13
N GLU A 1217 -1.85 -34.75 -15.89
CA GLU A 1217 -2.39 -33.42 -15.63
C GLU A 1217 -1.54 -32.36 -16.30
N ILE A 1218 -0.21 -32.48 -16.23
CA ILE A 1218 0.67 -31.50 -16.84
C ILE A 1218 0.51 -31.53 -18.37
N ILE A 1219 0.44 -32.72 -18.95
CA ILE A 1219 0.30 -32.84 -20.39
C ILE A 1219 -1.02 -32.23 -20.85
N THR A 1220 -2.10 -32.49 -20.11
CA THR A 1220 -3.39 -31.92 -20.46
C THR A 1220 -3.35 -30.41 -20.43
N ILE A 1221 -2.72 -29.83 -19.40
CA ILE A 1221 -2.63 -28.38 -19.30
C ILE A 1221 -1.83 -27.82 -20.47
N LEU A 1222 -0.70 -28.44 -20.79
CA LEU A 1222 0.12 -27.95 -21.89
C LEU A 1222 -0.60 -28.07 -23.22
N ASP A 1223 -1.28 -29.19 -23.44
CA ASP A 1223 -2.02 -29.36 -24.69
C ASP A 1223 -3.13 -28.33 -24.82
N LYS A 1224 -3.84 -28.06 -23.73
CA LYS A 1224 -4.91 -27.07 -23.77
C LYS A 1224 -4.37 -25.69 -24.14
N TYR A 1225 -3.24 -25.30 -23.53
CA TYR A 1225 -2.64 -24.01 -23.86
C TYR A 1225 -2.06 -23.99 -25.26
N LEU A 1226 -1.77 -25.16 -25.84
CA LEU A 1226 -1.26 -25.27 -27.19
C LEU A 1226 -2.35 -25.54 -28.22
N LYS A 1227 -3.62 -25.55 -27.78
CA LYS A 1227 -4.74 -25.81 -28.67
C LYS A 1227 -4.70 -27.24 -29.20
N VAL A 1239 -2.43 -34.33 -43.73
CA VAL A 1239 -1.64 -35.25 -42.92
C VAL A 1239 -0.87 -36.20 -43.82
N ARG A 1240 -0.31 -37.27 -43.24
CA ARG A 1240 0.45 -38.24 -43.99
C ARG A 1240 -0.46 -39.35 -44.48
N CYS A 1241 -0.43 -39.61 -45.79
CA CYS A 1241 -1.26 -40.62 -46.43
C CYS A 1241 -0.38 -41.71 -47.01
N PHE A 1242 -0.65 -42.95 -46.64
CA PHE A 1242 0.09 -44.09 -47.15
C PHE A 1242 -0.54 -44.59 -48.44
N GLN A 1243 0.26 -45.32 -49.23
CA GLN A 1243 -0.21 -45.87 -50.50
C GLN A 1243 -0.57 -47.34 -50.34
N PRO A 1244 -1.56 -47.83 -51.10
CA PRO A 1244 -1.95 -49.23 -50.97
C PRO A 1244 -1.03 -50.13 -51.75
N PRO A 1245 -1.04 -51.44 -51.47
CA PRO A 1245 -0.21 -52.37 -52.25
C PRO A 1245 -0.63 -52.42 -53.70
N ILE A 1246 0.32 -52.69 -54.58
CA ILE A 1246 0.10 -52.76 -56.02
C ILE A 1246 0.45 -54.15 -56.49
N HIS A 1247 -0.40 -54.71 -57.35
CA HIS A 1247 -0.17 -56.05 -57.87
C HIS A 1247 1.16 -56.12 -58.60
N GLN A 1248 1.90 -57.19 -58.35
CA GLN A 1248 3.20 -57.39 -58.98
C GLN A 1248 3.06 -57.52 -60.49
N GLN B 7 -38.60 -71.03 -63.25
CA GLN B 7 -38.27 -69.61 -63.34
C GLN B 7 -37.30 -69.21 -62.25
N PRO B 8 -36.14 -69.88 -62.19
CA PRO B 8 -35.17 -69.56 -61.12
C PRO B 8 -34.69 -68.12 -61.15
N SER B 9 -34.55 -67.53 -62.34
CA SER B 9 -34.03 -66.16 -62.44
C SER B 9 -35.07 -65.14 -62.00
N GLN B 10 -36.35 -65.46 -62.14
CA GLN B 10 -37.42 -64.53 -61.79
C GLN B 10 -37.87 -64.64 -60.34
N GLN B 11 -37.22 -65.50 -59.55
CA GLN B 11 -37.62 -65.64 -58.14
C GLN B 11 -37.41 -64.33 -57.39
N LYS B 12 -36.31 -63.63 -57.65
CA LYS B 12 -36.00 -62.37 -56.99
C LYS B 12 -35.92 -62.54 -55.48
N LEU B 13 -35.08 -63.50 -55.05
CA LEU B 13 -34.91 -63.75 -53.63
C LEU B 13 -34.22 -62.57 -52.95
N ALA B 14 -33.29 -61.91 -53.64
CA ALA B 14 -32.56 -60.80 -53.05
C ALA B 14 -33.49 -59.68 -52.63
N GLU B 15 -34.35 -59.23 -53.56
CA GLU B 15 -35.27 -58.14 -53.24
C GLU B 15 -36.26 -58.54 -52.15
N LYS B 16 -36.76 -59.78 -52.22
CA LYS B 16 -37.73 -60.23 -51.22
C LYS B 16 -37.11 -60.26 -49.82
N LEU B 17 -35.86 -60.75 -49.72
CA LEU B 17 -35.23 -60.88 -48.41
C LEU B 17 -34.97 -59.51 -47.80
N THR B 18 -34.42 -58.59 -48.57
CA THR B 18 -34.08 -57.27 -48.03
C THR B 18 -35.31 -56.46 -47.67
N ILE B 19 -36.41 -56.62 -48.41
CA ILE B 19 -37.63 -55.90 -48.09
C ILE B 19 -38.31 -56.48 -46.86
N LEU B 20 -38.41 -57.82 -46.80
CA LEU B 20 -39.09 -58.45 -45.67
C LEU B 20 -38.34 -58.21 -44.36
N ASN B 21 -37.01 -58.18 -44.41
CA ASN B 21 -36.23 -57.93 -43.20
C ASN B 21 -36.58 -56.57 -42.60
N ASP B 22 -36.66 -55.55 -43.45
CA ASP B 22 -37.08 -54.23 -42.97
C ASP B 22 -38.51 -54.26 -42.44
N ARG B 23 -39.39 -54.97 -43.14
CA ARG B 23 -40.78 -55.07 -42.68
C ARG B 23 -40.86 -55.74 -41.32
N GLY B 24 -40.10 -56.82 -41.13
CA GLY B 24 -40.12 -57.50 -39.84
C GLY B 24 -39.64 -56.62 -38.71
N VAL B 25 -38.60 -55.82 -38.95
CA VAL B 25 -38.10 -54.91 -37.93
C VAL B 25 -39.18 -53.89 -37.57
N GLY B 26 -39.84 -53.33 -38.58
CA GLY B 26 -40.91 -52.38 -38.32
C GLY B 26 -42.06 -53.00 -37.55
N MET B 27 -42.46 -54.21 -37.93
CA MET B 27 -43.53 -54.89 -37.20
C MET B 27 -43.13 -55.17 -35.76
N LEU B 28 -41.87 -55.56 -35.54
CA LEU B 28 -41.40 -55.77 -34.18
C LEU B 28 -41.49 -54.49 -33.36
N THR B 29 -41.13 -53.36 -33.96
CA THR B 29 -41.25 -52.09 -33.25
C THR B 29 -42.70 -51.78 -32.90
N ARG B 30 -43.61 -52.02 -33.84
CA ARG B 30 -45.02 -51.73 -33.58
C ARG B 30 -45.56 -52.60 -32.45
N LEU B 31 -45.25 -53.90 -32.47
CA LEU B 31 -45.72 -54.79 -31.42
C LEU B 31 -45.15 -54.40 -30.07
N TYR B 32 -43.86 -54.02 -30.04
CA TYR B 32 -43.25 -53.59 -28.78
C TYR B 32 -43.96 -52.37 -28.22
N ASN B 33 -44.28 -51.40 -29.08
CA ASN B 33 -45.00 -50.22 -28.63
C ASN B 33 -46.38 -50.59 -28.11
N ILE B 34 -47.08 -51.49 -28.80
CA ILE B 34 -48.41 -51.91 -28.36
C ILE B 34 -48.33 -52.57 -26.99
N LYS B 35 -47.36 -53.47 -26.81
CA LYS B 35 -47.20 -54.14 -25.52
C LYS B 35 -46.87 -53.14 -24.42
N LYS B 36 -45.98 -52.21 -24.69
CA LYS B 36 -45.62 -51.20 -23.69
C LYS B 36 -46.81 -50.34 -23.33
N ALA B 37 -47.58 -49.91 -24.35
CA ALA B 37 -48.74 -49.05 -24.08
C ALA B 37 -49.78 -49.77 -23.23
N CYS B 38 -50.04 -51.05 -23.52
CA CYS B 38 -51.05 -51.80 -22.80
C CYS B 38 -50.53 -52.42 -21.51
N GLY B 39 -49.23 -52.38 -21.27
CA GLY B 39 -48.70 -52.93 -20.03
C GLY B 39 -49.15 -52.15 -18.81
N ASP B 40 -49.13 -50.80 -18.89
CA ASP B 40 -49.52 -49.97 -17.77
C ASP B 40 -51.00 -49.60 -17.86
N PRO B 41 -51.69 -49.45 -16.71
CA PRO B 41 -53.11 -49.06 -16.77
C PRO B 41 -53.28 -47.55 -16.85
N LYS B 42 -52.52 -46.89 -17.71
CA LYS B 42 -52.63 -45.46 -17.90
C LYS B 42 -52.76 -45.10 -19.37
N ALA B 43 -52.14 -45.90 -20.25
CA ALA B 43 -52.15 -45.66 -21.68
C ALA B 43 -52.94 -46.69 -22.46
N LYS B 44 -53.41 -47.76 -21.82
CA LYS B 44 -54.17 -48.78 -22.50
C LYS B 44 -55.56 -48.23 -22.87
N PRO B 45 -56.24 -48.87 -23.82
CA PRO B 45 -57.55 -48.37 -24.25
C PRO B 45 -58.51 -48.25 -23.08
N SER B 46 -59.31 -47.18 -23.08
CA SER B 46 -60.25 -46.94 -22.01
C SER B 46 -61.37 -47.99 -21.98
N TYR B 47 -61.54 -48.75 -23.06
CA TYR B 47 -62.62 -49.73 -23.14
C TYR B 47 -62.32 -51.02 -22.41
N LEU B 48 -61.06 -51.27 -22.04
CA LEU B 48 -60.70 -52.46 -21.29
C LEU B 48 -60.60 -52.23 -19.79
N ILE B 49 -60.49 -50.97 -19.36
CA ILE B 49 -60.41 -50.67 -17.94
C ILE B 49 -61.77 -50.41 -17.31
N ASP B 50 -62.77 -50.03 -18.10
CA ASP B 50 -64.10 -49.78 -17.55
C ASP B 50 -64.68 -51.07 -16.99
N LYS B 51 -65.27 -50.97 -15.79
CA LYS B 51 -65.83 -52.15 -15.14
C LYS B 51 -67.15 -52.57 -15.78
N ASN B 52 -67.92 -51.62 -16.29
CA ASN B 52 -69.22 -51.96 -16.86
C ASN B 52 -69.08 -52.87 -18.08
N LEU B 53 -67.96 -52.79 -18.79
CA LEU B 53 -67.72 -53.58 -19.97
C LEU B 53 -66.93 -54.86 -19.68
N GLU B 54 -66.69 -55.16 -18.40
CA GLU B 54 -65.93 -56.36 -18.06
C GLU B 54 -66.65 -57.62 -18.51
N SER B 55 -67.98 -57.66 -18.40
CA SER B 55 -68.72 -58.87 -18.75
C SER B 55 -68.51 -59.24 -20.20
N ALA B 56 -68.55 -58.26 -21.10
CA ALA B 56 -68.35 -58.56 -22.51
C ALA B 56 -66.96 -59.11 -22.77
N VAL B 57 -65.94 -58.55 -22.11
CA VAL B 57 -64.58 -59.03 -22.31
C VAL B 57 -64.45 -60.48 -21.89
N LYS B 58 -65.02 -60.83 -20.72
CA LYS B 58 -64.95 -62.21 -20.26
C LYS B 58 -65.67 -63.14 -21.21
N PHE B 59 -66.83 -62.72 -21.73
CA PHE B 59 -67.58 -63.56 -22.67
C PHE B 59 -66.77 -63.81 -23.94
N ILE B 60 -66.12 -62.78 -24.46
CA ILE B 60 -65.32 -62.95 -25.67
C ILE B 60 -64.08 -63.79 -25.37
N VAL B 61 -63.46 -63.58 -24.21
CA VAL B 61 -62.28 -64.36 -23.87
C VAL B 61 -62.61 -65.84 -23.74
N ARG B 62 -63.79 -66.15 -23.17
CA ARG B 62 -64.18 -67.54 -23.02
C ARG B 62 -64.23 -68.26 -24.36
N LYS B 63 -64.53 -67.53 -25.44
CA LYS B 63 -64.52 -68.11 -26.78
C LYS B 63 -64.09 -67.00 -27.74
N PHE B 64 -62.79 -66.95 -28.05
CA PHE B 64 -62.24 -65.89 -28.88
C PHE B 64 -62.57 -66.11 -30.35
N PRO B 65 -62.24 -67.27 -30.94
CA PRO B 65 -62.47 -67.42 -32.38
C PRO B 65 -63.93 -67.54 -32.74
N ALA B 66 -64.73 -68.20 -31.92
CA ALA B 66 -66.15 -68.31 -32.19
C ALA B 66 -66.83 -66.97 -31.99
N VAL B 67 -67.67 -66.57 -32.94
CA VAL B 67 -68.39 -65.30 -32.90
C VAL B 67 -69.88 -65.61 -32.94
N GLU B 68 -70.61 -65.08 -31.96
CA GLU B 68 -72.06 -65.22 -31.90
C GLU B 68 -72.64 -63.87 -31.52
N THR B 69 -73.49 -63.32 -32.39
CA THR B 69 -74.02 -61.97 -32.22
C THR B 69 -75.54 -61.90 -32.17
N ARG B 70 -76.24 -62.81 -32.85
CA ARG B 70 -77.69 -62.72 -32.95
C ARG B 70 -78.40 -62.93 -31.62
N ASN B 71 -77.72 -63.44 -30.61
CA ASN B 71 -78.30 -63.65 -29.28
C ASN B 71 -77.41 -62.93 -28.27
N ASN B 72 -77.85 -61.75 -27.83
CA ASN B 72 -77.07 -60.98 -26.87
C ASN B 72 -76.95 -61.71 -25.55
N ASN B 73 -78.03 -62.35 -25.10
CA ASN B 73 -78.10 -63.09 -23.85
C ASN B 73 -78.04 -62.20 -22.62
N GLN B 74 -78.24 -60.88 -22.79
CA GLN B 74 -78.23 -59.90 -21.72
C GLN B 74 -76.83 -59.65 -21.17
N GLN B 75 -75.82 -60.36 -21.65
CA GLN B 75 -74.47 -60.24 -21.13
C GLN B 75 -73.61 -59.25 -21.92
N LEU B 76 -74.19 -58.55 -22.90
CA LEU B 76 -73.40 -57.70 -23.78
C LEU B 76 -74.06 -56.36 -24.09
N ALA B 77 -75.24 -56.08 -23.53
CA ALA B 77 -75.98 -54.88 -23.93
C ALA B 77 -75.15 -53.61 -23.77
N GLN B 78 -74.19 -53.61 -22.84
CA GLN B 78 -73.40 -52.41 -22.61
C GLN B 78 -72.60 -52.02 -23.86
N LEU B 79 -72.01 -53.01 -24.53
CA LEU B 79 -71.16 -52.73 -25.69
C LEU B 79 -71.94 -52.21 -26.89
N GLN B 80 -73.27 -52.36 -26.90
CA GLN B 80 -74.05 -51.95 -28.06
C GLN B 80 -73.96 -50.45 -28.30
N LYS B 81 -73.99 -49.65 -27.23
CA LYS B 81 -74.13 -48.21 -27.35
C LYS B 81 -72.84 -47.49 -27.69
N GLU B 82 -71.70 -48.18 -27.72
CA GLU B 82 -70.42 -47.54 -27.98
C GLU B 82 -69.63 -48.32 -29.02
N LYS B 83 -70.31 -48.81 -30.06
CA LYS B 83 -69.63 -49.53 -31.12
C LYS B 83 -68.87 -48.60 -32.04
N SER B 84 -69.43 -47.43 -32.34
CA SER B 84 -68.82 -46.52 -33.31
C SER B 84 -67.45 -46.06 -32.82
N GLU B 85 -67.35 -45.64 -31.56
CA GLU B 85 -66.06 -45.20 -31.03
C GLU B 85 -65.06 -46.35 -31.01
N ILE B 86 -65.55 -47.57 -30.77
CA ILE B 86 -64.65 -48.73 -30.76
C ILE B 86 -63.97 -48.89 -32.12
N LEU B 87 -64.74 -48.80 -33.20
CA LEU B 87 -64.17 -48.95 -34.53
C LEU B 87 -63.17 -47.84 -34.83
N LYS B 88 -63.48 -46.62 -34.40
CA LYS B 88 -62.62 -45.47 -34.72
C LYS B 88 -61.30 -45.51 -33.97
N ASN B 89 -61.28 -46.11 -32.78
CA ASN B 89 -60.12 -46.01 -31.90
C ASN B 89 -59.23 -47.26 -31.93
N LEU B 90 -59.76 -48.42 -32.30
CA LEU B 90 -59.00 -49.66 -32.31
C LEU B 90 -58.62 -50.11 -33.72
N ALA B 91 -58.74 -49.22 -34.71
CA ALA B 91 -58.37 -49.58 -36.07
C ALA B 91 -56.86 -49.80 -36.18
N LEU B 92 -56.07 -49.00 -35.46
CA LEU B 92 -54.62 -49.10 -35.56
C LEU B 92 -54.13 -50.49 -35.15
N TYR B 93 -54.54 -50.96 -33.97
CA TYR B 93 -54.07 -52.25 -33.49
C TYR B 93 -54.53 -53.39 -34.38
N TYR B 94 -55.80 -53.36 -34.82
CA TYR B 94 -56.32 -54.42 -35.67
C TYR B 94 -55.54 -54.52 -36.96
N PHE B 95 -55.27 -53.38 -37.60
CA PHE B 95 -54.53 -53.39 -38.86
C PHE B 95 -53.08 -53.81 -38.66
N THR B 96 -52.48 -53.44 -37.52
CA THR B 96 -51.11 -53.86 -37.25
C THR B 96 -51.00 -55.38 -37.21
N PHE B 97 -51.93 -56.05 -36.54
CA PHE B 97 -51.93 -57.50 -36.53
C PHE B 97 -52.18 -58.06 -37.92
N VAL B 98 -53.03 -57.40 -38.71
CA VAL B 98 -53.28 -57.83 -40.08
C VAL B 98 -51.98 -57.82 -40.88
N ASP B 99 -51.20 -56.74 -40.74
CA ASP B 99 -49.93 -56.66 -41.45
C ASP B 99 -48.98 -57.77 -41.01
N VAL B 100 -49.02 -58.12 -39.71
CA VAL B 100 -48.19 -59.23 -39.23
C VAL B 100 -48.60 -60.53 -39.92
N MET B 101 -49.91 -60.76 -40.07
CA MET B 101 -50.37 -61.95 -40.77
C MET B 101 -49.88 -61.97 -42.21
N GLU B 102 -49.96 -60.82 -42.88
CA GLU B 102 -49.46 -60.73 -44.25
C GLU B 102 -47.96 -61.01 -44.30
N PHE B 103 -47.21 -60.45 -43.35
CA PHE B 103 -45.78 -60.73 -43.28
C PHE B 103 -45.52 -62.20 -43.03
N LYS B 104 -46.32 -62.81 -42.15
CA LYS B 104 -46.16 -64.24 -41.86
C LYS B 104 -46.40 -65.08 -43.11
N ASP B 105 -47.42 -64.73 -43.89
CA ASP B 105 -47.68 -65.46 -45.13
C ASP B 105 -46.55 -65.30 -46.13
N HIS B 106 -46.02 -64.08 -46.26
CA HIS B 106 -44.97 -63.82 -47.23
C HIS B 106 -43.69 -64.61 -46.90
N VAL B 107 -43.31 -64.63 -45.62
CA VAL B 107 -42.12 -65.39 -45.24
C VAL B 107 -42.30 -66.87 -45.53
N CYS B 108 -43.48 -67.41 -45.20
CA CYS B 108 -43.72 -68.83 -45.45
C CYS B 108 -43.60 -69.15 -46.93
N GLU B 109 -44.12 -68.28 -47.79
CA GLU B 109 -43.97 -68.48 -49.23
C GLU B 109 -42.52 -68.43 -49.65
N LEU B 110 -41.76 -67.46 -49.12
CA LEU B 110 -40.36 -67.34 -49.50
C LEU B 110 -39.55 -68.55 -49.03
N LEU B 111 -39.79 -69.01 -47.80
CA LEU B 111 -39.07 -70.17 -47.30
C LEU B 111 -39.36 -71.41 -48.13
N ASN B 112 -40.63 -71.60 -48.52
CA ASN B 112 -40.98 -72.72 -49.38
C ASN B 112 -40.27 -72.62 -50.74
N THR B 113 -40.18 -71.39 -51.27
CA THR B 113 -39.48 -71.20 -52.54
C THR B 113 -38.01 -71.56 -52.41
N ILE B 114 -37.39 -71.21 -51.28
CA ILE B 114 -35.99 -71.57 -51.06
C ILE B 114 -35.83 -73.08 -51.01
N ASP B 115 -36.72 -73.77 -50.31
CA ASP B 115 -36.59 -75.21 -50.15
C ASP B 115 -36.66 -75.93 -51.49
N VAL B 116 -37.63 -75.55 -52.33
CA VAL B 116 -37.77 -76.22 -53.62
C VAL B 116 -36.58 -75.91 -54.52
N CYS B 117 -36.03 -74.70 -54.44
CA CYS B 117 -34.89 -74.34 -55.28
C CYS B 117 -33.61 -75.04 -54.85
N GLN B 118 -33.55 -75.58 -53.63
CA GLN B 118 -32.37 -76.26 -53.13
C GLN B 118 -31.15 -75.33 -53.17
N VAL B 119 -31.25 -74.25 -52.40
CA VAL B 119 -30.20 -73.23 -52.40
C VAL B 119 -29.01 -73.72 -51.59
N PHE B 120 -27.83 -73.19 -51.92
CA PHE B 120 -26.59 -73.50 -51.22
C PHE B 120 -26.25 -72.36 -50.27
N PHE B 121 -26.10 -72.68 -48.99
CA PHE B 121 -25.87 -71.69 -47.95
C PHE B 121 -24.51 -71.95 -47.29
N ASP B 122 -23.71 -70.89 -47.18
CA ASP B 122 -22.43 -70.96 -46.50
C ASP B 122 -22.00 -69.55 -46.13
N ILE B 123 -21.81 -69.29 -44.84
CA ILE B 123 -21.52 -67.94 -44.39
C ILE B 123 -20.24 -67.43 -45.03
N THR B 124 -19.25 -68.30 -45.18
CA THR B 124 -17.97 -67.89 -45.74
C THR B 124 -18.07 -67.60 -47.24
N VAL B 125 -18.93 -68.34 -47.96
CA VAL B 125 -19.01 -68.21 -49.41
C VAL B 125 -19.97 -67.10 -49.78
N ASN B 126 -21.23 -67.24 -49.40
CA ASN B 126 -22.27 -66.23 -49.66
C ASN B 126 -22.72 -65.68 -48.32
N PHE B 127 -22.01 -64.66 -47.84
CA PHE B 127 -22.29 -64.11 -46.53
C PHE B 127 -23.63 -63.36 -46.51
N ASP B 128 -23.89 -62.56 -47.54
CA ASP B 128 -25.10 -61.73 -47.56
C ASP B 128 -26.35 -62.59 -47.56
N LEU B 129 -26.38 -63.62 -48.40
CA LEU B 129 -27.57 -64.45 -48.52
C LEU B 129 -27.86 -65.20 -47.22
N THR B 130 -26.83 -65.83 -46.66
CA THR B 130 -27.02 -66.58 -45.42
C THR B 130 -27.39 -65.65 -44.26
N LYS B 131 -26.73 -64.49 -44.18
CA LYS B 131 -27.02 -63.54 -43.10
C LYS B 131 -28.46 -63.06 -43.18
N ASN B 132 -28.91 -62.69 -44.38
CA ASN B 132 -30.29 -62.22 -44.53
C ASN B 132 -31.28 -63.35 -44.25
N TYR B 133 -30.98 -64.55 -44.71
CA TYR B 133 -31.88 -65.68 -44.48
C TYR B 133 -32.04 -65.95 -42.98
N LEU B 134 -30.92 -66.05 -42.27
CA LEU B 134 -30.99 -66.31 -40.83
C LEU B 134 -31.64 -65.16 -40.08
N ASP B 135 -31.30 -63.91 -40.44
CA ASP B 135 -31.88 -62.77 -39.75
C ASP B 135 -33.38 -62.73 -39.93
N LEU B 136 -33.86 -63.03 -41.14
CA LEU B 136 -35.30 -63.03 -41.39
C LEU B 136 -36.00 -64.10 -40.55
N ILE B 137 -35.40 -65.28 -40.43
CA ILE B 137 -36.02 -66.36 -39.66
C ILE B 137 -36.13 -65.96 -38.19
N ILE B 138 -35.05 -65.39 -37.64
CA ILE B 138 -35.08 -64.98 -36.25
C ILE B 138 -36.09 -63.86 -36.04
N THR B 139 -36.17 -62.93 -36.99
CA THR B 139 -37.15 -61.85 -36.89
C THR B 139 -38.56 -62.41 -36.88
N TYR B 140 -38.84 -63.39 -37.73
CA TYR B 140 -40.15 -64.03 -37.74
C TYR B 140 -40.42 -64.74 -36.42
N THR B 141 -39.45 -65.50 -35.93
CA THR B 141 -39.64 -66.22 -34.66
C THR B 141 -39.84 -65.26 -33.51
N THR B 142 -39.03 -64.20 -33.45
CA THR B 142 -39.16 -63.22 -32.37
C THR B 142 -40.52 -62.54 -32.42
N LEU B 143 -41.00 -62.21 -33.62
CA LEU B 143 -42.28 -61.53 -33.74
C LEU B 143 -43.41 -62.38 -33.18
N MET B 144 -43.42 -63.67 -33.49
CA MET B 144 -44.45 -64.56 -32.95
C MET B 144 -44.35 -64.67 -31.44
N ILE B 145 -43.13 -64.78 -30.92
CA ILE B 145 -42.95 -64.89 -29.47
C ILE B 145 -43.46 -63.64 -28.77
N LEU B 146 -43.12 -62.47 -29.31
CA LEU B 146 -43.60 -61.22 -28.72
C LEU B 146 -45.12 -61.13 -28.78
N LEU B 147 -45.71 -61.56 -29.89
CA LEU B 147 -47.17 -61.57 -30.00
C LEU B 147 -47.79 -62.48 -28.94
N SER B 148 -47.20 -63.66 -28.72
CA SER B 148 -47.71 -64.57 -27.71
C SER B 148 -47.60 -63.98 -26.32
N ARG B 149 -46.79 -62.96 -26.12
CA ARG B 149 -46.80 -62.31 -24.81
C ARG B 149 -47.92 -61.27 -24.58
N ILE B 150 -48.26 -60.41 -25.54
CA ILE B 150 -49.28 -59.37 -25.33
C ILE B 150 -50.52 -60.09 -24.88
N GLU B 151 -50.95 -59.89 -23.65
CA GLU B 151 -52.07 -60.67 -23.11
C GLU B 151 -53.44 -60.15 -23.39
N GLU B 152 -53.61 -59.36 -24.42
CA GLU B 152 -54.90 -58.77 -24.68
C GLU B 152 -55.24 -58.85 -26.15
N ARG B 153 -54.41 -59.54 -26.92
CA ARG B 153 -54.62 -59.63 -28.34
C ARG B 153 -56.00 -60.18 -28.63
N LYS B 154 -56.49 -61.05 -27.75
CA LYS B 154 -57.79 -61.68 -27.99
C LYS B 154 -58.92 -60.68 -27.79
N ALA B 155 -58.84 -59.88 -26.72
CA ALA B 155 -59.90 -58.92 -26.43
C ALA B 155 -60.04 -57.90 -27.55
N ILE B 156 -58.91 -57.37 -28.03
CA ILE B 156 -58.96 -56.34 -29.06
C ILE B 156 -59.58 -56.89 -30.34
N ILE B 157 -59.09 -58.05 -30.80
CA ILE B 157 -59.57 -58.61 -32.06
C ILE B 157 -61.04 -59.00 -31.93
N GLY B 158 -61.39 -59.70 -30.85
CA GLY B 158 -62.77 -60.11 -30.66
C GLY B 158 -63.70 -58.92 -30.49
N LEU B 159 -63.30 -57.94 -29.68
CA LEU B 159 -64.15 -56.78 -29.44
C LEU B 159 -64.34 -55.96 -30.71
N TYR B 160 -63.26 -55.75 -31.47
CA TYR B 160 -63.36 -54.93 -32.67
C TYR B 160 -64.25 -55.60 -33.71
N ASN B 161 -64.03 -56.88 -33.98
CA ASN B 161 -64.85 -57.59 -34.97
C ASN B 161 -66.31 -57.66 -34.53
N TYR B 162 -66.56 -57.91 -33.24
CA TYR B 162 -67.94 -57.97 -32.76
C TYR B 162 -68.65 -56.65 -33.01
N ALA B 163 -67.99 -55.52 -32.73
CA ALA B 163 -68.57 -54.23 -33.04
C ALA B 163 -68.76 -54.08 -34.55
N HIS B 164 -67.80 -54.54 -35.34
CA HIS B 164 -67.95 -54.47 -36.79
C HIS B 164 -69.12 -55.32 -37.27
N GLU B 165 -69.30 -56.49 -36.68
CA GLU B 165 -70.43 -57.34 -37.05
C GLU B 165 -71.75 -56.67 -36.69
N MET B 166 -71.83 -56.07 -35.51
CA MET B 166 -73.07 -55.42 -35.08
C MET B 166 -73.44 -54.27 -36.00
N THR B 167 -72.46 -53.44 -36.36
CA THR B 167 -72.76 -52.25 -37.16
C THR B 167 -73.02 -52.59 -38.61
N HIS B 168 -72.30 -53.57 -39.18
CA HIS B 168 -72.39 -53.88 -40.59
C HIS B 168 -73.05 -55.21 -40.88
N GLY B 169 -73.16 -56.11 -39.91
CA GLY B 169 -73.78 -57.40 -40.12
C GLY B 169 -72.85 -58.46 -40.67
N ALA B 170 -71.62 -58.12 -41.02
CA ALA B 170 -70.66 -59.08 -41.53
C ALA B 170 -69.31 -58.86 -40.84
N SER B 171 -68.66 -59.96 -40.49
CA SER B 171 -67.35 -59.89 -39.85
C SER B 171 -66.28 -59.52 -40.86
N ASP B 172 -65.12 -59.12 -40.34
CA ASP B 172 -64.01 -58.74 -41.21
C ASP B 172 -63.58 -59.91 -42.07
N ARG B 173 -63.18 -59.60 -43.31
CA ARG B 173 -62.81 -60.65 -44.24
C ARG B 173 -61.60 -61.44 -43.76
N GLU B 174 -60.60 -60.76 -43.22
CA GLU B 174 -59.34 -61.37 -42.83
C GLU B 174 -59.31 -61.76 -41.35
N TYR B 175 -60.40 -61.54 -40.62
CA TYR B 175 -60.43 -61.91 -39.21
C TYR B 175 -60.25 -63.40 -38.98
N PRO B 176 -60.97 -64.30 -39.66
CA PRO B 176 -60.88 -65.72 -39.27
C PRO B 176 -59.47 -66.29 -39.31
N ARG B 177 -58.67 -65.88 -40.30
CA ARG B 177 -57.29 -66.38 -40.36
C ARG B 177 -56.49 -65.92 -39.15
N LEU B 178 -56.65 -64.65 -38.76
CA LEU B 178 -55.92 -64.14 -37.61
C LEU B 178 -56.33 -64.87 -36.33
N GLY B 179 -57.63 -65.11 -36.15
CA GLY B 179 -58.09 -65.83 -34.98
C GLY B 179 -57.56 -67.25 -34.93
N GLN B 180 -57.55 -67.92 -36.08
CA GLN B 180 -57.05 -69.30 -36.12
C GLN B 180 -55.58 -69.37 -35.73
N MET B 181 -54.77 -68.44 -36.22
CA MET B 181 -53.36 -68.42 -35.86
C MET B 181 -53.17 -68.11 -34.38
N ILE B 182 -53.95 -67.18 -33.84
CA ILE B 182 -53.82 -66.80 -32.43
C ILE B 182 -54.12 -68.01 -31.54
N VAL B 183 -55.20 -68.73 -31.85
CA VAL B 183 -55.53 -69.92 -31.07
C VAL B 183 -54.57 -71.06 -31.38
N ASP B 184 -53.80 -70.95 -32.46
CA ASP B 184 -52.78 -71.96 -32.78
C ASP B 184 -51.44 -71.65 -32.15
N TYR B 185 -51.12 -70.38 -31.95
CA TYR B 185 -49.83 -69.97 -31.38
C TYR B 185 -50.04 -69.59 -29.92
N GLU B 186 -50.07 -70.60 -29.06
CA GLU B 186 -49.97 -70.40 -27.62
C GLU B 186 -48.57 -70.70 -27.08
N ASN B 187 -47.89 -71.66 -27.70
CA ASN B 187 -46.46 -71.93 -27.44
C ASN B 187 -45.79 -71.93 -28.80
N PRO B 188 -45.44 -70.74 -29.32
CA PRO B 188 -45.03 -70.66 -30.74
C PRO B 188 -43.89 -71.59 -31.10
N LEU B 189 -42.90 -71.74 -30.21
CA LEU B 189 -41.77 -72.60 -30.54
C LEU B 189 -42.22 -74.04 -30.77
N LYS B 190 -43.23 -74.49 -30.04
CA LYS B 190 -43.73 -75.85 -30.21
C LYS B 190 -44.27 -76.07 -31.61
N LYS B 191 -45.04 -75.11 -32.14
CA LYS B 191 -45.58 -75.24 -33.48
C LYS B 191 -44.53 -74.95 -34.54
N MET B 192 -43.59 -74.03 -34.28
CA MET B 192 -42.56 -73.73 -35.26
C MET B 192 -41.69 -74.95 -35.54
N MET B 193 -41.40 -75.74 -34.51
CA MET B 193 -40.57 -76.92 -34.70
C MET B 193 -41.23 -77.90 -35.69
N GLU B 194 -42.55 -78.10 -35.56
CA GLU B 194 -43.26 -78.96 -36.50
C GLU B 194 -43.35 -78.33 -37.88
N GLU B 195 -43.49 -77.00 -37.93
CA GLU B 195 -43.66 -76.33 -39.22
C GLU B 195 -42.35 -76.25 -40.00
N PHE B 196 -41.22 -76.25 -39.31
CA PHE B 196 -39.92 -76.06 -39.95
C PHE B 196 -39.25 -77.36 -40.35
N VAL B 197 -39.92 -78.50 -40.19
CA VAL B 197 -39.31 -79.78 -40.56
C VAL B 197 -38.89 -79.79 -42.02
N PRO B 198 -39.72 -79.39 -42.98
CA PRO B 198 -39.27 -79.36 -44.38
C PRO B 198 -38.11 -78.41 -44.62
N HIS B 199 -37.95 -77.38 -43.79
CA HIS B 199 -36.88 -76.40 -43.94
C HIS B 199 -35.61 -76.79 -43.19
N SER B 200 -35.56 -78.00 -42.62
CA SER B 200 -34.43 -78.38 -41.79
C SER B 200 -33.14 -78.41 -42.59
N LYS B 201 -33.18 -78.94 -43.81
CA LYS B 201 -31.96 -79.14 -44.58
C LYS B 201 -31.23 -77.83 -44.83
N SER B 202 -31.94 -76.83 -45.37
CA SER B 202 -31.29 -75.56 -45.70
C SER B 202 -30.84 -74.83 -44.45
N LEU B 203 -31.69 -74.77 -43.42
CA LEU B 203 -31.33 -74.06 -42.19
C LEU B 203 -30.16 -74.75 -41.50
N SER B 204 -30.17 -76.08 -41.44
CA SER B 204 -29.09 -76.81 -40.78
C SER B 204 -27.76 -76.56 -41.47
N ASP B 205 -27.74 -76.57 -42.80
CA ASP B 205 -26.50 -76.34 -43.53
C ASP B 205 -25.95 -74.96 -43.24
N ALA B 206 -26.82 -73.94 -43.20
CA ALA B 206 -26.36 -72.59 -42.89
C ALA B 206 -25.79 -72.51 -41.49
N LEU B 207 -26.45 -73.14 -40.52
CA LEU B 207 -25.95 -73.12 -39.14
C LEU B 207 -24.60 -73.82 -39.03
N ILE B 208 -24.46 -74.97 -39.69
CA ILE B 208 -23.19 -75.69 -39.64
C ILE B 208 -22.08 -74.89 -40.30
N SER B 209 -22.43 -74.03 -41.26
CA SER B 209 -21.42 -73.20 -41.92
C SER B 209 -20.78 -72.21 -40.94
N LEU B 210 -21.41 -71.98 -39.79
CA LEU B 210 -20.85 -71.07 -38.79
C LEU B 210 -19.75 -71.72 -37.95
N GLN B 211 -19.50 -73.01 -38.12
CA GLN B 211 -18.45 -73.68 -37.36
C GLN B 211 -17.08 -73.07 -37.61
N MET B 212 -16.90 -72.40 -38.76
CA MET B 212 -15.62 -71.80 -39.11
C MET B 212 -15.47 -70.38 -38.57
N VAL B 213 -16.50 -69.83 -37.92
CA VAL B 213 -16.48 -68.45 -37.46
C VAL B 213 -16.77 -68.37 -35.97
N TYR B 214 -17.91 -68.94 -35.55
CA TYR B 214 -18.36 -68.76 -34.19
C TYR B 214 -17.36 -69.26 -33.14
N PRO B 215 -16.85 -70.49 -33.22
CA PRO B 215 -15.96 -70.97 -32.15
C PRO B 215 -14.71 -70.12 -31.97
N ARG B 216 -14.16 -69.58 -33.05
CA ARG B 216 -12.95 -68.75 -32.94
C ARG B 216 -13.26 -67.32 -32.51
N ARG B 217 -14.52 -66.89 -32.57
CA ARG B 217 -14.91 -65.56 -32.12
C ARG B 217 -15.37 -65.53 -30.67
N ASN B 218 -15.39 -66.66 -29.99
CA ASN B 218 -15.80 -66.76 -28.59
C ASN B 218 -14.65 -67.20 -27.70
N LEU B 219 -13.46 -66.67 -27.96
CA LEU B 219 -12.29 -67.01 -27.18
C LEU B 219 -12.20 -66.15 -25.93
N SER B 220 -11.63 -66.73 -24.87
CA SER B 220 -11.47 -66.01 -23.62
C SER B 220 -10.35 -64.99 -23.74
N ALA B 221 -10.26 -64.12 -22.73
CA ALA B 221 -9.26 -63.05 -22.76
C ALA B 221 -7.85 -63.60 -22.82
N ASP B 222 -7.62 -64.80 -22.27
CA ASP B 222 -6.29 -65.37 -22.28
C ASP B 222 -5.80 -65.61 -23.70
N GLN B 223 -6.66 -66.15 -24.57
CA GLN B 223 -6.27 -66.35 -25.96
C GLN B 223 -6.02 -65.02 -26.65
N TRP B 224 -6.85 -64.01 -26.37
CA TRP B 224 -6.65 -62.70 -26.96
C TRP B 224 -5.30 -62.12 -26.55
N ARG B 225 -4.95 -62.29 -25.27
CA ARG B 225 -3.65 -61.80 -24.76
C ARG B 225 -2.52 -62.60 -25.42
N ASN B 226 -2.72 -63.92 -25.56
CA ASN B 226 -1.68 -64.80 -26.17
C ASN B 226 -1.45 -64.39 -27.62
N ALA B 227 -2.50 -64.06 -28.35
CA ALA B 227 -2.36 -63.74 -29.79
C ALA B 227 -2.25 -62.24 -30.01
N GLN B 228 -2.19 -61.47 -28.92
CA GLN B 228 -2.00 -60.00 -29.05
C GLN B 228 -3.07 -59.42 -29.98
N LEU B 229 -4.34 -59.73 -29.73
CA LEU B 229 -5.45 -59.26 -30.61
C LEU B 229 -5.51 -57.74 -30.62
N LEU B 230 -5.74 -57.14 -31.79
CA LEU B 230 -5.91 -55.67 -31.92
C LEU B 230 -4.70 -54.90 -31.38
N SER B 231 -3.47 -55.37 -31.65
CA SER B 231 -2.28 -54.59 -31.23
C SER B 231 -1.47 -54.17 -32.45
N LEU B 232 -1.49 -52.88 -32.80
CA LEU B 232 -0.65 -52.37 -33.91
C LEU B 232 0.83 -52.40 -33.52
N ILE B 233 1.17 -52.07 -32.28
CA ILE B 233 2.60 -51.97 -31.84
C ILE B 233 3.29 -53.33 -31.67
N SER B 234 2.54 -54.44 -31.60
CA SER B 234 3.20 -55.75 -31.30
C SER B 234 4.21 -56.09 -32.40
N ALA B 235 3.87 -55.91 -33.67
CA ALA B 235 4.87 -56.11 -34.75
C ALA B 235 5.04 -54.75 -35.43
N PRO B 236 6.22 -54.10 -35.34
CA PRO B 236 6.35 -52.75 -35.88
C PRO B 236 6.69 -52.71 -37.38
N SER B 237 7.21 -53.80 -37.93
CA SER B 237 7.64 -53.88 -39.32
C SER B 237 6.49 -54.14 -40.28
N THR B 238 5.30 -54.49 -39.78
CA THR B 238 4.17 -54.81 -40.63
C THR B 238 2.94 -53.97 -40.30
N MET B 239 3.06 -52.93 -39.49
CA MET B 239 1.91 -52.10 -39.18
C MET B 239 1.46 -51.30 -40.40
N LEU B 240 2.39 -50.96 -41.29
CA LEU B 240 2.00 -50.26 -42.52
C LEU B 240 1.22 -51.17 -43.46
N ASN B 241 1.42 -52.48 -43.36
CA ASN B 241 0.71 -53.40 -44.23
C ASN B 241 -0.78 -53.38 -43.93
N PRO B 242 -1.64 -53.58 -44.94
CA PRO B 242 -3.09 -53.53 -44.70
C PRO B 242 -3.59 -54.84 -44.12
N ALA B 243 -4.34 -54.74 -43.02
CA ALA B 243 -4.94 -55.93 -42.42
C ALA B 243 -6.09 -56.40 -43.29
N GLN B 244 -6.12 -57.69 -43.58
CA GLN B 244 -7.15 -58.26 -44.45
C GLN B 244 -7.30 -59.74 -44.15
N SER B 245 -8.44 -60.28 -44.56
CA SER B 245 -8.73 -61.70 -44.39
C SER B 245 -9.77 -62.11 -45.42
N ASP B 246 -9.78 -63.40 -45.74
CA ASP B 246 -10.76 -63.92 -46.69
C ASP B 246 -12.18 -63.75 -46.16
N THR B 247 -12.39 -64.03 -44.88
CA THR B 247 -13.70 -63.88 -44.25
C THR B 247 -13.84 -62.50 -43.61
N MET B 248 -13.63 -61.45 -44.41
CA MET B 248 -13.64 -60.09 -43.89
C MET B 248 -14.96 -59.72 -43.25
N PRO B 249 -16.12 -59.96 -43.89
CA PRO B 249 -17.39 -59.55 -43.25
C PRO B 249 -17.63 -60.20 -41.91
N CYS B 250 -17.20 -61.45 -41.72
CA CYS B 250 -17.48 -62.17 -40.49
C CYS B 250 -16.62 -61.71 -39.32
N GLU B 251 -15.57 -60.93 -39.58
CA GLU B 251 -14.70 -60.49 -38.49
C GLU B 251 -15.43 -59.59 -37.51
N TYR B 252 -16.27 -58.68 -38.01
CA TYR B 252 -16.96 -57.69 -37.19
C TYR B 252 -18.43 -58.00 -37.02
N LEU B 253 -18.84 -59.26 -37.20
CA LEU B 253 -20.23 -59.63 -37.02
C LEU B 253 -20.58 -59.68 -35.53
N SER B 254 -21.85 -59.40 -35.24
CA SER B 254 -22.32 -59.37 -33.86
C SER B 254 -22.40 -60.79 -33.31
N LEU B 255 -21.59 -61.08 -32.29
CA LEU B 255 -21.60 -62.42 -31.70
C LEU B 255 -22.97 -62.74 -31.10
N ASP B 256 -23.69 -61.72 -30.62
CA ASP B 256 -25.04 -61.96 -30.11
C ASP B 256 -25.95 -62.50 -31.20
N ALA B 257 -25.81 -61.97 -32.42
CA ALA B 257 -26.60 -62.47 -33.54
C ALA B 257 -26.30 -63.95 -33.79
N MET B 258 -25.03 -64.34 -33.71
CA MET B 258 -24.67 -65.74 -33.91
C MET B 258 -25.34 -66.63 -32.88
N GLU B 259 -25.35 -66.19 -31.62
CA GLU B 259 -26.01 -66.99 -30.57
C GLU B 259 -27.50 -67.12 -30.85
N LYS B 260 -28.15 -66.03 -31.26
CA LYS B 260 -29.57 -66.10 -31.59
C LYS B 260 -29.82 -67.04 -32.75
N TRP B 261 -28.97 -66.96 -33.78
CA TRP B 261 -29.11 -67.86 -34.93
C TRP B 261 -28.93 -69.31 -34.51
N ILE B 262 -27.92 -69.58 -33.68
CA ILE B 262 -27.60 -70.96 -33.32
C ILE B 262 -28.71 -71.56 -32.47
N ILE B 263 -29.14 -70.83 -31.43
CA ILE B 263 -30.12 -71.38 -30.50
C ILE B 263 -31.45 -71.59 -31.19
N PHE B 264 -31.95 -70.57 -31.88
CA PHE B 264 -33.24 -70.69 -32.56
C PHE B 264 -33.18 -71.71 -33.68
N GLY B 265 -32.10 -71.71 -34.46
CA GLY B 265 -32.01 -72.60 -35.59
C GLY B 265 -32.04 -74.07 -35.20
N PHE B 266 -31.25 -74.45 -34.19
CA PHE B 266 -31.22 -75.84 -33.75
C PHE B 266 -32.45 -76.22 -32.94
N ILE B 267 -33.13 -75.25 -32.32
CA ILE B 267 -34.42 -75.54 -31.70
C ILE B 267 -35.43 -75.97 -32.77
N LEU B 268 -35.45 -75.25 -33.90
CA LEU B 268 -36.34 -75.62 -34.99
C LEU B 268 -35.84 -76.84 -35.73
N CYS B 269 -34.52 -77.03 -35.80
CA CYS B 269 -33.90 -78.16 -36.48
C CYS B 269 -33.38 -79.19 -35.49
N HIS B 270 -34.14 -79.44 -34.42
CA HIS B 270 -33.68 -80.35 -33.37
C HIS B 270 -33.45 -81.77 -33.89
N GLY B 271 -34.04 -82.12 -35.03
CA GLY B 271 -33.88 -83.47 -35.56
C GLY B 271 -32.43 -83.78 -35.89
N ILE B 272 -31.67 -82.79 -36.36
CA ILE B 272 -30.29 -83.02 -36.75
C ILE B 272 -29.32 -83.05 -35.58
N LEU B 273 -29.77 -82.63 -34.39
CA LEU B 273 -28.87 -82.62 -33.23
C LEU B 273 -28.41 -84.03 -32.89
N ASN B 274 -29.33 -85.00 -32.90
CA ASN B 274 -28.97 -86.36 -32.56
C ASN B 274 -27.98 -86.95 -33.57
N THR B 275 -28.19 -86.69 -34.85
CA THR B 275 -27.33 -87.26 -35.88
C THR B 275 -25.96 -86.59 -35.90
N ASP B 276 -25.93 -85.29 -36.19
CA ASP B 276 -24.68 -84.56 -36.28
C ASP B 276 -24.14 -84.22 -34.90
N ALA B 277 -22.80 -84.14 -34.82
CA ALA B 277 -22.12 -83.75 -33.59
C ALA B 277 -21.59 -82.34 -33.63
N THR B 278 -21.23 -81.82 -34.82
CA THR B 278 -20.76 -80.44 -34.91
C THR B 278 -21.85 -79.47 -34.46
N ALA B 279 -23.09 -79.70 -34.90
CA ALA B 279 -24.19 -78.84 -34.48
C ALA B 279 -24.41 -78.93 -32.98
N LEU B 280 -24.33 -80.14 -32.42
CA LEU B 280 -24.54 -80.31 -30.98
C LEU B 280 -23.48 -79.55 -30.19
N ASN B 281 -22.21 -79.66 -30.58
CA ASN B 281 -21.16 -78.94 -29.89
C ASN B 281 -21.34 -77.43 -30.04
N LEU B 282 -21.70 -76.97 -31.24
CA LEU B 282 -21.99 -75.55 -31.44
C LEU B 282 -23.19 -75.13 -30.60
N TRP B 283 -24.21 -75.97 -30.52
CA TRP B 283 -25.36 -75.68 -29.67
C TRP B 283 -24.94 -75.59 -28.21
N LYS B 284 -24.06 -76.49 -27.76
CA LYS B 284 -23.58 -76.45 -26.39
C LYS B 284 -22.84 -75.15 -26.11
N LEU B 285 -21.98 -74.73 -27.02
CA LEU B 285 -21.19 -73.52 -26.79
C LEU B 285 -22.07 -72.29 -26.67
N ALA B 286 -23.11 -72.20 -27.51
CA ALA B 286 -24.00 -71.05 -27.43
C ALA B 286 -24.73 -71.00 -26.10
N LEU B 287 -25.18 -72.15 -25.60
CA LEU B 287 -25.86 -72.19 -24.31
C LEU B 287 -24.93 -71.74 -23.19
N GLN B 288 -23.69 -72.20 -23.21
CA GLN B 288 -22.74 -71.82 -22.17
C GLN B 288 -22.40 -70.32 -22.22
N SER B 289 -22.44 -69.73 -23.41
CA SER B 289 -22.03 -68.34 -23.57
C SER B 289 -22.96 -67.36 -22.89
N SER B 290 -24.26 -67.68 -22.79
CA SER B 290 -25.22 -66.74 -22.25
C SER B 290 -26.34 -67.50 -21.54
N SER B 291 -27.04 -66.83 -20.60
CA SER B 291 -28.19 -67.39 -19.83
C SER B 291 -29.53 -66.73 -20.21
N CYS B 292 -29.55 -65.52 -20.78
CA CYS B 292 -30.76 -64.83 -21.28
C CYS B 292 -30.42 -64.23 -22.64
N LEU B 293 -31.36 -64.17 -23.58
CA LEU B 293 -31.14 -63.65 -24.95
C LEU B 293 -32.11 -62.51 -25.18
N SER B 294 -31.87 -61.56 -26.09
CA SER B 294 -32.69 -60.33 -26.25
C SER B 294 -33.57 -60.35 -27.51
N LEU B 295 -34.88 -60.56 -27.37
CA LEU B 295 -35.79 -60.68 -28.53
C LEU B 295 -35.86 -59.34 -29.27
N PHE B 296 -36.13 -58.22 -28.58
CA PHE B 296 -36.13 -56.86 -29.18
C PHE B 296 -36.02 -55.87 -28.02
N ARG B 297 -35.06 -54.96 -28.05
CA ARG B 297 -34.90 -53.93 -27.00
C ARG B 297 -34.87 -54.64 -25.64
N ASP B 298 -35.76 -54.33 -24.71
CA ASP B 298 -35.76 -54.88 -23.33
C ASP B 298 -36.33 -56.29 -23.25
N GLU B 299 -37.09 -56.74 -24.24
CA GLU B 299 -37.74 -58.07 -24.18
C GLU B 299 -36.63 -59.10 -24.08
N VAL B 300 -36.75 -60.12 -23.23
CA VAL B 300 -35.68 -61.13 -23.01
C VAL B 300 -36.28 -62.53 -22.96
N PHE B 301 -35.58 -63.54 -23.47
CA PHE B 301 -36.04 -64.95 -23.49
C PHE B 301 -35.04 -65.84 -22.75
N HIS B 302 -35.42 -66.47 -21.64
CA HIS B 302 -34.56 -67.45 -20.95
C HIS B 302 -34.45 -68.66 -21.86
N ILE B 303 -33.35 -69.43 -21.84
CA ILE B 303 -33.10 -70.51 -22.85
C ILE B 303 -33.20 -71.93 -22.26
N HIS B 304 -32.85 -72.18 -21.02
CA HIS B 304 -32.79 -73.51 -20.41
C HIS B 304 -34.17 -73.99 -19.98
N LYS B 305 -34.95 -73.10 -19.36
CA LYS B 305 -36.31 -73.47 -18.95
C LYS B 305 -37.18 -73.70 -20.18
N ALA B 306 -37.11 -72.80 -21.16
CA ALA B 306 -37.91 -72.94 -22.37
C ALA B 306 -37.52 -74.18 -23.15
N ALA B 307 -36.22 -74.41 -23.32
CA ALA B 307 -35.76 -75.59 -24.05
C ALA B 307 -36.16 -76.88 -23.34
N GLU B 308 -36.04 -76.90 -22.02
CA GLU B 308 -36.41 -78.10 -21.27
C GLU B 308 -37.90 -78.39 -21.41
N ASP B 309 -38.74 -77.37 -21.34
CA ASP B 309 -40.18 -77.58 -21.47
C ASP B 309 -40.52 -78.12 -22.85
N LEU B 310 -39.89 -77.58 -23.91
CA LEU B 310 -40.19 -78.04 -25.25
C LEU B 310 -39.74 -79.48 -25.46
N PHE B 311 -38.56 -79.84 -24.95
CA PHE B 311 -37.96 -81.13 -25.24
C PHE B 311 -38.41 -82.24 -24.28
N VAL B 312 -39.11 -81.90 -23.20
CA VAL B 312 -39.55 -82.92 -22.27
C VAL B 312 -40.59 -83.83 -22.92
N ASN B 313 -41.45 -83.26 -23.77
CA ASN B 313 -42.47 -84.05 -24.42
C ASN B 313 -41.89 -85.02 -25.44
N ILE B 314 -40.71 -84.70 -26.00
CA ILE B 314 -40.12 -85.57 -27.00
C ILE B 314 -39.84 -86.94 -26.40
N ARG B 315 -39.87 -87.96 -27.25
CA ARG B 315 -39.79 -89.34 -26.77
C ARG B 315 -38.45 -89.61 -26.08
N GLY B 316 -37.36 -89.54 -26.84
CA GLY B 316 -36.06 -89.96 -26.34
C GLY B 316 -35.01 -88.87 -26.32
N TYR B 317 -35.41 -87.66 -25.94
CA TYR B 317 -34.49 -86.52 -25.86
C TYR B 317 -34.01 -86.26 -24.44
N ASN B 318 -33.90 -87.31 -23.63
CA ASN B 318 -33.44 -87.13 -22.26
C ASN B 318 -32.02 -86.60 -22.22
N LYS B 319 -31.17 -87.04 -23.15
CA LYS B 319 -29.79 -86.57 -23.21
C LYS B 319 -29.75 -85.06 -23.43
N ARG B 320 -30.60 -84.55 -24.33
CA ARG B 320 -30.65 -83.12 -24.57
C ARG B 320 -31.07 -82.36 -23.31
N ILE B 321 -32.05 -82.89 -22.57
CA ILE B 321 -32.47 -82.24 -21.33
C ILE B 321 -31.30 -82.15 -20.36
N ASN B 322 -30.56 -83.25 -20.21
CA ASN B 322 -29.40 -83.23 -19.34
C ASN B 322 -28.38 -82.21 -19.80
N ASP B 323 -28.02 -82.24 -21.09
CA ASP B 323 -27.03 -81.32 -21.63
C ASP B 323 -27.38 -79.88 -21.32
N ILE B 324 -28.66 -79.53 -21.41
CA ILE B 324 -29.09 -78.18 -21.07
C ILE B 324 -28.79 -77.88 -19.61
N ARG B 325 -28.92 -78.88 -18.74
CA ARG B 325 -28.68 -78.65 -17.32
C ARG B 325 -27.22 -78.30 -17.05
N GLU B 326 -26.29 -79.10 -17.60
CA GLU B 326 -24.87 -78.81 -17.40
C GLU B 326 -24.48 -77.48 -18.04
N CYS B 327 -25.02 -77.20 -19.23
CA CYS B 327 -24.72 -75.92 -19.87
C CYS B 327 -25.21 -74.76 -19.01
N LYS B 328 -26.39 -74.90 -18.41
CA LYS B 328 -26.90 -73.85 -17.52
C LYS B 328 -25.97 -73.65 -16.33
N GLU B 329 -25.53 -74.76 -15.73
CA GLU B 329 -24.66 -74.66 -14.56
C GLU B 329 -23.33 -74.01 -14.94
N ALA B 330 -22.77 -74.40 -16.09
CA ALA B 330 -21.50 -73.80 -16.52
C ALA B 330 -21.67 -72.32 -16.81
N ALA B 331 -22.77 -71.94 -17.47
CA ALA B 331 -22.96 -70.54 -17.83
C ALA B 331 -23.09 -69.66 -16.60
N VAL B 332 -23.96 -70.05 -15.65
CA VAL B 332 -24.16 -69.24 -14.46
C VAL B 332 -22.91 -69.17 -13.61
N SER B 333 -22.00 -70.14 -13.75
CA SER B 333 -20.81 -70.20 -12.91
C SER B 333 -19.61 -69.46 -13.53
N HIS B 334 -19.49 -69.49 -14.86
CA HIS B 334 -18.30 -68.98 -15.52
C HIS B 334 -18.56 -67.84 -16.50
N ALA B 335 -19.81 -67.63 -16.93
CA ALA B 335 -20.07 -66.62 -17.95
C ALA B 335 -19.69 -65.22 -17.46
N GLY B 336 -20.03 -64.89 -16.22
CA GLY B 336 -19.72 -63.57 -15.70
C GLY B 336 -18.23 -63.31 -15.65
N SER B 337 -17.46 -64.28 -15.14
CA SER B 337 -16.02 -64.11 -15.07
C SER B 337 -15.40 -63.98 -16.46
N MET B 338 -15.88 -64.78 -17.41
CA MET B 338 -15.32 -64.73 -18.75
C MET B 338 -15.52 -63.36 -19.38
N HIS B 339 -16.72 -62.78 -19.23
CA HIS B 339 -16.98 -61.48 -19.81
C HIS B 339 -16.26 -60.36 -19.08
N ARG B 340 -16.09 -60.50 -17.77
CA ARG B 340 -15.34 -59.50 -17.01
C ARG B 340 -13.90 -59.41 -17.51
N GLU B 341 -13.27 -60.57 -17.74
CA GLU B 341 -11.92 -60.57 -18.27
C GLU B 341 -11.89 -59.99 -19.68
N ARG B 342 -12.90 -60.30 -20.50
CA ARG B 342 -12.97 -59.76 -21.84
C ARG B 342 -13.04 -58.24 -21.81
N ARG B 343 -13.86 -57.68 -20.92
CA ARG B 343 -13.95 -56.23 -20.80
C ARG B 343 -12.63 -55.62 -20.35
N LYS B 344 -11.94 -56.28 -19.41
CA LYS B 344 -10.67 -55.77 -18.92
C LYS B 344 -9.65 -55.66 -20.06
N PHE B 345 -9.54 -56.71 -20.87
CA PHE B 345 -8.60 -56.67 -21.99
C PHE B 345 -9.01 -55.63 -23.02
N LEU B 346 -10.31 -55.54 -23.33
CA LEU B 346 -10.77 -54.60 -24.35
C LEU B 346 -10.50 -53.17 -23.94
N ARG B 347 -10.60 -52.85 -22.64
CA ARG B 347 -10.36 -51.49 -22.18
C ARG B 347 -8.96 -51.04 -22.56
N SER B 348 -7.95 -51.86 -22.28
CA SER B 348 -6.58 -51.51 -22.64
C SER B 348 -6.39 -51.51 -24.15
N ALA B 349 -6.99 -52.48 -24.85
CA ALA B 349 -6.80 -52.59 -26.30
C ALA B 349 -7.34 -51.35 -26.99
N LEU B 350 -8.55 -50.91 -26.61
CA LEU B 350 -9.11 -49.71 -27.22
C LEU B 350 -8.29 -48.47 -26.89
N LYS B 351 -7.80 -48.39 -25.64
CA LYS B 351 -6.96 -47.25 -25.27
C LYS B 351 -5.71 -47.19 -26.13
N GLU B 352 -5.04 -48.34 -26.31
CA GLU B 352 -3.83 -48.37 -27.13
C GLU B 352 -4.15 -48.04 -28.58
N LEU B 353 -5.22 -48.62 -29.12
CA LEU B 353 -5.56 -48.39 -30.52
C LEU B 353 -5.91 -46.93 -30.77
N ALA B 354 -6.70 -46.32 -29.88
CA ALA B 354 -7.09 -44.93 -30.07
C ALA B 354 -5.88 -44.00 -30.02
N THR B 355 -4.97 -44.22 -29.06
CA THR B 355 -3.80 -43.37 -28.95
C THR B 355 -2.91 -43.48 -30.19
N VAL B 356 -2.70 -44.70 -30.68
CA VAL B 356 -1.85 -44.89 -31.85
C VAL B 356 -2.47 -44.22 -33.06
N LEU B 357 -3.78 -44.40 -33.27
CA LEU B 357 -4.44 -43.79 -34.41
C LEU B 357 -4.37 -42.27 -34.34
N SER B 358 -4.54 -41.70 -33.14
CA SER B 358 -4.41 -40.27 -32.98
C SER B 358 -3.01 -39.79 -33.35
N ASP B 359 -1.99 -40.53 -32.93
CA ASP B 359 -0.62 -40.17 -33.28
C ASP B 359 -0.39 -40.24 -34.78
N GLN B 360 -0.92 -41.27 -35.43
CA GLN B 360 -0.75 -41.49 -36.88
C GLN B 360 -2.13 -41.70 -37.50
N PRO B 361 -2.85 -40.62 -37.80
CA PRO B 361 -4.19 -40.78 -38.38
C PRO B 361 -4.21 -41.50 -39.72
N GLY B 362 -3.09 -41.49 -40.45
CA GLY B 362 -3.05 -42.14 -41.75
C GLY B 362 -3.19 -43.65 -41.69
N LEU B 363 -2.93 -44.24 -40.52
CA LEU B 363 -3.05 -45.69 -40.36
C LEU B 363 -4.50 -46.16 -40.32
N LEU B 364 -5.47 -45.24 -40.26
CA LEU B 364 -6.86 -45.65 -40.16
C LEU B 364 -7.28 -46.49 -41.36
N GLY B 365 -6.89 -46.08 -42.56
CA GLY B 365 -7.24 -46.79 -43.76
C GLY B 365 -6.82 -48.25 -43.71
N PRO B 366 -5.51 -48.50 -43.67
CA PRO B 366 -5.04 -49.90 -43.61
C PRO B 366 -5.56 -50.67 -42.42
N LYS B 367 -5.73 -50.02 -41.27
CA LYS B 367 -6.15 -50.68 -40.05
C LYS B 367 -7.58 -50.33 -39.65
N ALA B 368 -8.42 -50.01 -40.64
CA ALA B 368 -9.82 -49.71 -40.35
C ALA B 368 -10.56 -50.94 -39.85
N LEU B 369 -10.19 -52.12 -40.33
CA LEU B 369 -10.85 -53.35 -39.89
C LEU B 369 -10.66 -53.55 -38.39
N PHE B 370 -9.46 -53.24 -37.88
CA PHE B 370 -9.22 -53.38 -36.45
C PHE B 370 -10.14 -52.47 -35.65
N VAL B 371 -10.36 -51.25 -36.12
CA VAL B 371 -11.23 -50.31 -35.41
C VAL B 371 -12.65 -50.86 -35.33
N PHE B 372 -13.18 -51.35 -36.44
CA PHE B 372 -14.54 -51.87 -36.45
C PHE B 372 -14.65 -53.13 -35.61
N MET B 373 -13.64 -54.00 -35.66
CA MET B 373 -13.65 -55.19 -34.81
C MET B 373 -13.68 -54.82 -33.33
N ALA B 374 -12.85 -53.84 -32.93
CA ALA B 374 -12.84 -53.41 -31.55
C ALA B 374 -14.19 -52.83 -31.14
N LEU B 375 -14.79 -52.01 -32.01
CA LEU B 375 -16.10 -51.44 -31.69
C LEU B 375 -17.15 -52.53 -31.52
N SER B 376 -17.14 -53.53 -32.41
CA SER B 376 -18.13 -54.61 -32.30
C SER B 376 -17.97 -55.39 -31.01
N PHE B 377 -16.72 -55.70 -30.64
CA PHE B 377 -16.49 -56.45 -29.41
C PHE B 377 -16.95 -55.65 -28.19
N ALA B 378 -16.63 -54.36 -28.15
CA ALA B 378 -17.04 -53.53 -27.03
C ALA B 378 -18.56 -53.42 -26.94
N ARG B 379 -19.22 -53.26 -28.09
CA ARG B 379 -20.67 -53.18 -28.11
C ARG B 379 -21.30 -54.48 -27.60
N ASP B 380 -20.76 -55.63 -28.02
CA ASP B 380 -21.30 -56.90 -27.59
C ASP B 380 -21.19 -57.06 -26.08
N GLU B 381 -20.05 -56.69 -25.51
CA GLU B 381 -19.86 -56.81 -24.06
C GLU B 381 -20.82 -55.89 -23.31
N ILE B 382 -21.00 -54.67 -23.80
CA ILE B 382 -21.89 -53.72 -23.13
C ILE B 382 -23.33 -54.25 -23.15
N ILE B 383 -23.77 -54.76 -24.30
CA ILE B 383 -25.14 -55.28 -24.40
C ILE B 383 -25.30 -56.48 -23.49
N TRP B 384 -24.33 -57.39 -23.48
CA TRP B 384 -24.42 -58.59 -22.65
C TRP B 384 -24.52 -58.22 -21.17
N LEU B 385 -23.68 -57.29 -20.73
CA LEU B 385 -23.73 -56.87 -19.33
C LEU B 385 -25.04 -56.17 -19.00
N LEU B 386 -25.52 -55.32 -19.91
CA LEU B 386 -26.73 -54.55 -19.63
C LEU B 386 -27.95 -55.45 -19.48
N ARG B 387 -28.08 -56.52 -20.25
CA ARG B 387 -29.31 -57.37 -20.20
C ARG B 387 -29.23 -58.34 -19.04
N HIS B 388 -28.05 -58.89 -18.75
CA HIS B 388 -27.86 -59.87 -17.64
C HIS B 388 -27.94 -59.22 -16.28
N ALA B 389 -27.43 -58.01 -16.12
CA ALA B 389 -27.37 -57.33 -14.80
C ALA B 389 -28.77 -57.14 -14.23
N ASP B 390 -29.72 -56.65 -15.03
CA ASP B 390 -31.11 -56.40 -14.58
C ASP B 390 -31.82 -57.74 -14.30
N ASN B 391 -31.65 -58.74 -15.16
CA ASN B 391 -32.33 -60.06 -15.03
C ASN B 391 -31.41 -61.04 -14.30
N MET B 392 -31.78 -62.32 -14.23
CA MET B 392 -30.93 -63.39 -13.65
C MET B 392 -30.40 -63.04 -12.24
N PRO B 393 -31.25 -62.99 -11.19
CA PRO B 393 -30.72 -62.83 -9.83
C PRO B 393 -30.33 -64.15 -9.20
N LYS B 394 -29.03 -64.41 -9.09
CA LYS B 394 -28.52 -65.62 -8.46
C LYS B 394 -27.69 -65.31 -7.23
N LYS B 395 -26.66 -64.47 -7.37
CA LYS B 395 -25.82 -64.07 -6.25
C LYS B 395 -25.39 -65.27 -5.39
N ASP B 398 -22.69 -57.02 -7.21
CA ASP B 398 -21.90 -58.13 -6.71
C ASP B 398 -20.89 -58.60 -7.75
N ASP B 399 -21.38 -59.35 -8.75
CA ASP B 399 -20.54 -59.87 -9.81
C ASP B 399 -20.91 -59.35 -11.20
N PHE B 400 -22.08 -58.75 -11.37
CA PHE B 400 -22.53 -58.22 -12.65
C PHE B 400 -22.53 -56.71 -12.70
N ILE B 401 -21.72 -56.06 -11.85
CA ILE B 401 -21.59 -54.61 -11.81
C ILE B 401 -20.17 -54.24 -12.17
N ASP B 402 -20.02 -53.38 -13.18
CA ASP B 402 -18.72 -52.93 -13.66
C ASP B 402 -18.64 -51.42 -13.49
N LYS B 403 -17.56 -50.96 -12.85
CA LYS B 403 -17.35 -49.54 -12.59
C LYS B 403 -16.38 -48.91 -13.56
N HIS B 404 -15.99 -49.62 -14.62
CA HIS B 404 -15.02 -49.11 -15.59
C HIS B 404 -15.58 -49.10 -17.00
N ILE B 405 -16.91 -49.20 -17.16
CA ILE B 405 -17.51 -49.15 -18.48
C ILE B 405 -17.36 -47.77 -19.11
N ALA B 406 -17.16 -46.73 -18.30
CA ALA B 406 -17.02 -45.38 -18.85
C ALA B 406 -15.83 -45.30 -19.79
N GLU B 407 -14.71 -45.93 -19.42
CA GLU B 407 -13.54 -45.93 -20.29
C GLU B 407 -13.85 -46.61 -21.61
N LEU B 408 -14.54 -47.75 -21.58
CA LEU B 408 -14.83 -48.48 -22.81
C LEU B 408 -15.69 -47.64 -23.75
N ILE B 409 -16.73 -46.99 -23.21
CA ILE B 409 -17.60 -46.18 -24.04
C ILE B 409 -16.84 -44.96 -24.58
N PHE B 410 -16.03 -44.33 -23.73
CA PHE B 410 -15.32 -43.13 -24.15
C PHE B 410 -14.39 -43.41 -25.31
N TYR B 411 -13.66 -44.52 -25.27
CA TYR B 411 -12.74 -44.86 -26.35
C TYR B 411 -13.50 -45.31 -27.59
N MET B 412 -14.68 -45.90 -27.42
CA MET B 412 -15.53 -46.17 -28.58
C MET B 412 -15.94 -44.87 -29.27
N GLU B 413 -16.30 -43.85 -28.48
CA GLU B 413 -16.63 -42.56 -29.06
C GLU B 413 -15.41 -41.93 -29.73
N GLU B 414 -14.23 -42.08 -29.12
CA GLU B 414 -13.03 -41.52 -29.70
C GLU B 414 -12.74 -42.15 -31.07
N LEU B 415 -12.91 -43.47 -31.18
CA LEU B 415 -12.73 -44.12 -32.47
C LEU B 415 -13.75 -43.63 -33.48
N ARG B 416 -15.01 -43.45 -33.05
CA ARG B 416 -16.03 -42.92 -33.94
C ARG B 416 -15.67 -41.52 -34.43
N ALA B 417 -15.18 -40.68 -33.53
CA ALA B 417 -14.77 -39.33 -33.93
C ALA B 417 -13.61 -39.38 -34.92
N HIS B 418 -12.65 -40.27 -34.69
CA HIS B 418 -11.51 -40.38 -35.61
C HIS B 418 -11.97 -40.77 -37.00
N VAL B 419 -12.91 -41.72 -37.10
CA VAL B 419 -13.42 -42.13 -38.40
C VAL B 419 -14.13 -40.97 -39.08
N ARG B 420 -14.94 -40.22 -38.33
CA ARG B 420 -15.66 -39.09 -38.91
C ARG B 420 -14.70 -38.03 -39.41
N LYS B 421 -13.67 -37.71 -38.62
CA LYS B 421 -12.76 -36.63 -38.99
C LYS B 421 -11.81 -37.04 -40.10
N TYR B 422 -11.32 -38.27 -40.07
CA TYR B 422 -10.31 -38.77 -41.00
C TYR B 422 -10.90 -39.69 -42.05
N GLY B 423 -12.11 -39.38 -42.50
CA GLY B 423 -12.75 -40.14 -43.55
C GLY B 423 -12.06 -40.05 -44.90
N PRO B 424 -11.68 -38.82 -45.30
CA PRO B 424 -11.09 -38.67 -46.64
C PRO B 424 -9.85 -39.51 -46.88
N VAL B 425 -8.97 -39.66 -45.87
CA VAL B 425 -7.77 -40.46 -46.06
C VAL B 425 -8.14 -41.92 -46.29
N MET B 426 -9.14 -42.41 -45.55
CA MET B 426 -9.62 -43.77 -45.79
C MET B 426 -10.20 -43.91 -47.19
N GLN B 427 -10.95 -42.90 -47.64
CA GLN B 427 -11.53 -42.94 -48.98
C GLN B 427 -10.44 -42.99 -50.04
N ARG B 428 -9.40 -42.16 -49.89
CA ARG B 428 -8.33 -42.13 -50.88
C ARG B 428 -7.56 -43.44 -50.90
N TYR B 429 -7.34 -44.03 -49.72
CA TYR B 429 -6.57 -45.27 -49.66
C TYR B 429 -7.31 -46.41 -50.36
N TYR B 430 -8.63 -46.49 -50.19
CA TYR B 430 -9.37 -47.64 -50.71
C TYR B 430 -9.80 -47.44 -52.15
N VAL B 431 -10.01 -46.19 -52.59
CA VAL B 431 -10.27 -45.96 -54.00
C VAL B 431 -9.07 -46.36 -54.84
N GLN B 432 -7.86 -46.04 -54.36
CA GLN B 432 -6.65 -46.51 -55.02
C GLN B 432 -6.57 -48.03 -54.99
N TYR B 433 -6.95 -48.64 -53.86
CA TYR B 433 -6.93 -50.09 -53.74
C TYR B 433 -7.84 -50.74 -54.77
N LEU B 434 -9.07 -50.22 -54.90
CA LEU B 434 -10.02 -50.80 -55.83
C LEU B 434 -9.57 -50.62 -57.28
N SER B 435 -9.06 -49.44 -57.61
CA SER B 435 -8.70 -49.14 -59.00
C SER B 435 -7.44 -49.89 -59.42
N GLY B 436 -6.51 -50.12 -58.49
CA GLY B 436 -5.22 -50.68 -58.84
C GLY B 436 -5.13 -52.18 -58.68
N PHE B 437 -5.55 -52.70 -57.52
CA PHE B 437 -5.35 -54.11 -57.18
C PHE B 437 -6.60 -54.94 -57.45
N ASP B 438 -7.73 -54.57 -56.86
CA ASP B 438 -8.94 -55.39 -56.97
C ASP B 438 -9.41 -55.50 -58.42
N ALA B 439 -9.36 -54.38 -59.15
CA ALA B 439 -9.86 -54.39 -60.53
C ALA B 439 -9.07 -55.37 -61.40
N VAL B 440 -7.74 -55.35 -61.27
CA VAL B 440 -6.92 -56.25 -62.08
C VAL B 440 -7.14 -57.70 -61.67
N VAL B 441 -7.17 -57.96 -60.36
CA VAL B 441 -7.32 -59.34 -59.89
C VAL B 441 -8.69 -59.88 -60.30
N LEU B 442 -9.74 -59.06 -60.18
CA LEU B 442 -11.06 -59.52 -60.57
C LEU B 442 -11.14 -59.80 -62.06
N ASN B 443 -10.52 -58.94 -62.88
CA ASN B 443 -10.59 -59.12 -64.32
C ASN B 443 -9.93 -60.43 -64.75
N GLU B 444 -8.73 -60.70 -64.25
CA GLU B 444 -8.04 -61.94 -64.62
C GLU B 444 -8.77 -63.15 -64.07
N LEU B 445 -9.50 -63.01 -62.96
CA LEU B 445 -10.28 -64.11 -62.43
C LEU B 445 -11.48 -64.41 -63.33
N VAL B 446 -12.20 -63.37 -63.74
CA VAL B 446 -13.38 -63.57 -64.58
C VAL B 446 -12.98 -64.14 -65.93
N GLN B 447 -11.92 -63.60 -66.54
CA GLN B 447 -11.48 -64.08 -67.84
C GLN B 447 -11.04 -65.53 -67.81
N ASN B 448 -10.72 -66.07 -66.62
CA ASN B 448 -10.29 -67.45 -66.48
C ASN B 448 -11.44 -68.37 -66.07
N LEU B 449 -12.65 -68.06 -66.51
CA LEU B 449 -13.83 -68.86 -66.22
C LEU B 449 -14.20 -69.69 -67.45
N SER B 450 -14.69 -70.91 -67.19
CA SER B 450 -15.04 -71.81 -68.29
C SER B 450 -16.10 -71.19 -69.19
N VAL B 451 -17.21 -70.73 -68.61
CA VAL B 451 -18.26 -70.08 -69.37
C VAL B 451 -19.22 -69.41 -68.40
N CYS B 452 -19.85 -68.32 -68.83
CA CYS B 452 -20.82 -67.60 -68.02
C CYS B 452 -22.00 -67.19 -68.89
N PRO B 453 -23.20 -67.07 -68.32
CA PRO B 453 -24.33 -66.56 -69.09
C PRO B 453 -24.25 -65.05 -69.32
N GLU B 454 -25.28 -64.51 -69.97
CA GLU B 454 -25.33 -63.05 -70.22
C GLU B 454 -25.76 -62.36 -68.93
N ASP B 455 -26.72 -62.93 -68.20
CA ASP B 455 -27.22 -62.28 -66.98
C ASP B 455 -26.09 -62.16 -65.96
N GLU B 456 -25.35 -63.25 -65.75
CA GLU B 456 -24.20 -63.23 -64.80
C GLU B 456 -23.08 -62.34 -65.34
N SER B 457 -22.79 -62.42 -66.65
CA SER B 457 -21.67 -61.64 -67.22
C SER B 457 -21.93 -60.14 -67.15
N ILE B 458 -23.15 -59.70 -67.43
CA ILE B 458 -23.44 -58.24 -67.46
C ILE B 458 -23.18 -57.66 -66.08
N ILE B 459 -23.31 -58.46 -65.03
CA ILE B 459 -23.03 -57.97 -63.65
C ILE B 459 -21.52 -57.90 -63.39
N MET B 460 -20.76 -58.94 -63.75
CA MET B 460 -19.29 -58.96 -63.47
C MET B 460 -18.61 -57.84 -64.26
N SER B 461 -19.00 -57.70 -65.52
CA SER B 461 -18.35 -56.68 -66.37
C SER B 461 -18.63 -55.31 -65.77
N SER B 462 -19.87 -55.09 -65.31
CA SER B 462 -20.25 -53.80 -64.72
C SER B 462 -19.44 -53.54 -63.46
N PHE B 463 -19.24 -54.56 -62.62
CA PHE B 463 -18.40 -54.36 -61.42
C PHE B 463 -17.02 -53.92 -61.88
N VAL B 464 -16.37 -54.65 -62.79
CA VAL B 464 -14.97 -54.25 -63.17
C VAL B 464 -14.97 -52.80 -63.64
N ASN B 465 -15.89 -52.42 -64.54
CA ASN B 465 -15.88 -51.06 -65.13
C ASN B 465 -16.11 -49.96 -64.08
N THR B 466 -17.00 -50.17 -63.11
CA THR B 466 -17.23 -49.15 -62.05
C THR B 466 -15.95 -48.95 -61.23
N MET B 467 -15.25 -50.03 -60.89
CA MET B 467 -14.00 -49.93 -60.09
C MET B 467 -12.92 -49.18 -60.88
N THR B 468 -12.78 -49.44 -62.17
CA THR B 468 -11.75 -48.76 -63.00
C THR B 468 -12.02 -47.26 -63.08
N SER B 469 -13.28 -46.85 -63.23
CA SER B 469 -13.63 -45.42 -63.38
C SER B 469 -13.25 -44.62 -62.13
N LEU B 470 -13.38 -45.22 -60.94
CA LEU B 470 -13.11 -44.50 -59.67
C LEU B 470 -11.69 -43.93 -59.72
N SER B 471 -11.52 -42.67 -59.32
CA SER B 471 -10.18 -42.04 -59.29
C SER B 471 -10.05 -41.25 -57.99
N VAL B 472 -8.82 -40.94 -57.58
CA VAL B 472 -8.60 -40.17 -56.36
C VAL B 472 -9.02 -38.72 -56.56
N LYS B 473 -8.98 -38.23 -57.81
CA LYS B 473 -9.34 -36.84 -58.07
C LYS B 473 -10.76 -36.52 -57.64
N GLN B 474 -11.63 -37.53 -57.55
CA GLN B 474 -13.02 -37.30 -57.15
C GLN B 474 -13.19 -37.19 -55.64
N VAL B 475 -12.15 -37.46 -54.87
CA VAL B 475 -12.29 -37.44 -53.41
C VAL B 475 -12.07 -36.04 -52.87
N GLU B 476 -10.95 -35.39 -53.25
CA GLU B 476 -10.68 -34.05 -52.75
C GLU B 476 -11.67 -33.03 -53.28
N ASP B 477 -12.40 -33.35 -54.33
CA ASP B 477 -13.41 -32.45 -54.90
C ASP B 477 -14.73 -32.52 -54.15
N GLY B 478 -14.85 -33.38 -53.14
CA GLY B 478 -16.09 -33.50 -52.40
C GLY B 478 -17.14 -34.38 -53.03
N GLU B 479 -16.81 -35.10 -54.09
CA GLU B 479 -17.78 -35.95 -54.75
C GLU B 479 -18.29 -37.03 -53.80
N VAL B 480 -19.57 -37.34 -53.90
CA VAL B 480 -20.22 -38.36 -53.09
C VAL B 480 -20.56 -39.54 -53.99
N PHE B 481 -20.15 -40.74 -53.57
CA PHE B 481 -20.31 -41.93 -54.38
C PHE B 481 -21.63 -42.64 -54.02
N ASP B 482 -21.93 -43.70 -54.77
CA ASP B 482 -23.12 -44.51 -54.52
C ASP B 482 -22.82 -45.91 -55.03
N PHE B 483 -22.45 -46.81 -54.10
CA PHE B 483 -22.09 -48.18 -54.44
C PHE B 483 -23.21 -49.17 -54.11
N ARG B 484 -24.42 -48.67 -53.85
CA ARG B 484 -25.53 -49.57 -53.57
C ARG B 484 -25.83 -50.49 -54.76
N GLY B 485 -25.62 -50.00 -55.98
CA GLY B 485 -25.84 -50.83 -57.15
C GLY B 485 -24.94 -52.05 -57.16
N MET B 486 -23.66 -51.86 -56.85
CA MET B 486 -22.73 -52.99 -56.83
C MET B 486 -23.12 -53.99 -55.75
N ARG B 487 -23.48 -53.51 -54.57
CA ARG B 487 -23.84 -54.41 -53.48
C ARG B 487 -25.08 -55.22 -53.83
N LEU B 488 -26.10 -54.57 -54.38
CA LEU B 488 -27.30 -55.30 -54.78
C LEU B 488 -27.01 -56.27 -55.91
N ASP B 489 -26.20 -55.85 -56.89
CA ASP B 489 -25.87 -56.74 -58.00
C ASP B 489 -25.13 -57.97 -57.52
N TRP B 490 -24.18 -57.79 -56.60
CA TRP B 490 -23.49 -58.94 -56.01
C TRP B 490 -24.46 -59.83 -55.25
N PHE B 491 -25.39 -59.22 -54.51
CA PHE B 491 -26.39 -59.99 -53.78
C PHE B 491 -27.26 -60.79 -54.74
N ARG B 492 -27.67 -60.17 -55.86
CA ARG B 492 -28.41 -60.91 -56.86
C ARG B 492 -27.58 -62.04 -57.46
N LEU B 493 -26.30 -61.78 -57.72
CA LEU B 493 -25.43 -62.81 -58.28
C LEU B 493 -25.30 -63.99 -57.33
N GLN B 494 -25.21 -63.72 -56.02
CA GLN B 494 -25.16 -64.80 -55.05
C GLN B 494 -26.40 -65.68 -55.14
N ALA B 495 -27.58 -65.05 -55.22
CA ALA B 495 -28.82 -65.82 -55.31
C ALA B 495 -28.86 -66.64 -56.59
N TYR B 496 -28.45 -66.05 -57.71
CA TYR B 496 -28.53 -66.75 -58.99
C TYR B 496 -27.64 -67.98 -58.99
N THR B 497 -26.42 -67.87 -58.45
CA THR B 497 -25.47 -68.96 -58.50
C THR B 497 -25.63 -69.94 -57.35
N SER B 498 -26.34 -69.57 -56.28
CA SER B 498 -26.49 -70.44 -55.13
C SER B 498 -27.55 -71.51 -55.31
N VAL B 499 -28.43 -71.38 -56.31
CA VAL B 499 -29.49 -72.34 -56.54
C VAL B 499 -28.94 -73.52 -57.32
N SER B 500 -29.70 -74.61 -57.37
CA SER B 500 -29.29 -75.80 -58.10
C SER B 500 -29.53 -75.59 -59.60
N LYS B 501 -29.15 -76.59 -60.39
CA LYS B 501 -29.26 -76.55 -61.85
C LYS B 501 -28.84 -75.19 -62.38
N ALA B 502 -27.69 -74.72 -61.91
CA ALA B 502 -27.11 -73.45 -62.32
C ALA B 502 -25.82 -73.70 -63.09
N SER B 503 -25.64 -72.97 -64.19
CA SER B 503 -24.46 -73.18 -65.03
C SER B 503 -23.18 -72.85 -64.26
N LEU B 504 -23.17 -71.74 -63.54
CA LEU B 504 -21.99 -71.26 -62.81
C LEU B 504 -22.26 -71.44 -61.32
N GLY B 505 -21.89 -72.61 -60.80
CA GLY B 505 -22.07 -72.88 -59.40
C GLY B 505 -21.08 -72.11 -58.54
N LEU B 506 -21.60 -71.50 -57.47
CA LEU B 506 -20.75 -70.74 -56.56
C LEU B 506 -19.92 -71.66 -55.67
N ALA B 507 -20.37 -72.89 -55.45
CA ALA B 507 -19.62 -73.81 -54.60
C ALA B 507 -18.25 -74.13 -55.18
N ASP B 508 -18.16 -74.26 -56.50
CA ASP B 508 -16.90 -74.57 -57.18
C ASP B 508 -16.04 -73.33 -57.38
N HIS B 509 -16.52 -72.16 -57.02
CA HIS B 509 -15.80 -70.90 -57.19
C HIS B 509 -15.80 -70.12 -55.87
N ARG B 510 -15.44 -70.81 -54.79
CA ARG B 510 -15.48 -70.19 -53.47
C ARG B 510 -14.55 -68.98 -53.39
N GLU B 511 -13.36 -69.09 -53.97
CA GLU B 511 -12.41 -67.97 -53.90
C GLU B 511 -12.99 -66.72 -54.54
N LEU B 512 -13.80 -66.88 -55.58
CA LEU B 512 -14.46 -65.72 -56.20
C LEU B 512 -15.38 -65.03 -55.20
N GLY B 513 -16.15 -65.80 -54.44
CA GLY B 513 -17.04 -65.19 -53.47
C GLY B 513 -16.30 -64.42 -52.40
N LYS B 514 -15.19 -64.99 -51.91
CA LYS B 514 -14.39 -64.30 -50.92
C LYS B 514 -13.82 -62.99 -51.48
N MET B 515 -13.35 -63.02 -52.72
CA MET B 515 -12.81 -61.82 -53.34
C MET B 515 -13.87 -60.72 -53.43
N MET B 516 -15.07 -61.09 -53.87
CA MET B 516 -16.15 -60.10 -54.00
C MET B 516 -16.53 -59.55 -52.63
N ASN B 517 -16.56 -60.40 -51.60
CA ASN B 517 -16.91 -59.93 -50.26
C ASN B 517 -15.91 -58.88 -49.78
N THR B 518 -14.62 -59.12 -50.01
CA THR B 518 -13.61 -58.13 -49.64
C THR B 518 -13.81 -56.84 -50.41
N ILE B 519 -14.11 -56.93 -51.70
CA ILE B 519 -14.35 -55.73 -52.49
C ILE B 519 -15.58 -54.99 -51.97
N ILE B 520 -16.64 -55.73 -51.65
CA ILE B 520 -17.85 -55.10 -51.13
C ILE B 520 -17.55 -54.36 -49.83
N PHE B 521 -16.72 -54.96 -48.97
CA PHE B 521 -16.33 -54.29 -47.74
C PHE B 521 -15.57 -53.00 -48.03
N HIS B 522 -14.68 -53.04 -49.03
CA HIS B 522 -13.96 -51.83 -49.41
C HIS B 522 -14.91 -50.74 -49.87
N THR B 523 -15.90 -51.11 -50.70
CA THR B 523 -16.89 -50.14 -51.14
C THR B 523 -17.71 -49.62 -49.96
N LYS B 524 -18.06 -50.52 -49.03
CA LYS B 524 -18.82 -50.11 -47.85
C LYS B 524 -18.07 -49.07 -47.04
N MET B 525 -16.77 -49.29 -46.84
CA MET B 525 -15.95 -48.33 -46.10
C MET B 525 -15.85 -47.01 -46.84
N VAL B 526 -15.68 -47.07 -48.16
CA VAL B 526 -15.48 -45.85 -48.94
C VAL B 526 -16.72 -44.97 -48.90
N ASP B 527 -17.91 -45.56 -49.04
CA ASP B 527 -19.13 -44.81 -49.24
C ASP B 527 -20.08 -44.82 -48.05
N SER B 528 -19.97 -45.79 -47.15
CA SER B 528 -20.95 -45.99 -46.08
C SER B 528 -20.27 -46.01 -44.72
N LEU B 529 -19.41 -45.02 -44.47
CA LEU B 529 -18.74 -44.94 -43.17
C LEU B 529 -19.76 -44.79 -42.04
N VAL B 530 -20.76 -43.93 -42.22
CA VAL B 530 -21.75 -43.71 -41.17
C VAL B 530 -22.56 -44.98 -40.93
N GLU B 531 -22.95 -45.67 -42.00
CA GLU B 531 -23.71 -46.90 -41.84
C GLU B 531 -22.90 -47.97 -41.11
N MET B 532 -21.62 -48.08 -41.43
CA MET B 532 -20.76 -49.04 -40.74
C MET B 532 -20.62 -48.70 -39.26
N LEU B 533 -20.45 -47.41 -38.95
CA LEU B 533 -20.27 -47.02 -37.56
C LEU B 533 -21.50 -47.33 -36.73
N VAL B 534 -22.70 -47.05 -37.25
CA VAL B 534 -23.91 -47.27 -36.48
C VAL B 534 -24.18 -48.75 -36.30
N GLU B 535 -23.94 -49.55 -37.34
CA GLU B 535 -24.22 -50.99 -37.27
C GLU B 535 -23.15 -51.77 -36.52
N THR B 536 -22.02 -51.14 -36.18
CA THR B 536 -20.96 -51.78 -35.43
C THR B 536 -20.97 -51.43 -33.96
N SER B 537 -21.34 -50.19 -33.62
CA SER B 537 -21.32 -49.70 -32.25
C SER B 537 -22.66 -49.06 -31.89
N ASP B 538 -23.75 -49.74 -32.24
CA ASP B 538 -25.07 -49.26 -31.86
C ASP B 538 -25.26 -49.39 -30.36
N LEU B 539 -25.64 -48.30 -29.71
CA LEU B 539 -25.86 -48.29 -28.27
C LEU B 539 -27.12 -47.52 -27.94
N SER B 540 -28.12 -47.59 -28.82
CA SER B 540 -29.42 -46.98 -28.57
C SER B 540 -30.21 -47.73 -27.50
N ILE B 541 -29.75 -48.91 -27.09
CA ILE B 541 -30.45 -49.69 -26.08
C ILE B 541 -30.50 -48.95 -24.74
N PHE B 542 -29.56 -48.03 -24.51
CA PHE B 542 -29.54 -47.32 -23.23
C PHE B 542 -30.80 -46.50 -23.01
N CYS B 543 -31.49 -46.10 -24.10
CA CYS B 543 -32.73 -45.37 -23.96
C CYS B 543 -33.80 -46.18 -23.25
N PHE B 544 -33.72 -47.51 -23.30
CA PHE B 544 -34.69 -48.39 -22.68
C PHE B 544 -34.15 -49.04 -21.41
N TYR B 545 -33.00 -48.60 -20.94
CA TYR B 545 -32.40 -49.05 -19.68
C TYR B 545 -31.92 -47.86 -18.87
N SER B 546 -32.79 -46.86 -18.73
CA SER B 546 -32.41 -45.61 -18.11
C SER B 546 -31.91 -45.81 -16.68
N ARG B 547 -32.54 -46.72 -15.93
CA ARG B 547 -32.12 -46.93 -14.54
C ARG B 547 -30.66 -47.30 -14.45
N ALA B 548 -30.22 -48.29 -15.25
CA ALA B 548 -28.81 -48.65 -15.27
C ALA B 548 -27.97 -47.53 -15.86
N PHE B 549 -28.51 -46.80 -16.84
CA PHE B 549 -27.78 -45.70 -17.45
C PHE B 549 -27.47 -44.63 -16.40
N GLU B 550 -28.45 -44.28 -15.57
CA GLU B 550 -28.23 -43.28 -14.54
C GLU B 550 -27.31 -43.80 -13.44
N LYS B 551 -27.51 -45.05 -13.03
CA LYS B 551 -26.69 -45.61 -11.96
C LYS B 551 -25.21 -45.64 -12.35
N MET B 552 -24.92 -46.04 -13.59
CA MET B 552 -23.53 -46.06 -14.04
C MET B 552 -22.95 -44.65 -14.05
N PHE B 553 -23.73 -43.67 -14.49
CA PHE B 553 -23.25 -42.28 -14.49
C PHE B 553 -22.95 -41.82 -13.07
N GLN B 554 -23.82 -42.14 -12.12
CA GLN B 554 -23.59 -41.76 -10.73
C GLN B 554 -22.32 -42.40 -10.18
N GLN B 555 -22.12 -43.69 -10.47
CA GLN B 555 -20.92 -44.37 -10.02
C GLN B 555 -19.68 -43.76 -10.65
N CYS B 556 -19.75 -43.42 -11.94
CA CYS B 556 -18.61 -42.81 -12.61
C CYS B 556 -18.22 -41.49 -11.95
N LEU B 557 -19.20 -40.65 -11.63
CA LEU B 557 -18.91 -39.39 -10.96
C LEU B 557 -18.32 -39.62 -9.58
N GLU B 558 -18.83 -40.62 -8.85
CA GLU B 558 -18.34 -40.88 -7.50
C GLU B 558 -16.86 -41.25 -7.51
N LEU B 559 -16.45 -42.09 -8.46
CA LEU B 559 -15.05 -42.51 -8.54
C LEU B 559 -14.24 -41.46 -9.26
N PRO B 560 -13.26 -40.81 -8.61
CA PRO B 560 -12.50 -39.77 -9.31
C PRO B 560 -11.77 -40.27 -10.55
N SER B 561 -11.29 -41.51 -10.52
CA SER B 561 -10.47 -42.01 -11.62
C SER B 561 -11.24 -42.02 -12.94
N GLN B 562 -12.51 -42.44 -12.89
CA GLN B 562 -13.32 -42.55 -14.09
C GLN B 562 -14.03 -41.25 -14.46
N SER B 563 -13.92 -40.21 -13.63
CA SER B 563 -14.57 -38.95 -13.95
C SER B 563 -14.10 -38.37 -15.27
N ARG B 564 -12.91 -38.76 -15.74
CA ARG B 564 -12.42 -38.27 -17.02
C ARG B 564 -13.28 -38.74 -18.19
N TYR B 565 -14.03 -39.84 -18.00
CA TYR B 565 -14.80 -40.47 -19.08
C TYR B 565 -16.29 -40.35 -18.84
N SER B 566 -16.73 -39.31 -18.13
CA SER B 566 -18.14 -39.08 -17.89
C SER B 566 -18.84 -38.41 -19.05
N ILE B 567 -18.10 -37.85 -20.01
CA ILE B 567 -18.71 -37.23 -21.18
C ILE B 567 -19.23 -38.26 -22.17
N ALA B 568 -18.90 -39.53 -21.98
CA ALA B 568 -19.39 -40.57 -22.88
C ALA B 568 -20.90 -40.70 -22.80
N PHE B 569 -21.47 -40.59 -21.61
CA PHE B 569 -22.91 -40.77 -21.44
C PHE B 569 -23.71 -39.77 -22.27
N PRO B 570 -23.46 -38.46 -22.19
CA PRO B 570 -24.19 -37.54 -23.09
C PRO B 570 -23.95 -37.84 -24.55
N LEU B 571 -22.75 -38.27 -24.91
CA LEU B 571 -22.47 -38.65 -26.29
C LEU B 571 -23.33 -39.84 -26.72
N LEU B 572 -23.54 -40.79 -25.80
CA LEU B 572 -24.38 -41.94 -26.12
C LEU B 572 -25.82 -41.52 -26.41
N CYS B 573 -26.28 -40.44 -25.79
CA CYS B 573 -27.64 -39.97 -26.03
C CYS B 573 -27.87 -39.59 -27.49
N THR B 574 -26.79 -39.28 -28.22
CA THR B 574 -26.92 -38.96 -29.63
C THR B 574 -27.35 -40.17 -30.46
N HIS B 575 -27.08 -41.38 -29.98
CA HIS B 575 -27.44 -42.59 -30.71
C HIS B 575 -28.88 -43.01 -30.50
N PHE B 576 -29.61 -42.35 -29.60
CA PHE B 576 -30.97 -42.77 -29.28
C PHE B 576 -31.90 -42.65 -30.48
N MET B 577 -31.55 -41.86 -31.49
CA MET B 577 -32.40 -41.68 -32.66
C MET B 577 -32.13 -42.71 -33.75
N SER B 578 -31.19 -43.64 -33.53
CA SER B 578 -30.88 -44.65 -34.53
C SER B 578 -31.77 -45.88 -34.43
N CYS B 579 -32.58 -46.00 -33.38
CA CYS B 579 -33.49 -47.13 -33.23
C CYS B 579 -34.88 -46.83 -33.78
N THR B 580 -35.10 -45.65 -34.35
CA THR B 580 -36.40 -45.29 -34.89
C THR B 580 -36.54 -45.83 -36.31
N HIS B 581 -37.75 -46.25 -36.65
CA HIS B 581 -38.07 -46.78 -37.97
C HIS B 581 -39.17 -45.95 -38.60
N GLU B 582 -39.09 -45.77 -39.92
CA GLU B 582 -40.09 -44.97 -40.63
C GLU B 582 -41.49 -45.56 -40.49
N LEU B 583 -41.59 -46.86 -40.20
CA LEU B 583 -42.90 -47.49 -40.08
C LEU B 583 -43.62 -47.05 -38.80
N CYS B 584 -42.89 -46.86 -37.71
CA CYS B 584 -43.53 -46.46 -36.44
C CYS B 584 -43.19 -45.01 -36.13
N PRO B 585 -43.82 -44.01 -36.79
CA PRO B 585 -43.46 -42.62 -36.60
C PRO B 585 -43.91 -42.04 -35.24
N GLU B 586 -44.88 -42.65 -34.58
CA GLU B 586 -45.41 -42.13 -33.29
C GLU B 586 -44.33 -42.14 -32.22
N GLU B 587 -43.52 -43.20 -32.18
CA GLU B 587 -42.46 -43.36 -31.14
C GLU B 587 -41.36 -42.31 -31.26
N ARG B 588 -41.13 -41.74 -32.44
CA ARG B 588 -39.97 -40.84 -32.64
C ARG B 588 -39.99 -39.64 -31.69
N HIS B 589 -41.12 -38.97 -31.51
CA HIS B 589 -41.09 -37.76 -30.65
C HIS B 589 -40.74 -38.14 -29.21
N HIS B 590 -41.31 -39.22 -28.68
CA HIS B 590 -41.06 -39.58 -27.26
C HIS B 590 -39.60 -39.94 -27.02
N ILE B 591 -39.00 -40.74 -27.91
CA ILE B 591 -37.55 -41.12 -27.79
C ILE B 591 -36.69 -39.87 -27.98
N GLY B 592 -37.06 -39.01 -28.93
CA GLY B 592 -36.30 -37.76 -29.15
C GLY B 592 -36.33 -36.84 -27.95
N ASP B 593 -37.48 -36.70 -27.30
CA ASP B 593 -37.60 -35.86 -26.09
C ASP B 593 -36.76 -36.45 -24.95
N ARG B 594 -36.76 -37.77 -24.80
CA ARG B 594 -36.01 -38.42 -23.69
C ARG B 594 -34.52 -38.13 -23.86
N SER B 595 -34.03 -38.10 -25.10
CA SER B 595 -32.58 -37.85 -25.35
C SER B 595 -32.19 -36.46 -24.87
N LEU B 596 -33.03 -35.45 -25.12
CA LEU B 596 -32.69 -34.06 -24.73
C LEU B 596 -32.64 -33.94 -23.19
N SER B 597 -33.53 -34.62 -22.48
CA SER B 597 -33.58 -34.51 -20.99
C SER B 597 -32.32 -35.10 -20.34
N LEU B 598 -31.96 -36.33 -20.67
CA LEU B 598 -30.81 -37.03 -20.10
C LEU B 598 -29.53 -36.24 -20.34
N CYS B 599 -29.36 -35.69 -21.55
CA CYS B 599 -28.15 -34.92 -21.84
C CYS B 599 -28.05 -33.70 -20.93
N ASN B 600 -29.15 -32.97 -20.77
CA ASN B 600 -29.13 -31.80 -19.91
C ASN B 600 -28.85 -32.18 -18.47
N MET B 601 -29.44 -33.28 -17.99
CA MET B 601 -29.24 -33.70 -16.62
C MET B 601 -27.78 -34.06 -16.36
N PHE B 602 -27.15 -34.79 -17.28
CA PHE B 602 -25.76 -35.18 -17.10
C PHE B 602 -24.85 -33.96 -17.02
N LEU B 603 -25.05 -33.00 -17.93
CA LEU B 603 -24.23 -31.79 -17.92
C LEU B 603 -24.44 -31.01 -16.62
N ASP B 604 -25.69 -30.90 -16.17
CA ASP B 604 -25.97 -30.19 -14.93
C ASP B 604 -25.28 -30.87 -13.75
N GLU B 605 -25.35 -32.19 -13.68
CA GLU B 605 -24.71 -32.92 -12.58
C GLU B 605 -23.21 -32.73 -12.61
N MET B 606 -22.60 -32.81 -13.80
CA MET B 606 -21.16 -32.61 -13.91
C MET B 606 -20.77 -31.21 -13.44
N ALA B 607 -21.54 -30.19 -13.83
CA ALA B 607 -21.29 -28.84 -13.36
C ALA B 607 -21.46 -28.75 -11.85
N LYS B 608 -22.49 -29.41 -11.32
CA LYS B 608 -22.72 -29.39 -9.87
C LYS B 608 -21.54 -29.97 -9.12
N GLN B 609 -21.01 -31.10 -9.60
CA GLN B 609 -19.85 -31.70 -8.96
C GLN B 609 -18.64 -30.78 -9.05
N ALA B 610 -18.45 -30.13 -10.20
CA ALA B 610 -17.30 -29.24 -10.38
C ALA B 610 -17.34 -28.10 -9.38
N ARG B 611 -18.48 -27.41 -9.28
CA ARG B 611 -18.58 -26.28 -8.37
C ARG B 611 -18.45 -26.71 -6.91
N ASN B 612 -18.89 -27.93 -6.59
CA ASN B 612 -18.70 -28.44 -5.24
C ASN B 612 -17.23 -28.59 -4.90
N LEU B 613 -16.44 -29.11 -5.85
CA LEU B 613 -15.00 -29.18 -5.65
C LEU B 613 -14.38 -27.79 -5.57
N ILE B 614 -14.92 -26.85 -6.34
CA ILE B 614 -14.43 -25.47 -6.30
C ILE B 614 -14.60 -24.90 -4.90
N THR B 615 -15.77 -25.10 -4.30
CA THR B 615 -16.03 -24.56 -2.96
C THR B 615 -15.07 -25.15 -1.94
N ASP B 616 -14.85 -26.47 -2.01
CA ASP B 616 -13.96 -27.11 -1.06
C ASP B 616 -12.52 -26.61 -1.23
N ILE B 617 -12.06 -26.47 -2.47
CA ILE B 617 -10.71 -25.98 -2.71
C ILE B 617 -10.58 -24.54 -2.23
N CYS B 618 -11.57 -23.70 -2.56
CA CYS B 618 -11.52 -22.31 -2.12
C CYS B 618 -11.59 -22.20 -0.60
N THR B 619 -12.37 -23.07 0.04
CA THR B 619 -12.45 -23.07 1.50
C THR B 619 -11.09 -23.36 2.11
N GLU B 620 -10.38 -24.36 1.57
CA GLU B 620 -9.05 -24.67 2.08
C GLU B 620 -8.08 -23.53 1.82
N GLN B 621 -8.16 -22.91 0.64
CA GLN B 621 -7.28 -21.78 0.33
C GLN B 621 -7.53 -20.62 1.29
N CYS B 622 -8.80 -20.33 1.57
CA CYS B 622 -9.10 -19.24 2.51
C CYS B 622 -8.55 -19.55 3.89
N THR B 623 -8.65 -20.80 4.33
CA THR B 623 -8.09 -21.19 5.62
C THR B 623 -6.59 -20.97 5.65
N LEU B 624 -5.90 -21.34 4.58
CA LEU B 624 -4.46 -21.15 4.52
C LEU B 624 -4.10 -19.67 4.57
N SER B 625 -4.84 -18.83 3.84
CA SER B 625 -4.55 -17.40 3.83
C SER B 625 -4.86 -16.76 5.17
N ASP B 626 -5.80 -17.32 5.93
CA ASP B 626 -6.15 -16.76 7.23
C ASP B 626 -4.96 -16.79 8.18
N GLN B 627 -4.10 -17.80 8.06
CA GLN B 627 -2.97 -17.92 8.97
C GLN B 627 -1.92 -16.83 8.77
N LEU B 628 -1.99 -16.09 7.66
CA LEU B 628 -1.02 -15.04 7.38
C LEU B 628 -1.44 -13.68 7.93
N LEU B 629 -2.58 -13.60 8.61
CA LEU B 629 -3.04 -12.32 9.13
C LEU B 629 -2.16 -11.86 10.28
N PRO B 630 -2.06 -10.56 10.52
CA PRO B 630 -1.18 -10.07 11.60
C PRO B 630 -1.59 -10.52 12.98
N LYS B 631 -2.84 -10.89 13.18
CA LYS B 631 -3.34 -11.19 14.53
C LYS B 631 -2.74 -12.45 15.13
N HIS B 632 -2.07 -13.29 14.34
CA HIS B 632 -1.48 -14.52 14.84
C HIS B 632 -0.08 -14.33 15.38
N CYS B 633 0.51 -13.14 15.24
CA CYS B 633 1.87 -12.88 15.68
C CYS B 633 1.94 -12.15 17.02
N ALA B 634 0.82 -12.05 17.74
CA ALA B 634 0.83 -11.39 19.04
C ALA B 634 1.73 -12.14 20.02
N LYS B 635 1.67 -13.47 20.01
CA LYS B 635 2.49 -14.25 20.94
C LYS B 635 3.97 -14.02 20.69
N THR B 636 4.39 -13.99 19.43
CA THR B 636 5.79 -13.77 19.12
C THR B 636 6.24 -12.40 19.60
N ILE B 637 5.43 -11.36 19.40
CA ILE B 637 5.78 -10.02 19.86
C ILE B 637 5.90 -10.00 21.37
N SER B 638 4.95 -10.62 22.07
CA SER B 638 4.98 -10.63 23.53
C SER B 638 6.24 -11.34 24.05
N GLN B 639 6.58 -12.48 23.44
CA GLN B 639 7.77 -13.21 23.88
C GLN B 639 9.03 -12.38 23.67
N ALA B 640 9.14 -11.72 22.52
CA ALA B 640 10.33 -10.91 22.25
C ALA B 640 10.44 -9.75 23.23
N VAL B 641 9.32 -9.07 23.50
CA VAL B 641 9.35 -7.92 24.40
C VAL B 641 9.68 -8.37 25.82
N ASN B 642 9.04 -9.44 26.28
CA ASN B 642 9.26 -9.91 27.64
C ASN B 642 10.69 -10.37 27.84
N LYS B 643 11.24 -11.09 26.88
CA LYS B 643 12.60 -11.62 27.00
C LYS B 643 13.18 -11.97 25.63
N GLU B 658 3.55 -26.23 11.74
CA GLU B 658 2.77 -25.19 12.39
C GLU B 658 2.80 -23.90 11.58
N LYS B 659 3.99 -23.34 11.42
CA LYS B 659 4.13 -22.09 10.67
C LYS B 659 3.87 -22.32 9.19
N PRO B 660 3.52 -21.26 8.45
CA PRO B 660 3.23 -21.42 7.02
C PRO B 660 4.43 -21.96 6.26
N GLY B 661 4.14 -22.74 5.23
CA GLY B 661 5.15 -23.32 4.36
C GLY B 661 5.47 -24.77 4.66
N VAL B 662 5.11 -25.27 5.84
CA VAL B 662 5.38 -26.67 6.16
C VAL B 662 4.35 -27.58 5.50
N GLU B 663 3.13 -27.10 5.30
CA GLU B 663 2.09 -27.92 4.69
C GLU B 663 2.37 -28.20 3.22
N SER B 664 3.20 -27.40 2.58
CA SER B 664 3.54 -27.58 1.17
C SER B 664 4.78 -28.44 0.98
N MET B 665 5.37 -28.95 2.05
CA MET B 665 6.55 -29.81 1.95
C MET B 665 6.12 -31.26 1.76
N ARG B 666 6.63 -31.89 0.70
CA ARG B 666 6.25 -33.26 0.33
C ARG B 666 7.41 -34.18 0.68
N LYS B 667 7.34 -34.81 1.84
CA LYS B 667 8.33 -35.84 2.18
C LYS B 667 8.23 -37.03 1.23
N ASN B 668 7.01 -37.46 0.94
CA ASN B 668 6.77 -38.55 0.02
C ASN B 668 5.42 -38.35 -0.65
N ARG B 669 5.24 -39.00 -1.79
CA ARG B 669 4.01 -38.88 -2.57
C ARG B 669 2.94 -39.87 -2.13
N LEU B 670 3.28 -40.88 -1.33
CA LEU B 670 2.27 -41.85 -0.91
C LEU B 670 1.22 -41.22 -0.01
N VAL B 671 1.59 -40.20 0.76
CA VAL B 671 0.64 -39.50 1.60
C VAL B 671 -0.21 -38.58 0.75
N VAL B 672 -1.53 -38.68 0.90
CA VAL B 672 -2.47 -37.89 0.11
C VAL B 672 -3.29 -37.04 1.07
N THR B 673 -3.33 -35.73 0.81
CA THR B 673 -4.07 -34.80 1.63
C THR B 673 -5.46 -34.57 1.02
N ASN B 674 -6.20 -33.61 1.55
CA ASN B 674 -7.49 -33.26 0.97
C ASN B 674 -7.33 -32.37 -0.26
N LEU B 675 -6.33 -31.48 -0.24
CA LEU B 675 -6.17 -30.54 -1.35
C LEU B 675 -5.80 -31.27 -2.64
N ASP B 676 -4.79 -32.15 -2.58
CA ASP B 676 -4.37 -32.86 -3.79
C ASP B 676 -5.47 -33.78 -4.30
N LYS B 677 -6.19 -34.44 -3.38
CA LYS B 677 -7.30 -35.31 -3.81
C LYS B 677 -8.36 -34.51 -4.56
N LEU B 678 -8.76 -33.36 -4.02
CA LEU B 678 -9.71 -32.52 -4.70
C LEU B 678 -9.12 -31.97 -6.01
N HIS B 679 -7.85 -31.61 -5.99
CA HIS B 679 -7.20 -31.09 -7.19
C HIS B 679 -7.21 -32.15 -8.31
N THR B 680 -6.90 -33.39 -7.96
CA THR B 680 -6.89 -34.45 -8.97
C THR B 680 -8.29 -34.69 -9.52
N ALA B 681 -9.29 -34.74 -8.65
CA ALA B 681 -10.66 -34.96 -9.10
C ALA B 681 -11.14 -33.82 -9.99
N LEU B 682 -10.83 -32.57 -9.59
CA LEU B 682 -11.26 -31.43 -10.38
C LEU B 682 -10.61 -31.44 -11.77
N SER B 683 -9.32 -31.74 -11.82
CA SER B 683 -8.62 -31.79 -13.11
C SER B 683 -9.23 -32.86 -14.01
N GLU B 684 -9.53 -34.03 -13.46
CA GLU B 684 -10.13 -35.09 -14.24
C GLU B 684 -11.49 -34.67 -14.78
N LEU B 685 -12.32 -34.05 -13.94
CA LEU B 685 -13.64 -33.61 -14.37
C LEU B 685 -13.53 -32.52 -15.42
N CYS B 686 -12.61 -31.57 -15.25
CA CYS B 686 -12.46 -30.50 -16.21
C CYS B 686 -12.04 -31.04 -17.57
N PHE B 687 -11.16 -32.03 -17.59
CA PHE B 687 -10.74 -32.62 -18.86
C PHE B 687 -11.92 -33.23 -19.60
N SER B 688 -12.79 -33.93 -18.87
CA SER B 688 -13.97 -34.52 -19.51
C SER B 688 -14.87 -33.45 -20.09
N ILE B 689 -15.07 -32.35 -19.36
CA ILE B 689 -15.94 -31.27 -19.84
C ILE B 689 -15.37 -30.66 -21.11
N ASN B 690 -14.05 -30.43 -21.14
CA ASN B 690 -13.40 -29.77 -22.26
C ASN B 690 -13.09 -30.72 -23.42
N TYR B 691 -13.37 -32.02 -23.28
CA TYR B 691 -13.05 -32.95 -24.34
C TYR B 691 -13.82 -32.63 -25.62
N VAL B 692 -15.10 -32.31 -25.49
CA VAL B 692 -15.98 -32.02 -26.61
C VAL B 692 -16.30 -30.53 -26.59
N PRO B 693 -15.98 -29.78 -27.65
CA PRO B 693 -16.41 -28.37 -27.67
C PRO B 693 -17.91 -28.23 -27.80
N ASN B 694 -18.55 -29.02 -28.67
CA ASN B 694 -20.00 -28.98 -28.83
C ASN B 694 -20.46 -30.33 -29.33
N MET B 695 -21.74 -30.62 -29.08
CA MET B 695 -22.36 -31.86 -29.52
C MET B 695 -23.79 -31.57 -29.97
N VAL B 696 -24.30 -32.41 -30.85
CA VAL B 696 -25.62 -32.25 -31.45
C VAL B 696 -26.47 -33.46 -31.08
N VAL B 697 -27.64 -33.20 -30.50
CA VAL B 697 -28.61 -34.23 -30.17
C VAL B 697 -29.97 -33.80 -30.71
N TRP B 698 -30.52 -34.57 -31.65
CA TRP B 698 -31.81 -34.26 -32.26
C TRP B 698 -31.81 -32.83 -32.80
N GLU B 699 -30.71 -32.45 -33.45
CA GLU B 699 -30.52 -31.13 -34.03
C GLU B 699 -30.42 -30.02 -32.99
N HIS B 700 -30.09 -30.37 -31.74
CA HIS B 700 -29.90 -29.39 -30.68
C HIS B 700 -28.42 -29.37 -30.29
N THR B 701 -27.82 -28.19 -30.34
CA THR B 701 -26.41 -28.02 -30.00
C THR B 701 -26.27 -27.79 -28.50
N PHE B 702 -25.38 -28.55 -27.86
CA PHE B 702 -25.14 -28.46 -26.43
C PHE B 702 -23.71 -28.01 -26.19
N THR B 703 -23.54 -27.06 -25.26
CA THR B 703 -22.22 -26.54 -24.89
C THR B 703 -22.00 -26.80 -23.40
N PRO B 704 -21.30 -27.88 -23.04
CA PRO B 704 -21.18 -28.21 -21.60
C PRO B 704 -20.50 -27.13 -20.77
N ARG B 705 -19.52 -26.41 -21.33
CA ARG B 705 -18.79 -25.45 -20.53
C ARG B 705 -19.69 -24.31 -20.04
N GLU B 706 -20.77 -24.03 -20.76
CA GLU B 706 -21.71 -23.01 -20.30
C GLU B 706 -22.39 -23.43 -19.02
N TYR B 707 -22.63 -24.73 -18.84
CA TYR B 707 -23.23 -25.21 -17.61
C TYR B 707 -22.33 -24.91 -16.41
N LEU B 708 -21.03 -25.17 -16.56
CA LEU B 708 -20.09 -24.89 -15.48
C LEU B 708 -20.00 -23.38 -15.23
N THR B 709 -19.98 -22.59 -16.29
CA THR B 709 -19.84 -21.14 -16.13
C THR B 709 -21.01 -20.56 -15.35
N SER B 710 -22.23 -20.97 -15.70
CA SER B 710 -23.41 -20.46 -15.00
C SER B 710 -23.40 -20.89 -13.54
N HIS B 711 -23.06 -22.16 -13.27
CA HIS B 711 -23.03 -22.65 -11.90
C HIS B 711 -21.99 -21.90 -11.07
N LEU B 712 -20.81 -21.64 -11.67
CA LEU B 712 -19.78 -20.91 -10.95
C LEU B 712 -20.25 -19.51 -10.58
N GLU B 713 -20.95 -18.84 -11.50
CA GLU B 713 -21.45 -17.50 -11.21
C GLU B 713 -22.40 -17.52 -10.03
N ILE B 714 -23.34 -18.46 -10.00
CA ILE B 714 -24.32 -18.54 -8.92
C ILE B 714 -23.63 -18.86 -7.61
N ARG B 715 -22.74 -19.86 -7.62
CA ARG B 715 -22.07 -20.26 -6.39
C ARG B 715 -21.18 -19.14 -5.86
N PHE B 716 -20.46 -18.46 -6.74
CA PHE B 716 -19.59 -17.37 -6.31
C PHE B 716 -20.42 -16.25 -5.68
N THR B 717 -21.53 -15.87 -6.29
CA THR B 717 -22.38 -14.83 -5.72
C THR B 717 -22.96 -15.28 -4.38
N LYS B 718 -23.40 -16.53 -4.29
CA LYS B 718 -23.95 -17.03 -3.04
C LYS B 718 -22.90 -17.04 -1.93
N SER B 719 -21.69 -17.49 -2.26
CA SER B 719 -20.64 -17.55 -1.24
C SER B 719 -20.27 -16.16 -0.75
N ILE B 720 -20.18 -15.18 -1.66
CA ILE B 720 -19.82 -13.83 -1.26
C ILE B 720 -20.86 -13.27 -0.29
N VAL B 721 -22.14 -13.46 -0.60
CA VAL B 721 -23.19 -12.95 0.27
C VAL B 721 -23.21 -13.73 1.59
N GLY B 722 -22.72 -14.97 1.54
CA GLY B 722 -22.70 -15.83 2.74
C GLY B 722 -21.53 -15.58 3.66
N MET B 723 -20.37 -15.18 3.14
CA MET B 723 -19.18 -15.03 4.04
C MET B 723 -19.21 -13.66 4.73
N THR B 724 -20.16 -12.80 4.39
CA THR B 724 -20.33 -11.53 5.12
C THR B 724 -20.78 -11.92 6.54
N MET B 725 -21.36 -13.10 6.70
CA MET B 725 -21.77 -13.62 8.04
C MET B 725 -22.68 -12.63 8.74
N TYR B 726 -23.70 -12.12 8.05
CA TYR B 726 -24.58 -11.09 8.65
C TYR B 726 -25.74 -11.74 9.39
N ASN B 727 -25.79 -11.59 10.71
CA ASN B 727 -26.97 -12.09 11.47
C ASN B 727 -27.68 -10.85 12.00
N GLN B 728 -28.92 -10.61 11.57
CA GLN B 728 -29.67 -9.40 11.99
C GLN B 728 -29.90 -9.46 13.50
N ALA B 729 -30.15 -10.65 14.04
CA ALA B 729 -30.48 -10.78 15.49
C ALA B 729 -29.33 -10.27 16.36
N THR B 730 -28.08 -10.59 16.03
CA THR B 730 -26.95 -10.18 16.90
C THR B 730 -26.21 -8.98 16.32
N GLN B 731 -26.69 -8.44 15.19
CA GLN B 731 -26.04 -7.25 14.56
C GLN B 731 -24.55 -7.52 14.34
N GLU B 732 -24.20 -8.66 13.74
CA GLU B 732 -22.76 -9.01 13.52
C GLU B 732 -22.47 -9.07 12.03
N ILE B 733 -21.31 -8.56 11.61
CA ILE B 733 -20.91 -8.63 10.17
C ILE B 733 -19.41 -8.88 10.13
N ALA B 734 -18.93 -9.48 9.03
CA ALA B 734 -17.49 -9.75 8.86
C ALA B 734 -16.75 -8.45 8.56
N LYS B 735 -15.49 -8.38 8.96
CA LYS B 735 -14.67 -7.18 8.69
C LYS B 735 -14.30 -7.15 7.20
N PRO B 736 -14.28 -5.98 6.49
CA PRO B 736 -13.99 -5.93 5.05
C PRO B 736 -12.68 -6.56 4.67
N SER B 737 -11.64 -6.43 5.51
CA SER B 737 -10.33 -6.97 5.15
C SER B 737 -10.39 -8.49 4.99
N GLU B 738 -11.05 -9.18 5.93
CA GLU B 738 -11.18 -10.63 5.83
C GLU B 738 -11.96 -11.02 4.58
N LEU B 739 -13.04 -10.29 4.28
CA LEU B 739 -13.83 -10.59 3.09
C LEU B 739 -13.01 -10.38 1.83
N LEU B 740 -12.21 -9.32 1.78
CA LEU B 740 -11.38 -9.07 0.60
C LEU B 740 -10.37 -10.19 0.40
N THR B 741 -9.76 -10.67 1.49
CA THR B 741 -8.81 -11.78 1.38
C THR B 741 -9.49 -13.03 0.83
N SER B 742 -10.68 -13.34 1.35
CA SER B 742 -11.40 -14.52 0.87
C SER B 742 -11.76 -14.37 -0.61
N VAL B 743 -12.20 -13.18 -1.01
CA VAL B 743 -12.55 -12.95 -2.41
C VAL B 743 -11.32 -13.16 -3.30
N ARG B 744 -10.18 -12.61 -2.88
CA ARG B 744 -8.95 -12.78 -3.67
C ARG B 744 -8.58 -14.25 -3.80
N ALA B 745 -8.71 -15.01 -2.71
CA ALA B 745 -8.44 -16.44 -2.77
C ALA B 745 -9.37 -17.14 -3.75
N TYR B 746 -10.66 -16.78 -3.72
CA TYR B 746 -11.61 -17.37 -4.65
C TYR B 746 -11.23 -17.05 -6.09
N MET B 747 -10.86 -15.80 -6.37
CA MET B 747 -10.49 -15.41 -7.72
C MET B 747 -9.24 -16.16 -8.17
N THR B 748 -8.25 -16.31 -7.27
CA THR B 748 -7.04 -17.04 -7.63
C THR B 748 -7.36 -18.48 -7.99
N VAL B 749 -8.24 -19.13 -7.22
CA VAL B 749 -8.61 -20.50 -7.52
C VAL B 749 -9.30 -20.58 -8.87
N LEU B 750 -10.23 -19.66 -9.15
CA LEU B 750 -10.95 -19.69 -10.41
C LEU B 750 -10.01 -19.51 -11.59
N GLN B 751 -9.00 -18.66 -11.44
CA GLN B 751 -7.99 -18.51 -12.49
C GLN B 751 -7.26 -19.83 -12.72
N SER B 752 -6.93 -20.55 -11.64
CA SER B 752 -6.30 -21.85 -11.78
C SER B 752 -7.19 -22.79 -12.58
N ILE B 753 -8.50 -22.67 -12.42
CA ILE B 753 -9.43 -23.48 -13.22
C ILE B 753 -9.29 -23.11 -14.70
N GLU B 754 -9.09 -21.82 -14.98
CA GLU B 754 -8.93 -21.38 -16.36
C GLU B 754 -7.75 -22.08 -17.03
N ASN B 755 -6.76 -22.50 -16.24
CA ASN B 755 -5.63 -23.23 -16.81
C ASN B 755 -6.07 -24.56 -17.40
N TYR B 756 -7.21 -25.09 -16.97
CA TYR B 756 -7.73 -26.36 -17.47
C TYR B 756 -8.71 -26.15 -18.61
N VAL B 757 -9.76 -25.36 -18.37
CA VAL B 757 -10.85 -25.20 -19.33
C VAL B 757 -10.65 -23.89 -20.08
N GLN B 758 -11.29 -23.80 -21.25
CA GLN B 758 -11.13 -22.65 -22.14
C GLN B 758 -12.02 -21.48 -21.75
N ILE B 759 -12.88 -21.62 -20.74
CA ILE B 759 -13.82 -20.55 -20.40
C ILE B 759 -13.05 -19.30 -19.98
N ASP B 760 -13.68 -18.15 -20.21
CA ASP B 760 -13.14 -16.87 -19.77
C ASP B 760 -13.69 -16.55 -18.38
N ILE B 761 -12.79 -16.13 -17.48
CA ILE B 761 -13.15 -15.93 -16.09
C ILE B 761 -13.28 -14.43 -15.77
N THR B 762 -12.54 -13.60 -16.51
CA THR B 762 -12.58 -12.17 -16.26
C THR B 762 -14.02 -11.64 -16.39
N ARG B 763 -14.77 -12.15 -17.36
CA ARG B 763 -16.16 -11.76 -17.49
C ARG B 763 -16.96 -12.19 -16.27
N VAL B 764 -16.73 -13.41 -15.78
CA VAL B 764 -17.44 -13.89 -14.61
C VAL B 764 -17.23 -12.96 -13.42
N PHE B 765 -15.98 -12.51 -13.24
CA PHE B 765 -15.69 -11.56 -12.17
C PHE B 765 -16.45 -10.25 -12.39
N ASN B 766 -16.50 -9.78 -13.64
CA ASN B 766 -17.14 -8.51 -13.93
C ASN B 766 -18.63 -8.56 -13.58
N ASN B 767 -19.31 -9.64 -13.96
CA ASN B 767 -20.74 -9.73 -13.71
C ASN B 767 -21.05 -9.86 -12.22
N VAL B 768 -20.34 -10.77 -11.54
CA VAL B 768 -20.63 -11.03 -10.13
C VAL B 768 -20.33 -9.79 -9.29
N LEU B 769 -19.14 -9.21 -9.49
CA LEU B 769 -18.73 -8.09 -8.65
C LEU B 769 -19.58 -6.85 -8.93
N LEU B 770 -19.87 -6.58 -10.21
CA LEU B 770 -20.71 -5.42 -10.54
C LEU B 770 -22.11 -5.60 -9.97
N GLN B 771 -22.66 -6.80 -10.05
CA GLN B 771 -24.00 -7.04 -9.50
C GLN B 771 -24.03 -6.80 -8.01
N GLN B 772 -23.02 -7.31 -7.28
CA GLN B 772 -22.96 -7.08 -5.85
C GLN B 772 -22.70 -5.62 -5.51
N THR B 773 -22.10 -4.87 -6.43
CA THR B 773 -21.83 -3.46 -6.17
C THR B 773 -23.12 -2.68 -5.97
N GLN B 774 -24.13 -2.97 -6.78
CA GLN B 774 -25.40 -2.26 -6.68
C GLN B 774 -26.18 -2.75 -5.47
N HIS B 775 -27.22 -1.98 -5.11
CA HIS B 775 -28.01 -2.29 -3.92
C HIS B 775 -28.86 -3.54 -4.09
N LEU B 776 -29.07 -4.03 -5.30
CA LEU B 776 -29.84 -5.23 -5.53
C LEU B 776 -29.32 -5.93 -6.78
N ASP B 777 -29.20 -7.26 -6.69
CA ASP B 777 -28.75 -8.06 -7.82
C ASP B 777 -29.89 -8.29 -8.80
N SER B 778 -29.59 -9.00 -9.89
CA SER B 778 -30.61 -9.28 -10.90
C SER B 778 -31.76 -10.10 -10.31
N HIS B 779 -31.44 -11.10 -9.51
CA HIS B 779 -32.47 -11.95 -8.92
C HIS B 779 -33.28 -11.23 -7.85
N GLY B 780 -32.85 -10.05 -7.41
CA GLY B 780 -33.57 -9.31 -6.40
C GLY B 780 -33.29 -9.81 -4.99
N GLU B 781 -32.03 -9.79 -4.59
CA GLU B 781 -31.57 -10.24 -3.29
C GLU B 781 -30.63 -9.22 -2.69
N PRO B 782 -30.46 -9.23 -1.37
CA PRO B 782 -29.55 -8.27 -0.74
C PRO B 782 -28.14 -8.41 -1.28
N THR B 783 -27.45 -7.28 -1.40
CA THR B 783 -26.09 -7.22 -1.90
C THR B 783 -25.14 -6.81 -0.78
N ILE B 784 -23.84 -6.93 -1.06
CA ILE B 784 -22.83 -6.60 -0.07
C ILE B 784 -22.94 -5.15 0.37
N THR B 785 -23.17 -4.24 -0.59
CA THR B 785 -23.25 -2.82 -0.25
C THR B 785 -24.42 -2.54 0.68
N SER B 786 -25.56 -3.18 0.43
CA SER B 786 -26.74 -2.92 1.25
C SER B 786 -26.50 -3.36 2.69
N LEU B 787 -25.90 -4.53 2.90
CA LEU B 787 -25.68 -5.03 4.25
C LEU B 787 -24.71 -4.14 5.01
N TYR B 788 -23.63 -3.71 4.36
CA TYR B 788 -22.66 -2.84 5.03
C TYR B 788 -23.28 -1.49 5.37
N THR B 789 -24.07 -0.93 4.44
CA THR B 789 -24.72 0.35 4.71
C THR B 789 -25.66 0.24 5.90
N ASN B 790 -26.46 -0.82 5.96
CA ASN B 790 -27.39 -0.99 7.07
C ASN B 790 -26.65 -1.16 8.38
N TRP B 791 -25.58 -1.96 8.38
CA TRP B 791 -24.84 -2.20 9.62
C TRP B 791 -24.19 -0.93 10.14
N TYR B 792 -23.57 -0.16 9.25
CA TYR B 792 -22.90 1.07 9.66
C TYR B 792 -23.89 2.06 10.26
N LEU B 793 -25.04 2.23 9.61
CA LEU B 793 -26.01 3.21 10.07
C LEU B 793 -26.65 2.78 11.39
N GLU B 794 -27.02 1.50 11.50
CA GLU B 794 -27.80 1.02 12.62
C GLU B 794 -26.96 0.47 13.77
N THR B 795 -25.64 0.38 13.61
CA THR B 795 -24.80 -0.20 14.65
C THR B 795 -23.68 0.72 15.10
N LEU B 796 -23.05 1.45 14.17
CA LEU B 796 -21.90 2.29 14.52
C LEU B 796 -22.35 3.73 14.82
N LEU B 797 -22.98 4.38 13.85
CA LEU B 797 -23.39 5.77 14.05
C LEU B 797 -24.42 5.89 15.16
N ARG B 798 -25.35 4.92 15.25
CA ARG B 798 -26.36 4.97 16.29
C ARG B 798 -25.72 4.91 17.68
N GLN B 799 -24.73 4.04 17.86
CA GLN B 799 -24.06 3.95 19.15
C GLN B 799 -23.23 5.19 19.43
N VAL B 800 -22.67 5.82 18.40
CA VAL B 800 -21.93 7.07 18.59
C VAL B 800 -22.86 8.14 19.15
N SER B 801 -24.08 8.22 18.62
CA SER B 801 -25.06 9.17 19.16
C SER B 801 -25.37 8.86 20.61
N ASN B 802 -25.50 7.58 20.95
CA ASN B 802 -25.76 7.18 22.33
C ASN B 802 -24.60 7.50 23.27
N GLY B 803 -23.42 7.79 22.74
CA GLY B 803 -22.28 8.19 23.54
C GLY B 803 -21.27 7.10 23.83
N HIS B 804 -21.53 5.86 23.40
CA HIS B 804 -20.60 4.77 23.66
C HIS B 804 -19.36 4.82 22.80
N ILE B 805 -19.40 5.54 21.68
CA ILE B 805 -18.27 5.62 20.75
C ILE B 805 -18.04 7.08 20.39
N ALA B 806 -16.81 7.38 20.01
CA ALA B 806 -16.41 8.73 19.63
C ALA B 806 -15.46 8.68 18.45
N TYR B 807 -15.34 9.79 17.76
CA TYR B 807 -14.46 9.92 16.60
C TYR B 807 -13.08 10.36 17.07
N PHE B 808 -12.04 9.68 16.57
CA PHE B 808 -10.65 9.95 16.94
C PHE B 808 -9.92 10.48 15.72
N PRO B 809 -9.82 11.81 15.55
CA PRO B 809 -9.07 12.32 14.38
C PRO B 809 -7.62 11.88 14.35
N ALA B 810 -6.99 11.71 15.51
CA ALA B 810 -5.60 11.25 15.52
C ALA B 810 -5.48 9.86 14.90
N MET B 811 -6.39 8.96 15.26
CA MET B 811 -6.39 7.60 14.71
C MET B 811 -7.30 7.47 13.49
N LYS B 812 -7.99 8.54 13.10
CA LYS B 812 -8.85 8.53 11.91
C LYS B 812 -9.78 7.31 11.93
N ALA B 813 -10.36 7.04 13.08
CA ALA B 813 -11.25 5.91 13.24
C ALA B 813 -12.08 6.11 14.50
N PHE B 814 -13.07 5.25 14.68
CA PHE B 814 -13.95 5.29 15.83
C PHE B 814 -13.47 4.26 16.86
N VAL B 815 -13.38 4.70 18.12
CA VAL B 815 -12.85 3.88 19.20
C VAL B 815 -13.88 3.82 20.31
N ASN B 816 -14.14 2.62 20.82
CA ASN B 816 -15.05 2.46 21.94
C ASN B 816 -14.48 3.13 23.18
N LEU B 817 -15.34 3.85 23.90
CA LEU B 817 -14.92 4.56 25.09
C LEU B 817 -14.88 3.64 26.30
N PRO B 818 -14.07 3.95 27.31
CA PRO B 818 -14.08 3.15 28.54
C PRO B 818 -15.46 3.19 29.20
N THR B 819 -16.04 2.01 29.37
CA THR B 819 -17.36 1.88 29.95
C THR B 819 -17.42 0.61 30.79
N GLU B 820 -18.40 0.58 31.72
CA GLU B 820 -18.59 -0.60 32.54
C GLU B 820 -18.94 -1.81 31.69
N ASN B 821 -19.81 -1.62 30.69
CA ASN B 821 -20.20 -2.66 29.76
C ASN B 821 -19.78 -2.25 28.36
N GLU B 822 -19.03 -3.13 27.69
CA GLU B 822 -18.52 -2.85 26.36
C GLU B 822 -19.37 -3.56 25.31
N LEU B 823 -19.45 -2.95 24.13
CA LEU B 823 -20.20 -3.53 23.03
C LEU B 823 -19.50 -4.77 22.49
N THR B 824 -20.28 -5.64 21.85
CA THR B 824 -19.74 -6.88 21.31
C THR B 824 -18.66 -6.61 20.26
N PHE B 825 -18.90 -5.63 19.40
CA PHE B 825 -17.97 -5.30 18.32
C PHE B 825 -17.06 -4.15 18.74
N ASN B 826 -15.98 -3.97 17.98
CA ASN B 826 -15.02 -2.90 18.20
C ASN B 826 -15.07 -1.95 17.01
N ALA B 827 -15.28 -0.66 17.30
CA ALA B 827 -15.40 0.32 16.23
C ALA B 827 -14.09 0.46 15.46
N GLU B 828 -12.96 0.42 16.17
CA GLU B 828 -11.67 0.61 15.51
C GLU B 828 -11.37 -0.48 14.50
N GLU B 829 -12.07 -1.61 14.56
CA GLU B 829 -11.85 -2.72 13.65
C GLU B 829 -12.68 -2.64 12.38
N TYR B 830 -13.45 -1.56 12.20
CA TYR B 830 -14.28 -1.41 11.02
C TYR B 830 -14.08 -0.06 10.36
N SER B 831 -13.72 0.96 11.15
CA SER B 831 -13.61 2.33 10.66
C SER B 831 -12.17 2.74 10.39
N ASP B 832 -11.22 1.80 10.46
CA ASP B 832 -9.83 2.15 10.24
C ASP B 832 -9.58 2.38 8.74
N ILE B 833 -8.42 2.98 8.44
CA ILE B 833 -8.08 3.29 7.06
C ILE B 833 -8.01 2.02 6.22
N SER B 834 -7.36 0.98 6.75
CA SER B 834 -7.25 -0.27 5.99
C SER B 834 -8.63 -0.87 5.73
N GLU B 835 -9.50 -0.86 6.74
CA GLU B 835 -10.85 -1.40 6.56
C GLU B 835 -11.62 -0.59 5.53
N MET B 836 -11.52 0.75 5.60
CA MET B 836 -12.22 1.58 4.63
C MET B 836 -11.71 1.33 3.21
N ARG B 837 -10.39 1.19 3.05
CA ARG B 837 -9.84 0.89 1.73
C ARG B 837 -10.37 -0.44 1.22
N SER B 838 -10.41 -1.46 2.09
CA SER B 838 -10.97 -2.75 1.69
C SER B 838 -12.44 -2.62 1.32
N LEU B 839 -13.20 -1.85 2.09
CA LEU B 839 -14.62 -1.64 1.78
C LEU B 839 -14.78 -0.97 0.42
N SER B 840 -13.96 0.05 0.14
CA SER B 840 -14.04 0.72 -1.15
C SER B 840 -13.69 -0.24 -2.28
N GLU B 841 -12.67 -1.08 -2.08
CA GLU B 841 -12.29 -2.05 -3.11
C GLU B 841 -13.42 -3.01 -3.40
N LEU B 842 -14.08 -3.52 -2.36
CA LEU B 842 -15.19 -4.44 -2.55
C LEU B 842 -16.37 -3.76 -3.21
N LEU B 843 -16.72 -2.56 -2.74
CA LEU B 843 -17.91 -1.88 -3.22
C LEU B 843 -17.66 -1.13 -4.52
N GLY B 844 -16.74 -0.16 -4.48
CA GLY B 844 -16.46 0.67 -5.63
C GLY B 844 -17.17 1.99 -5.55
N PRO B 845 -17.01 2.84 -6.57
CA PRO B 845 -17.64 4.17 -6.53
C PRO B 845 -19.14 4.13 -6.33
N TYR B 846 -19.83 3.15 -6.95
CA TYR B 846 -21.27 3.07 -6.80
C TYR B 846 -21.67 2.82 -5.35
N GLY B 847 -20.98 1.89 -4.67
CA GLY B 847 -21.33 1.58 -3.30
C GLY B 847 -21.13 2.75 -2.36
N MET B 848 -20.00 3.45 -2.49
CA MET B 848 -19.77 4.63 -1.67
C MET B 848 -20.79 5.71 -1.99
N LYS B 849 -21.14 5.87 -3.27
CA LYS B 849 -22.16 6.84 -3.64
C LYS B 849 -23.50 6.51 -2.98
N PHE B 850 -23.89 5.24 -2.99
CA PHE B 850 -25.12 4.85 -2.33
C PHE B 850 -25.04 5.11 -0.82
N LEU B 851 -23.91 4.78 -0.21
CA LEU B 851 -23.73 5.08 1.21
C LEU B 851 -23.75 6.58 1.45
N SER B 852 -23.12 7.36 0.57
CA SER B 852 -23.13 8.81 0.71
C SER B 852 -24.55 9.36 0.65
N GLU B 853 -25.35 8.85 -0.30
CA GLU B 853 -26.73 9.30 -0.40
C GLU B 853 -27.52 8.98 0.86
N SER B 854 -27.33 7.78 1.42
CA SER B 854 -28.02 7.42 2.65
C SER B 854 -27.64 8.34 3.80
N LEU B 855 -26.35 8.66 3.92
CA LEU B 855 -25.91 9.56 4.99
C LEU B 855 -26.52 10.94 4.83
N MET B 856 -26.57 11.45 3.60
CA MET B 856 -27.18 12.75 3.37
C MET B 856 -28.67 12.74 3.69
N TRP B 857 -29.35 11.63 3.40
CA TRP B 857 -30.77 11.52 3.73
C TRP B 857 -30.99 11.64 5.23
N HIS B 858 -30.13 10.99 6.03
CA HIS B 858 -30.23 11.14 7.47
C HIS B 858 -29.97 12.57 7.91
N ILE B 859 -28.99 13.23 7.28
CA ILE B 859 -28.69 14.62 7.63
C ILE B 859 -29.89 15.51 7.32
N SER B 860 -30.54 15.28 6.17
CA SER B 860 -31.69 16.10 5.82
C SER B 860 -32.80 15.96 6.86
N SER B 861 -33.01 14.74 7.36
CA SER B 861 -34.02 14.54 8.40
C SER B 861 -33.70 15.35 9.64
N GLN B 862 -32.44 15.34 10.07
CA GLN B 862 -32.05 16.11 11.24
C GLN B 862 -32.19 17.61 10.99
N VAL B 863 -31.81 18.06 9.80
CA VAL B 863 -31.92 19.49 9.48
C VAL B 863 -33.37 19.94 9.51
N ALA B 864 -34.26 19.13 8.93
CA ALA B 864 -35.68 19.47 8.94
C ALA B 864 -36.21 19.56 10.36
N GLU B 865 -35.79 18.63 11.23
CA GLU B 865 -36.21 18.67 12.63
C GLU B 865 -35.71 19.94 13.30
N LEU B 866 -34.47 20.35 13.00
CA LEU B 866 -33.92 21.56 13.58
C LEU B 866 -34.70 22.80 13.14
N LYS B 867 -35.12 22.85 11.88
CA LYS B 867 -35.84 24.02 11.38
C LYS B 867 -37.06 24.32 12.23
N LYS B 868 -37.72 23.30 12.77
CA LYS B 868 -38.88 23.53 13.62
C LYS B 868 -38.48 24.28 14.87
N LEU B 869 -37.34 23.94 15.47
CA LEU B 869 -36.86 24.65 16.64
C LEU B 869 -36.39 26.06 16.29
N VAL B 870 -35.89 26.25 15.07
CA VAL B 870 -35.46 27.58 14.66
C VAL B 870 -36.66 28.51 14.49
N VAL B 871 -37.71 28.02 13.81
CA VAL B 871 -38.87 28.87 13.55
C VAL B 871 -39.64 29.19 14.82
N GLU B 872 -39.75 28.22 15.75
CA GLU B 872 -40.52 28.45 16.95
C GLU B 872 -39.94 29.54 17.84
N ASN B 873 -38.68 29.94 17.61
CA ASN B 873 -38.05 31.05 18.32
C ASN B 873 -37.58 32.11 17.33
N VAL B 874 -38.31 32.28 16.23
CA VAL B 874 -37.89 33.20 15.19
C VAL B 874 -37.88 34.64 15.69
N ASP B 875 -38.90 35.05 16.44
CA ASP B 875 -38.98 36.42 16.91
C ASP B 875 -37.82 36.75 17.83
N VAL B 876 -37.48 35.84 18.74
CA VAL B 876 -36.37 36.09 19.66
C VAL B 876 -35.06 36.17 18.90
N LEU B 877 -34.84 35.27 17.94
CA LEU B 877 -33.59 35.27 17.18
C LEU B 877 -33.44 36.56 16.37
N THR B 878 -34.53 37.02 15.75
CA THR B 878 -34.47 38.26 14.99
C THR B 878 -34.10 39.43 15.88
N GLN B 879 -34.69 39.49 17.08
CA GLN B 879 -34.32 40.54 18.03
C GLN B 879 -32.86 40.40 18.45
N MET B 880 -32.39 39.17 18.60
CA MET B 880 -31.02 38.95 19.06
C MET B 880 -30.00 39.25 17.98
N ARG B 881 -30.39 39.15 16.71
CA ARG B 881 -29.44 39.39 15.63
C ARG B 881 -28.93 40.82 15.64
N THR B 882 -29.82 41.79 15.85
CA THR B 882 -29.46 43.20 15.75
C THR B 882 -28.87 43.75 17.04
N SER B 883 -28.76 42.95 18.10
CA SER B 883 -28.24 43.38 19.39
C SER B 883 -26.92 42.69 19.72
N PHE B 884 -26.06 42.51 18.72
CA PHE B 884 -24.77 41.87 18.95
C PHE B 884 -23.87 42.71 19.84
N ASP B 885 -24.05 44.04 19.81
CA ASP B 885 -23.23 44.95 20.58
C ASP B 885 -23.85 45.34 21.92
N LYS B 886 -25.00 44.78 22.27
CA LYS B 886 -25.66 45.05 23.54
C LYS B 886 -25.63 43.80 24.41
N PRO B 887 -24.74 43.70 25.39
CA PRO B 887 -24.66 42.46 26.18
C PRO B 887 -25.77 42.33 27.21
N ASP B 888 -26.26 43.47 27.71
CA ASP B 888 -27.31 43.43 28.72
C ASP B 888 -28.58 42.77 28.18
N GLN B 889 -28.96 43.11 26.94
CA GLN B 889 -30.12 42.48 26.33
C GLN B 889 -29.88 40.98 26.14
N MET B 890 -28.68 40.60 25.70
CA MET B 890 -28.38 39.20 25.45
C MET B 890 -28.58 38.36 26.70
N ALA B 891 -28.35 38.95 27.88
CA ALA B 891 -28.48 38.20 29.12
C ALA B 891 -29.90 37.69 29.31
N ALA B 892 -30.89 38.54 29.03
CA ALA B 892 -32.29 38.14 29.17
C ALA B 892 -32.85 37.48 27.91
N LEU B 893 -32.36 37.87 26.74
CA LEU B 893 -32.83 37.24 25.50
C LEU B 893 -32.50 35.76 25.47
N PHE B 894 -31.31 35.38 25.95
CA PHE B 894 -30.93 33.97 25.98
C PHE B 894 -31.85 33.18 26.90
N LYS B 895 -32.22 33.76 28.04
CA LYS B 895 -33.05 33.02 29.00
C LYS B 895 -34.39 32.63 28.41
N ARG B 896 -34.87 33.37 27.41
CA ARG B 896 -36.16 33.09 26.79
C ARG B 896 -36.09 32.04 25.69
N LEU B 897 -34.90 31.54 25.36
CA LEU B 897 -34.76 30.55 24.31
C LEU B 897 -35.21 29.17 24.81
N SER B 898 -35.56 28.32 23.86
CA SER B 898 -36.00 26.95 24.15
C SER B 898 -35.27 25.98 23.24
N SER B 899 -35.06 24.76 23.74
CA SER B 899 -34.38 23.71 23.00
C SER B 899 -32.97 24.15 22.59
N VAL B 900 -32.16 24.42 23.62
CA VAL B 900 -30.78 24.86 23.38
C VAL B 900 -29.81 23.68 23.30
N ASP B 901 -30.12 22.58 24.00
CA ASP B 901 -29.27 21.40 23.96
C ASP B 901 -29.57 20.49 22.78
N SER B 902 -30.83 20.46 22.33
CA SER B 902 -31.18 19.59 21.21
C SER B 902 -30.44 19.99 19.94
N VAL B 903 -30.34 21.29 19.68
CA VAL B 903 -29.68 21.76 18.47
C VAL B 903 -28.22 21.32 18.46
N LEU B 904 -27.53 21.45 19.59
CA LEU B 904 -26.14 21.01 19.67
C LEU B 904 -26.04 19.50 19.46
N LYS B 905 -26.94 18.73 20.07
CA LYS B 905 -26.90 17.28 19.93
C LYS B 905 -27.09 16.86 18.48
N ARG B 906 -28.09 17.45 17.81
CA ARG B 906 -28.35 17.09 16.42
C ARG B 906 -27.19 17.48 15.51
N MET B 907 -26.62 18.67 15.72
CA MET B 907 -25.48 19.08 14.92
C MET B 907 -24.28 18.17 15.17
N THR B 908 -24.13 17.68 16.40
CA THR B 908 -23.08 16.71 16.68
C THR B 908 -23.26 15.44 15.85
N ILE B 909 -24.50 14.97 15.74
CA ILE B 909 -24.77 13.79 14.93
C ILE B 909 -24.44 14.06 13.47
N ILE B 910 -24.82 15.24 12.97
CA ILE B 910 -24.54 15.59 11.58
C ILE B 910 -23.03 15.61 11.34
N GLY B 911 -22.27 16.21 12.26
CA GLY B 911 -20.83 16.24 12.10
C GLY B 911 -20.22 14.85 12.10
N VAL B 912 -20.72 13.96 12.96
CA VAL B 912 -20.23 12.59 12.98
C VAL B 912 -20.48 11.92 11.64
N ILE B 913 -21.69 12.10 11.09
CA ILE B 913 -22.01 11.48 9.81
C ILE B 913 -21.11 12.02 8.72
N LEU B 914 -20.91 13.34 8.69
CA LEU B 914 -20.06 13.94 7.67
C LEU B 914 -18.62 13.45 7.81
N SER B 915 -18.14 13.32 9.05
CA SER B 915 -16.79 12.82 9.27
C SER B 915 -16.63 11.41 8.71
N PHE B 916 -17.64 10.57 8.90
CA PHE B 916 -17.59 9.21 8.35
C PHE B 916 -17.48 9.24 6.83
N ARG B 917 -18.25 10.12 6.19
CA ARG B 917 -18.17 10.24 4.74
C ARG B 917 -16.80 10.71 4.29
N SER B 918 -16.20 11.65 5.02
CA SER B 918 -14.87 12.13 4.65
C SER B 918 -13.86 11.00 4.69
N LEU B 919 -13.93 10.15 5.71
CA LEU B 919 -13.03 9.00 5.78
C LEU B 919 -13.24 8.07 4.59
N ALA B 920 -14.51 7.81 4.24
CA ALA B 920 -14.80 6.97 3.09
C ALA B 920 -14.29 7.62 1.80
N GLN B 921 -14.50 8.93 1.65
CA GLN B 921 -14.02 9.63 0.47
C GLN B 921 -12.50 9.56 0.38
N GLU B 922 -11.81 9.76 1.51
CA GLU B 922 -10.35 9.69 1.49
C GLU B 922 -9.88 8.29 1.13
N ALA B 923 -10.52 7.26 1.68
CA ALA B 923 -10.13 5.89 1.35
C ALA B 923 -10.35 5.59 -0.12
N LEU B 924 -11.48 6.04 -0.67
CA LEU B 924 -11.75 5.80 -2.08
C LEU B 924 -10.72 6.50 -2.96
N ARG B 925 -10.35 7.73 -2.61
CA ARG B 925 -9.35 8.46 -3.39
C ARG B 925 -8.01 7.74 -3.39
N ASP B 926 -7.58 7.26 -2.22
CA ASP B 926 -6.31 6.54 -2.15
C ASP B 926 -6.35 5.26 -2.97
N VAL B 927 -7.46 4.53 -2.88
CA VAL B 927 -7.58 3.27 -3.63
C VAL B 927 -7.56 3.55 -5.13
N LEU B 928 -8.31 4.56 -5.57
CA LEU B 928 -8.41 4.86 -6.99
C LEU B 928 -7.16 5.52 -7.55
N SER B 929 -6.30 6.07 -6.68
CA SER B 929 -5.10 6.75 -7.18
C SER B 929 -4.18 5.78 -7.91
N TYR B 930 -3.99 4.59 -7.38
CA TYR B 930 -3.10 3.59 -7.96
C TYR B 930 -3.84 2.58 -8.84
N HIS B 931 -5.13 2.78 -9.08
CA HIS B 931 -5.91 1.93 -9.96
C HIS B 931 -6.15 2.57 -11.33
N ILE B 932 -6.64 3.80 -11.35
CA ILE B 932 -6.93 4.50 -12.60
C ILE B 932 -6.27 5.88 -12.55
N PRO B 933 -4.95 5.95 -12.53
CA PRO B 933 -4.29 7.27 -12.40
C PRO B 933 -4.63 8.23 -13.51
N PHE B 934 -4.81 7.76 -14.75
CA PHE B 934 -5.08 8.66 -15.86
C PHE B 934 -6.39 9.40 -15.66
N LEU B 935 -7.45 8.67 -15.29
CA LEU B 935 -8.75 9.31 -15.06
C LEU B 935 -8.70 10.26 -13.87
N VAL B 936 -8.02 9.86 -12.79
CA VAL B 936 -7.91 10.72 -11.62
C VAL B 936 -7.17 12.01 -11.97
N SER B 937 -6.07 11.89 -12.72
CA SER B 937 -5.30 13.07 -13.09
C SER B 937 -6.14 14.03 -13.94
N SER B 938 -6.89 13.49 -14.90
CA SER B 938 -7.74 14.34 -15.73
C SER B 938 -8.81 15.04 -14.89
N ILE B 939 -9.40 14.32 -13.94
CA ILE B 939 -10.41 14.93 -13.08
C ILE B 939 -9.78 16.05 -12.25
N GLU B 940 -8.59 15.81 -11.69
CA GLU B 940 -7.95 16.82 -10.86
C GLU B 940 -7.68 18.09 -11.65
N ASP B 941 -7.14 17.95 -12.87
CA ASP B 941 -6.91 19.12 -13.71
C ASP B 941 -8.23 19.80 -14.06
N PHE B 942 -9.25 19.01 -14.37
CA PHE B 942 -10.55 19.58 -14.73
C PHE B 942 -11.16 20.37 -13.59
N LYS B 943 -11.08 19.83 -12.37
CA LYS B 943 -11.66 20.50 -11.21
C LYS B 943 -10.83 21.70 -10.80
N ASP B 944 -9.50 21.54 -10.75
CA ASP B 944 -8.65 22.60 -10.21
C ASP B 944 -8.70 23.86 -11.08
N HIS B 945 -8.70 23.68 -12.40
CA HIS B 945 -8.61 24.80 -13.33
C HIS B 945 -9.96 25.26 -13.84
N ILE B 946 -11.06 24.82 -13.22
CA ILE B 946 -12.38 25.26 -13.66
C ILE B 946 -12.52 26.75 -13.39
N PRO B 947 -12.95 27.56 -14.37
CA PRO B 947 -13.07 29.00 -14.11
C PRO B 947 -14.12 29.28 -13.04
N ARG B 948 -13.86 30.31 -12.24
CA ARG B 948 -14.79 30.70 -11.18
C ARG B 948 -16.02 31.40 -11.73
N GLU B 949 -15.90 32.05 -12.89
CA GLU B 949 -17.02 32.79 -13.46
C GLU B 949 -18.10 31.89 -14.02
N THR B 950 -17.87 30.59 -14.11
CA THR B 950 -18.85 29.69 -14.69
C THR B 950 -20.11 29.63 -13.82
N ASP B 951 -21.19 29.16 -14.44
CA ASP B 951 -22.46 29.05 -13.74
C ASP B 951 -22.39 27.94 -12.68
N MET B 952 -23.41 27.92 -11.82
CA MET B 952 -23.43 26.93 -10.74
C MET B 952 -23.78 25.54 -11.24
N LYS B 953 -24.55 25.44 -12.32
CA LYS B 953 -24.97 24.12 -12.82
C LYS B 953 -23.77 23.28 -13.24
N VAL B 954 -22.87 23.88 -14.02
CA VAL B 954 -21.68 23.13 -14.46
C VAL B 954 -20.80 22.80 -13.26
N ALA B 955 -20.66 23.75 -12.33
CA ALA B 955 -19.84 23.49 -11.15
C ALA B 955 -20.39 22.33 -10.35
N MET B 956 -21.71 22.25 -10.21
CA MET B 956 -22.31 21.14 -9.49
C MET B 956 -22.03 19.82 -10.19
N ASN B 957 -22.10 19.81 -11.52
CA ASN B 957 -21.79 18.60 -12.28
C ASN B 957 -20.34 18.17 -12.03
N VAL B 958 -19.41 19.12 -12.05
CA VAL B 958 -18.01 18.79 -11.81
C VAL B 958 -17.83 18.24 -10.40
N TYR B 959 -18.46 18.88 -9.41
CA TYR B 959 -18.32 18.42 -8.03
C TYR B 959 -18.88 17.02 -7.86
N GLU B 960 -20.01 16.73 -8.49
CA GLU B 960 -20.60 15.39 -8.39
C GLU B 960 -19.64 14.35 -8.96
N LEU B 961 -19.06 14.63 -10.13
CA LEU B 961 -18.06 13.73 -10.68
C LEU B 961 -16.83 13.67 -9.80
N SER B 962 -16.39 14.82 -9.28
CA SER B 962 -15.24 14.84 -8.38
C SER B 962 -15.52 14.05 -7.11
N SER B 963 -16.71 14.20 -6.55
CA SER B 963 -17.08 13.43 -5.37
C SER B 963 -17.08 11.93 -5.66
N ALA B 964 -17.59 11.55 -6.83
CA ALA B 964 -17.57 10.13 -7.21
C ALA B 964 -16.15 9.59 -7.25
N ALA B 965 -15.19 10.43 -7.61
CA ALA B 965 -13.78 10.03 -7.61
C ALA B 965 -13.15 10.08 -6.23
N GLY B 966 -13.85 10.58 -5.23
CA GLY B 966 -13.32 10.65 -3.88
C GLY B 966 -12.59 11.92 -3.53
N LEU B 967 -12.63 12.94 -4.38
CA LEU B 967 -11.92 14.18 -4.11
C LEU B 967 -12.63 15.00 -3.04
N PRO B 968 -11.90 15.86 -2.33
CA PRO B 968 -12.50 16.66 -1.24
C PRO B 968 -13.10 17.99 -1.70
N CYS B 969 -14.26 17.91 -2.35
CA CYS B 969 -14.93 19.11 -2.83
C CYS B 969 -15.39 19.96 -1.66
N GLU B 970 -15.26 21.28 -1.80
CA GLU B 970 -15.70 22.19 -0.75
C GLU B 970 -17.21 22.10 -0.55
N ILE B 971 -17.97 21.99 -1.63
CA ILE B 971 -19.43 21.88 -1.58
C ILE B 971 -19.82 20.47 -1.98
N ASP B 972 -20.64 19.83 -1.15
CA ASP B 972 -21.07 18.46 -1.39
C ASP B 972 -22.36 18.48 -2.20
N PRO B 973 -22.37 18.06 -3.46
CA PRO B 973 -23.63 18.05 -4.21
C PRO B 973 -24.69 17.16 -3.60
N ALA B 974 -24.30 16.04 -2.98
CA ALA B 974 -25.28 15.15 -2.39
C ALA B 974 -26.06 15.82 -1.28
N LEU B 975 -25.37 16.60 -0.44
CA LEU B 975 -26.06 17.32 0.62
C LEU B 975 -27.04 18.34 0.05
N VAL B 976 -26.65 19.04 -1.01
CA VAL B 976 -27.53 20.01 -1.63
C VAL B 976 -28.78 19.34 -2.17
N VAL B 977 -28.61 18.20 -2.85
CA VAL B 977 -29.76 17.50 -3.42
C VAL B 977 -30.69 17.03 -2.32
N ALA B 978 -30.14 16.47 -1.24
CA ALA B 978 -30.98 15.99 -0.15
C ALA B 978 -31.74 17.13 0.51
N LEU B 979 -31.08 18.28 0.70
CA LEU B 979 -31.70 19.41 1.36
C LEU B 979 -32.66 20.18 0.46
N SER B 980 -32.64 19.93 -0.85
CA SER B 980 -33.51 20.64 -1.77
C SER B 980 -34.90 20.01 -1.89
N SER B 981 -35.11 18.82 -1.32
CA SER B 981 -36.40 18.13 -1.40
C SER B 981 -37.16 18.40 -0.11
N GLN B 982 -37.69 19.61 0.01
CA GLN B 982 -38.47 20.00 1.19
C GLN B 982 -39.47 21.08 0.79
N LYS B 983 -40.70 20.94 1.28
CA LYS B 983 -41.74 21.91 1.00
C LYS B 983 -42.87 21.73 2.00
N SER B 984 -43.59 22.81 2.27
CA SER B 984 -44.73 22.80 3.17
C SER B 984 -45.61 23.98 2.85
N GLU B 985 -46.70 24.12 3.61
CA GLU B 985 -47.70 25.14 3.30
C GLU B 985 -47.13 26.55 3.40
N ASN B 986 -46.35 26.83 4.44
CA ASN B 986 -45.86 28.17 4.72
C ASN B 986 -44.42 28.37 4.25
N ILE B 987 -43.99 27.66 3.21
CA ILE B 987 -42.61 27.76 2.75
C ILE B 987 -42.55 28.74 1.58
N SER B 988 -41.68 29.73 1.72
CA SER B 988 -41.41 30.71 0.67
C SER B 988 -39.92 30.97 0.65
N PRO B 989 -39.36 31.39 -0.49
CA PRO B 989 -37.91 31.61 -0.54
C PRO B 989 -37.39 32.60 0.49
N GLU B 990 -38.14 33.66 0.79
CA GLU B 990 -37.62 34.68 1.69
C GLU B 990 -37.59 34.19 3.14
N GLU B 991 -38.60 33.44 3.56
CA GLU B 991 -38.62 32.96 4.94
C GLU B 991 -37.64 31.79 5.14
N GLU B 992 -37.45 30.95 4.12
CA GLU B 992 -36.46 29.90 4.21
C GLU B 992 -35.06 30.48 4.36
N TYR B 993 -34.76 31.53 3.60
CA TYR B 993 -33.46 32.20 3.72
C TYR B 993 -33.28 32.77 5.12
N LYS B 994 -34.32 33.40 5.66
CA LYS B 994 -34.25 33.95 7.01
C LYS B 994 -34.04 32.84 8.04
N ILE B 995 -34.73 31.71 7.88
CA ILE B 995 -34.55 30.61 8.81
C ILE B 995 -33.12 30.09 8.78
N ALA B 996 -32.55 29.95 7.57
CA ALA B 996 -31.18 29.50 7.47
C ALA B 996 -30.21 30.47 8.13
N CYS B 997 -30.43 31.77 7.92
CA CYS B 997 -29.57 32.77 8.56
C CYS B 997 -29.70 32.71 10.07
N LEU B 998 -30.92 32.53 10.58
CA LEU B 998 -31.13 32.48 12.02
C LEU B 998 -30.60 31.21 12.65
N LEU B 999 -30.49 30.12 11.87
CA LEU B 999 -30.00 28.87 12.43
C LEU B 999 -28.57 29.01 12.95
N MET B 1000 -27.71 29.68 12.19
CA MET B 1000 -26.34 29.88 12.64
C MET B 1000 -26.28 30.70 13.91
N VAL B 1001 -27.11 31.73 14.01
CA VAL B 1001 -27.15 32.56 15.21
C VAL B 1001 -27.52 31.72 16.42
N PHE B 1002 -28.52 30.85 16.27
CA PHE B 1002 -28.94 30.00 17.37
C PHE B 1002 -27.80 29.06 17.78
N VAL B 1003 -27.10 28.49 16.80
CA VAL B 1003 -26.00 27.58 17.11
C VAL B 1003 -24.88 28.34 17.84
N ALA B 1004 -24.53 29.52 17.35
CA ALA B 1004 -23.45 30.29 17.96
C ALA B 1004 -23.78 30.66 19.40
N VAL B 1005 -25.01 31.13 19.63
CA VAL B 1005 -25.40 31.54 20.98
C VAL B 1005 -25.48 30.34 21.91
N SER B 1006 -25.77 29.16 21.38
CA SER B 1006 -25.85 27.96 22.20
C SER B 1006 -24.50 27.29 22.42
N LEU B 1007 -23.47 27.70 21.68
CA LEU B 1007 -22.16 27.06 21.81
C LEU B 1007 -21.58 27.18 23.21
N PRO B 1008 -21.63 28.33 23.88
CA PRO B 1008 -21.01 28.41 25.22
C PRO B 1008 -21.60 27.45 26.23
N THR B 1009 -22.83 26.99 26.04
CA THR B 1009 -23.46 26.10 27.01
C THR B 1009 -22.67 24.81 27.18
N LEU B 1010 -21.86 24.44 26.20
CA LEU B 1010 -21.08 23.21 26.31
C LEU B 1010 -19.98 23.30 27.36
N ALA B 1011 -19.65 24.51 27.83
CA ALA B 1011 -18.58 24.66 28.82
C ALA B 1011 -18.94 23.98 30.14
N SER B 1012 -20.23 23.84 30.44
CA SER B 1012 -20.67 23.24 31.68
C SER B 1012 -20.80 21.72 31.59
N ASN B 1013 -20.50 21.12 30.44
CA ASN B 1013 -20.62 19.69 30.26
C ASN B 1013 -19.33 19.01 30.73
N VAL B 1014 -19.48 18.00 31.59
CA VAL B 1014 -18.32 17.28 32.11
C VAL B 1014 -17.61 16.54 30.98
N MET B 1015 -18.36 15.90 30.10
CA MET B 1015 -17.80 15.08 29.02
C MET B 1015 -17.17 15.92 27.91
N SER B 1016 -17.08 17.24 28.04
CA SER B 1016 -16.46 18.09 27.04
C SER B 1016 -14.97 18.32 27.31
N GLN B 1017 -14.31 17.40 28.01
CA GLN B 1017 -12.91 17.56 28.36
C GLN B 1017 -12.04 17.13 27.19
N TYR B 1018 -11.39 18.11 26.55
CA TYR B 1018 -10.46 17.82 25.48
C TYR B 1018 -9.27 17.03 26.02
N SER B 1019 -8.82 16.04 25.25
CA SER B 1019 -7.69 15.21 25.64
C SER B 1019 -6.72 15.08 24.48
N PRO B 1020 -5.41 15.18 24.74
CA PRO B 1020 -4.44 15.05 23.64
C PRO B 1020 -4.50 13.70 22.95
N ALA B 1021 -4.81 12.62 23.68
CA ALA B 1021 -4.85 11.30 23.08
C ALA B 1021 -5.92 11.18 22.01
N ILE B 1022 -6.91 12.06 22.02
CA ILE B 1022 -8.00 12.01 21.05
C ILE B 1022 -7.93 13.13 20.02
N GLU B 1023 -7.21 14.22 20.30
CA GLU B 1023 -7.20 15.39 19.43
C GLU B 1023 -8.63 15.91 19.21
N GLY B 1024 -9.46 15.78 20.24
CA GLY B 1024 -10.85 16.20 20.15
C GLY B 1024 -11.53 16.20 21.51
N HIS B 1025 -12.78 15.74 21.56
CA HIS B 1025 -13.54 15.71 22.79
C HIS B 1025 -14.28 14.38 22.88
N CYS B 1026 -14.57 13.98 24.12
CA CYS B 1026 -15.27 12.72 24.35
C CYS B 1026 -16.72 12.76 23.92
N ASN B 1027 -17.31 13.95 23.77
CA ASN B 1027 -18.70 14.10 23.39
C ASN B 1027 -18.86 14.44 21.91
N ASN B 1028 -17.80 14.31 21.12
CA ASN B 1028 -17.89 14.49 19.67
C ASN B 1028 -18.41 15.88 19.31
N ILE B 1029 -17.84 16.91 19.94
CA ILE B 1029 -18.20 18.29 19.60
C ILE B 1029 -17.20 18.93 18.64
N HIS B 1030 -16.14 18.22 18.27
CA HIS B 1030 -15.16 18.75 17.33
C HIS B 1030 -15.60 18.62 15.88
N CYS B 1031 -16.63 17.82 15.60
CA CYS B 1031 -17.14 17.71 14.24
C CYS B 1031 -18.20 18.76 13.92
N LEU B 1032 -18.57 19.60 14.90
CA LEU B 1032 -19.50 20.69 14.61
C LEU B 1032 -18.88 21.69 13.62
N ALA B 1033 -17.56 21.76 13.56
CA ALA B 1033 -16.90 22.69 12.66
C ALA B 1033 -17.24 22.38 11.21
N LYS B 1034 -17.03 21.12 10.79
CA LYS B 1034 -17.36 20.75 9.42
C LYS B 1034 -18.86 20.69 9.20
N ALA B 1035 -19.63 20.34 10.23
CA ALA B 1035 -21.08 20.32 10.11
C ALA B 1035 -21.62 21.71 9.79
N ILE B 1036 -21.12 22.72 10.50
CA ILE B 1036 -21.58 24.09 10.25
C ILE B 1036 -21.17 24.54 8.86
N ASN B 1037 -19.93 24.26 8.46
CA ASN B 1037 -19.45 24.68 7.15
C ASN B 1037 -20.24 24.02 6.03
N GLN B 1038 -20.43 22.70 6.11
CA GLN B 1038 -21.16 22.00 5.06
C GLN B 1038 -22.62 22.44 5.02
N ILE B 1039 -23.25 22.56 6.20
CA ILE B 1039 -24.66 22.97 6.24
C ILE B 1039 -24.82 24.38 5.69
N ALA B 1040 -23.95 25.29 6.10
CA ALA B 1040 -24.05 26.67 5.63
C ALA B 1040 -23.83 26.75 4.12
N ALA B 1041 -22.83 26.03 3.61
CA ALA B 1041 -22.55 26.07 2.19
C ALA B 1041 -23.72 25.54 1.37
N ALA B 1042 -24.29 24.41 1.80
CA ALA B 1042 -25.40 23.82 1.06
C ALA B 1042 -26.63 24.71 1.12
N LEU B 1043 -26.93 25.27 2.30
CA LEU B 1043 -28.12 26.10 2.44
C LEU B 1043 -28.00 27.38 1.62
N PHE B 1044 -26.83 28.01 1.63
CA PHE B 1044 -26.65 29.31 1.00
C PHE B 1044 -26.27 29.21 -0.48
N THR B 1045 -25.95 28.02 -0.97
CA THR B 1045 -25.83 27.81 -2.40
C THR B 1045 -27.17 27.42 -3.03
N ILE B 1046 -28.08 26.85 -2.24
CA ILE B 1046 -29.44 26.61 -2.71
C ILE B 1046 -30.19 27.91 -2.89
N HIS B 1047 -30.02 28.84 -1.93
CA HIS B 1047 -30.75 30.10 -1.92
C HIS B 1047 -29.97 31.25 -2.53
N LYS B 1048 -28.79 30.99 -3.08
CA LYS B 1048 -27.94 31.97 -3.77
C LYS B 1048 -27.25 32.92 -2.79
N GLY B 1049 -27.54 32.84 -1.50
CA GLY B 1049 -26.94 33.76 -0.56
C GLY B 1049 -25.44 33.56 -0.45
N SER B 1050 -24.74 34.66 -0.12
CA SER B 1050 -23.30 34.60 0.05
C SER B 1050 -22.94 33.77 1.28
N ILE B 1051 -21.80 33.08 1.19
CA ILE B 1051 -21.34 32.21 2.26
C ILE B 1051 -20.29 32.90 3.14
N GLU B 1052 -19.34 33.60 2.52
CA GLU B 1052 -18.27 34.22 3.31
C GLU B 1052 -18.83 35.25 4.29
N ASP B 1053 -19.77 36.07 3.85
CA ASP B 1053 -20.35 37.06 4.75
C ASP B 1053 -21.11 36.40 5.89
N ARG B 1054 -21.88 35.36 5.59
CA ARG B 1054 -22.65 34.69 6.64
C ARG B 1054 -21.73 34.01 7.65
N LEU B 1055 -20.68 33.34 7.17
CA LEU B 1055 -19.75 32.70 8.09
C LEU B 1055 -19.02 33.73 8.93
N LYS B 1056 -18.70 34.88 8.34
CA LYS B 1056 -18.05 35.95 9.10
C LYS B 1056 -18.92 36.42 10.25
N GLU B 1057 -20.23 36.58 9.99
CA GLU B 1057 -21.14 36.98 11.06
C GLU B 1057 -21.21 35.92 12.15
N PHE B 1058 -21.26 34.65 11.75
CA PHE B 1058 -21.31 33.57 12.74
C PHE B 1058 -20.07 33.58 13.62
N LEU B 1059 -18.89 33.76 13.02
CA LEU B 1059 -17.66 33.80 13.79
C LEU B 1059 -17.66 34.99 14.74
N ALA B 1060 -18.13 36.15 14.28
CA ALA B 1060 -18.14 37.34 15.13
C ALA B 1060 -19.04 37.13 16.34
N LEU B 1061 -20.23 36.58 16.13
CA LEU B 1061 -21.12 36.32 17.25
C LEU B 1061 -20.53 35.28 18.20
N ALA B 1062 -19.95 34.21 17.65
CA ALA B 1062 -19.35 33.20 18.50
C ALA B 1062 -18.19 33.76 19.32
N SER B 1063 -17.32 34.56 18.68
CA SER B 1063 -16.19 35.12 19.39
C SER B 1063 -16.65 36.02 20.53
N SER B 1064 -17.66 36.86 20.28
CA SER B 1064 -18.17 37.74 21.32
C SER B 1064 -18.73 36.93 22.48
N SER B 1065 -19.50 35.88 22.19
CA SER B 1065 -20.08 35.07 23.25
C SER B 1065 -19.02 34.28 23.99
N LEU B 1066 -18.03 33.74 23.28
CA LEU B 1066 -16.97 32.99 23.93
C LEU B 1066 -16.15 33.88 24.86
N LEU B 1067 -15.93 35.13 24.47
CA LEU B 1067 -15.25 36.06 25.36
C LEU B 1067 -16.11 36.34 26.60
N LYS B 1068 -17.42 36.45 26.43
CA LYS B 1068 -18.30 36.73 27.55
C LYS B 1068 -18.23 35.61 28.60
N ILE B 1069 -18.33 34.36 28.16
CA ILE B 1069 -18.35 33.25 29.10
C ILE B 1069 -17.02 33.16 29.85
N GLY B 1070 -15.91 33.46 29.18
CA GLY B 1070 -14.62 33.43 29.83
C GLY B 1070 -14.32 34.62 30.72
N GLN B 1071 -15.20 35.62 30.73
CA GLN B 1071 -14.97 36.80 31.56
C GLN B 1071 -15.18 36.50 33.04
N GLU B 1072 -16.18 35.67 33.34
CA GLU B 1072 -16.52 35.38 34.73
C GLU B 1072 -15.59 34.29 35.28
N THR B 1073 -15.90 33.79 36.48
CA THR B 1073 -15.06 32.81 37.14
C THR B 1073 -15.84 31.67 37.78
N ASP B 1074 -17.10 31.47 37.42
CA ASP B 1074 -17.88 30.39 38.00
C ASP B 1074 -17.23 29.05 37.67
N LYS B 1075 -17.06 28.21 38.70
CA LYS B 1075 -16.38 26.94 38.52
C LYS B 1075 -17.23 25.97 37.69
N THR B 1076 -18.51 25.83 38.06
CA THR B 1076 -19.35 24.84 37.40
C THR B 1076 -19.65 25.24 35.96
N THR B 1077 -19.96 26.52 35.72
CA THR B 1077 -20.38 26.96 34.40
C THR B 1077 -19.23 27.01 33.41
N THR B 1078 -17.99 27.22 33.87
CA THR B 1078 -16.85 27.34 32.99
C THR B 1078 -15.81 26.27 33.28
N ARG B 1079 -16.26 25.03 33.47
CA ARG B 1079 -15.34 23.94 33.79
C ARG B 1079 -14.46 23.58 32.60
N ASN B 1080 -14.99 23.69 31.38
CA ASN B 1080 -14.26 23.30 30.18
C ASN B 1080 -14.31 24.43 29.15
N ARG B 1081 -14.02 25.65 29.61
CA ARG B 1081 -13.99 26.79 28.69
C ARG B 1081 -12.90 26.63 27.64
N GLU B 1082 -11.80 25.95 27.98
CA GLU B 1082 -10.74 25.73 27.01
C GLU B 1082 -11.23 24.88 25.84
N SER B 1083 -12.07 23.89 26.12
CA SER B 1083 -12.54 23.00 25.05
C SER B 1083 -13.30 23.78 23.98
N VAL B 1084 -14.19 24.69 24.39
CA VAL B 1084 -14.96 25.46 23.42
C VAL B 1084 -14.04 26.41 22.64
N TYR B 1085 -12.98 26.91 23.28
CA TYR B 1085 -12.03 27.76 22.57
C TYR B 1085 -11.38 27.00 21.42
N LEU B 1086 -10.99 25.75 21.68
CA LEU B 1086 -10.39 24.93 20.63
C LEU B 1086 -11.39 24.65 19.52
N LEU B 1087 -12.69 24.57 19.86
CA LEU B 1087 -13.71 24.40 18.83
C LEU B 1087 -13.70 25.57 17.85
N LEU B 1088 -13.57 26.80 18.37
CA LEU B 1088 -13.50 27.96 17.51
C LEU B 1088 -12.28 27.91 16.61
N ASP B 1089 -11.14 27.46 17.15
CA ASP B 1089 -9.95 27.29 16.33
C ASP B 1089 -10.18 26.25 15.24
N MET B 1090 -10.84 25.14 15.59
CA MET B 1090 -11.13 24.12 14.59
C MET B 1090 -12.06 24.66 13.51
N ILE B 1091 -13.05 25.46 13.90
CA ILE B 1091 -13.99 26.00 12.92
C ILE B 1091 -13.26 26.86 11.90
N VAL B 1092 -12.36 27.72 12.37
CA VAL B 1092 -11.62 28.60 11.46
C VAL B 1092 -10.69 27.78 10.57
N GLN B 1093 -9.99 26.80 11.15
CA GLN B 1093 -9.02 26.02 10.38
C GLN B 1093 -9.73 25.22 9.29
N GLU B 1094 -10.77 24.47 9.66
CA GLU B 1094 -11.45 23.63 8.68
C GLU B 1094 -12.13 24.47 7.60
N SER B 1095 -12.76 25.58 8.00
CA SER B 1095 -13.49 26.39 7.04
C SER B 1095 -12.53 27.04 6.05
N PRO B 1096 -12.72 26.86 4.74
CA PRO B 1096 -11.84 27.53 3.78
C PRO B 1096 -12.23 28.97 3.56
N PHE B 1097 -13.53 29.27 3.69
CA PHE B 1097 -14.01 30.63 3.52
C PHE B 1097 -13.56 31.55 4.66
N LEU B 1098 -13.08 30.99 5.76
CA LEU B 1098 -12.66 31.75 6.92
C LEU B 1098 -11.14 31.69 7.03
N THR B 1099 -10.52 32.84 7.24
CA THR B 1099 -9.07 32.96 7.38
C THR B 1099 -8.71 33.32 8.81
N MET B 1100 -7.47 32.99 9.19
CA MET B 1100 -7.00 33.31 10.53
C MET B 1100 -6.98 34.80 10.80
N ASP B 1101 -6.90 35.62 9.75
CA ASP B 1101 -6.91 37.07 9.95
C ASP B 1101 -8.21 37.52 10.60
N LEU B 1102 -9.34 36.99 10.15
CA LEU B 1102 -10.63 37.36 10.75
C LEU B 1102 -10.69 36.93 12.21
N LEU B 1103 -10.22 35.73 12.52
CA LEU B 1103 -10.23 35.27 13.90
C LEU B 1103 -9.37 36.15 14.78
N GLU B 1104 -8.18 36.53 14.31
CA GLU B 1104 -7.30 37.38 15.09
C GLU B 1104 -7.95 38.73 15.40
N SER B 1105 -8.65 39.30 14.41
CA SER B 1105 -9.33 40.57 14.63
C SER B 1105 -10.42 40.42 15.71
N CYS B 1106 -11.16 39.33 15.68
CA CYS B 1106 -12.26 39.11 16.61
C CYS B 1106 -11.89 38.18 17.77
N PHE B 1107 -10.75 37.50 17.71
CA PHE B 1107 -10.34 36.59 18.77
C PHE B 1107 -8.83 36.44 18.79
N PRO B 1108 -8.14 36.94 19.83
CA PRO B 1108 -6.69 36.76 19.88
C PRO B 1108 -6.29 35.29 19.92
N TYR B 1109 -5.19 34.98 19.24
CA TYR B 1109 -4.65 33.63 19.27
C TYR B 1109 -4.00 33.28 20.59
N VAL B 1110 -3.77 34.28 21.46
CA VAL B 1110 -3.15 34.01 22.75
C VAL B 1110 -4.04 33.12 23.60
N LEU B 1111 -5.35 33.37 23.59
CA LEU B 1111 -6.27 32.56 24.38
C LEU B 1111 -6.23 31.11 23.92
N LEU B 1112 -6.20 30.87 22.61
CA LEU B 1112 -6.12 29.51 22.10
C LEU B 1112 -4.82 28.85 22.53
N ARG B 1113 -3.71 29.58 22.47
CA ARG B 1113 -2.43 29.03 22.91
C ARG B 1113 -2.47 28.63 24.37
N ASN B 1114 -3.02 29.48 25.22
CA ASN B 1114 -3.15 29.15 26.64
C ASN B 1114 -4.05 27.95 26.84
N ALA B 1115 -5.14 27.87 26.08
CA ALA B 1115 -6.05 26.73 26.20
C ALA B 1115 -5.34 25.42 25.84
N TYR B 1116 -4.54 25.45 24.78
CA TYR B 1116 -3.81 24.25 24.37
C TYR B 1116 -2.85 23.80 25.47
N HIS B 1117 -2.15 24.76 26.08
CA HIS B 1117 -1.22 24.42 27.15
C HIS B 1117 -1.96 23.85 28.36
N ALA B 1118 -3.09 24.46 28.72
CA ALA B 1118 -3.82 24.01 29.92
C ALA B 1118 -4.30 22.58 29.76
N VAL B 1119 -4.86 22.24 28.59
CA VAL B 1119 -5.38 20.89 28.39
C VAL B 1119 -4.22 19.89 28.34
N TYR B 1120 -3.15 20.23 27.63
CA TYR B 1120 -2.00 19.32 27.57
C TYR B 1120 -1.36 19.13 28.94
N LYS B 1121 -1.21 20.22 29.69
CA LYS B 1121 -0.62 20.21 31.03
C LYS B 1121 0.49 19.17 31.18
N ASN C 24 5.66 86.03 21.36
CA ASN C 24 5.44 85.05 22.42
C ASN C 24 6.29 83.80 22.20
N GLU C 25 6.84 83.25 23.28
CA GLU C 25 7.62 82.03 23.17
C GLU C 25 6.75 80.86 22.72
N LEU C 26 5.45 80.92 22.98
CA LEU C 26 4.56 79.83 22.57
C LEU C 26 4.52 79.70 21.06
N GLU C 27 4.47 80.82 20.34
CA GLU C 27 4.46 80.76 18.89
C GLU C 27 5.76 80.14 18.36
N CYS C 28 6.90 80.53 18.94
CA CYS C 28 8.16 79.95 18.53
C CYS C 28 8.21 78.46 18.82
N VAL C 29 7.70 78.04 19.98
CA VAL C 29 7.68 76.62 20.32
C VAL C 29 6.85 75.85 19.31
N THR C 30 5.68 76.38 18.95
CA THR C 30 4.86 75.72 17.94
C THR C 30 5.60 75.57 16.63
N ASN C 31 6.20 76.64 16.13
CA ASN C 31 6.91 76.58 14.85
C ASN C 31 8.01 75.52 14.89
N ILE C 32 8.72 75.43 16.01
CA ILE C 32 9.72 74.37 16.16
C ILE C 32 9.05 73.00 16.07
N SER C 33 7.87 72.86 16.68
CA SER C 33 7.14 71.60 16.60
C SER C 33 6.76 71.28 15.16
N LEU C 34 6.31 72.30 14.41
CA LEU C 34 6.01 72.08 13.00
C LEU C 34 7.24 71.62 12.24
N ALA C 35 8.39 72.23 12.51
CA ALA C 35 9.62 71.80 11.84
C ALA C 35 9.94 70.35 12.18
N ASN C 36 9.78 69.96 13.44
CA ASN C 36 10.01 68.58 13.83
C ASN C 36 9.03 67.65 13.11
N ILE C 37 7.79 68.07 12.96
CA ILE C 37 6.80 67.27 12.24
C ILE C 37 7.25 67.04 10.81
N ILE C 38 7.77 68.09 10.16
CA ILE C 38 8.28 67.94 8.81
C ILE C 38 9.43 66.94 8.78
N ARG C 39 10.33 67.02 9.76
CA ARG C 39 11.43 66.07 9.84
C ARG C 39 10.91 64.65 10.00
N GLN C 40 9.92 64.45 10.87
CA GLN C 40 9.35 63.13 11.04
C GLN C 40 8.68 62.64 9.76
N LEU C 41 7.98 63.53 9.06
CA LEU C 41 7.38 63.15 7.78
C LEU C 41 8.43 62.73 6.78
N SER C 42 9.55 63.46 6.73
CA SER C 42 10.64 63.07 5.84
C SER C 42 11.21 61.72 6.24
N SER C 43 11.37 61.47 7.54
CA SER C 43 11.84 60.17 7.99
C SER C 43 10.88 59.07 7.59
N LEU C 44 9.58 59.33 7.71
CA LEU C 44 8.59 58.35 7.28
C LEU C 44 8.70 58.08 5.78
N SER C 45 8.95 59.13 5.00
CA SER C 45 9.11 58.95 3.56
C SER C 45 10.27 58.02 3.25
N LYS C 46 11.40 58.20 3.93
CA LYS C 46 12.53 57.28 3.75
C LYS C 46 12.18 55.88 4.20
N TYR C 47 11.47 55.75 5.31
CA TYR C 47 11.09 54.43 5.81
C TYR C 47 10.17 53.71 4.83
N ALA C 48 9.52 54.45 3.93
CA ALA C 48 8.68 53.83 2.92
C ALA C 48 9.45 53.59 1.63
N GLU C 49 10.36 54.50 1.28
CA GLU C 49 11.12 54.35 0.04
C GLU C 49 11.98 53.09 0.06
N ASP C 50 12.63 52.82 1.20
CA ASP C 50 13.48 51.64 1.29
C ASP C 50 12.66 50.36 1.14
N ILE C 51 11.49 50.30 1.77
CA ILE C 51 10.65 49.11 1.69
C ILE C 51 10.21 48.89 0.25
N PHE C 52 9.73 49.94 -0.41
CA PHE C 52 9.27 49.80 -1.79
C PHE C 52 10.42 49.41 -2.71
N GLY C 53 11.59 50.02 -2.51
CA GLY C 53 12.74 49.66 -3.34
C GLY C 53 13.16 48.21 -3.16
N GLU C 54 13.17 47.74 -1.91
CA GLU C 54 13.56 46.36 -1.65
C GLU C 54 12.57 45.39 -2.30
N LEU C 55 11.28 45.65 -2.16
CA LEU C 55 10.27 44.78 -2.76
C LEU C 55 10.38 44.79 -4.27
N PHE C 56 10.57 45.96 -4.87
CA PHE C 56 10.68 46.05 -6.32
C PHE C 56 11.90 45.27 -6.83
N ASN C 57 13.04 45.41 -6.16
CA ASN C 57 14.23 44.68 -6.57
C ASN C 57 14.02 43.19 -6.45
N GLU C 58 13.40 42.74 -5.35
CA GLU C 58 13.14 41.32 -5.17
C GLU C 58 12.16 40.81 -6.23
N ALA C 59 11.06 41.53 -6.45
CA ALA C 59 10.07 41.09 -7.41
C ALA C 59 10.61 41.11 -8.83
N HIS C 60 11.50 42.06 -9.14
CA HIS C 60 12.12 42.09 -10.46
C HIS C 60 12.92 40.82 -10.69
N SER C 61 13.62 40.32 -9.66
CA SER C 61 14.33 39.06 -9.79
C SER C 61 13.37 37.91 -10.10
N PHE C 62 12.23 37.89 -9.43
CA PHE C 62 11.23 36.85 -9.70
C PHE C 62 10.72 36.93 -11.13
N SER C 63 10.56 38.15 -11.65
CA SER C 63 10.14 38.31 -13.03
C SER C 63 11.14 37.68 -13.98
N PHE C 64 12.43 37.88 -13.73
CA PHE C 64 13.45 37.25 -14.56
C PHE C 64 13.38 35.73 -14.46
N ARG C 65 13.20 35.22 -13.25
CA ARG C 65 13.08 33.76 -13.07
C ARG C 65 11.87 33.21 -13.80
N VAL C 66 10.73 33.89 -13.69
CA VAL C 66 9.52 33.43 -14.36
C VAL C 66 9.71 33.45 -15.87
N ASN C 67 10.30 34.53 -16.39
CA ASN C 67 10.51 34.63 -17.83
C ASN C 67 11.43 33.51 -18.33
N SER C 68 12.50 33.22 -17.59
CA SER C 68 13.39 32.14 -17.98
C SER C 68 12.66 30.80 -17.96
N LEU C 69 11.84 30.56 -16.95
CA LEU C 69 11.07 29.33 -16.89
C LEU C 69 10.09 29.23 -18.05
N GLN C 70 9.47 30.35 -18.41
CA GLN C 70 8.53 30.35 -19.54
C GLN C 70 9.23 29.90 -20.81
N GLU C 71 10.44 30.40 -21.06
CA GLU C 71 11.18 29.99 -22.25
C GLU C 71 11.48 28.50 -22.22
N ARG C 72 11.86 27.98 -21.04
CA ARG C 72 12.15 26.55 -20.93
C ARG C 72 10.92 25.70 -21.21
N VAL C 73 9.77 26.10 -20.67
CA VAL C 73 8.54 25.34 -20.88
C VAL C 73 8.14 25.35 -22.35
N ASP C 74 8.27 26.51 -23.01
CA ASP C 74 7.93 26.58 -24.43
C ASP C 74 8.82 25.66 -25.24
N ARG C 75 10.12 25.63 -24.93
CA ARG C 75 11.02 24.71 -25.62
C ARG C 75 10.64 23.26 -25.37
N LEU C 76 10.30 22.93 -24.12
CA LEU C 76 9.92 21.56 -23.80
C LEU C 76 8.63 21.17 -24.50
N SER C 77 7.65 22.08 -24.55
CA SER C 77 6.40 21.79 -25.23
C SER C 77 6.63 21.51 -26.71
N VAL C 78 7.51 22.30 -27.34
CA VAL C 78 7.83 22.05 -28.74
C VAL C 78 8.54 20.72 -28.91
N SER C 79 9.41 20.38 -27.95
CA SER C 79 10.16 19.12 -28.04
C SER C 79 9.24 17.92 -27.78
N VAL C 80 8.34 18.03 -26.80
CA VAL C 80 7.51 16.89 -26.44
C VAL C 80 6.42 16.61 -27.47
N THR C 81 5.97 17.63 -28.21
CA THR C 81 4.97 17.43 -29.25
C THR C 81 5.57 16.90 -30.55
N GLN C 82 6.85 16.49 -30.53
CA GLN C 82 7.52 15.96 -31.70
C GLN C 82 7.97 14.51 -31.53
N LEU C 83 7.81 13.93 -30.35
CA LEU C 83 8.29 12.57 -30.11
C LEU C 83 7.66 11.59 -31.10
N ASP C 84 8.50 10.74 -31.69
CA ASP C 84 8.02 9.69 -32.57
C ASP C 84 8.05 8.37 -31.83
N PRO C 85 6.91 7.69 -31.64
CA PRO C 85 6.94 6.44 -30.87
C PRO C 85 7.88 5.39 -31.43
N LYS C 86 8.08 5.36 -32.75
CA LYS C 86 8.95 4.37 -33.35
C LYS C 86 10.41 4.59 -33.00
N GLU C 87 10.79 5.79 -32.57
CA GLU C 87 12.17 6.10 -32.24
C GLU C 87 12.59 5.57 -30.88
N GLU C 88 11.64 5.15 -30.04
CA GLU C 88 11.98 4.67 -28.70
C GLU C 88 12.83 3.40 -28.78
N GLU C 89 13.87 3.35 -27.94
CA GLU C 89 14.74 2.19 -27.86
C GLU C 89 15.05 1.92 -26.40
N LEU C 90 15.26 0.64 -26.09
CA LEU C 90 15.52 0.19 -24.73
C LEU C 90 16.90 -0.45 -24.65
N SER C 91 17.57 -0.20 -23.52
CA SER C 91 18.91 -0.74 -23.30
C SER C 91 18.83 -2.14 -22.69
N LEU C 92 19.98 -2.77 -22.51
CA LEU C 92 20.04 -4.11 -21.95
C LEU C 92 19.61 -4.09 -20.49
N GLN C 93 19.13 -5.24 -20.01
CA GLN C 93 18.64 -5.35 -18.64
C GLN C 93 19.76 -5.25 -17.62
N ASP C 94 21.00 -5.56 -18.00
CA ASP C 94 22.12 -5.61 -17.07
C ASP C 94 22.99 -4.36 -17.12
N ILE C 95 22.49 -3.26 -17.69
CA ILE C 95 23.25 -2.02 -17.81
C ILE C 95 22.76 -1.05 -16.76
N THR C 96 23.67 -0.67 -15.85
CA THR C 96 23.40 0.32 -14.82
C THR C 96 24.35 1.51 -14.92
N MET C 97 25.04 1.67 -16.06
CA MET C 97 25.99 2.75 -16.23
C MET C 97 25.32 4.12 -16.32
N ARG C 98 24.01 4.17 -16.52
CA ARG C 98 23.32 5.46 -16.62
C ARG C 98 23.49 6.25 -15.33
N LYS C 99 23.76 7.55 -15.48
CA LYS C 99 23.96 8.42 -14.33
C LYS C 99 22.62 8.61 -13.61
N ALA C 100 22.51 8.07 -12.41
CA ALA C 100 21.29 8.20 -11.65
C ALA C 100 20.98 9.68 -11.39
N PHE C 101 19.74 10.07 -11.66
CA PHE C 101 19.35 11.47 -11.47
C PHE C 101 19.27 11.80 -9.99
N ARG C 102 19.78 12.97 -9.63
CA ARG C 102 19.77 13.46 -8.26
C ARG C 102 19.13 14.83 -8.22
N SER C 103 18.20 15.03 -7.30
CA SER C 103 17.52 16.31 -7.15
C SER C 103 18.40 17.28 -6.35
N SER C 104 18.12 18.57 -6.55
CA SER C 104 18.86 19.60 -5.81
C SER C 104 18.58 19.49 -4.33
N THR C 105 19.64 19.61 -3.53
CA THR C 105 19.51 19.49 -2.06
C THR C 105 20.24 20.66 -1.39
N ILE C 106 19.94 21.89 -1.80
CA ILE C 106 20.68 23.05 -1.24
C ILE C 106 19.91 23.53 -0.01
N GLN C 107 20.53 23.46 1.16
CA GLN C 107 19.87 23.89 2.42
C GLN C 107 20.48 25.23 2.83
N ASP C 108 19.66 26.28 2.93
CA ASP C 108 20.19 27.63 3.24
C ASP C 108 20.72 27.66 4.67
N GLN C 109 21.84 28.36 4.90
CA GLN C 109 22.46 28.41 6.25
C GLN C 109 23.15 29.76 6.46
N GLN C 110 23.76 29.96 7.63
CA GLN C 110 24.46 31.22 7.98
C GLN C 110 23.55 32.38 7.60
N LEU C 111 22.26 32.30 7.94
CA LEU C 111 21.28 33.32 7.50
C LEU C 111 21.60 34.70 8.07
N PHE C 112 21.96 34.79 9.36
CA PHE C 112 22.19 36.11 9.99
C PHE C 112 23.65 36.52 9.76
N ASP C 113 23.98 36.92 8.53
CA ASP C 113 25.38 37.27 8.18
C ASP C 113 25.46 38.79 8.03
N ARG C 114 26.64 39.37 8.23
CA ARG C 114 26.79 40.85 8.19
C ARG C 114 26.40 41.37 6.82
N LYS C 115 26.77 40.66 5.76
CA LYS C 115 26.51 41.15 4.38
C LYS C 115 25.00 41.28 4.15
N THR C 116 24.22 40.31 4.63
CA THR C 116 22.75 40.31 4.37
C THR C 116 22.03 41.22 5.37
N LEU C 117 22.42 42.49 5.49
CA LEU C 117 21.79 43.33 6.49
C LEU C 117 21.08 44.45 5.79
N PRO C 118 19.86 44.74 6.23
CA PRO C 118 19.02 45.77 5.65
C PRO C 118 19.69 47.13 5.76
N ILE C 119 19.61 47.95 4.70
CA ILE C 119 20.18 49.30 4.69
C ILE C 119 19.85 50.06 5.96
N PRO C 120 18.60 50.09 6.45
CA PRO C 120 18.34 50.82 7.70
C PRO C 120 19.21 50.36 8.86
N LEU C 121 19.49 49.07 8.95
CA LEU C 121 20.42 48.58 9.97
C LEU C 121 21.82 49.13 9.71
N GLN C 122 22.19 49.33 8.45
CA GLN C 122 23.52 49.85 8.15
C GLN C 122 23.70 51.25 8.71
N GLU C 123 22.71 52.13 8.55
CA GLU C 123 22.79 53.46 9.14
C GLU C 123 22.84 53.38 10.66
N THR C 124 22.03 52.50 11.25
CA THR C 124 22.10 52.28 12.69
C THR C 124 23.43 51.69 13.11
N TYR C 125 24.16 51.05 12.19
CA TYR C 125 25.45 50.45 12.51
C TYR C 125 26.56 51.49 12.49
N ASP C 126 26.78 52.12 11.33
CA ASP C 126 27.90 53.05 11.18
C ASP C 126 27.75 54.27 12.08
N VAL C 127 26.53 54.64 12.47
CA VAL C 127 26.35 55.81 13.31
C VAL C 127 26.99 55.60 14.68
N CYS C 128 26.89 54.37 15.20
CA CYS C 128 27.45 54.07 16.51
C CYS C 128 28.97 54.06 16.46
N GLU C 129 29.58 53.84 17.62
CA GLU C 129 31.04 53.83 17.71
C GLU C 129 31.61 52.57 17.06
N GLN C 130 32.90 52.61 16.78
CA GLN C 130 33.62 51.52 16.14
C GLN C 130 34.69 50.96 17.07
N LEU C 137 48.25 45.49 15.06
CA LEU C 137 49.28 45.16 16.03
C LEU C 137 49.91 43.79 15.79
N THR C 138 49.39 43.00 14.85
CA THR C 138 49.96 41.69 14.60
C THR C 138 51.44 41.73 14.22
N PRO C 139 51.92 42.65 13.38
CA PRO C 139 53.34 42.62 13.01
C PRO C 139 54.27 42.74 14.20
N TYR C 140 53.89 43.52 15.21
CA TYR C 140 54.72 43.74 16.39
C TYR C 140 54.41 42.79 17.52
N ARG C 141 53.49 41.83 17.32
CA ARG C 141 53.17 40.86 18.35
C ARG C 141 54.17 39.70 18.33
N ARG D 10 -6.85 85.48 23.89
CA ARG D 10 -5.72 85.27 24.80
C ARG D 10 -4.76 84.24 24.21
N GLU D 11 -3.49 84.33 24.63
CA GLU D 11 -2.47 83.43 24.10
C GLU D 11 -2.75 81.97 24.45
N ILE D 12 -3.37 81.73 25.62
CA ILE D 12 -3.62 80.35 26.04
C ILE D 12 -4.51 79.63 25.04
N HIS D 13 -5.59 80.28 24.61
CA HIS D 13 -6.49 79.66 23.66
C HIS D 13 -5.79 79.38 22.34
N GLN D 14 -4.96 80.31 21.87
CA GLN D 14 -4.22 80.09 20.63
C GLN D 14 -3.28 78.91 20.76
N ASP D 15 -2.62 78.79 21.91
CA ASP D 15 -1.71 77.66 22.13
C ASP D 15 -2.47 76.33 22.09
N TRP D 16 -3.65 76.29 22.70
CA TRP D 16 -4.45 75.07 22.68
C TRP D 16 -4.82 74.68 21.25
N ALA D 17 -5.25 75.64 20.45
CA ALA D 17 -5.60 75.36 19.06
C ALA D 17 -4.39 74.88 18.27
N ASN D 18 -3.24 75.53 18.46
CA ASN D 18 -2.03 75.13 17.74
C ASN D 18 -1.60 73.72 18.14
N ARG D 19 -1.66 73.41 19.43
CA ARG D 19 -1.29 72.07 19.88
C ARG D 19 -2.26 71.02 19.36
N GLU D 20 -3.54 71.36 19.22
CA GLU D 20 -4.48 70.45 18.61
C GLU D 20 -4.11 70.16 17.17
N TYR D 21 -3.66 71.19 16.44
CA TYR D 21 -3.19 70.99 15.08
C TYR D 21 -2.01 70.02 15.05
N ILE D 22 -1.09 70.16 16.01
CA ILE D 22 0.04 69.25 16.09
C ILE D 22 -0.42 67.83 16.39
N GLU D 23 -1.36 67.69 17.33
CA GLU D 23 -1.78 66.37 17.77
C GLU D 23 -2.41 65.59 16.62
N ILE D 24 -3.29 66.22 15.84
CA ILE D 24 -3.93 65.53 14.74
C ILE D 24 -2.91 65.16 13.67
N ILE D 25 -1.96 66.06 13.39
CA ILE D 25 -0.94 65.78 12.40
C ILE D 25 -0.09 64.59 12.84
N THR D 26 0.32 64.57 14.11
CA THR D 26 1.12 63.45 14.60
C THR D 26 0.35 62.15 14.51
N SER D 27 -0.94 62.16 14.86
CA SER D 27 -1.75 60.96 14.75
C SER D 27 -1.83 60.49 13.31
N SER D 28 -1.97 61.43 12.37
CA SER D 28 -1.98 61.05 10.95
C SER D 28 -0.66 60.41 10.56
N ILE D 29 0.47 60.97 11.02
CA ILE D 29 1.77 60.39 10.71
C ILE D 29 1.87 58.98 11.26
N LYS D 30 1.42 58.78 12.50
CA LYS D 30 1.48 57.45 13.10
C LYS D 30 0.64 56.45 12.33
N LYS D 31 -0.55 56.85 11.89
CA LYS D 31 -1.41 55.96 11.12
C LYS D 31 -0.74 55.53 9.82
N ILE D 32 -0.08 56.47 9.13
CA ILE D 32 0.60 56.12 7.89
C ILE D 32 1.71 55.11 8.16
N ALA D 33 2.49 55.33 9.21
CA ALA D 33 3.56 54.40 9.53
C ALA D 33 3.02 53.02 9.87
N ASP D 34 1.94 52.97 10.64
CA ASP D 34 1.36 51.68 11.00
C ASP D 34 0.87 50.92 9.76
N PHE D 35 0.21 51.64 8.84
CA PHE D 35 -0.21 51.00 7.60
C PHE D 35 1.00 50.54 6.78
N LEU D 36 2.05 51.35 6.75
CA LEU D 36 3.24 50.99 5.97
C LEU D 36 3.85 49.69 6.48
N ASN D 37 3.95 49.55 7.81
CA ASN D 37 4.48 48.31 8.37
C ASN D 37 3.58 47.13 8.03
N SER D 38 2.27 47.30 8.17
CA SER D 38 1.34 46.21 7.86
C SER D 38 1.41 45.84 6.40
N PHE D 39 1.49 46.83 5.51
CA PHE D 39 1.59 46.55 4.08
C PHE D 39 2.86 45.78 3.77
N ASP D 40 3.98 46.16 4.40
CA ASP D 40 5.23 45.46 4.16
C ASP D 40 5.14 44.01 4.59
N MET D 41 4.53 43.75 5.74
CA MET D 41 4.36 42.38 6.21
C MET D 41 3.47 41.58 5.27
N SER D 42 2.35 42.18 4.85
CA SER D 42 1.41 41.46 3.99
C SER D 42 2.03 41.13 2.65
N CYS D 43 2.71 42.10 2.03
CA CYS D 43 3.33 41.85 0.72
C CYS D 43 4.42 40.80 0.84
N ARG D 44 5.21 40.85 1.91
CA ARG D 44 6.27 39.86 2.09
C ARG D 44 5.71 38.45 2.20
N SER D 45 4.61 38.28 2.95
CA SER D 45 3.99 36.97 3.06
C SER D 45 3.50 36.49 1.69
N ARG D 46 2.83 37.37 0.94
CA ARG D 46 2.41 37.01 -0.41
C ARG D 46 3.61 36.71 -1.29
N LEU D 47 4.70 37.46 -1.11
CA LEU D 47 5.91 37.21 -1.87
C LEU D 47 6.51 35.85 -1.51
N ALA D 48 6.51 35.51 -0.23
CA ALA D 48 7.11 34.25 0.19
C ALA D 48 6.38 33.05 -0.40
N THR D 49 5.04 33.05 -0.31
CA THR D 49 4.27 31.95 -0.86
C THR D 49 4.41 31.88 -2.38
N LEU D 50 4.57 33.02 -3.04
CA LEU D 50 4.81 33.03 -4.48
C LEU D 50 6.14 32.35 -4.80
N ASN D 51 7.17 32.61 -4.01
CA ASN D 51 8.46 31.96 -4.22
C ASN D 51 8.35 30.45 -4.01
N GLU D 52 7.56 30.03 -3.03
CA GLU D 52 7.42 28.60 -2.74
C GLU D 52 6.88 27.86 -3.95
N LYS D 53 5.86 28.43 -4.61
CA LYS D 53 5.32 27.80 -5.81
C LYS D 53 6.32 27.86 -6.96
N LEU D 54 7.03 28.97 -7.09
CA LEU D 54 7.96 29.13 -8.20
C LEU D 54 9.08 28.09 -8.15
N THR D 55 9.66 27.87 -6.97
CA THR D 55 10.72 26.89 -6.84
C THR D 55 10.18 25.47 -7.08
N ALA D 56 8.97 25.19 -6.61
CA ALA D 56 8.37 23.89 -6.86
C ALA D 56 8.19 23.65 -8.35
N LEU D 57 7.73 24.67 -9.07
CA LEU D 57 7.59 24.54 -10.53
C LEU D 57 8.95 24.33 -11.19
N GLU D 58 9.98 25.05 -10.72
CA GLU D 58 11.30 24.90 -11.30
C GLU D 58 11.84 23.48 -11.10
N ARG D 59 11.61 22.91 -9.92
CA ARG D 59 12.03 21.54 -9.69
C ARG D 59 11.25 20.57 -10.57
N ARG D 60 9.94 20.79 -10.72
CA ARG D 60 9.13 19.87 -11.50
C ARG D 60 9.52 19.87 -12.97
N ILE D 61 9.77 21.06 -13.54
CA ILE D 61 10.16 21.14 -14.93
C ILE D 61 11.52 20.47 -15.14
N GLU D 62 12.44 20.64 -14.19
CA GLU D 62 13.73 19.98 -14.29
C GLU D 62 13.56 18.47 -14.29
N TYR D 63 12.69 17.95 -13.42
CA TYR D 63 12.44 16.51 -13.39
C TYR D 63 11.84 16.03 -14.71
N ILE D 64 10.90 16.79 -15.27
CA ILE D 64 10.30 16.41 -16.54
C ILE D 64 11.33 16.40 -17.64
N GLU D 65 12.19 17.42 -17.68
CA GLU D 65 13.22 17.49 -18.71
C GLU D 65 14.17 16.30 -18.62
N ALA D 66 14.59 15.95 -17.40
CA ALA D 66 15.47 14.80 -17.23
C ALA D 66 14.77 13.51 -17.66
N ARG D 67 13.48 13.39 -17.35
CA ARG D 67 12.74 12.19 -17.73
C ARG D 67 12.65 12.04 -19.24
N VAL D 68 12.48 13.16 -19.95
CA VAL D 68 12.26 13.11 -21.39
C VAL D 68 13.54 13.25 -22.20
N THR D 69 14.61 13.79 -21.63
CA THR D 69 15.83 14.00 -22.37
C THR D 69 16.41 12.66 -22.84
N LYS D 70 16.97 12.66 -24.03
CA LYS D 70 17.55 11.47 -24.64
C LYS D 70 19.05 11.64 -24.75
N GLY D 71 19.80 10.64 -24.29
CA GLY D 71 21.25 10.68 -24.33
C GLY D 71 21.86 11.20 -23.05
N MET E 1 0.77 41.80 -20.91
CA MET E 1 2.25 41.58 -20.95
C MET E 1 2.98 42.91 -21.05
N ALA E 2 2.55 43.76 -21.98
CA ALA E 2 3.17 45.07 -22.13
C ALA E 2 3.01 45.91 -20.88
N GLU E 3 1.83 45.87 -20.27
CA GLU E 3 1.60 46.64 -19.06
C GLU E 3 2.53 46.22 -17.94
N LEU E 4 2.97 44.97 -17.94
CA LEU E 4 3.92 44.50 -16.93
C LEU E 4 5.23 45.27 -17.02
N GLN E 5 5.93 45.14 -18.15
CA GLN E 5 7.20 45.84 -18.32
C GLN E 5 7.03 47.34 -18.16
N MET E 6 5.84 47.86 -18.47
CA MET E 6 5.58 49.28 -18.32
C MET E 6 5.74 49.70 -16.85
N LEU E 7 5.08 48.99 -15.95
CA LEU E 7 5.13 49.38 -14.53
C LEU E 7 6.41 48.94 -13.85
N LEU E 8 7.14 47.99 -14.42
CA LEU E 8 8.40 47.56 -13.83
C LEU E 8 9.45 48.67 -13.89
N GLU E 9 9.61 49.30 -15.05
CA GLU E 9 10.71 50.22 -15.29
C GLU E 9 10.23 51.64 -15.62
N GLU E 10 8.97 51.96 -15.28
CA GLU E 10 8.48 53.31 -15.50
C GLU E 10 7.76 53.85 -14.27
N GLU E 11 7.18 52.96 -13.46
CA GLU E 11 6.37 53.38 -12.32
C GLU E 11 7.18 53.44 -11.03
N ILE E 12 7.73 52.30 -10.61
CA ILE E 12 8.45 52.25 -9.33
C ILE E 12 9.68 53.16 -9.34
N PRO E 13 10.54 53.13 -10.35
CA PRO E 13 11.68 54.06 -10.33
C PRO E 13 11.25 55.52 -10.26
N GLY E 14 10.15 55.87 -10.94
CA GLY E 14 9.67 57.24 -10.85
C GLY E 14 9.19 57.58 -9.45
N GLY E 15 8.50 56.66 -8.80
CA GLY E 15 8.05 56.91 -7.44
C GLY E 15 9.20 57.11 -6.47
N ARG E 16 10.24 56.28 -6.59
CA ARG E 16 11.42 56.45 -5.74
C ARG E 16 12.10 57.79 -5.99
N ARG E 17 12.21 58.19 -7.26
CA ARG E 17 12.75 59.51 -7.56
C ARG E 17 11.89 60.61 -6.98
N ALA E 18 10.56 60.45 -7.06
CA ALA E 18 9.66 61.43 -6.46
C ALA E 18 9.84 61.47 -4.94
N LEU E 19 10.01 60.31 -4.31
CA LEU E 19 10.24 60.27 -2.88
C LEU E 19 11.51 61.01 -2.50
N PHE E 20 12.60 60.79 -3.25
CA PHE E 20 13.85 61.49 -2.98
C PHE E 20 13.67 62.99 -3.16
N ASP E 21 12.99 63.40 -4.23
CA ASP E 21 12.73 64.82 -4.44
C ASP E 21 11.87 65.38 -3.31
N SER E 22 10.88 64.62 -2.85
CA SER E 22 10.06 65.06 -1.73
C SER E 22 10.90 65.27 -0.48
N TYR E 23 11.83 64.35 -0.21
CA TYR E 23 12.68 64.47 0.96
C TYR E 23 13.47 65.78 0.92
N THR E 24 14.09 66.07 -0.24
CA THR E 24 14.84 67.31 -0.36
C THR E 24 13.93 68.53 -0.20
N ASN E 25 12.73 68.47 -0.80
CA ASN E 25 11.79 69.57 -0.66
C ASN E 25 11.35 69.76 0.79
N LEU E 26 11.12 68.65 1.50
CA LEU E 26 10.71 68.75 2.90
C LEU E 26 11.77 69.43 3.75
N GLU E 27 13.05 69.07 3.53
CA GLU E 27 14.12 69.70 4.28
C GLU E 27 14.25 71.17 3.93
N ARG E 28 14.19 71.49 2.63
CA ARG E 28 14.35 72.88 2.21
C ARG E 28 13.21 73.75 2.72
N VAL E 29 11.97 73.26 2.62
CA VAL E 29 10.83 74.08 3.01
C VAL E 29 10.84 74.33 4.51
N ALA E 30 11.21 73.32 5.30
CA ALA E 30 11.27 73.49 6.74
C ALA E 30 12.28 74.57 7.13
N ASP E 31 13.45 74.55 6.48
CA ASP E 31 14.44 75.57 6.76
C ASP E 31 13.94 76.96 6.34
N TYR E 32 13.29 77.04 5.18
CA TYR E 32 12.81 78.33 4.71
C TYR E 32 11.74 78.90 5.63
N CYS E 33 10.78 78.06 6.04
CA CYS E 33 9.71 78.54 6.93
C CYS E 33 10.26 78.99 8.27
N GLU E 34 11.18 78.20 8.84
CA GLU E 34 11.78 78.58 10.11
C GLU E 34 12.57 79.89 9.98
N ASN E 35 13.33 80.03 8.90
CA ASN E 35 14.06 81.26 8.67
C ASN E 35 13.11 82.42 8.38
N ASN E 36 11.97 82.13 7.74
CA ASN E 36 11.00 83.19 7.47
C ASN E 36 10.31 83.65 8.75
N TYR E 37 9.97 82.70 9.63
CA TYR E 37 9.28 83.07 10.87
C TYR E 37 10.14 83.97 11.74
N ILE E 38 11.42 83.63 11.89
CA ILE E 38 12.31 84.45 12.72
C ILE E 38 12.49 85.83 12.10
N GLN E 39 12.69 85.89 10.78
CA GLN E 39 12.92 87.17 10.11
C GLN E 39 11.64 87.98 9.98
N SER E 40 10.53 87.33 9.62
CA SER E 40 9.31 88.05 9.31
C SER E 40 8.83 88.86 10.49
N ALA E 41 8.44 90.11 10.23
CA ALA E 41 7.87 90.95 11.28
C ALA E 41 6.55 90.38 11.78
N ASP E 42 5.72 89.89 10.87
CA ASP E 42 4.45 89.27 11.23
C ASP E 42 4.65 87.77 11.43
N LYS E 43 4.16 87.26 12.55
CA LYS E 43 4.32 85.85 12.90
C LYS E 43 3.11 85.00 12.52
N GLN E 44 1.90 85.57 12.54
CA GLN E 44 0.72 84.80 12.18
C GLN E 44 0.79 84.35 10.73
N ARG E 45 1.23 85.24 9.82
CA ARG E 45 1.37 84.85 8.42
C ARG E 45 2.39 83.71 8.28
N ALA E 46 3.50 83.80 9.00
CA ALA E 46 4.49 82.72 8.95
C ALA E 46 3.90 81.42 9.47
N LEU E 47 3.14 81.48 10.57
CA LEU E 47 2.54 80.29 11.13
C LEU E 47 1.57 79.66 10.14
N GLU E 48 0.76 80.47 9.48
CA GLU E 48 -0.17 79.94 8.48
C GLU E 48 0.58 79.34 7.30
N GLU E 49 1.66 79.98 6.85
CA GLU E 49 2.41 79.49 5.71
C GLU E 49 2.99 78.11 5.99
N THR E 50 3.58 77.91 7.17
CA THR E 50 4.15 76.61 7.51
C THR E 50 3.05 75.57 7.67
N LYS E 51 1.89 75.97 8.19
CA LYS E 51 0.77 75.05 8.30
C LYS E 51 0.32 74.57 6.93
N ALA E 52 0.28 75.49 5.95
CA ALA E 52 -0.07 75.10 4.59
C ALA E 52 0.98 74.17 4.00
N TYR E 53 2.26 74.46 4.24
CA TYR E 53 3.33 73.66 3.66
C TYR E 53 3.30 72.23 4.20
N THR E 54 3.16 72.08 5.53
CA THR E 54 3.14 70.75 6.11
C THR E 54 1.93 69.95 5.63
N THR E 55 0.78 70.61 5.52
CA THR E 55 -0.41 69.92 5.00
C THR E 55 -0.19 69.48 3.57
N GLN E 56 0.43 70.33 2.74
CA GLN E 56 0.73 69.94 1.37
C GLN E 56 1.68 68.75 1.34
N SER E 57 2.70 68.77 2.19
CA SER E 57 3.64 67.65 2.23
C SER E 57 2.95 66.36 2.66
N LEU E 58 2.09 66.43 3.68
CA LEU E 58 1.42 65.22 4.16
C LEU E 58 0.51 64.64 3.08
N ALA E 59 -0.23 65.49 2.37
CA ALA E 59 -1.11 64.99 1.31
C ALA E 59 -0.30 64.35 0.20
N SER E 60 0.82 64.98 -0.20
CA SER E 60 1.64 64.42 -1.26
C SER E 60 2.23 63.08 -0.85
N VAL E 61 2.71 62.98 0.39
CA VAL E 61 3.31 61.72 0.85
C VAL E 61 2.28 60.60 0.85
N ALA E 62 1.07 60.88 1.35
CA ALA E 62 0.02 59.87 1.34
C ALA E 62 -0.34 59.46 -0.08
N TYR E 63 -0.41 60.44 -1.00
CA TYR E 63 -0.71 60.11 -2.38
C TYR E 63 0.36 59.22 -2.99
N LEU E 64 1.62 59.52 -2.71
CA LEU E 64 2.71 58.70 -3.24
C LEU E 64 2.65 57.29 -2.69
N ILE E 65 2.34 57.14 -1.41
CA ILE E 65 2.27 55.81 -0.80
C ILE E 65 1.15 55.00 -1.43
N ASN E 66 -0.01 55.62 -1.64
CA ASN E 66 -1.16 54.89 -2.15
C ASN E 66 -0.89 54.36 -3.56
N THR E 67 -0.35 55.22 -4.43
CA THR E 67 -0.08 54.77 -5.81
C THR E 67 0.97 53.67 -5.83
N LEU E 68 2.00 53.78 -4.99
CA LEU E 68 3.02 52.75 -4.95
C LEU E 68 2.45 51.43 -4.46
N ALA E 69 1.62 51.47 -3.42
CA ALA E 69 1.00 50.25 -2.92
C ALA E 69 0.09 49.61 -3.96
N ASN E 70 -0.70 50.43 -4.66
CA ASN E 70 -1.58 49.90 -5.70
C ASN E 70 -0.77 49.26 -6.82
N ASN E 71 0.32 49.92 -7.24
CA ASN E 71 1.14 49.37 -8.32
C ASN E 71 1.78 48.05 -7.90
N VAL E 72 2.28 47.97 -6.67
CA VAL E 72 2.90 46.74 -6.19
C VAL E 72 1.88 45.61 -6.16
N LEU E 73 0.68 45.88 -5.65
CA LEU E 73 -0.36 44.86 -5.61
C LEU E 73 -0.73 44.40 -7.01
N GLN E 74 -0.86 45.34 -7.95
CA GLN E 74 -1.17 44.97 -9.33
C GLN E 74 -0.07 44.11 -9.93
N MET E 75 1.20 44.46 -9.69
CA MET E 75 2.30 43.68 -10.23
C MET E 75 2.31 42.27 -9.64
N LEU E 76 2.05 42.14 -8.35
CA LEU E 76 2.04 40.82 -7.72
C LEU E 76 0.91 39.96 -8.30
N ASP E 77 -0.26 40.56 -8.52
CA ASP E 77 -1.40 39.78 -9.01
C ASP E 77 -1.12 39.20 -10.39
N ILE E 78 -0.53 39.99 -11.28
CA ILE E 78 -0.24 39.49 -12.62
C ILE E 78 0.82 38.40 -12.55
N GLN E 79 1.80 38.54 -11.65
CA GLN E 79 2.81 37.50 -11.48
C GLN E 79 2.18 36.20 -11.03
N ALA E 80 1.25 36.26 -10.08
CA ALA E 80 0.56 35.05 -9.62
C ALA E 80 -0.25 34.43 -10.74
N SER E 81 -0.94 35.26 -11.53
CA SER E 81 -1.71 34.74 -12.66
C SER E 81 -0.80 34.03 -13.65
N GLN E 82 0.36 34.62 -13.95
CA GLN E 82 1.30 33.96 -14.84
C GLN E 82 1.76 32.63 -14.28
N LEU E 83 2.03 32.58 -12.96
CA LEU E 83 2.47 31.34 -12.35
C LEU E 83 1.40 30.26 -12.45
N ARG E 84 0.15 30.62 -12.21
CA ARG E 84 -0.93 29.63 -12.29
C ARG E 84 -1.07 29.09 -13.71
N ARG E 85 -0.98 29.97 -14.71
CA ARG E 85 -0.99 29.50 -16.10
C ARG E 85 0.18 28.57 -16.37
N MET E 86 1.35 28.89 -15.81
CA MET E 86 2.51 28.03 -15.97
C MET E 86 2.26 26.65 -15.38
N GLU E 87 1.65 26.60 -14.20
CA GLU E 87 1.41 25.32 -13.54
C GLU E 87 0.52 24.42 -14.39
N SER E 88 -0.51 24.99 -15.00
CA SER E 88 -1.41 24.20 -15.84
C SER E 88 -0.66 23.60 -17.03
N SER E 89 0.20 24.40 -17.66
CA SER E 89 0.97 23.90 -18.80
C SER E 89 1.90 22.77 -18.38
N ILE E 90 2.54 22.91 -17.22
CA ILE E 90 3.43 21.85 -16.74
C ILE E 90 2.64 20.56 -16.50
N ASN E 91 1.47 20.68 -15.87
CA ASN E 91 0.66 19.50 -15.60
C ASN E 91 0.25 18.81 -16.90
N HIS E 92 -0.14 19.59 -17.91
CA HIS E 92 -0.50 19.00 -19.19
C HIS E 92 0.69 18.28 -19.81
N ILE E 93 1.88 18.88 -19.74
CA ILE E 93 3.08 18.24 -20.28
C ILE E 93 3.37 16.95 -19.53
N SER E 94 3.26 16.98 -18.19
CA SER E 94 3.51 15.78 -17.41
C SER E 94 2.51 14.69 -17.75
N GLN E 95 1.24 15.05 -17.93
CA GLN E 95 0.25 14.06 -18.33
C GLN E 95 0.56 13.49 -19.71
N THR E 96 1.00 14.35 -20.63
CA THR E 96 1.34 13.87 -21.97
C THR E 96 2.52 12.91 -21.92
N VAL E 97 3.51 13.19 -21.08
CA VAL E 97 4.69 12.34 -20.99
C VAL E 97 4.32 10.96 -20.46
N ASP E 98 3.52 10.92 -19.39
CA ASP E 98 3.22 9.64 -18.75
C ASP E 98 2.42 8.72 -19.67
N ILE E 99 1.55 9.24 -20.53
CA ILE E 99 0.69 8.42 -21.44
C ILE E 99 1.61 7.91 -22.54
N HIS E 100 2.56 8.72 -22.96
CA HIS E 100 3.56 8.35 -23.99
C HIS E 100 4.39 7.18 -23.49
N LYS E 101 4.78 7.19 -22.22
CA LYS E 101 5.62 6.13 -21.61
C LYS E 101 4.83 4.82 -21.50
N GLU E 102 3.56 4.85 -21.12
CA GLU E 102 2.73 3.64 -20.95
C GLU E 102 2.56 2.98 -22.32
N LYS E 103 2.41 3.76 -23.37
CA LYS E 103 2.22 3.23 -24.74
C LYS E 103 3.46 2.44 -25.13
N VAL E 104 4.65 2.95 -24.80
CA VAL E 104 5.95 2.26 -25.09
C VAL E 104 6.03 0.97 -24.26
N ALA E 105 5.63 0.99 -23.00
CA ALA E 105 5.63 -0.19 -22.11
C ALA E 105 4.65 -1.25 -22.62
N ARG E 106 3.50 -0.85 -23.13
CA ARG E 106 2.47 -1.78 -23.68
C ARG E 106 3.00 -2.42 -24.97
N ARG E 107 3.79 -1.72 -25.77
CA ARG E 107 4.37 -2.26 -27.01
C ARG E 107 5.36 -3.36 -26.66
N GLU E 108 6.13 -3.20 -25.57
CA GLU E 108 7.15 -4.18 -25.13
C GLU E 108 6.51 -5.50 -24.69
N ILE E 109 5.43 -5.47 -23.92
CA ILE E 109 4.73 -6.70 -23.45
C ILE E 109 3.94 -7.22 -24.65
N GLY E 110 3.51 -6.36 -25.56
CA GLY E 110 2.71 -6.75 -26.74
C GLY E 110 3.48 -7.60 -27.73
N ILE E 111 4.79 -7.51 -27.76
CA ILE E 111 5.65 -8.28 -28.71
C ILE E 111 5.43 -9.75 -28.42
N LEU E 112 5.24 -10.11 -27.15
CA LEU E 112 5.10 -11.51 -26.74
C LEU E 112 3.63 -11.84 -26.47
N THR E 113 2.66 -11.24 -27.19
CA THR E 113 1.26 -11.47 -26.86
C THR E 113 0.51 -11.98 -28.07
N THR E 114 -0.46 -12.87 -27.83
CA THR E 114 -1.26 -13.46 -28.89
C THR E 114 -2.73 -13.42 -28.50
N ASN E 115 -3.59 -13.46 -29.51
CA ASN E 115 -5.03 -13.39 -29.29
C ASN E 115 -5.54 -14.68 -28.66
N LYS E 116 -6.71 -14.57 -28.04
CA LYS E 116 -7.38 -15.69 -27.40
C LYS E 116 -8.57 -16.13 -28.25
N ASN E 117 -8.67 -17.43 -28.50
CA ASN E 117 -9.79 -17.99 -29.27
C ASN E 117 -10.94 -18.34 -28.33
N THR E 118 -11.49 -17.30 -27.70
CA THR E 118 -12.58 -17.43 -26.75
C THR E 118 -13.82 -16.76 -27.31
N SER E 119 -14.96 -17.46 -27.22
CA SER E 119 -16.23 -16.97 -27.71
C SER E 119 -17.34 -17.45 -26.81
N ARG E 120 -18.49 -16.79 -26.90
CA ARG E 120 -19.66 -17.10 -26.09
C ARG E 120 -20.78 -17.66 -26.95
N THR E 121 -21.39 -18.74 -26.47
CA THR E 121 -22.57 -19.31 -27.09
C THR E 121 -23.57 -19.68 -26.00
N HIS E 122 -24.85 -19.71 -26.38
CA HIS E 122 -25.89 -20.03 -25.42
C HIS E 122 -25.78 -21.48 -24.95
N LYS E 123 -26.36 -21.74 -23.78
CA LYS E 123 -26.31 -23.08 -23.22
C LYS E 123 -26.99 -24.09 -24.14
N ILE E 124 -28.16 -23.73 -24.68
CA ILE E 124 -28.90 -24.59 -25.59
C ILE E 124 -29.30 -23.77 -26.80
N ILE E 125 -29.10 -24.34 -27.99
CA ILE E 125 -29.46 -23.70 -29.26
C ILE E 125 -30.39 -24.64 -30.01
N ALA E 126 -31.49 -24.08 -30.53
CA ALA E 126 -32.49 -24.87 -31.22
C ALA E 126 -32.56 -24.47 -32.69
N PRO E 127 -33.00 -25.38 -33.57
CA PRO E 127 -33.10 -25.02 -34.98
C PRO E 127 -34.26 -24.08 -35.24
N ALA E 128 -34.19 -23.41 -36.39
CA ALA E 128 -35.28 -22.52 -36.79
C ALA E 128 -36.57 -23.30 -37.00
N ASN E 129 -36.48 -24.48 -37.61
CA ASN E 129 -37.64 -25.33 -37.86
C ASN E 129 -37.45 -26.63 -37.10
N LEU E 130 -38.46 -26.99 -36.31
CA LEU E 130 -38.41 -28.22 -35.51
C LEU E 130 -38.83 -29.41 -36.36
N GLU E 131 -38.75 -30.61 -35.76
CA GLU E 131 -39.09 -31.86 -36.43
C GLU E 131 -40.55 -32.19 -36.08
N ARG E 132 -41.46 -31.90 -37.00
CA ARG E 132 -42.86 -32.19 -36.77
C ARG E 132 -43.13 -33.68 -36.97
N PRO E 133 -44.06 -34.26 -36.21
CA PRO E 133 -44.37 -35.68 -36.38
C PRO E 133 -45.01 -35.95 -37.73
N VAL E 134 -44.80 -37.17 -38.22
CA VAL E 134 -45.33 -37.62 -39.51
C VAL E 134 -46.39 -38.68 -39.25
N ARG E 135 -47.55 -38.51 -39.84
CA ARG E 135 -48.65 -39.46 -39.65
C ARG E 135 -48.34 -40.77 -40.35
N TYR E 136 -48.85 -41.86 -39.79
CA TYR E 136 -48.61 -43.20 -40.30
C TYR E 136 -49.68 -43.57 -41.31
N ILE E 137 -49.25 -44.14 -42.43
CA ILE E 137 -50.15 -44.63 -43.48
C ILE E 137 -49.83 -46.09 -43.74
N ARG E 138 -50.85 -46.94 -43.67
CA ARG E 138 -50.68 -48.35 -43.91
C ARG E 138 -50.55 -48.63 -45.40
N LYS E 139 -49.53 -49.40 -45.78
CA LYS E 139 -49.29 -49.76 -47.16
C LYS E 139 -48.92 -51.23 -47.24
N PRO E 140 -49.21 -51.89 -48.36
CA PRO E 140 -48.84 -53.30 -48.51
C PRO E 140 -47.38 -53.44 -48.91
N ILE E 141 -46.90 -54.69 -48.85
CA ILE E 141 -45.52 -54.98 -49.22
C ILE E 141 -45.39 -54.91 -50.74
N ASP E 142 -44.40 -54.15 -51.20
CA ASP E 142 -44.14 -53.98 -52.62
C ASP E 142 -42.74 -54.49 -52.94
N TYR E 143 -42.64 -55.35 -53.95
CA TYR E 143 -41.38 -55.92 -54.37
C TYR E 143 -40.81 -55.24 -55.61
N THR E 144 -41.39 -54.13 -56.04
CA THR E 144 -40.98 -53.42 -57.24
C THR E 144 -40.46 -52.02 -56.89
N ILE E 145 -39.67 -51.94 -55.82
CA ILE E 145 -39.07 -50.68 -55.41
C ILE E 145 -37.56 -50.66 -55.56
N LEU E 146 -36.90 -51.82 -55.62
CA LEU E 146 -35.47 -51.92 -55.80
C LEU E 146 -35.06 -52.13 -57.26
N ASP E 147 -36.03 -52.14 -58.18
CA ASP E 147 -35.70 -52.41 -59.58
C ASP E 147 -34.94 -51.26 -60.22
N ASP E 148 -35.23 -50.02 -59.82
CA ASP E 148 -34.63 -48.85 -60.45
C ASP E 148 -33.16 -48.66 -60.08
N ILE E 149 -32.64 -49.40 -59.11
CA ILE E 149 -31.25 -49.31 -58.67
C ILE E 149 -30.55 -50.60 -59.03
N GLY E 150 -29.41 -50.48 -59.72
CA GLY E 150 -28.68 -51.64 -60.16
C GLY E 150 -29.30 -52.29 -61.38
N HIS E 151 -28.79 -53.48 -61.69
CA HIS E 151 -29.28 -54.27 -62.83
C HIS E 151 -30.46 -55.11 -62.35
N GLY E 152 -31.60 -54.43 -62.17
CA GLY E 152 -32.79 -55.10 -61.70
C GLY E 152 -33.53 -55.83 -62.80
N VAL E 153 -34.57 -56.57 -62.37
CA VAL E 153 -35.40 -57.35 -63.27
C VAL E 153 -36.85 -56.93 -63.06
N LYS E 154 -37.56 -56.69 -64.16
CA LYS E 154 -38.96 -56.29 -64.13
C LYS E 154 -39.83 -57.48 -64.47
N VAL E 155 -40.79 -57.80 -63.60
CA VAL E 155 -41.69 -58.92 -63.82
C VAL E 155 -43.13 -58.47 -63.63
N GLN F 2 -1.85 -74.00 -36.75
CA GLN F 2 -1.47 -72.87 -37.59
C GLN F 2 -0.34 -72.07 -36.96
N ALA F 3 -0.41 -71.91 -35.64
CA ALA F 3 0.60 -71.19 -34.88
C ALA F 3 1.47 -72.17 -34.12
N ILE F 4 2.79 -72.03 -34.27
CA ILE F 4 3.75 -72.92 -33.65
C ILE F 4 4.63 -72.09 -32.71
N LYS F 5 4.79 -72.56 -31.48
CA LYS F 5 5.61 -71.90 -30.48
C LYS F 5 6.95 -72.61 -30.39
N CYS F 6 8.04 -71.86 -30.56
CA CYS F 6 9.38 -72.40 -30.54
C CYS F 6 10.22 -71.65 -29.51
N VAL F 7 10.92 -72.39 -28.66
CA VAL F 7 11.82 -71.83 -27.66
C VAL F 7 13.20 -72.41 -27.89
N VAL F 8 14.21 -71.54 -27.92
CA VAL F 8 15.59 -71.92 -28.18
C VAL F 8 16.38 -71.80 -26.89
N VAL F 9 17.09 -72.86 -26.52
CA VAL F 9 17.88 -72.90 -25.30
C VAL F 9 19.28 -73.37 -25.64
N GLY F 10 20.23 -73.03 -24.77
CA GLY F 10 21.61 -73.42 -24.97
C GLY F 10 22.53 -72.59 -24.11
N ASP F 11 23.82 -72.91 -24.23
CA ASP F 11 24.83 -72.19 -23.47
C ASP F 11 25.01 -70.78 -24.02
N GLY F 12 25.64 -69.93 -23.20
CA GLY F 12 25.86 -68.56 -23.61
C GLY F 12 26.84 -68.47 -24.77
N ALA F 13 26.74 -67.37 -25.54
CA ALA F 13 27.57 -67.06 -26.73
C ALA F 13 27.56 -68.15 -27.81
N VAL F 14 26.45 -68.88 -27.96
CA VAL F 14 26.34 -70.00 -28.96
C VAL F 14 25.61 -69.50 -30.21
N GLY F 15 25.24 -68.22 -30.29
CA GLY F 15 24.62 -67.63 -31.50
C GLY F 15 23.13 -67.80 -31.62
N LYS F 16 22.40 -67.99 -30.52
CA LYS F 16 20.94 -68.23 -30.55
C LYS F 16 20.22 -67.01 -31.10
N THR F 17 20.39 -65.83 -30.51
CA THR F 17 19.63 -64.63 -30.92
C THR F 17 20.09 -64.27 -32.32
N CYS F 18 21.37 -64.46 -32.62
CA CYS F 18 21.93 -64.12 -33.93
C CYS F 18 21.19 -64.97 -34.98
N LEU F 19 20.94 -66.24 -34.73
CA LEU F 19 20.26 -67.17 -35.69
C LEU F 19 18.84 -66.67 -35.96
N LEU F 20 18.10 -66.31 -34.91
CA LEU F 20 16.69 -65.84 -35.05
C LEU F 20 16.68 -64.52 -35.81
N ILE F 21 17.63 -63.63 -35.51
CA ILE F 21 17.71 -62.30 -36.18
C ILE F 21 18.02 -62.59 -37.65
N SER F 22 18.92 -63.51 -37.96
CA SER F 22 19.33 -63.78 -39.35
C SER F 22 18.09 -64.29 -40.10
N TYR F 23 17.27 -65.10 -39.43
CA TYR F 23 16.04 -65.68 -40.05
C TYR F 23 14.98 -64.62 -40.30
N THR F 24 14.79 -63.66 -39.38
CA THR F 24 13.67 -62.67 -39.49
C THR F 24 14.05 -61.38 -40.24
N THR F 25 15.17 -60.73 -39.94
CA THR F 25 15.55 -59.45 -40.53
C THR F 25 16.59 -59.58 -41.65
N ASN F 26 17.21 -60.76 -41.80
CA ASN F 26 18.23 -60.96 -42.83
C ASN F 26 19.41 -60.02 -42.61
N ALA F 27 19.92 -60.02 -41.39
CA ALA F 27 21.06 -59.18 -41.03
C ALA F 27 21.87 -59.89 -39.95
N PHE F 28 23.14 -59.49 -39.82
CA PHE F 28 24.05 -60.06 -38.86
C PHE F 28 24.66 -58.95 -37.99
N SER F 29 24.83 -59.26 -36.71
CA SER F 29 25.41 -58.33 -35.75
C SER F 29 26.58 -59.02 -35.05
N GLY F 30 27.74 -58.38 -35.07
CA GLY F 30 28.93 -58.93 -34.43
C GLY F 30 29.03 -58.67 -32.94
N GLU F 31 28.21 -57.78 -32.40
CA GLU F 31 28.27 -57.46 -30.98
C GLU F 31 27.72 -58.61 -30.15
N TYR F 32 28.02 -58.63 -28.85
CA TYR F 32 27.48 -59.64 -27.91
C TYR F 32 26.70 -58.89 -26.82
N ILE F 33 25.36 -58.82 -26.93
CA ILE F 33 24.48 -58.18 -25.91
C ILE F 33 23.69 -59.29 -25.23
N PRO F 34 23.97 -59.72 -23.97
CA PRO F 34 23.24 -60.83 -23.37
C PRO F 34 21.74 -60.57 -23.21
N THR F 35 20.87 -61.57 -23.37
CA THR F 35 19.38 -61.40 -23.33
C THR F 35 18.72 -62.16 -22.18
N VAL F 36 17.98 -61.48 -21.29
CA VAL F 36 17.19 -62.17 -20.22
C VAL F 36 16.04 -62.92 -20.91
N PHE F 37 15.31 -62.27 -21.82
CA PHE F 37 14.25 -62.91 -22.64
C PHE F 37 13.89 -61.97 -23.79
N ASP F 38 13.34 -62.50 -24.89
CA ASP F 38 12.94 -61.71 -26.08
C ASP F 38 11.91 -62.54 -26.84
N ASN F 39 11.15 -61.95 -27.78
CA ASN F 39 10.20 -62.70 -28.63
C ASN F 39 10.36 -62.22 -30.06
N TYR F 40 10.47 -63.12 -31.05
CA TYR F 40 10.62 -62.78 -32.49
C TYR F 40 9.55 -63.54 -33.26
N SER F 41 8.83 -62.90 -34.20
CA SER F 41 7.71 -63.54 -34.95
C SER F 41 7.95 -63.45 -36.46
N ALA F 42 7.75 -64.54 -37.20
CA ALA F 42 7.91 -64.58 -38.68
C ALA F 42 6.76 -65.37 -39.29
N ASN F 43 6.26 -64.99 -40.49
CA ASN F 43 5.16 -65.71 -41.20
C ASN F 43 5.81 -66.50 -42.33
N VAL F 44 5.53 -67.80 -42.45
CA VAL F 44 6.23 -68.68 -43.42
C VAL F 44 5.23 -69.59 -44.14
N MET F 45 5.50 -69.98 -45.40
CA MET F 45 4.66 -70.96 -46.14
C MET F 45 5.45 -72.27 -46.22
N VAL F 46 5.06 -73.30 -45.47
CA VAL F 46 5.79 -74.60 -45.39
C VAL F 46 4.82 -75.74 -45.71
N ASP F 47 5.16 -76.64 -46.63
CA ASP F 47 4.34 -77.84 -46.96
C ASP F 47 2.96 -77.42 -47.46
N GLY F 48 2.82 -76.24 -48.08
CA GLY F 48 1.55 -75.80 -48.67
C GLY F 48 0.54 -75.37 -47.63
N LYS F 49 0.93 -75.22 -46.35
CA LYS F 49 0.03 -74.72 -45.27
C LYS F 49 0.66 -73.42 -44.75
N PRO F 50 -0.04 -72.27 -44.69
CA PRO F 50 0.57 -71.07 -44.14
C PRO F 50 0.73 -71.26 -42.63
N VAL F 51 1.91 -71.00 -42.07
CA VAL F 51 2.21 -71.17 -40.62
C VAL F 51 2.76 -69.84 -40.09
N ASN F 52 2.24 -69.32 -38.97
CA ASN F 52 2.79 -68.09 -38.34
C ASN F 52 3.68 -68.60 -37.21
N LEU F 53 4.96 -68.27 -37.19
CA LEU F 53 5.93 -68.83 -36.22
C LEU F 53 6.26 -67.81 -35.14
N GLY F 54 6.01 -68.14 -33.87
CA GLY F 54 6.42 -67.30 -32.73
C GLY F 54 7.66 -67.93 -32.17
N LEU F 55 8.74 -67.19 -31.99
CA LEU F 55 10.06 -67.73 -31.55
C LEU F 55 10.40 -67.07 -30.22
N TRP F 56 10.87 -67.84 -29.25
CA TRP F 56 11.18 -67.35 -27.88
C TRP F 56 12.69 -67.51 -27.67
N ASP F 57 13.39 -66.53 -27.09
CA ASP F 57 14.84 -66.54 -26.82
C ASP F 57 15.06 -66.55 -25.32
N THR F 58 15.73 -67.58 -24.78
CA THR F 58 16.05 -67.69 -23.35
C THR F 58 17.45 -67.14 -23.14
N ALA F 59 18.00 -67.23 -21.92
CA ALA F 59 19.37 -66.79 -21.59
C ALA F 59 20.25 -68.01 -21.41
N GLY F 60 21.54 -67.92 -21.70
CA GLY F 60 22.50 -69.00 -21.47
C GLY F 60 23.35 -68.70 -20.27
N GLN F 61 22.99 -67.64 -19.53
CA GLN F 61 23.78 -67.23 -18.34
C GLN F 61 23.19 -67.92 -17.10
N GLU F 62 24.04 -68.32 -16.15
CA GLU F 62 23.57 -69.08 -14.96
C GLU F 62 22.61 -68.24 -14.10
N ASP F 63 22.87 -66.95 -13.93
CA ASP F 63 22.06 -66.10 -13.01
C ASP F 63 20.60 -66.02 -13.43
N TYR F 64 20.30 -66.14 -14.72
CA TYR F 64 18.90 -65.93 -15.20
C TYR F 64 18.15 -67.26 -15.20
N ASP F 65 18.65 -68.26 -14.46
CA ASP F 65 18.03 -69.62 -14.48
C ASP F 65 16.59 -69.56 -14.00
N ARG F 66 16.32 -68.81 -12.95
CA ARG F 66 14.95 -68.75 -12.37
C ARG F 66 13.97 -68.14 -13.38
N LEU F 67 14.41 -67.15 -14.17
CA LEU F 67 13.49 -66.45 -15.10
C LEU F 67 13.39 -67.18 -16.43
N ARG F 68 14.09 -68.31 -16.60
CA ARG F 68 13.96 -69.13 -17.85
C ARG F 68 12.73 -70.04 -17.89
N PRO F 69 12.27 -70.72 -16.81
CA PRO F 69 11.14 -71.64 -16.91
C PRO F 69 9.84 -70.97 -17.40
N LEU F 70 9.75 -69.65 -17.30
CA LEU F 70 8.51 -68.92 -17.71
C LEU F 70 8.23 -69.18 -19.19
N SER F 71 9.27 -69.20 -20.01
CA SER F 71 9.12 -69.44 -21.47
C SER F 71 8.64 -70.85 -21.79
N TYR F 72 9.04 -71.86 -21.01
CA TYR F 72 8.76 -73.28 -21.37
C TYR F 72 7.29 -73.67 -21.53
N PRO F 73 6.30 -73.27 -20.68
CA PRO F 73 4.92 -73.77 -20.79
C PRO F 73 4.12 -73.51 -22.07
N GLN F 74 3.29 -74.47 -22.50
CA GLN F 74 2.41 -74.33 -23.69
C GLN F 74 3.24 -74.24 -24.97
N THR F 75 4.26 -75.09 -25.10
CA THR F 75 5.17 -75.06 -26.27
C THR F 75 4.92 -76.25 -27.20
N ASP F 76 5.40 -76.16 -28.45
CA ASP F 76 5.25 -77.20 -29.47
C ASP F 76 6.56 -77.86 -29.81
N VAL F 77 7.64 -77.09 -30.01
CA VAL F 77 8.93 -77.62 -30.38
C VAL F 77 10.00 -76.98 -29.50
N PHE F 78 11.10 -77.70 -29.34
CA PHE F 78 12.25 -77.26 -28.56
C PHE F 78 13.48 -77.21 -29.45
N LEU F 79 14.23 -76.12 -29.35
CA LEU F 79 15.45 -75.93 -30.12
C LEU F 79 16.63 -75.85 -29.16
N ILE F 80 17.65 -76.67 -29.40
CA ILE F 80 18.88 -76.67 -28.62
C ILE F 80 20.02 -76.33 -29.57
N CYS F 81 20.76 -75.28 -29.23
CA CYS F 81 21.84 -74.76 -30.07
C CYS F 81 23.15 -74.84 -29.31
N PHE F 82 24.17 -75.41 -29.94
CA PHE F 82 25.52 -75.48 -29.40
C PHE F 82 26.52 -75.06 -30.47
N SER F 83 27.59 -74.42 -30.02
CA SER F 83 28.61 -73.94 -30.93
C SER F 83 29.55 -75.08 -31.33
N LEU F 84 29.74 -75.24 -32.64
CA LEU F 84 30.63 -76.29 -33.14
C LEU F 84 32.07 -76.10 -32.70
N VAL F 85 32.45 -74.88 -32.32
CA VAL F 85 33.83 -74.59 -31.92
C VAL F 85 33.95 -74.47 -30.40
N SER F 86 33.02 -75.05 -29.65
CA SER F 86 33.05 -75.00 -28.19
C SER F 86 32.62 -76.34 -27.63
N PRO F 87 33.56 -77.22 -27.29
CA PRO F 87 33.18 -78.52 -26.71
C PRO F 87 32.40 -78.39 -25.41
N ALA F 88 32.59 -77.30 -24.66
CA ALA F 88 31.90 -77.14 -23.39
C ALA F 88 30.39 -77.14 -23.59
N SER F 89 29.91 -76.42 -24.61
CA SER F 89 28.48 -76.38 -24.88
C SER F 89 27.96 -77.74 -25.30
N PHE F 90 28.77 -78.51 -26.04
CA PHE F 90 28.33 -79.81 -26.52
C PHE F 90 28.03 -80.75 -25.35
N GLU F 91 28.91 -80.79 -24.36
CA GLU F 91 28.69 -81.65 -23.21
C GLU F 91 27.57 -81.15 -22.31
N ASN F 92 27.33 -79.84 -22.29
CA ASN F 92 26.22 -79.31 -21.51
C ASN F 92 24.90 -79.88 -21.96
N VAL F 93 24.76 -80.17 -23.26
CA VAL F 93 23.50 -80.77 -23.78
C VAL F 93 23.34 -82.10 -23.05
N ARG F 94 24.41 -82.87 -22.90
CA ARG F 94 24.34 -84.20 -22.27
C ARG F 94 23.93 -84.13 -20.80
N ALA F 95 24.40 -83.14 -20.01
CA ALA F 95 24.16 -83.07 -18.56
C ALA F 95 23.34 -81.88 -18.04
N LYS F 96 22.87 -80.95 -18.87
CA LYS F 96 22.16 -79.72 -18.40
C LYS F 96 20.95 -79.30 -19.26
N TRP F 97 21.14 -78.88 -20.51
CA TRP F 97 20.03 -78.32 -21.34
C TRP F 97 19.00 -79.39 -21.72
N TYR F 98 19.39 -80.57 -22.19
CA TYR F 98 18.46 -81.67 -22.52
C TYR F 98 17.73 -82.21 -21.27
N PRO F 99 18.38 -82.48 -20.12
CA PRO F 99 17.64 -82.98 -18.97
C PRO F 99 16.57 -81.97 -18.55
N GLU F 100 16.83 -80.67 -18.65
CA GLU F 100 15.88 -79.61 -18.23
C GLU F 100 14.60 -79.59 -19.08
N VAL F 101 14.68 -79.67 -20.41
CA VAL F 101 13.50 -79.64 -21.30
C VAL F 101 12.72 -80.91 -21.01
N ARG F 102 13.39 -82.00 -20.65
CA ARG F 102 12.74 -83.30 -20.33
C ARG F 102 11.85 -83.18 -19.09
N HIS F 103 12.27 -82.47 -18.05
CA HIS F 103 11.52 -82.33 -16.78
C HIS F 103 10.20 -81.58 -16.98
N HIS F 104 10.25 -80.37 -17.49
CA HIS F 104 9.13 -79.45 -17.62
C HIS F 104 8.17 -79.89 -18.73
N CYS F 105 8.70 -80.38 -19.84
CA CYS F 105 7.88 -80.80 -20.98
C CYS F 105 8.42 -82.13 -21.49
N PRO F 106 7.91 -83.25 -20.98
CA PRO F 106 8.52 -84.54 -21.31
C PRO F 106 8.14 -85.09 -22.68
N ASN F 107 6.98 -84.71 -23.21
CA ASN F 107 6.46 -85.30 -24.45
C ASN F 107 6.58 -84.35 -25.63
N THR F 108 7.47 -83.37 -25.55
CA THR F 108 7.65 -82.42 -26.64
C THR F 108 8.86 -82.81 -27.48
N PRO F 109 8.77 -82.70 -28.81
CA PRO F 109 9.93 -83.02 -29.64
C PRO F 109 11.07 -82.04 -29.39
N ILE F 110 12.29 -82.43 -29.82
CA ILE F 110 13.51 -81.58 -29.68
C ILE F 110 14.28 -81.58 -31.01
N ILE F 111 14.75 -80.42 -31.50
CA ILE F 111 15.61 -80.36 -32.74
C ILE F 111 16.98 -79.82 -32.32
N LEU F 112 18.06 -80.55 -32.57
CA LEU F 112 19.41 -80.13 -32.08
C LEU F 112 20.13 -79.42 -33.24
N VAL F 113 20.61 -78.21 -33.00
CA VAL F 113 21.22 -77.42 -34.11
C VAL F 113 22.65 -77.02 -33.76
N GLY F 114 23.61 -77.42 -34.59
CA GLY F 114 24.99 -76.94 -34.41
C GLY F 114 25.06 -75.52 -34.92
N THR F 115 25.98 -74.71 -34.40
CA THR F 115 26.01 -73.28 -34.80
C THR F 115 27.44 -72.91 -35.20
N LYS F 116 27.61 -71.79 -35.90
CA LYS F 116 28.95 -71.33 -36.30
C LYS F 116 29.65 -72.35 -37.22
N LEU F 117 28.93 -72.91 -38.20
CA LEU F 117 29.56 -73.84 -39.19
C LEU F 117 30.67 -73.10 -39.95
N ASP F 118 30.46 -71.82 -40.27
CA ASP F 118 31.45 -71.01 -41.01
C ASP F 118 32.78 -71.04 -40.23
N LEU F 119 32.74 -70.94 -38.90
CA LEU F 119 33.99 -70.88 -38.10
C LEU F 119 34.55 -72.27 -37.89
N ARG F 120 33.79 -73.33 -38.19
CA ARG F 120 34.23 -74.72 -37.89
C ARG F 120 35.48 -75.07 -38.69
N ASP F 121 35.56 -74.68 -39.95
CA ASP F 121 36.69 -75.10 -40.84
C ASP F 121 37.86 -74.13 -40.70
N ASP F 122 37.77 -73.12 -39.85
CA ASP F 122 38.82 -72.08 -39.75
C ASP F 122 40.01 -72.65 -38.98
N LYS F 123 41.16 -72.80 -39.65
CA LYS F 123 42.42 -73.30 -39.02
C LYS F 123 42.78 -72.24 -37.98
N ASP F 124 42.51 -70.98 -38.28
CA ASP F 124 42.84 -69.87 -37.36
C ASP F 124 42.10 -70.18 -36.05
N THR F 125 40.80 -70.51 -36.12
CA THR F 125 39.99 -70.92 -34.95
C THR F 125 40.39 -72.28 -34.37
N ILE F 126 40.72 -73.27 -35.20
CA ILE F 126 41.14 -74.64 -34.77
C ILE F 126 42.42 -74.47 -33.96
N GLU F 127 43.28 -73.54 -34.35
CA GLU F 127 44.59 -73.30 -33.72
C GLU F 127 44.43 -72.71 -32.31
N LYS F 128 43.74 -71.58 -32.08
CA LYS F 128 43.62 -71.02 -30.74
C LYS F 128 42.92 -72.00 -29.80
N LEU F 129 41.94 -72.74 -30.30
CA LEU F 129 41.31 -73.77 -29.49
C LEU F 129 42.29 -74.88 -29.14
N LYS F 130 43.32 -75.08 -29.98
CA LYS F 130 44.33 -76.09 -29.68
C LYS F 130 45.27 -75.64 -28.55
N GLU F 131 45.57 -74.35 -28.48
CA GLU F 131 46.32 -73.84 -27.34
C GLU F 131 45.58 -74.09 -26.04
N LYS F 132 44.25 -74.18 -26.10
CA LYS F 132 43.43 -74.59 -24.97
C LYS F 132 43.30 -76.10 -24.89
N LYS F 133 43.91 -76.84 -25.82
CA LYS F 133 43.77 -78.29 -25.91
C LYS F 133 42.31 -78.69 -26.14
N LEU F 134 41.67 -78.02 -27.10
CA LEU F 134 40.31 -78.34 -27.50
C LEU F 134 40.28 -78.54 -29.01
N THR F 135 39.39 -79.42 -29.47
CA THR F 135 39.25 -79.73 -30.88
C THR F 135 37.80 -79.54 -31.31
N PRO F 136 37.55 -79.04 -32.52
CA PRO F 136 36.17 -78.76 -32.92
C PRO F 136 35.36 -80.02 -33.14
N ILE F 137 34.04 -79.89 -33.03
CA ILE F 137 33.13 -80.99 -33.20
C ILE F 137 32.94 -81.26 -34.70
N THR F 138 32.68 -82.52 -35.03
CA THR F 138 32.46 -82.93 -36.41
C THR F 138 31.05 -83.47 -36.58
N TYR F 139 30.70 -83.77 -37.84
CA TYR F 139 29.33 -84.16 -38.16
C TYR F 139 28.91 -85.45 -37.45
N PRO F 140 29.67 -86.55 -37.52
CA PRO F 140 29.17 -87.79 -36.88
C PRO F 140 28.96 -87.66 -35.39
N GLN F 141 29.73 -86.83 -34.70
CA GLN F 141 29.57 -86.69 -33.26
C GLN F 141 28.16 -86.18 -32.92
N GLY F 142 27.65 -85.23 -33.69
CA GLY F 142 26.31 -84.74 -33.47
C GLY F 142 25.25 -85.80 -33.70
N LEU F 143 25.48 -86.67 -34.70
CA LEU F 143 24.52 -87.74 -34.97
C LEU F 143 24.37 -88.64 -33.76
N ALA F 144 25.48 -89.02 -33.13
CA ALA F 144 25.40 -89.86 -31.94
C ALA F 144 24.70 -89.14 -30.80
N MET F 145 25.03 -87.87 -30.57
CA MET F 145 24.40 -87.13 -29.48
C MET F 145 22.91 -86.97 -29.72
N ALA F 146 22.51 -86.61 -30.94
CA ALA F 146 21.09 -86.44 -31.23
C ALA F 146 20.34 -87.75 -31.04
N LYS F 147 20.92 -88.86 -31.51
CA LYS F 147 20.30 -90.17 -31.31
C LYS F 147 20.21 -90.50 -29.83
N GLU F 148 21.23 -90.11 -29.07
CA GLU F 148 21.30 -90.36 -27.63
C GLU F 148 20.24 -89.54 -26.90
N ILE F 149 20.15 -88.23 -27.18
CA ILE F 149 19.12 -87.34 -26.55
C ILE F 149 17.77 -87.72 -27.17
N GLY F 150 17.76 -88.47 -28.27
CA GLY F 150 16.52 -88.97 -28.88
C GLY F 150 15.77 -87.88 -29.58
N ALA F 151 16.46 -86.87 -30.06
CA ALA F 151 15.86 -85.73 -30.78
C ALA F 151 15.25 -86.22 -32.09
N VAL F 152 14.29 -85.49 -32.64
CA VAL F 152 13.66 -85.81 -33.96
C VAL F 152 14.69 -85.72 -35.10
N LYS F 153 15.63 -84.76 -35.09
CA LYS F 153 16.60 -84.56 -36.19
C LYS F 153 17.89 -83.87 -35.70
N TYR F 154 18.98 -83.89 -36.47
CA TYR F 154 20.24 -83.14 -36.19
C TYR F 154 20.63 -82.33 -37.42
N LEU F 155 21.01 -81.03 -37.30
CA LEU F 155 21.36 -80.16 -38.46
C LEU F 155 22.56 -79.26 -38.13
N GLU F 156 23.02 -78.37 -39.04
CA GLU F 156 24.08 -77.42 -38.78
C GLU F 156 23.75 -76.10 -39.47
N CYS F 157 24.24 -75.00 -38.92
CA CYS F 157 23.83 -73.68 -39.35
C CYS F 157 25.00 -72.72 -39.30
N SER F 158 24.85 -71.60 -40.00
CA SER F 158 25.80 -70.50 -39.98
C SER F 158 25.06 -69.23 -40.33
N ALA F 159 24.84 -68.36 -39.33
CA ALA F 159 24.08 -67.14 -39.56
C ALA F 159 24.79 -66.24 -40.57
N LEU F 160 26.11 -66.18 -40.51
CA LEU F 160 26.85 -65.31 -41.42
C LEU F 160 26.63 -65.72 -42.87
N THR F 161 26.67 -67.02 -43.15
CA THR F 161 26.50 -67.52 -44.52
C THR F 161 25.07 -67.96 -44.79
N GLN F 162 24.23 -68.05 -43.77
CA GLN F 162 22.85 -68.53 -43.91
C GLN F 162 22.78 -69.73 -44.86
N ARG F 163 23.54 -70.77 -44.49
CA ARG F 163 23.63 -72.00 -45.31
C ARG F 163 22.54 -72.96 -44.85
N GLY F 164 22.34 -73.13 -43.54
CA GLY F 164 21.33 -74.06 -42.99
C GLY F 164 20.26 -73.35 -42.19
N LEU F 165 20.10 -72.04 -42.32
CA LEU F 165 19.16 -71.28 -41.47
C LEU F 165 17.70 -71.65 -41.74
N LYS F 166 17.26 -71.70 -43.00
CA LYS F 166 15.84 -71.95 -43.36
C LYS F 166 15.42 -73.38 -43.01
N THR F 167 16.29 -74.36 -43.24
CA THR F 167 15.99 -75.78 -42.99
C THR F 167 15.69 -75.98 -41.51
N VAL F 168 16.41 -75.30 -40.61
CA VAL F 168 16.23 -75.57 -39.15
C VAL F 168 14.78 -75.27 -38.79
N PHE F 169 14.24 -74.12 -39.21
CA PHE F 169 12.85 -73.71 -38.89
C PHE F 169 11.83 -74.55 -39.65
N ASP F 170 12.06 -74.81 -40.94
CA ASP F 170 11.13 -75.60 -41.80
C ASP F 170 11.04 -77.01 -41.22
N GLU F 171 12.17 -77.58 -40.83
CA GLU F 171 12.23 -78.96 -40.26
C GLU F 171 11.55 -78.94 -38.90
N ALA F 172 11.69 -77.87 -38.12
CA ALA F 172 11.06 -77.74 -36.79
C ALA F 172 9.53 -77.74 -36.95
N ILE F 173 9.01 -77.05 -37.95
CA ILE F 173 7.54 -77.02 -38.23
C ILE F 173 7.12 -78.44 -38.60
N ARG F 174 7.95 -79.17 -39.35
CA ARG F 174 7.61 -80.55 -39.80
C ARG F 174 7.56 -81.51 -38.61
N ALA F 175 8.41 -81.37 -37.61
CA ALA F 175 8.45 -82.28 -36.45
C ALA F 175 7.12 -82.20 -35.70
N VAL F 176 6.60 -80.99 -35.44
CA VAL F 176 5.25 -80.81 -34.84
C VAL F 176 4.22 -81.22 -35.88
N LEU F 177 4.46 -80.95 -37.17
CA LEU F 177 3.56 -81.26 -38.32
C LEU F 177 2.52 -80.14 -38.44
N GLN G 2 35.02 41.91 51.91
CA GLN G 2 34.89 41.56 50.50
C GLN G 2 36.04 42.17 49.68
N ALA G 3 36.41 43.39 50.02
CA ALA G 3 37.49 44.09 49.34
C ALA G 3 38.72 44.11 50.24
N ILE G 4 39.86 43.70 49.69
CA ILE G 4 41.12 43.61 50.41
C ILE G 4 42.12 44.54 49.75
N LYS G 5 42.77 45.38 50.55
CA LYS G 5 43.78 46.32 50.07
C LYS G 5 45.16 45.74 50.35
N CYS G 6 45.98 45.63 49.30
CA CYS G 6 47.32 45.07 49.41
C CYS G 6 48.33 46.07 48.85
N VAL G 7 49.40 46.30 49.60
CA VAL G 7 50.49 47.18 49.20
C VAL G 7 51.77 46.38 49.23
N VAL G 8 52.55 46.44 48.15
CA VAL G 8 53.79 45.70 48.01
C VAL G 8 54.95 46.68 48.13
N VAL G 9 55.91 46.36 48.99
CA VAL G 9 57.08 47.20 49.23
C VAL G 9 58.33 46.34 49.11
N GLY G 10 59.45 46.99 48.84
CA GLY G 10 60.71 46.30 48.73
C GLY G 10 61.74 47.16 48.02
N ASP G 11 62.93 46.59 47.89
CA ASP G 11 64.02 47.28 47.22
C ASP G 11 63.76 47.36 45.72
N GLY G 12 64.49 48.26 45.06
CA GLY G 12 64.33 48.43 43.64
C GLY G 12 64.82 47.21 42.87
N ALA G 13 64.14 46.95 41.75
CA ALA G 13 64.48 45.84 40.86
C ALA G 13 64.47 44.51 41.63
N VAL G 14 63.31 44.20 42.19
CA VAL G 14 63.12 42.95 42.94
C VAL G 14 61.98 42.15 42.32
N GLY G 15 61.24 42.76 41.40
CA GLY G 15 60.20 42.06 40.69
C GLY G 15 58.82 42.19 41.31
N LYS G 16 58.37 43.43 41.53
CA LYS G 16 57.00 43.69 41.97
C LYS G 16 56.01 44.10 40.89
N THR G 17 56.49 44.83 39.88
CA THR G 17 55.64 45.11 38.71
C THR G 17 55.42 43.90 37.80
N CYS G 18 56.50 43.18 37.50
CA CYS G 18 56.39 41.99 36.66
C CYS G 18 55.53 41.00 37.42
N LEU G 19 55.65 40.96 38.75
CA LEU G 19 54.84 40.06 39.54
C LEU G 19 53.36 40.39 39.42
N LEU G 20 53.01 41.66 39.61
CA LEU G 20 51.61 42.05 39.55
C LEU G 20 51.08 42.01 38.13
N ILE G 21 51.90 42.43 37.16
CA ILE G 21 51.46 42.42 35.76
C ILE G 21 51.16 41.00 35.32
N SER G 22 52.03 40.04 35.67
CA SER G 22 51.79 38.66 35.30
C SER G 22 50.53 38.12 35.93
N TYR G 23 50.28 38.46 37.19
CA TYR G 23 49.10 37.94 37.88
C TYR G 23 47.81 38.45 37.24
N THR G 24 47.79 39.72 36.83
CA THR G 24 46.55 40.33 36.33
C THR G 24 46.38 40.17 34.82
N THR G 25 47.46 40.34 34.05
CA THR G 25 47.39 40.26 32.60
C THR G 25 47.98 38.97 32.03
N ASN G 26 48.67 38.17 32.84
CA ASN G 26 49.29 36.94 32.37
C ASN G 26 50.30 37.22 31.28
N ALA G 27 51.21 38.15 31.55
CA ALA G 27 52.25 38.51 30.60
C ALA G 27 53.50 38.95 31.37
N PHE G 28 54.66 38.82 30.77
CA PHE G 28 55.91 39.20 31.42
C PHE G 28 56.74 40.03 30.51
N SER G 29 57.73 40.71 31.04
CA SER G 29 58.60 41.49 30.20
C SER G 29 59.88 41.75 30.91
N GLY G 30 60.87 42.26 30.19
CA GLY G 30 62.17 42.45 30.80
C GLY G 30 62.52 43.90 30.93
N GLU G 31 61.85 44.76 30.17
CA GLU G 31 62.20 46.15 30.22
C GLU G 31 62.09 46.63 31.64
N TYR G 32 62.96 47.52 32.07
CA TYR G 32 62.82 48.08 33.41
C TYR G 32 62.39 49.52 33.38
N ILE G 33 61.08 49.80 33.45
CA ILE G 33 60.57 51.17 33.51
C ILE G 33 60.38 51.47 34.99
N PRO G 34 61.16 52.38 35.56
CA PRO G 34 61.08 52.61 36.99
C PRO G 34 59.69 53.01 37.34
N THR G 35 59.23 52.83 38.57
CA THR G 35 57.83 53.12 38.92
C THR G 35 57.55 54.10 40.07
N VAL G 36 57.04 55.32 39.84
CA VAL G 36 56.78 56.16 41.00
C VAL G 36 55.54 55.66 41.74
N PHE G 37 54.52 55.24 40.99
CA PHE G 37 53.34 54.61 41.57
C PHE G 37 52.55 53.94 40.46
N ASP G 38 51.83 52.89 40.83
CA ASP G 38 50.99 52.15 39.89
C ASP G 38 49.88 51.48 40.66
N ASN G 39 48.85 51.05 39.94
CA ASN G 39 47.70 50.39 40.54
C ASN G 39 47.23 49.26 39.64
N TYR G 40 46.87 48.13 40.26
CA TYR G 40 46.36 46.96 39.58
C TYR G 40 45.21 46.37 40.38
N SER G 41 44.32 45.67 39.69
CA SER G 41 43.13 45.10 40.31
C SER G 41 42.88 43.70 39.78
N ALA G 42 42.18 42.90 40.58
CA ALA G 42 41.82 41.53 40.22
C ALA G 42 40.57 41.13 40.97
N ASN G 43 39.90 40.09 40.47
CA ASN G 43 38.69 39.56 41.08
C ASN G 43 38.77 38.03 41.03
N VAL G 44 39.15 37.43 42.16
CA VAL G 44 39.36 36.00 42.26
C VAL G 44 38.58 35.47 43.46
N MET G 45 38.17 34.21 43.38
CA MET G 45 37.42 33.56 44.45
C MET G 45 38.39 32.73 45.30
N VAL G 46 38.38 32.97 46.60
CA VAL G 46 39.22 32.25 47.55
C VAL G 46 38.32 31.69 48.64
N ASP G 47 38.46 30.40 48.92
CA ASP G 47 37.66 29.72 49.94
C ASP G 47 36.17 29.81 49.65
N GLY G 48 35.83 29.82 48.36
CA GLY G 48 34.43 29.80 47.95
C GLY G 48 33.69 31.10 48.16
N LYS G 49 34.39 32.22 48.22
CA LYS G 49 33.75 33.52 48.34
C LYS G 49 34.37 34.50 47.35
N PRO G 50 33.59 35.43 46.79
CA PRO G 50 34.18 36.41 45.88
C PRO G 50 34.91 37.50 46.65
N VAL G 51 36.15 37.77 46.23
CA VAL G 51 37.02 38.74 46.88
C VAL G 51 37.54 39.70 45.82
N ASN G 52 37.40 41.00 46.06
CA ASN G 52 37.96 42.01 45.18
C ASN G 52 39.36 42.39 45.65
N LEU G 53 40.39 42.27 44.81
CA LEU G 53 41.81 42.46 45.25
C LEU G 53 42.40 43.73 44.67
N GLY G 54 42.29 44.85 45.37
CA GLY G 54 43.00 46.07 44.94
C GLY G 54 44.47 45.87 45.24
N LEU G 55 45.37 46.21 44.32
CA LEU G 55 46.83 46.01 44.48
C LEU G 55 47.50 47.36 44.32
N TRP G 56 48.42 47.74 45.21
CA TRP G 56 49.08 49.06 45.19
C TRP G 56 50.57 48.81 44.99
N ASP G 57 51.22 49.46 44.03
CA ASP G 57 52.67 49.26 43.73
C ASP G 57 53.43 50.48 44.25
N THR G 58 54.50 50.29 45.01
CA THR G 58 55.28 51.39 45.62
C THR G 58 56.70 51.40 45.05
N ALA G 59 57.24 52.56 44.68
CA ALA G 59 58.64 52.69 44.23
C ALA G 59 59.50 52.35 45.43
N GLY G 60 60.65 51.69 45.27
CA GLY G 60 61.60 51.44 46.37
C GLY G 60 62.82 52.32 46.25
N LEU G 61 62.91 53.13 45.18
CA LEU G 61 64.11 53.96 44.91
C LEU G 61 64.24 54.98 46.04
N GLU G 62 65.47 55.34 46.43
CA GLU G 62 65.71 56.18 47.60
C GLU G 62 65.00 57.53 47.48
N ASP G 63 65.04 58.14 46.30
CA ASP G 63 64.51 59.49 46.14
C ASP G 63 63.01 59.56 46.37
N TYR G 64 62.25 58.62 45.83
CA TYR G 64 60.78 58.66 45.91
C TYR G 64 60.28 58.11 47.24
N ASP G 65 60.73 58.70 48.34
CA ASP G 65 60.29 58.29 49.67
C ASP G 65 59.16 59.17 50.20
N ARG G 66 58.71 60.16 49.40
CA ARG G 66 57.68 61.15 49.84
C ARG G 66 56.27 60.77 49.37
N LEU G 67 56.10 59.74 48.54
CA LEU G 67 54.77 59.23 48.11
C LEU G 67 54.49 57.86 48.73
N ARG G 68 55.47 57.21 49.36
CA ARG G 68 55.31 55.85 49.93
C ARG G 68 54.43 55.83 51.18
N PRO G 69 54.54 56.78 52.13
CA PRO G 69 53.80 56.69 53.40
C PRO G 69 52.28 56.74 53.22
N LEU G 70 51.77 57.54 52.28
CA LEU G 70 50.32 57.69 52.15
C LEU G 70 49.57 56.45 51.66
N SER G 71 50.29 55.45 51.16
CA SER G 71 49.66 54.19 50.74
C SER G 71 49.50 53.17 51.87
N TYR G 72 49.99 53.53 53.06
CA TYR G 72 50.11 52.61 54.19
C TYR G 72 48.76 52.56 54.90
N PRO G 73 48.16 53.70 55.25
CA PRO G 73 46.97 53.67 56.10
C PRO G 73 45.76 53.09 55.38
N GLN G 74 44.83 52.57 56.20
CA GLN G 74 43.60 51.96 55.70
C GLN G 74 43.90 50.79 54.77
N THR G 75 44.81 49.92 55.22
CA THR G 75 45.20 48.73 54.49
C THR G 75 44.85 47.49 55.29
N ASP G 76 44.97 46.33 54.64
CA ASP G 76 44.64 45.05 55.24
C ASP G 76 45.85 44.12 55.35
N VAL G 77 46.63 44.00 54.28
CA VAL G 77 47.80 43.11 54.25
C VAL G 77 48.99 43.87 53.68
N PHE G 78 50.18 43.42 54.07
CA PHE G 78 51.43 44.00 53.60
C PHE G 78 52.25 42.92 52.89
N LEU G 79 52.79 43.27 51.74
CA LEU G 79 53.63 42.37 50.95
C LEU G 79 55.04 42.93 50.87
N ILE G 80 56.02 42.10 51.23
CA ILE G 80 57.43 42.46 51.15
C ILE G 80 58.09 41.50 50.17
N CYS G 81 58.74 42.04 49.15
CA CYS G 81 59.34 41.24 48.09
C CYS G 81 60.83 41.53 48.03
N PHE G 82 61.64 40.47 48.04
CA PHE G 82 63.08 40.57 47.90
C PHE G 82 63.55 39.56 46.87
N SER G 83 64.61 39.94 46.15
CA SER G 83 65.15 39.09 45.10
C SER G 83 66.05 38.01 45.71
N LEU G 84 65.79 36.75 45.34
CA LEU G 84 66.60 35.65 45.85
C LEU G 84 68.05 35.74 45.41
N VAL G 85 68.33 36.49 44.34
CA VAL G 85 69.70 36.60 43.83
C VAL G 85 70.34 37.92 44.22
N SER G 86 69.84 38.58 45.26
CA SER G 86 70.38 39.87 45.71
C SER G 86 70.39 39.89 47.23
N PRO G 87 71.52 39.57 47.86
CA PRO G 87 71.57 39.63 49.33
C PRO G 87 71.30 41.02 49.89
N ALA G 88 71.57 42.07 49.13
CA ALA G 88 71.35 43.43 49.64
C ALA G 88 69.88 43.65 49.99
N SER G 89 68.98 43.19 49.13
CA SER G 89 67.55 43.34 49.42
C SER G 89 67.14 42.53 50.64
N PHE G 90 67.75 41.36 50.82
CA PHE G 90 67.38 40.51 51.95
C PHE G 90 67.67 41.19 53.28
N GLU G 91 68.84 41.82 53.41
CA GLU G 91 69.19 42.50 54.65
C GLU G 91 68.39 43.80 54.82
N ASN G 92 67.96 44.42 53.73
CA ASN G 92 67.14 45.61 53.85
C ASN G 92 65.84 45.32 54.58
N VAL G 93 65.33 44.09 54.48
CA VAL G 93 64.11 43.73 55.18
C VAL G 93 64.31 43.82 56.69
N ARG G 94 65.47 43.36 57.17
CA ARG G 94 65.78 43.49 58.59
C ARG G 94 66.06 44.94 58.97
N ALA G 95 66.89 45.63 58.19
CA ALA G 95 67.18 47.02 58.48
C ALA G 95 65.95 47.90 58.30
N LYS G 96 65.18 47.66 57.24
CA LYS G 96 63.97 48.43 57.00
C LYS G 96 62.86 47.60 56.37
N TRP G 97 61.71 48.21 56.12
CA TRP G 97 60.46 47.68 55.59
C TRP G 97 59.73 46.86 56.65
N TYR G 98 60.42 46.46 57.72
CA TYR G 98 59.72 45.97 58.91
C TYR G 98 59.37 47.09 59.86
N PRO G 99 60.30 47.96 60.25
CA PRO G 99 59.89 49.14 61.06
C PRO G 99 59.00 50.09 60.30
N GLU G 100 59.30 50.34 59.02
CA GLU G 100 58.57 51.34 58.27
C GLU G 100 57.08 51.00 58.18
N VAL G 101 56.77 49.74 57.89
CA VAL G 101 55.38 49.32 57.84
C VAL G 101 54.78 49.27 59.24
N ARG G 102 55.53 48.73 60.21
CA ARG G 102 54.99 48.57 61.56
C ARG G 102 54.77 49.92 62.21
N HIS G 103 55.69 50.87 62.01
CA HIS G 103 55.52 52.19 62.61
C HIS G 103 54.25 52.86 62.11
N HIS G 104 54.00 52.81 60.80
CA HIS G 104 52.78 53.36 60.25
C HIS G 104 51.57 52.48 60.55
N CYS G 105 51.74 51.16 60.45
CA CYS G 105 50.65 50.21 60.66
C CYS G 105 51.18 49.07 61.51
N PRO G 106 51.08 49.17 62.84
CA PRO G 106 51.73 48.17 63.71
C PRO G 106 50.98 46.86 63.83
N ASN G 107 49.67 46.85 63.63
CA ASN G 107 48.84 45.67 63.88
C ASN G 107 48.38 45.00 62.59
N THR G 108 49.08 45.27 61.48
CA THR G 108 48.70 44.67 60.20
C THR G 108 49.58 43.46 59.91
N PRO G 109 49.01 42.38 59.38
CA PRO G 109 49.83 41.22 59.02
C PRO G 109 50.82 41.55 57.91
N ILE G 110 51.95 40.85 57.92
CA ILE G 110 53.03 41.06 56.96
C ILE G 110 53.29 39.75 56.22
N ILE G 111 53.37 39.83 54.91
CA ILE G 111 53.69 38.69 54.05
C ILE G 111 55.10 38.90 53.50
N LEU G 112 55.96 37.92 53.70
CA LEU G 112 57.32 37.94 53.16
C LEU G 112 57.47 36.83 52.14
N VAL G 113 57.87 37.19 50.93
CA VAL G 113 58.03 36.22 49.84
C VAL G 113 59.22 36.65 48.99
N GLY G 114 59.99 35.68 48.53
CA GLY G 114 61.12 35.93 47.65
C GLY G 114 60.68 36.11 46.21
N THR G 115 61.67 36.37 45.37
CA THR G 115 61.42 36.59 43.94
C THR G 115 62.61 36.09 43.16
N LYS G 116 62.39 35.87 41.87
CA LYS G 116 63.44 35.37 40.96
C LYS G 116 63.84 33.95 41.31
N LEU G 117 62.84 33.10 41.59
CA LEU G 117 63.13 31.71 41.93
C LEU G 117 63.78 30.98 40.75
N ASP G 118 63.31 31.24 39.53
CA ASP G 118 63.83 30.54 38.37
C ASP G 118 65.31 30.79 38.16
N LEU G 119 65.84 31.92 38.66
CA LEU G 119 67.24 32.25 38.50
C LEU G 119 68.13 31.70 39.60
N ARG G 120 67.54 31.13 40.66
CA ARG G 120 68.36 30.58 41.73
C ARG G 120 69.21 29.41 41.26
N ASP G 121 68.63 28.53 40.46
CA ASP G 121 69.34 27.35 39.97
C ASP G 121 70.19 27.64 38.74
N ASP G 122 70.09 28.84 38.18
CA ASP G 122 70.85 29.19 36.99
C ASP G 122 72.32 29.41 37.37
N LYS G 123 73.22 28.76 36.64
CA LYS G 123 74.64 28.84 36.97
C LYS G 123 75.26 30.16 36.54
N ASP G 124 74.85 30.71 35.40
CA ASP G 124 75.48 31.93 34.90
C ASP G 124 75.28 33.11 35.86
N THR G 125 74.06 33.25 36.39
CA THR G 125 73.77 34.40 37.25
C THR G 125 74.49 34.27 38.60
N ILE G 126 74.50 33.07 39.18
CA ILE G 126 75.17 32.89 40.47
C ILE G 126 76.67 33.08 40.33
N GLU G 127 77.24 32.66 39.19
CA GLU G 127 78.66 32.85 38.97
C GLU G 127 79.04 34.33 38.99
N LYS G 128 78.31 35.15 38.23
CA LYS G 128 78.57 36.58 38.23
C LYS G 128 78.42 37.16 39.63
N LEU G 129 77.45 36.67 40.40
CA LEU G 129 77.33 37.10 41.79
C LEU G 129 78.53 36.68 42.62
N LYS G 130 79.22 35.62 42.21
CA LYS G 130 80.42 35.18 42.92
C LYS G 130 81.60 36.09 42.64
N GLU G 131 81.70 36.63 41.42
CA GLU G 131 82.72 37.64 41.15
C GLU G 131 82.53 38.87 42.04
N LYS G 132 81.30 39.11 42.49
CA LYS G 132 81.01 40.13 43.47
C LYS G 132 81.16 39.60 44.90
N LYS G 133 81.51 38.32 45.05
CA LYS G 133 81.58 37.67 46.36
C LYS G 133 80.23 37.68 47.05
N LEU G 134 79.19 37.30 46.32
CA LEU G 134 77.84 37.16 46.84
C LEU G 134 77.31 35.77 46.50
N THR G 135 76.47 35.24 47.39
CA THR G 135 75.89 33.91 47.21
C THR G 135 74.37 34.00 47.30
N PRO G 136 73.64 33.22 46.52
CA PRO G 136 72.18 33.36 46.52
C PRO G 136 71.56 32.84 47.81
N ILE G 137 70.36 33.34 48.10
CA ILE G 137 69.64 32.96 49.29
C ILE G 137 68.98 31.60 49.06
N THR G 138 68.81 30.83 50.15
CA THR G 138 68.19 29.52 50.10
C THR G 138 66.91 29.51 50.93
N TYR G 139 66.20 28.39 50.86
CA TYR G 139 64.88 28.30 51.50
C TYR G 139 64.95 28.48 53.00
N PRO G 140 65.80 27.76 53.75
CA PRO G 140 65.77 27.92 55.22
C PRO G 140 66.08 29.32 55.69
N GLN G 141 66.91 30.07 54.96
CA GLN G 141 67.24 31.43 55.39
C GLN G 141 65.98 32.29 55.46
N GLY G 142 65.09 32.16 54.48
CA GLY G 142 63.85 32.92 54.51
C GLY G 142 62.97 32.53 55.69
N LEU G 143 62.95 31.25 56.04
CA LEU G 143 62.15 30.81 57.18
C LEU G 143 62.58 31.52 58.46
N ALA G 144 63.90 31.62 58.68
CA ALA G 144 64.38 32.31 59.87
C ALA G 144 64.02 33.79 59.84
N MET G 145 64.20 34.44 58.68
CA MET G 145 63.89 35.86 58.58
C MET G 145 62.41 36.12 58.79
N ALA G 146 61.55 35.31 58.16
CA ALA G 146 60.11 35.50 58.31
C ALA G 146 59.70 35.29 59.77
N LYS G 147 60.25 34.27 60.42
CA LYS G 147 59.95 34.06 61.84
C LYS G 147 60.43 35.22 62.68
N GLU G 148 61.60 35.78 62.36
CA GLU G 148 62.14 36.90 63.13
C GLU G 148 61.22 38.12 63.04
N ILE G 149 60.72 38.41 61.83
CA ILE G 149 59.85 39.58 61.66
C ILE G 149 58.39 39.28 61.96
N GLY G 150 58.04 38.04 62.25
CA GLY G 150 56.68 37.71 62.63
C GLY G 150 55.69 37.63 61.50
N ALA G 151 56.16 37.43 60.27
CA ALA G 151 55.26 37.30 59.12
C ALA G 151 54.44 36.02 59.18
N VAL G 152 53.30 36.02 58.48
CA VAL G 152 52.43 34.83 58.49
C VAL G 152 53.17 33.65 57.88
N LYS G 153 53.76 33.86 56.70
CA LYS G 153 54.26 32.78 55.87
C LYS G 153 55.51 33.25 55.16
N TYR G 154 56.27 32.28 54.64
CA TYR G 154 57.34 32.54 53.69
C TYR G 154 57.13 31.70 52.45
N LEU G 155 57.03 32.38 51.30
CA LEU G 155 56.81 31.72 50.03
C LEU G 155 57.86 32.20 49.04
N GLU G 156 57.83 31.62 47.84
CA GLU G 156 58.75 31.98 46.78
C GLU G 156 57.98 32.01 45.46
N CYS G 157 58.47 32.83 44.52
CA CYS G 157 57.71 33.12 43.32
C CYS G 157 58.67 33.28 42.14
N SER G 158 58.09 33.17 40.94
CA SER G 158 58.81 33.41 39.70
C SER G 158 57.79 33.83 38.65
N ALA G 159 57.81 35.13 38.28
CA ALA G 159 56.83 35.64 37.34
C ALA G 159 56.97 34.96 35.98
N LEU G 160 58.21 34.69 35.56
CA LEU G 160 58.43 34.08 34.25
C LEU G 160 57.78 32.70 34.19
N THR G 161 57.93 31.90 35.24
CA THR G 161 57.37 30.55 35.26
C THR G 161 56.02 30.49 35.95
N GLN G 162 55.62 31.57 36.64
CA GLN G 162 54.38 31.59 37.42
C GLN G 162 54.17 30.28 38.17
N ARG G 163 55.18 29.90 38.95
CA ARG G 163 55.17 28.62 39.65
C ARG G 163 54.46 28.76 40.99
N GLY G 164 54.75 29.83 41.72
CA GLY G 164 54.12 30.11 43.00
C GLY G 164 53.54 31.49 43.11
N LEU G 165 52.99 32.03 42.02
CA LEU G 165 52.50 33.40 42.03
C LEU G 165 51.01 33.44 42.34
N LYS G 166 50.29 32.34 42.08
CA LYS G 166 48.89 32.27 42.45
C LYS G 166 48.74 32.03 43.95
N THR G 167 49.66 31.27 44.54
CA THR G 167 49.56 30.93 45.95
C THR G 167 49.74 32.16 46.83
N VAL G 168 50.69 33.04 46.50
CA VAL G 168 51.01 34.17 47.37
C VAL G 168 49.78 35.06 47.56
N PHE G 169 49.09 35.37 46.46
CA PHE G 169 47.88 36.18 46.56
C PHE G 169 46.75 35.40 47.23
N ASP G 170 46.67 34.09 46.97
CA ASP G 170 45.65 33.27 47.60
C ASP G 170 45.82 33.24 49.12
N GLU G 171 47.06 33.09 49.58
CA GLU G 171 47.31 33.03 51.03
C GLU G 171 47.18 34.40 51.67
N ALA G 172 47.47 35.48 50.94
CA ALA G 172 47.32 36.81 51.49
C ALA G 172 45.87 37.10 51.87
N ILE G 173 44.94 36.66 51.03
CA ILE G 173 43.49 36.84 51.32
C ILE G 173 43.14 35.95 52.51
N ARG G 174 43.67 34.73 52.53
CA ARG G 174 43.37 33.78 53.62
C ARG G 174 43.88 34.38 54.92
N ALA G 175 44.87 35.27 54.85
CA ALA G 175 45.46 35.82 56.08
C ALA G 175 44.55 36.88 56.70
N VAL G 176 43.72 37.55 55.89
CA VAL G 176 42.87 38.65 56.44
C VAL G 176 41.43 38.17 56.63
N LEU G 177 40.82 37.57 55.60
CA LEU G 177 39.38 37.20 55.69
C LEU G 177 39.11 36.13 56.74
N CYS G 178 39.94 35.09 56.81
CA CYS G 178 39.65 33.99 57.76
C CYS G 178 40.05 34.41 59.19
N PRO G 179 41.26 34.86 59.52
CA PRO G 179 41.62 35.32 60.86
C PRO G 179 41.93 36.82 60.82
#